data_6TGA
#
_entry.id   6TGA
#
_cell.length_a   1.00
_cell.length_b   1.00
_cell.length_c   1.00
_cell.angle_alpha   90.00
_cell.angle_beta   90.00
_cell.angle_gamma   90.00
#
_symmetry.space_group_name_H-M   'P 1'
#
loop_
_entity.id
_entity.type
_entity.pdbx_description
1 polymer 'Formate dehydrogenase subunit alpha'
2 polymer 'Formate dehydrogenase subunit beta'
3 polymer 'Formate dehydrogenase subunit gamma'
4 polymer 'NAD-dependent formate dehydrogenase subunit delta'
5 non-polymer '2-AMINO-5,6-DIMERCAPTO-7-METHYL-3,7,8A,9-TETRAHYDRO-8-OXA-1,3,9,10-TETRAAZA-ANTHRACEN-4-ONE GUANOSINE DINUCLEOTIDE'
6 non-polymer 'MOLYBDENUM(VI) ION'
7 non-polymer 'FE2/S2 (INORGANIC) CLUSTER'
8 non-polymer 'IRON/SULFUR CLUSTER'
9 non-polymer 'HYDROSULFURIC ACID'
10 non-polymer 'FLAVIN MONONUCLEOTIDE'
#
loop_
_entity_poly.entity_id
_entity_poly.type
_entity_poly.pdbx_seq_one_letter_code
_entity_poly.pdbx_strand_id
1 'polypeptide(L)'
;MKDLIIPPLDWTQDMGTPKREGAPVHLTIDGVEVTVPAGTSVLRAAAEAGISIPKLCATDNVEPVGSCRLCMVEIEGMRG
TPTSCTTPVAPGMRVHTQTPQLQKLRRGVMELYISDHPLDCLTCAANGDCELQDMAGAVGLREVRYQAKDTHFARRDATG
PNPRYIPKDNSNPYFSYDPAKCIVCMRCVRACEEVQGTFALTVMGRGFDARISPAAPDFLSSDCVSCGACVQACPTATLV
EKSVERIGTPERKVVTTCAYCGVGCSFEAHMLGDQLVRMVPWKGGAANRGHSCVKGRFAYGYATHQDRILKPMIRDKITD
PWREVNWTEALDFTATRLRALRDSHGADALGVITSSRCTNEETYLVQKLARAVFGTNNTDTCARVCHSPTGYGLKQTFGT
SAGTQDFDSVEETDLALVIGANPTDGHPVFASRLRKRLRAGAKLIVVDPRRIDLLNTPHRGEAWHLQLKPGTNVAVMTAM
AHVIVTEQIFDKRFIGDRCDWDEWADYAEFVANPEYAPEAVESLTGVPAGLLRQAARAYAAAPNAAIYYGLGVTEHSQGS
TTVIAIANLAMMTGNIGRPGVGVNPLRGQNNVQGSCDMGSFPHEFPGYRHVSDDATRGLFERTWGVTLSSEPGLRIPNML
DAAVEGRFKALYVQGEDILQSDPDTRHVSAGLAAMDLVIVHDLFLNETANYAHVFLPGSTFLEKDGTFTNAERRINRVRR
VMAPKAGFADWEVTQMLANALGAGWHYTHPSEIMAEIAATTPGFAAVTYEMLDARGSVQWPCNEKAPEGSPIMHVEGFVR
GKGRFIRTAYLPTDEKTGPRFPLLLTTGRILSQYNVGAQTRRTENTVWHGEDRLEIHPTDAETRGIRDGDWVRLASRAGE
TTLRATVTDRVSPGVVYTTFHHPDTQANVVTTDTSDWATNCPEYKVTAVQVAASNGPSDWQQDYAAQAAAARRIEAAE
;
A,E
2 'polypeptide(L)'
;MKIWLPCDAAAKACGAEAVLAALRLEAEKRGGALDIARNGSRGMIWLEPLLEVETPAGRIGFGPMTPADVPALFDALESH
PKALGLVEEIPFFKRQTRLTFARCGRIEPLSLAQFAAAEGWAGLRKALKMTPAEVVEEVLASGLRGRGGAGFPTGIKWRT
VAAAQADQKYIVCNVDEGDSGSFADRMLIEGDPFCLVEGMAIAGHAVGATRGYVYIRSEYPDAIAVMRAAIAMAKPFLAE
AGFEMEVRVGAGAYVCGEETSLLNSLEGKRGTVRAKPPLPALKGLFGKPTVVNNLLSLAAVPWIIAHGAKAYESFGMDRS
RGTIPLQIGGNVKRGGLFETGFGITLGELVEDICGGTASGRPVKAVQVGGPLGAYHPVSDYHLPFCYEQFAGQGGLVGHA
GLVVHDDTADMLKLARFAMEFCAIESCGTCTPCRIGAVRGVEVIDRIAAGDASAMPLLDDLCQTMKLGSLCALGGFTPYP
VQSAIRHFPADFPCAREAAE
;
B,F
3 'polypeptide(L)'
;MTDTARLRAILAAHRGREGALLPILHDVQAAFGFIPEDAYAPIAADLGLTRAEVAGVVGFYHDFRKAPAGRHVIKLCRAE
ACQAMGMDAVQARLESALGLRLGDSSEAVTLEAVYCLGLCACAPAAMVDDRLVGRLDAAAVAGIVAELGA
;
G,C
4 'polypeptide(L)' MSDDKIIRMANQIAAFFAVQPGDRAGPVAAHISENWSAPMRAALLAHVAAQSPGLDPLVIAAAPQIRPVPA D,H
#
# COMPACT_ATOMS: atom_id res chain seq x y z
N PRO A 7 -18.18 -7.79 -12.28
CA PRO A 7 -17.62 -9.14 -12.31
C PRO A 7 -17.41 -9.72 -10.91
N PRO A 8 -17.10 -11.02 -10.83
CA PRO A 8 -16.91 -11.68 -9.53
C PRO A 8 -15.88 -10.98 -8.65
N LEU A 9 -15.98 -11.17 -7.34
CA LEU A 9 -15.06 -10.55 -6.40
C LEU A 9 -13.90 -11.48 -6.07
N ASP A 10 -14.10 -12.77 -6.32
CA ASP A 10 -13.08 -13.77 -6.05
C ASP A 10 -11.81 -13.49 -6.84
N TRP A 11 -11.92 -12.67 -7.87
CA TRP A 11 -10.80 -12.35 -8.74
C TRP A 11 -9.98 -11.19 -8.19
N THR A 12 -10.64 -10.07 -7.95
CA THR A 12 -9.98 -8.84 -7.52
C THR A 12 -9.62 -8.89 -6.05
N GLN A 13 -10.49 -9.49 -5.24
CA GLN A 13 -10.34 -9.46 -3.79
C GLN A 13 -10.02 -10.84 -3.24
N ASP A 14 -9.07 -10.89 -2.32
CA ASP A 14 -8.74 -12.13 -1.62
C ASP A 14 -9.72 -12.35 -0.49
N MET A 15 -10.68 -13.23 -0.70
CA MET A 15 -11.67 -13.56 0.32
C MET A 15 -11.00 -14.47 1.34
N GLY A 16 -11.61 -14.59 2.51
CA GLY A 16 -11.00 -15.29 3.62
C GLY A 16 -10.87 -16.79 3.49
N THR A 17 -11.98 -17.45 3.17
CA THR A 17 -12.03 -18.90 3.18
C THR A 17 -12.56 -19.42 1.84
N PRO A 18 -12.37 -20.73 1.56
CA PRO A 18 -12.87 -21.30 0.30
C PRO A 18 -14.40 -21.22 0.21
N LYS A 19 -14.94 -21.11 -1.00
CA LYS A 19 -16.38 -20.95 -1.19
C LYS A 19 -17.12 -22.28 -1.07
N ARG A 20 -18.23 -22.27 -0.33
CA ARG A 20 -18.95 -23.51 -0.05
C ARG A 20 -20.29 -23.60 -0.76
N GLU A 21 -20.75 -24.83 -0.97
CA GLU A 21 -22.06 -25.10 -1.54
C GLU A 21 -23.09 -25.39 -0.45
N GLY A 22 -24.26 -24.77 -0.56
CA GLY A 22 -25.30 -24.94 0.44
C GLY A 22 -26.50 -24.04 0.26
N ALA A 23 -27.46 -24.13 1.19
CA ALA A 23 -28.68 -23.35 1.12
C ALA A 23 -28.44 -21.90 1.51
N PRO A 24 -29.34 -20.98 1.09
CA PRO A 24 -29.19 -19.57 1.42
C PRO A 24 -29.38 -19.28 2.91
N VAL A 25 -28.36 -18.69 3.53
CA VAL A 25 -28.43 -18.31 4.93
C VAL A 25 -28.27 -16.80 5.05
N HIS A 26 -29.19 -16.17 5.78
CA HIS A 26 -29.18 -14.72 5.97
C HIS A 26 -28.55 -14.35 7.30
N LEU A 27 -27.61 -13.41 7.27
CA LEU A 27 -26.97 -12.95 8.50
C LEU A 27 -26.63 -11.45 8.42
N THR A 28 -26.52 -10.82 9.58
CA THR A 28 -26.25 -9.39 9.64
C THR A 28 -24.82 -9.13 10.09
N ILE A 29 -24.00 -8.66 9.15
CA ILE A 29 -22.62 -8.33 9.43
C ILE A 29 -22.47 -6.83 9.63
N ASP A 30 -22.29 -6.44 10.89
CA ASP A 30 -22.06 -5.04 11.25
C ASP A 30 -23.08 -4.10 10.60
N GLY A 31 -24.35 -4.47 10.71
CA GLY A 31 -25.43 -3.63 10.21
C GLY A 31 -25.71 -3.79 8.72
N VAL A 32 -25.11 -4.80 8.10
CA VAL A 32 -25.29 -5.04 6.68
C VAL A 32 -25.88 -6.43 6.46
N GLU A 33 -27.04 -6.48 5.81
CA GLU A 33 -27.67 -7.75 5.49
C GLU A 33 -26.83 -8.51 4.48
N VAL A 34 -26.70 -9.83 4.68
CA VAL A 34 -25.90 -10.65 3.80
C VAL A 34 -26.59 -11.99 3.61
N THR A 35 -26.45 -12.57 2.41
CA THR A 35 -27.01 -13.88 2.12
C THR A 35 -25.93 -14.77 1.50
N VAL A 36 -25.55 -15.81 2.22
CA VAL A 36 -24.47 -16.69 1.78
C VAL A 36 -24.79 -18.14 2.11
N PRO A 37 -24.22 -19.08 1.35
CA PRO A 37 -24.41 -20.50 1.66
C PRO A 37 -24.13 -20.82 3.13
N ALA A 38 -24.64 -21.95 3.61
CA ALA A 38 -24.58 -22.26 5.02
C ALA A 38 -23.16 -22.49 5.51
N GLY A 39 -22.38 -23.25 4.74
CA GLY A 39 -21.02 -23.56 5.11
C GLY A 39 -20.10 -22.35 5.16
N THR A 40 -20.39 -21.37 4.31
CA THR A 40 -19.57 -20.16 4.22
C THR A 40 -19.32 -19.55 5.59
N SER A 41 -18.09 -19.08 5.79
CA SER A 41 -17.68 -18.50 7.07
C SER A 41 -18.11 -17.06 7.21
N VAL A 42 -17.92 -16.52 8.40
CA VAL A 42 -18.27 -15.14 8.70
C VAL A 42 -17.36 -14.19 7.94
N LEU A 43 -16.09 -14.56 7.81
CA LEU A 43 -15.10 -13.70 7.19
C LEU A 43 -15.39 -13.51 5.71
N ARG A 44 -15.70 -14.60 5.02
CA ARG A 44 -15.95 -14.54 3.59
C ARG A 44 -17.24 -13.77 3.30
N ALA A 45 -18.22 -13.92 4.19
CA ALA A 45 -19.48 -13.20 4.04
C ALA A 45 -19.25 -11.70 4.26
N ALA A 46 -18.46 -11.37 5.27
CA ALA A 46 -18.14 -9.98 5.56
C ALA A 46 -17.40 -9.37 4.37
N ALA A 47 -16.57 -10.18 3.74
CA ALA A 47 -15.85 -9.75 2.55
C ALA A 47 -16.82 -9.47 1.42
N GLU A 48 -17.76 -10.39 1.22
CA GLU A 48 -18.77 -10.26 0.19
C GLU A 48 -19.70 -9.08 0.47
N ALA A 49 -19.74 -8.65 1.73
CA ALA A 49 -20.60 -7.55 2.14
C ALA A 49 -19.87 -6.21 2.05
N GLY A 50 -18.56 -6.27 1.86
CA GLY A 50 -17.75 -5.06 1.78
C GLY A 50 -17.09 -4.70 3.09
N ILE A 51 -17.62 -5.25 4.18
CA ILE A 51 -17.04 -5.04 5.50
C ILE A 51 -15.82 -5.93 5.65
N SER A 52 -14.64 -5.32 5.63
CA SER A 52 -13.38 -6.06 5.71
C SER A 52 -12.98 -6.29 7.17
N ILE A 53 -12.63 -7.53 7.52
CA ILE A 53 -12.14 -7.84 8.90
C ILE A 53 -10.66 -8.21 8.81
N PRO A 54 -9.78 -7.74 9.71
CA PRO A 54 -8.35 -8.00 9.57
C PRO A 54 -8.05 -9.51 9.56
N LYS A 55 -7.22 -9.98 8.63
CA LYS A 55 -6.86 -11.42 8.55
C LYS A 55 -5.43 -11.51 8.02
N LEU A 56 -4.62 -12.46 8.50
CA LEU A 56 -3.26 -12.65 7.94
C LEU A 56 -3.00 -14.11 7.54
N CYS A 57 -3.61 -15.08 8.22
CA CYS A 57 -3.30 -16.52 7.98
C CYS A 57 -4.39 -17.22 7.19
N ALA A 58 -5.42 -16.50 6.73
CA ALA A 58 -6.54 -17.14 6.03
C ALA A 58 -6.47 -16.79 4.55
N THR A 59 -6.52 -17.79 3.66
CA THR A 59 -6.56 -17.50 2.21
C THR A 59 -7.64 -18.36 1.55
N ASP A 60 -8.14 -17.98 0.37
CA ASP A 60 -9.12 -18.76 -0.36
C ASP A 60 -8.56 -20.08 -0.89
N ASN A 61 -7.27 -20.11 -1.17
CA ASN A 61 -6.65 -21.28 -1.77
C ASN A 61 -6.70 -22.49 -0.85
N VAL A 62 -6.67 -22.24 0.47
CA VAL A 62 -6.55 -23.31 1.44
C VAL A 62 -7.61 -23.16 2.53
N GLU A 63 -7.75 -24.20 3.35
CA GLU A 63 -8.73 -24.20 4.42
C GLU A 63 -8.25 -23.37 5.60
N PRO A 64 -9.18 -22.71 6.31
CA PRO A 64 -8.82 -21.77 7.38
C PRO A 64 -8.23 -22.44 8.62
N VAL A 65 -7.35 -21.73 9.30
CA VAL A 65 -6.75 -22.19 10.53
C VAL A 65 -6.73 -21.04 11.52
N GLY A 66 -6.82 -21.37 12.81
CA GLY A 66 -6.88 -20.35 13.84
C GLY A 66 -5.53 -19.95 14.40
N SER A 67 -4.65 -19.47 13.54
CA SER A 67 -3.30 -19.12 13.94
C SER A 67 -3.15 -17.65 14.32
N CYS A 68 -3.62 -16.76 13.45
CA CYS A 68 -3.41 -15.33 13.64
C CYS A 68 -4.19 -14.79 14.84
N ARG A 69 -5.44 -15.18 14.97
CA ARG A 69 -6.31 -14.70 16.03
C ARG A 69 -6.59 -13.22 15.82
N LEU A 70 -6.52 -12.79 14.57
CA LEU A 70 -6.67 -11.38 14.23
C LEU A 70 -8.03 -11.07 13.61
N CYS A 71 -8.79 -12.13 13.31
CA CYS A 71 -10.10 -11.98 12.70
C CYS A 71 -11.18 -12.23 13.74
N MET A 72 -10.91 -11.82 14.98
CA MET A 72 -11.85 -12.01 16.07
C MET A 72 -13.02 -11.06 15.97
N VAL A 73 -14.21 -11.57 16.24
CA VAL A 73 -15.44 -10.78 16.15
C VAL A 73 -16.38 -11.14 17.28
N GLU A 74 -17.05 -10.14 17.83
CA GLU A 74 -18.00 -10.35 18.91
C GLU A 74 -19.36 -10.73 18.38
N ILE A 75 -19.83 -11.92 18.74
CA ILE A 75 -21.10 -12.43 18.25
C ILE A 75 -22.09 -12.55 19.41
N GLU A 76 -23.33 -12.15 19.15
CA GLU A 76 -24.39 -12.27 20.14
C GLU A 76 -24.76 -13.73 20.34
N GLY A 77 -24.69 -14.19 21.58
CA GLY A 77 -25.01 -15.57 21.91
C GLY A 77 -23.79 -16.47 22.02
N MET A 78 -22.62 -15.92 21.68
CA MET A 78 -21.37 -16.66 21.81
C MET A 78 -20.47 -15.97 22.83
N ARG A 79 -19.90 -16.78 23.74
CA ARG A 79 -19.04 -16.25 24.78
C ARG A 79 -17.66 -15.94 24.23
N GLY A 80 -17.14 -14.77 24.58
CA GLY A 80 -15.81 -14.36 24.17
C GLY A 80 -15.75 -13.83 22.74
N THR A 81 -14.53 -13.74 22.22
CA THR A 81 -14.29 -13.23 20.88
C THR A 81 -13.86 -14.35 19.95
N PRO A 82 -14.82 -15.01 19.29
CA PRO A 82 -14.49 -16.12 18.37
C PRO A 82 -13.98 -15.63 17.01
N THR A 83 -13.23 -16.48 16.33
CA THR A 83 -12.66 -16.13 15.04
C THR A 83 -13.65 -16.36 13.92
N SER A 84 -13.70 -15.42 12.99
CA SER A 84 -14.61 -15.48 11.86
C SER A 84 -14.21 -16.56 10.87
N CYS A 85 -12.90 -16.75 10.70
CA CYS A 85 -12.38 -17.72 9.76
C CYS A 85 -12.85 -19.13 10.09
N THR A 86 -12.91 -19.43 11.38
CA THR A 86 -13.30 -20.76 11.85
C THR A 86 -14.71 -20.74 12.44
N THR A 87 -15.49 -19.73 12.08
CA THR A 87 -16.85 -19.59 12.58
C THR A 87 -17.87 -19.66 11.44
N PRO A 88 -18.59 -20.79 11.32
CA PRO A 88 -19.60 -20.89 10.27
C PRO A 88 -20.85 -20.08 10.58
N VAL A 89 -21.41 -19.46 9.54
CA VAL A 89 -22.57 -18.59 9.71
C VAL A 89 -23.79 -19.37 10.17
N ALA A 90 -24.68 -18.69 10.88
CA ALA A 90 -25.94 -19.25 11.29
C ALA A 90 -27.06 -18.24 11.05
N PRO A 91 -28.27 -18.72 10.74
CA PRO A 91 -29.38 -17.81 10.43
C PRO A 91 -29.70 -16.82 11.55
N GLY A 92 -29.82 -15.55 11.19
CA GLY A 92 -30.23 -14.53 12.15
C GLY A 92 -29.10 -14.04 13.04
N MET A 93 -27.89 -14.55 12.78
CA MET A 93 -26.74 -14.19 13.60
C MET A 93 -26.36 -12.73 13.40
N ARG A 94 -26.26 -12.00 14.52
CA ARG A 94 -25.86 -10.61 14.51
C ARG A 94 -24.44 -10.49 15.06
N VAL A 95 -23.51 -10.09 14.21
CA VAL A 95 -22.10 -10.03 14.57
C VAL A 95 -21.60 -8.59 14.57
N HIS A 96 -20.64 -8.31 15.43
CA HIS A 96 -20.06 -6.98 15.55
C HIS A 96 -18.57 -7.03 15.26
N THR A 97 -18.19 -6.47 14.11
CA THR A 97 -16.83 -6.57 13.59
C THR A 97 -15.82 -5.80 14.43
N GLN A 98 -16.13 -4.56 14.78
CA GLN A 98 -15.17 -3.70 15.44
C GLN A 98 -15.71 -3.05 16.71
N THR A 99 -15.55 -3.75 17.82
CA THR A 99 -15.82 -3.19 19.14
C THR A 99 -14.49 -2.72 19.74
N PRO A 100 -14.54 -1.93 20.82
CA PRO A 100 -13.30 -1.43 21.43
C PRO A 100 -12.37 -2.53 21.91
N GLN A 101 -12.97 -3.53 22.55
CA GLN A 101 -12.23 -4.65 23.11
C GLN A 101 -11.45 -5.36 22.01
N LEU A 102 -12.09 -5.51 20.85
CA LEU A 102 -11.48 -6.21 19.74
C LEU A 102 -10.34 -5.39 19.15
N GLN A 103 -10.53 -4.07 19.10
CA GLN A 103 -9.46 -3.18 18.69
C GLN A 103 -8.24 -3.45 19.55
N LYS A 104 -8.46 -3.44 20.86
CA LYS A 104 -7.40 -3.63 21.83
C LYS A 104 -6.69 -4.97 21.64
N LEU A 105 -7.48 -6.02 21.48
CA LEU A 105 -6.94 -7.37 21.35
C LEU A 105 -6.11 -7.52 20.07
N ARG A 106 -6.62 -6.99 18.98
CA ARG A 106 -5.92 -7.07 17.70
C ARG A 106 -4.61 -6.28 17.79
N ARG A 107 -4.65 -5.12 18.45
CA ARG A 107 -3.45 -4.35 18.68
C ARG A 107 -2.43 -5.19 19.41
N GLY A 108 -2.87 -5.86 20.47
CA GLY A 108 -1.98 -6.72 21.25
C GLY A 108 -1.35 -7.83 20.44
N VAL A 109 -2.15 -8.47 19.60
CA VAL A 109 -1.65 -9.56 18.77
C VAL A 109 -0.62 -9.06 17.76
N MET A 110 -0.89 -7.93 17.12
CA MET A 110 0.08 -7.36 16.18
C MET A 110 1.34 -6.95 16.91
N GLU A 111 1.19 -6.51 18.15
CA GLU A 111 2.32 -6.18 19.00
C GLU A 111 3.21 -7.39 19.18
N LEU A 112 2.58 -8.51 19.50
CA LEU A 112 3.32 -9.76 19.71
C LEU A 112 4.00 -10.23 18.43
N TYR A 113 3.34 -10.00 17.30
CA TYR A 113 3.96 -10.29 16.01
C TYR A 113 5.24 -9.51 15.85
N ILE A 114 5.07 -8.20 15.77
CA ILE A 114 6.12 -7.27 15.44
C ILE A 114 7.25 -7.26 16.48
N SER A 115 6.97 -7.75 17.68
CA SER A 115 8.03 -7.92 18.67
C SER A 115 9.10 -8.88 18.18
N ASP A 116 8.73 -9.74 17.23
CA ASP A 116 9.65 -10.75 16.70
C ASP A 116 9.87 -10.55 15.20
N HIS A 117 9.66 -9.33 14.72
CA HIS A 117 9.82 -9.03 13.30
C HIS A 117 10.79 -7.88 13.09
N PRO A 118 11.65 -7.99 12.06
CA PRO A 118 12.57 -6.89 11.78
C PRO A 118 11.88 -5.69 11.16
N LEU A 119 12.31 -4.50 11.54
CA LEU A 119 11.78 -3.29 10.95
C LEU A 119 12.56 -2.96 9.67
N ASP A 120 12.54 -3.89 8.73
CA ASP A 120 13.24 -3.71 7.47
C ASP A 120 12.29 -3.15 6.42
N CYS A 121 11.08 -2.81 6.85
CA CYS A 121 10.16 -2.10 5.98
C CYS A 121 10.91 -0.91 5.41
N LEU A 122 10.59 -0.55 4.17
CA LEU A 122 11.25 0.55 3.48
C LEU A 122 12.57 0.13 2.84
N THR A 123 13.04 -1.06 3.19
CA THR A 123 14.17 -1.66 2.48
C THR A 123 13.96 -3.17 2.30
N CYS A 124 12.71 -3.58 2.18
CA CYS A 124 12.37 -4.98 1.97
C CYS A 124 11.70 -5.16 0.62
N ALA A 125 11.75 -6.38 0.11
CA ALA A 125 11.23 -6.68 -1.22
C ALA A 125 9.73 -6.50 -1.30
N ALA A 126 9.01 -6.97 -0.29
CA ALA A 126 7.56 -6.92 -0.31
C ALA A 126 7.04 -5.69 0.40
N ASN A 127 7.43 -4.52 -0.09
CA ASN A 127 6.90 -3.28 0.45
C ASN A 127 5.74 -2.83 -0.42
N GLY A 128 4.55 -2.81 0.16
CA GLY A 128 3.34 -2.48 -0.57
C GLY A 128 2.59 -3.72 -1.02
N ASP A 129 3.26 -4.87 -0.93
CA ASP A 129 2.64 -6.14 -1.27
C ASP A 129 2.76 -7.12 -0.11
N CYS A 130 2.88 -6.59 1.11
CA CYS A 130 2.98 -7.41 2.31
C CYS A 130 1.69 -7.35 3.09
N GLU A 131 1.22 -8.51 3.53
CA GLU A 131 -0.05 -8.60 4.22
C GLU A 131 0.11 -8.45 5.73
N LEU A 132 1.35 -8.38 6.20
CA LEU A 132 1.60 -8.15 7.61
C LEU A 132 1.64 -6.65 7.86
N GLN A 133 2.09 -5.90 6.86
CA GLN A 133 2.29 -4.47 7.01
C GLN A 133 0.96 -3.74 6.98
N ASP A 134 0.08 -4.15 6.07
CA ASP A 134 -1.22 -3.52 5.95
C ASP A 134 -2.15 -3.94 7.08
N MET A 135 -1.96 -5.15 7.60
CA MET A 135 -2.77 -5.61 8.72
C MET A 135 -2.17 -5.15 10.05
N ALA A 136 -0.98 -4.56 10.00
CA ALA A 136 -0.38 -3.94 11.17
C ALA A 136 -0.72 -2.47 11.21
N GLY A 137 -0.92 -1.89 10.03
CA GLY A 137 -1.38 -0.52 9.93
C GLY A 137 -2.88 -0.42 10.04
N ALA A 138 -3.58 -1.46 9.59
CA ALA A 138 -5.03 -1.49 9.62
C ALA A 138 -5.56 -1.43 11.04
N VAL A 139 -5.05 -2.30 11.89
CA VAL A 139 -5.50 -2.36 13.28
C VAL A 139 -5.07 -1.11 14.03
N GLY A 140 -4.00 -0.47 13.59
CA GLY A 140 -3.50 0.73 14.22
C GLY A 140 -2.52 0.51 15.35
N LEU A 141 -1.44 -0.20 15.07
CA LEU A 141 -0.36 -0.37 16.03
C LEU A 141 0.50 0.88 16.08
N ARG A 142 0.73 1.40 17.28
CA ARG A 142 1.49 2.63 17.45
C ARG A 142 2.71 2.47 18.34
N GLU A 143 2.80 1.34 19.05
CA GLU A 143 3.93 1.10 19.93
C GLU A 143 4.11 -0.38 20.24
N VAL A 144 5.37 -0.77 20.42
CA VAL A 144 5.73 -2.11 20.85
C VAL A 144 6.46 -2.01 22.18
N ARG A 145 5.85 -2.57 23.22
CA ARG A 145 6.35 -2.40 24.58
C ARG A 145 7.23 -3.56 25.04
N TYR A 146 7.41 -4.55 24.17
CA TYR A 146 8.19 -5.72 24.51
C TYR A 146 9.65 -5.58 24.08
N GLN A 147 10.52 -5.30 25.04
CA GLN A 147 11.95 -5.26 24.77
C GLN A 147 12.46 -6.69 24.62
N ALA A 148 12.44 -7.18 23.39
CA ALA A 148 12.73 -8.58 23.11
C ALA A 148 14.21 -8.90 23.14
N LYS A 149 14.55 -9.99 23.81
CA LYS A 149 15.92 -10.51 23.82
C LYS A 149 16.01 -11.76 22.98
N ASP A 150 14.92 -12.52 22.94
CA ASP A 150 14.84 -13.74 22.15
C ASP A 150 14.16 -13.44 20.82
N THR A 151 14.96 -13.39 19.76
CA THR A 151 14.46 -13.07 18.43
C THR A 151 15.11 -13.93 17.37
N HIS A 152 14.41 -14.11 16.26
CA HIS A 152 14.87 -14.95 15.17
C HIS A 152 15.70 -14.19 14.14
N PHE A 153 15.49 -12.88 14.04
CA PHE A 153 16.12 -12.09 12.99
C PHE A 153 17.49 -11.56 13.39
N ALA A 154 17.65 -11.23 14.66
CA ALA A 154 18.91 -10.67 15.15
C ALA A 154 20.08 -11.61 14.83
N ARG A 155 20.99 -11.14 13.99
CA ARG A 155 22.16 -11.91 13.61
C ARG A 155 23.06 -12.16 14.80
N ARG A 156 23.30 -11.10 15.57
CA ARG A 156 24.13 -11.18 16.76
C ARG A 156 23.32 -10.82 17.99
N ASP A 157 23.21 -11.76 18.92
CA ASP A 157 22.53 -11.52 20.18
C ASP A 157 23.55 -11.09 21.23
N ALA A 158 23.06 -10.79 22.44
CA ALA A 158 23.95 -10.49 23.54
C ALA A 158 24.90 -11.65 23.79
N THR A 159 26.18 -11.32 23.95
CA THR A 159 27.22 -12.31 24.25
C THR A 159 27.64 -13.11 23.02
N GLY A 160 27.00 -12.86 21.88
CA GLY A 160 27.37 -13.54 20.64
C GLY A 160 26.24 -13.90 19.72
N PRO A 161 26.52 -14.76 18.72
CA PRO A 161 25.58 -15.21 17.69
C PRO A 161 24.24 -15.70 18.23
N ASN A 162 23.18 -15.44 17.48
CA ASN A 162 21.86 -15.95 17.83
C ASN A 162 21.69 -17.38 17.31
N PRO A 163 21.42 -18.33 18.21
CA PRO A 163 21.26 -19.71 17.73
C PRO A 163 20.00 -19.90 16.89
N ARG A 164 19.04 -19.01 17.05
CA ARG A 164 17.78 -19.10 16.32
C ARG A 164 17.92 -18.65 14.89
N TYR A 165 18.86 -17.74 14.64
CA TYR A 165 19.05 -17.15 13.33
C TYR A 165 19.39 -18.21 12.30
N ILE A 166 18.64 -18.22 11.20
CA ILE A 166 18.86 -19.15 10.11
C ILE A 166 19.24 -18.36 8.87
N PRO A 167 20.42 -18.63 8.30
CA PRO A 167 20.85 -17.83 7.14
C PRO A 167 19.95 -18.02 5.92
N LYS A 168 19.87 -16.97 5.11
CA LYS A 168 19.04 -16.97 3.91
C LYS A 168 19.36 -18.13 2.98
N ASP A 169 18.39 -18.52 2.18
CA ASP A 169 18.54 -19.60 1.22
C ASP A 169 18.22 -19.13 -0.19
N ASN A 170 19.25 -18.99 -1.02
CA ASN A 170 19.07 -18.53 -2.39
C ASN A 170 19.41 -19.64 -3.38
N SER A 171 19.24 -20.88 -2.97
CA SER A 171 19.58 -22.04 -3.79
C SER A 171 18.73 -22.08 -5.06
N ASN A 172 17.43 -21.85 -4.90
CA ASN A 172 16.52 -21.85 -6.03
C ASN A 172 16.65 -20.54 -6.80
N PRO A 173 16.94 -20.62 -8.11
CA PRO A 173 17.17 -19.40 -8.90
C PRO A 173 15.96 -18.50 -9.06
N TYR A 174 14.81 -18.90 -8.53
CA TYR A 174 13.57 -18.19 -8.77
C TYR A 174 12.97 -17.56 -7.53
N PHE A 175 13.18 -18.17 -6.36
CA PHE A 175 12.74 -17.56 -5.12
C PHE A 175 13.67 -17.86 -3.96
N SER A 176 13.57 -17.01 -2.93
CA SER A 176 14.46 -17.05 -1.78
C SER A 176 13.68 -17.12 -0.48
N TYR A 177 14.26 -17.81 0.51
CA TYR A 177 13.62 -18.06 1.79
C TYR A 177 14.37 -17.40 2.95
N ASP A 178 13.89 -16.25 3.39
CA ASP A 178 14.45 -15.56 4.54
C ASP A 178 13.57 -15.73 5.78
N PRO A 179 13.88 -16.73 6.62
CA PRO A 179 13.03 -17.05 7.77
C PRO A 179 13.02 -15.99 8.85
N ALA A 180 13.96 -15.05 8.79
CA ALA A 180 14.06 -14.01 9.79
C ALA A 180 12.77 -13.19 9.89
N LYS A 181 11.99 -13.23 8.81
CA LYS A 181 10.76 -12.46 8.72
C LYS A 181 9.53 -13.34 8.75
N CYS A 182 9.71 -14.61 9.09
CA CYS A 182 8.60 -15.55 9.06
C CYS A 182 7.61 -15.31 10.19
N ILE A 183 6.35 -15.20 9.81
CA ILE A 183 5.26 -15.31 10.76
C ILE A 183 4.67 -16.69 10.51
N VAL A 184 4.84 -17.55 11.49
CA VAL A 184 4.71 -19.00 11.34
C VAL A 184 3.40 -19.47 10.68
N CYS A 185 2.48 -18.56 10.41
CA CYS A 185 1.11 -18.88 9.99
C CYS A 185 0.90 -20.14 9.12
N MET A 186 1.93 -20.62 8.45
CA MET A 186 1.87 -21.86 7.68
C MET A 186 0.99 -21.80 6.43
N ARG A 187 0.90 -20.64 5.79
CA ARG A 187 0.20 -20.53 4.52
C ARG A 187 1.04 -21.11 3.39
N CYS A 188 2.31 -21.36 3.68
CA CYS A 188 3.22 -22.01 2.76
C CYS A 188 3.03 -23.51 2.81
N VAL A 189 3.04 -24.05 4.03
CA VAL A 189 2.81 -25.45 4.27
C VAL A 189 1.44 -25.85 3.74
N ARG A 190 0.43 -25.09 4.13
CA ARG A 190 -0.95 -25.38 3.76
C ARG A 190 -1.14 -25.38 2.25
N ALA A 191 -0.49 -24.46 1.57
CA ALA A 191 -0.61 -24.36 0.12
C ALA A 191 0.12 -25.49 -0.58
N CYS A 192 1.36 -25.75 -0.17
CA CYS A 192 2.14 -26.81 -0.76
C CYS A 192 1.46 -28.16 -0.56
N GLU A 193 0.74 -28.32 0.54
CA GLU A 193 0.13 -29.61 0.85
C GLU A 193 -1.26 -29.77 0.25
N GLU A 194 -2.06 -28.70 0.25
CA GLU A 194 -3.44 -28.77 -0.17
C GLU A 194 -3.63 -28.50 -1.66
N VAL A 195 -2.84 -27.57 -2.19
CA VAL A 195 -3.01 -27.11 -3.56
C VAL A 195 -2.12 -27.89 -4.53
N GLN A 196 -0.81 -27.76 -4.38
CA GLN A 196 0.13 -28.43 -5.25
C GLN A 196 0.06 -29.95 -5.07
N GLY A 197 0.10 -30.40 -3.82
CA GLY A 197 -0.01 -31.81 -3.52
C GLY A 197 1.30 -32.51 -3.27
N THR A 198 2.40 -31.76 -3.34
CA THR A 198 3.72 -32.29 -3.02
C THR A 198 4.12 -31.78 -1.65
N PHE A 199 4.14 -32.66 -0.66
CA PHE A 199 4.36 -32.27 0.72
C PHE A 199 5.85 -32.13 0.98
N ALA A 200 6.41 -30.98 0.59
CA ALA A 200 7.84 -30.75 0.68
C ALA A 200 8.19 -29.76 1.77
N LEU A 201 7.17 -29.21 2.41
CA LEU A 201 7.38 -28.21 3.46
C LEU A 201 6.74 -28.69 4.75
N THR A 202 7.40 -28.43 5.86
CA THR A 202 6.86 -28.77 7.17
C THR A 202 7.26 -27.74 8.20
N VAL A 203 6.74 -27.89 9.41
CA VAL A 203 7.11 -27.03 10.52
C VAL A 203 8.02 -27.78 11.47
N MET A 204 9.31 -27.55 11.37
CA MET A 204 10.27 -28.21 12.24
C MET A 204 10.36 -27.45 13.55
N GLY A 205 10.01 -28.14 14.63
CA GLY A 205 10.10 -27.57 15.96
C GLY A 205 8.75 -27.47 16.64
N ARG A 206 8.79 -27.13 17.92
CA ARG A 206 7.57 -27.00 18.70
C ARG A 206 7.52 -25.67 19.45
N GLY A 207 6.63 -24.79 19.01
CA GLY A 207 6.44 -23.52 19.66
C GLY A 207 7.22 -22.40 19.01
N PHE A 208 7.71 -21.48 19.83
CA PHE A 208 8.48 -20.34 19.36
C PHE A 208 9.64 -20.80 18.49
N ASP A 209 10.15 -21.98 18.80
CA ASP A 209 11.27 -22.56 18.06
C ASP A 209 10.81 -23.10 16.71
N ALA A 210 9.51 -23.10 16.47
CA ALA A 210 8.96 -23.64 15.23
C ALA A 210 9.41 -22.81 14.04
N ARG A 211 10.01 -23.49 13.06
CA ARG A 211 10.43 -22.82 11.85
C ARG A 211 10.00 -23.63 10.64
N ILE A 212 9.53 -22.94 9.60
CA ILE A 212 9.21 -23.59 8.36
C ILE A 212 10.49 -24.16 7.80
N SER A 213 10.40 -25.33 7.18
CA SER A 213 11.57 -25.94 6.58
C SER A 213 11.20 -27.15 5.73
N PRO A 214 11.95 -27.36 4.63
CA PRO A 214 11.93 -28.64 3.94
C PRO A 214 12.96 -29.57 4.53
N ALA A 215 12.74 -30.88 4.48
CA ALA A 215 13.68 -31.83 5.04
C ALA A 215 14.92 -31.93 4.16
N ALA A 216 15.69 -30.85 4.12
CA ALA A 216 16.91 -30.81 3.32
C ALA A 216 17.65 -29.50 3.58
N PRO A 217 18.93 -29.45 3.20
CA PRO A 217 19.73 -28.24 3.42
C PRO A 217 19.14 -27.02 2.72
N ASP A 218 18.72 -27.20 1.47
CA ASP A 218 18.16 -26.11 0.68
C ASP A 218 16.97 -26.58 -0.14
N PHE A 219 16.13 -25.65 -0.56
CA PHE A 219 14.93 -25.95 -1.31
C PHE A 219 15.20 -26.82 -2.53
N LEU A 220 16.29 -26.54 -3.22
CA LEU A 220 16.62 -27.21 -4.47
C LEU A 220 16.83 -28.70 -4.28
N SER A 221 17.50 -29.07 -3.18
CA SER A 221 17.81 -30.46 -2.92
C SER A 221 16.61 -31.24 -2.41
N SER A 222 15.55 -30.52 -2.06
CA SER A 222 14.36 -31.14 -1.50
C SER A 222 13.47 -31.76 -2.56
N ASP A 223 12.22 -32.04 -2.17
CA ASP A 223 11.13 -32.46 -3.10
C ASP A 223 10.28 -31.25 -3.52
N CYS A 224 10.91 -30.16 -3.94
CA CYS A 224 10.19 -28.94 -4.41
C CYS A 224 10.30 -28.91 -5.93
N VAL A 225 9.17 -28.70 -6.62
CA VAL A 225 9.13 -28.68 -8.11
C VAL A 225 9.13 -27.21 -8.59
N SER A 226 9.26 -26.23 -7.70
CA SER A 226 9.31 -24.79 -8.04
C SER A 226 8.00 -24.15 -8.51
N CYS A 227 6.84 -24.67 -8.09
CA CYS A 227 5.53 -24.14 -8.56
C CYS A 227 5.23 -22.73 -8.06
N GLY A 228 5.89 -22.25 -7.02
CA GLY A 228 5.60 -20.92 -6.43
C GLY A 228 4.20 -20.74 -5.89
N ALA A 229 3.68 -21.69 -5.10
CA ALA A 229 2.36 -21.55 -4.45
C ALA A 229 2.54 -21.09 -3.00
N CYS A 230 3.71 -21.34 -2.45
CA CYS A 230 4.22 -20.85 -1.18
C CYS A 230 4.66 -19.40 -1.32
N VAL A 231 5.31 -19.11 -2.44
CA VAL A 231 5.79 -17.78 -2.75
C VAL A 231 4.64 -16.84 -3.09
N GLN A 232 3.52 -17.43 -3.49
CA GLN A 232 2.33 -16.67 -3.84
C GLN A 232 1.48 -16.43 -2.60
N ALA A 233 1.59 -17.34 -1.64
CA ALA A 233 0.75 -17.31 -0.46
C ALA A 233 1.49 -16.79 0.77
N CYS A 234 2.78 -16.52 0.63
CA CYS A 234 3.55 -15.97 1.74
C CYS A 234 3.34 -14.46 1.83
N PRO A 235 2.70 -14.00 2.92
CA PRO A 235 2.43 -12.58 3.10
C PRO A 235 3.63 -11.70 3.41
N THR A 236 4.63 -12.24 4.10
CA THR A 236 5.67 -11.43 4.71
C THR A 236 7.05 -11.58 4.13
N ALA A 237 7.14 -11.68 2.80
CA ALA A 237 8.43 -11.58 2.11
C ALA A 237 9.46 -12.61 2.55
N THR A 238 9.04 -13.59 3.34
CA THR A 238 9.93 -14.67 3.75
C THR A 238 10.29 -15.48 2.53
N LEU A 239 9.27 -15.96 1.84
CA LEU A 239 9.43 -16.62 0.55
C LEU A 239 9.11 -15.61 -0.53
N VAL A 240 10.14 -15.16 -1.24
CA VAL A 240 9.96 -14.06 -2.18
C VAL A 240 10.66 -14.32 -3.50
N GLU A 241 10.00 -13.93 -4.59
CA GLU A 241 10.58 -14.00 -5.92
C GLU A 241 11.81 -13.11 -5.99
N LYS A 242 12.84 -13.60 -6.69
CA LYS A 242 14.08 -12.85 -6.82
C LYS A 242 13.92 -11.67 -7.76
N SER A 243 13.00 -11.80 -8.71
CA SER A 243 12.72 -10.73 -9.67
C SER A 243 12.12 -9.51 -8.98
N VAL A 244 11.62 -9.70 -7.76
CA VAL A 244 11.06 -8.61 -6.99
C VAL A 244 12.14 -8.01 -6.09
N GLU A 245 13.23 -8.74 -5.90
CA GLU A 245 14.38 -8.23 -5.18
C GLU A 245 15.22 -7.37 -6.11
N ARG A 246 15.56 -7.93 -7.26
CA ARG A 246 16.35 -7.21 -8.25
C ARG A 246 15.62 -5.97 -8.73
N ILE A 247 14.35 -6.15 -9.05
CA ILE A 247 13.51 -5.06 -9.55
C ILE A 247 12.59 -4.61 -8.42
N GLY A 248 11.96 -3.46 -8.59
CA GLY A 248 11.04 -2.96 -7.58
C GLY A 248 9.69 -3.64 -7.62
N THR A 249 8.87 -3.41 -6.60
CA THR A 249 7.56 -4.03 -6.55
C THR A 249 6.69 -3.45 -7.66
N PRO A 250 5.97 -4.32 -8.39
CA PRO A 250 5.22 -3.91 -9.59
C PRO A 250 3.98 -3.08 -9.31
N GLU A 251 3.54 -2.32 -10.30
CA GLU A 251 2.41 -1.41 -10.12
C GLU A 251 1.14 -1.93 -10.78
N ARG A 252 1.22 -2.30 -12.06
CA ARG A 252 0.01 -2.69 -12.78
C ARG A 252 -0.05 -4.20 -13.03
N LYS A 253 -1.19 -4.67 -13.51
CA LYS A 253 -1.40 -6.09 -13.77
C LYS A 253 -2.09 -6.31 -15.10
N VAL A 254 -1.67 -7.35 -15.83
CA VAL A 254 -2.29 -7.66 -17.11
C VAL A 254 -2.53 -9.15 -17.27
N VAL A 255 -3.74 -9.51 -17.67
CA VAL A 255 -4.12 -10.92 -17.78
C VAL A 255 -3.70 -11.53 -19.11
N THR A 256 -2.83 -12.52 -19.04
CA THR A 256 -2.40 -13.29 -20.20
C THR A 256 -2.50 -14.78 -19.88
N THR A 257 -1.94 -15.61 -20.74
CA THR A 257 -1.94 -17.05 -20.49
C THR A 257 -0.58 -17.67 -20.81
N CYS A 258 -0.39 -18.89 -20.32
CA CYS A 258 0.86 -19.59 -20.51
C CYS A 258 1.00 -20.12 -21.94
N ALA A 259 2.23 -20.16 -22.42
CA ALA A 259 2.52 -20.63 -23.77
C ALA A 259 3.01 -22.07 -23.72
N TYR A 260 2.41 -22.86 -22.82
CA TYR A 260 2.82 -24.23 -22.61
C TYR A 260 1.64 -25.14 -22.26
N CYS A 261 1.81 -26.44 -22.50
CA CYS A 261 1.07 -27.49 -21.80
C CYS A 261 -0.41 -27.63 -22.14
N GLY A 262 -0.97 -26.65 -22.84
CA GLY A 262 -2.36 -26.76 -23.28
C GLY A 262 -3.38 -26.84 -22.16
N VAL A 263 -2.98 -26.48 -20.95
CA VAL A 263 -3.90 -26.39 -19.84
C VAL A 263 -4.46 -24.97 -19.79
N GLY A 264 -3.69 -24.03 -20.33
CA GLY A 264 -4.12 -22.65 -20.42
C GLY A 264 -4.26 -21.97 -19.07
N CYS A 265 -3.26 -22.16 -18.21
CA CYS A 265 -3.24 -21.49 -16.93
C CYS A 265 -3.23 -19.98 -17.15
N SER A 266 -4.25 -19.31 -16.62
CA SER A 266 -4.41 -17.88 -16.81
C SER A 266 -3.61 -17.09 -15.78
N PHE A 267 -2.62 -16.36 -16.25
CA PHE A 267 -1.74 -15.60 -15.38
C PHE A 267 -2.06 -14.12 -15.44
N GLU A 268 -1.61 -13.39 -14.44
CA GLU A 268 -1.54 -11.95 -14.50
C GLU A 268 -0.09 -11.57 -14.32
N ALA A 269 0.44 -10.92 -15.34
CA ALA A 269 1.78 -10.38 -15.31
C ALA A 269 1.76 -9.07 -14.55
N HIS A 270 2.55 -9.00 -13.49
CA HIS A 270 2.71 -7.79 -12.72
C HIS A 270 3.82 -6.97 -13.35
N MET A 271 3.48 -5.75 -13.75
CA MET A 271 4.36 -4.94 -14.56
C MET A 271 4.69 -3.61 -13.90
N LEU A 272 5.96 -3.22 -14.03
CA LEU A 272 6.45 -1.94 -13.55
C LEU A 272 6.95 -1.14 -14.74
N GLY A 273 6.05 -0.43 -15.41
CA GLY A 273 6.36 0.20 -16.67
C GLY A 273 6.17 -0.75 -17.83
N ASP A 274 7.29 -1.23 -18.38
CA ASP A 274 7.26 -2.22 -19.45
C ASP A 274 8.11 -3.42 -19.06
N GLN A 275 8.74 -3.33 -17.89
CA GLN A 275 9.65 -4.35 -17.42
C GLN A 275 8.88 -5.40 -16.62
N LEU A 276 8.78 -6.61 -17.18
CA LEU A 276 8.06 -7.69 -16.53
C LEU A 276 8.75 -8.10 -15.24
N VAL A 277 8.11 -7.84 -14.12
CA VAL A 277 8.67 -8.15 -12.82
C VAL A 277 8.40 -9.61 -12.48
N ARG A 278 7.15 -10.03 -12.60
CA ARG A 278 6.78 -11.39 -12.27
C ARG A 278 5.44 -11.77 -12.89
N MET A 279 5.12 -13.07 -12.78
CA MET A 279 3.85 -13.59 -13.27
C MET A 279 3.19 -14.38 -12.14
N VAL A 280 1.95 -14.05 -11.82
CA VAL A 280 1.26 -14.74 -10.74
C VAL A 280 -0.13 -15.13 -11.21
N PRO A 281 -0.58 -16.34 -10.88
CA PRO A 281 -1.94 -16.73 -11.31
C PRO A 281 -3.02 -15.72 -10.92
N TRP A 282 -4.17 -15.83 -11.56
CA TRP A 282 -5.19 -14.80 -11.53
C TRP A 282 -6.37 -15.17 -10.63
N LYS A 283 -6.47 -16.44 -10.28
CA LYS A 283 -7.65 -16.95 -9.57
C LYS A 283 -8.83 -16.95 -10.52
N GLY A 284 -8.53 -17.14 -11.80
CA GLY A 284 -9.54 -17.15 -12.83
C GLY A 284 -9.19 -18.19 -13.89
N GLY A 285 -10.19 -18.56 -14.67
CA GLY A 285 -10.01 -19.63 -15.63
C GLY A 285 -10.24 -20.94 -14.90
N ALA A 286 -11.11 -21.78 -15.45
CA ALA A 286 -11.42 -23.04 -14.81
C ALA A 286 -10.29 -24.04 -15.00
N ALA A 287 -9.26 -23.61 -15.74
CA ALA A 287 -8.09 -24.43 -15.97
C ALA A 287 -7.18 -24.43 -14.76
N ASN A 288 -6.98 -23.24 -14.20
CA ASN A 288 -6.21 -23.08 -12.97
C ASN A 288 -6.88 -22.08 -12.06
N ARG A 289 -7.23 -22.52 -10.86
CA ARG A 289 -7.89 -21.64 -9.90
C ARG A 289 -6.89 -20.99 -8.97
N GLY A 290 -5.87 -20.37 -9.55
CA GLY A 290 -4.85 -19.68 -8.79
C GLY A 290 -3.60 -20.52 -8.54
N HIS A 291 -3.31 -21.42 -9.47
CA HIS A 291 -2.16 -22.30 -9.35
C HIS A 291 -1.41 -22.41 -10.66
N SER A 292 -0.16 -22.86 -10.60
CA SER A 292 0.71 -22.91 -11.76
C SER A 292 1.85 -23.91 -11.56
N CYS A 293 2.88 -23.80 -12.38
CA CYS A 293 4.07 -24.62 -12.25
C CYS A 293 5.32 -23.80 -12.52
N VAL A 294 6.47 -24.47 -12.61
CA VAL A 294 7.74 -23.78 -12.76
C VAL A 294 7.78 -22.94 -14.02
N LYS A 295 7.33 -23.52 -15.13
CA LYS A 295 7.54 -22.95 -16.43
C LYS A 295 6.78 -21.63 -16.62
N GLY A 296 5.47 -21.69 -16.48
CA GLY A 296 4.65 -20.51 -16.66
C GLY A 296 4.88 -19.47 -15.60
N ARG A 297 5.08 -19.93 -14.37
CA ARG A 297 5.27 -19.05 -13.23
C ARG A 297 6.57 -18.27 -13.32
N PHE A 298 7.64 -18.94 -13.72
CA PHE A 298 8.97 -18.36 -13.65
C PHE A 298 9.67 -18.27 -15.00
N ALA A 299 9.57 -19.33 -15.80
CA ALA A 299 10.29 -19.37 -17.06
C ALA A 299 9.62 -18.49 -18.12
N TYR A 300 10.00 -17.22 -18.10
CA TYR A 300 9.52 -16.25 -19.08
C TYR A 300 10.69 -15.36 -19.50
N GLY A 301 11.90 -15.82 -19.23
CA GLY A 301 13.09 -15.04 -19.49
C GLY A 301 13.71 -15.30 -20.86
N TYR A 302 13.07 -16.16 -21.63
CA TYR A 302 13.49 -16.39 -23.01
C TYR A 302 13.18 -15.17 -23.86
N ALA A 303 12.18 -14.41 -23.46
CA ALA A 303 11.78 -13.21 -24.18
C ALA A 303 12.83 -12.12 -24.01
N THR A 304 13.60 -12.20 -22.94
CA THR A 304 14.61 -11.20 -22.63
C THR A 304 16.01 -11.80 -22.76
N HIS A 305 16.17 -12.75 -23.67
CA HIS A 305 17.45 -13.41 -23.88
C HIS A 305 18.23 -12.73 -25.00
N GLN A 306 19.55 -12.78 -24.89
CA GLN A 306 20.42 -12.13 -25.86
C GLN A 306 20.48 -12.91 -27.18
N ASP A 307 20.23 -14.20 -27.11
CA ASP A 307 20.28 -15.06 -28.29
C ASP A 307 19.10 -14.82 -29.23
N ARG A 308 18.09 -14.10 -28.74
CA ARG A 308 16.91 -13.83 -29.55
C ARG A 308 17.29 -13.02 -30.78
N ILE A 309 16.71 -13.40 -31.92
CA ILE A 309 16.98 -12.76 -33.18
C ILE A 309 15.89 -11.73 -33.46
N LEU A 310 16.30 -10.53 -33.87
CA LEU A 310 15.38 -9.39 -33.91
C LEU A 310 15.29 -8.73 -35.28
N LYS A 311 16.10 -9.21 -36.24
CA LYS A 311 16.07 -8.67 -37.58
C LYS A 311 16.00 -9.77 -38.63
N PRO A 312 15.29 -9.54 -39.73
CA PRO A 312 15.24 -10.56 -40.79
C PRO A 312 16.62 -10.91 -41.32
N MET A 313 16.74 -12.10 -41.90
CA MET A 313 18.02 -12.59 -42.40
C MET A 313 17.80 -13.41 -43.66
N ILE A 314 18.54 -13.09 -44.71
CA ILE A 314 18.46 -13.82 -45.97
C ILE A 314 19.82 -14.42 -46.29
N ARG A 315 19.82 -15.60 -46.89
CA ARG A 315 21.01 -16.42 -47.00
C ARG A 315 21.39 -16.72 -48.45
N ASP A 316 20.41 -17.21 -49.20
CA ASP A 316 20.57 -17.62 -50.60
C ASP A 316 21.33 -18.95 -50.76
N LYS A 317 21.92 -19.44 -49.68
CA LYS A 317 22.53 -20.77 -49.68
C LYS A 317 22.94 -21.18 -48.27
N ILE A 318 22.54 -22.38 -47.85
CA ILE A 318 22.80 -22.83 -46.49
C ILE A 318 24.28 -22.81 -46.15
N THR A 319 25.12 -23.07 -47.15
CA THR A 319 26.56 -23.09 -46.94
C THR A 319 27.08 -21.68 -46.72
N ASP A 320 26.38 -20.71 -47.29
CA ASP A 320 26.75 -19.31 -47.12
C ASP A 320 26.29 -18.82 -45.76
N PRO A 321 26.90 -17.73 -45.26
CA PRO A 321 26.49 -17.17 -43.97
C PRO A 321 25.25 -16.30 -44.07
N TRP A 322 24.67 -15.95 -42.93
CA TRP A 322 23.48 -15.12 -42.91
C TRP A 322 23.80 -13.69 -43.33
N ARG A 323 22.77 -12.86 -43.38
CA ARG A 323 22.94 -11.45 -43.69
C ARG A 323 21.82 -10.66 -43.01
N GLU A 324 22.17 -9.93 -41.96
CA GLU A 324 21.18 -9.09 -41.29
C GLU A 324 20.62 -8.08 -42.28
N VAL A 325 19.30 -8.05 -42.38
CA VAL A 325 18.61 -7.33 -43.44
C VAL A 325 17.27 -6.80 -42.97
N ASN A 326 16.81 -5.71 -43.57
CA ASN A 326 15.52 -5.12 -43.26
C ASN A 326 14.38 -6.00 -43.80
N TRP A 327 13.15 -5.54 -43.60
CA TRP A 327 11.96 -6.34 -43.93
C TRP A 327 11.67 -6.36 -45.44
N THR A 328 11.72 -5.19 -46.06
CA THR A 328 11.27 -5.03 -47.44
C THR A 328 11.94 -6.01 -48.41
N GLU A 329 13.27 -5.93 -48.51
CA GLU A 329 13.99 -6.76 -49.46
C GLU A 329 13.95 -8.23 -49.06
N ALA A 330 13.82 -8.50 -47.76
CA ALA A 330 13.67 -9.88 -47.29
C ALA A 330 12.41 -10.48 -47.90
N LEU A 331 11.29 -9.79 -47.69
CA LEU A 331 10.01 -10.23 -48.24
C LEU A 331 10.07 -10.30 -49.76
N ASP A 332 10.76 -9.34 -50.38
CA ASP A 332 10.88 -9.31 -51.83
C ASP A 332 11.57 -10.58 -52.34
N PHE A 333 12.73 -10.88 -51.76
CA PHE A 333 13.50 -12.06 -52.12
C PHE A 333 12.68 -13.33 -51.92
N THR A 334 12.03 -13.41 -50.76
CA THR A 334 11.20 -14.55 -50.42
C THR A 334 10.11 -14.77 -51.46
N ALA A 335 9.34 -13.71 -51.72
CA ALA A 335 8.22 -13.79 -52.65
C ALA A 335 8.69 -14.10 -54.06
N THR A 336 9.84 -13.55 -54.45
CA THR A 336 10.40 -13.80 -55.76
C THR A 336 10.70 -15.29 -55.93
N ARG A 337 11.42 -15.84 -54.97
CA ARG A 337 11.79 -17.25 -55.02
C ARG A 337 10.53 -18.11 -55.00
N LEU A 338 9.55 -17.70 -54.20
CA LEU A 338 8.31 -18.45 -54.07
C LEU A 338 7.56 -18.49 -55.39
N ARG A 339 7.42 -17.33 -56.03
CA ARG A 339 6.71 -17.25 -57.30
C ARG A 339 7.45 -18.03 -58.38
N ALA A 340 8.77 -17.99 -58.35
CA ALA A 340 9.56 -18.77 -59.29
C ALA A 340 9.24 -20.24 -59.15
N LEU A 341 9.37 -20.74 -57.93
CA LEU A 341 9.15 -22.16 -57.65
C LEU A 341 7.71 -22.57 -57.95
N ARG A 342 6.79 -21.64 -57.73
CA ARG A 342 5.37 -21.86 -57.96
C ARG A 342 5.07 -22.03 -59.44
N ASP A 343 5.61 -21.12 -60.23
CA ASP A 343 5.40 -21.14 -61.67
C ASP A 343 6.12 -22.32 -62.31
N SER A 344 7.21 -22.76 -61.68
CA SER A 344 7.99 -23.86 -62.24
C SER A 344 7.42 -25.23 -61.90
N HIS A 345 7.16 -25.47 -60.62
CA HIS A 345 6.77 -26.79 -60.15
C HIS A 345 5.29 -26.89 -59.75
N GLY A 346 4.60 -25.76 -59.75
CA GLY A 346 3.19 -25.73 -59.40
C GLY A 346 2.92 -25.29 -57.98
N ALA A 347 1.66 -24.99 -57.69
CA ALA A 347 1.25 -24.51 -56.38
C ALA A 347 1.34 -25.61 -55.32
N ASP A 348 1.32 -26.86 -55.77
CA ASP A 348 1.42 -27.99 -54.86
C ASP A 348 2.87 -28.31 -54.52
N ALA A 349 3.78 -27.47 -55.01
CA ALA A 349 5.19 -27.59 -54.69
C ALA A 349 5.53 -26.73 -53.49
N LEU A 350 4.50 -26.17 -52.86
CA LEU A 350 4.67 -25.33 -51.67
C LEU A 350 4.09 -26.03 -50.46
N GLY A 351 4.07 -25.31 -49.34
CA GLY A 351 3.53 -25.84 -48.11
C GLY A 351 3.85 -24.98 -46.92
N VAL A 352 3.07 -25.13 -45.86
CA VAL A 352 3.30 -24.40 -44.62
C VAL A 352 3.26 -25.38 -43.46
N ILE A 353 3.82 -24.97 -42.33
CA ILE A 353 3.76 -25.76 -41.12
C ILE A 353 3.38 -24.82 -39.99
N THR A 354 2.08 -24.77 -39.69
CA THR A 354 1.56 -23.88 -38.67
C THR A 354 2.10 -24.26 -37.30
N SER A 355 1.96 -23.35 -36.34
CA SER A 355 2.43 -23.59 -34.99
C SER A 355 1.31 -23.48 -33.98
N SER A 356 1.17 -24.51 -33.16
CA SER A 356 0.22 -24.48 -32.06
C SER A 356 0.64 -23.42 -31.05
N ARG A 357 1.95 -23.26 -30.89
CA ARG A 357 2.50 -22.28 -29.97
C ARG A 357 1.93 -20.89 -30.20
N CYS A 358 1.54 -20.62 -31.44
CA CYS A 358 0.99 -19.33 -31.81
C CYS A 358 -0.50 -19.27 -31.55
N THR A 359 -1.10 -18.11 -31.77
CA THR A 359 -2.53 -17.92 -31.55
C THR A 359 -3.32 -18.64 -32.64
N ASN A 360 -4.64 -18.53 -32.58
CA ASN A 360 -5.49 -19.14 -33.59
C ASN A 360 -5.73 -18.17 -34.73
N GLU A 361 -5.59 -16.88 -34.45
CA GLU A 361 -5.69 -15.86 -35.47
C GLU A 361 -4.56 -16.03 -36.49
N GLU A 362 -3.34 -16.15 -35.97
CA GLU A 362 -2.16 -16.35 -36.81
C GLU A 362 -2.28 -17.65 -37.59
N THR A 363 -2.81 -18.67 -36.94
CA THR A 363 -3.02 -19.96 -37.58
C THR A 363 -4.00 -19.83 -38.76
N TYR A 364 -5.06 -19.07 -38.55
CA TYR A 364 -6.04 -18.80 -39.59
C TYR A 364 -5.39 -18.06 -40.75
N LEU A 365 -4.60 -17.04 -40.43
CA LEU A 365 -3.90 -16.30 -41.47
C LEU A 365 -2.96 -17.20 -42.26
N VAL A 366 -2.31 -18.13 -41.57
CA VAL A 366 -1.33 -19.00 -42.23
C VAL A 366 -2.02 -20.01 -43.13
N GLN A 367 -3.14 -20.57 -42.67
CA GLN A 367 -3.86 -21.54 -43.49
C GLN A 367 -4.48 -20.81 -44.69
N LYS A 368 -4.82 -19.54 -44.51
CA LYS A 368 -5.28 -18.72 -45.63
C LYS A 368 -4.16 -18.50 -46.63
N LEU A 369 -2.97 -18.19 -46.10
CA LEU A 369 -1.78 -17.98 -46.90
C LEU A 369 -1.46 -19.22 -47.74
N ALA A 370 -1.71 -20.37 -47.14
CA ALA A 370 -1.42 -21.63 -47.80
C ALA A 370 -2.50 -22.00 -48.81
N ARG A 371 -3.73 -21.59 -48.53
CA ARG A 371 -4.86 -21.98 -49.37
C ARG A 371 -5.22 -20.90 -50.38
N ALA A 372 -5.52 -19.71 -49.89
CA ALA A 372 -5.92 -18.60 -50.77
C ALA A 372 -4.77 -18.15 -51.65
N VAL A 373 -3.66 -17.76 -51.02
CA VAL A 373 -2.54 -17.18 -51.73
C VAL A 373 -1.77 -18.19 -52.57
N PHE A 374 -1.18 -19.19 -51.91
CA PHE A 374 -0.36 -20.17 -52.60
C PHE A 374 -1.20 -20.96 -53.59
N GLY A 375 -2.38 -21.38 -53.15
CA GLY A 375 -3.28 -22.15 -53.98
C GLY A 375 -3.11 -23.65 -53.77
N THR A 376 -2.96 -24.03 -52.51
CA THR A 376 -2.73 -25.43 -52.17
C THR A 376 -3.40 -25.82 -50.86
N ASN A 377 -3.39 -27.11 -50.58
CA ASN A 377 -3.95 -27.68 -49.37
C ASN A 377 -2.91 -28.38 -48.54
N ASN A 378 -1.66 -28.07 -48.86
CA ASN A 378 -0.52 -28.63 -48.15
C ASN A 378 -0.17 -27.81 -46.92
N THR A 379 -0.98 -27.94 -45.87
CA THR A 379 -0.67 -27.34 -44.59
C THR A 379 -0.66 -28.41 -43.51
N ASP A 380 -0.04 -28.10 -42.36
CA ASP A 380 0.07 -29.07 -41.29
C ASP A 380 0.50 -28.42 -39.99
N THR A 381 0.66 -29.21 -38.93
CA THR A 381 1.05 -28.69 -37.63
C THR A 381 1.60 -29.80 -36.72
N CYS A 382 1.93 -29.43 -35.47
CA CYS A 382 2.50 -30.37 -34.50
C CYS A 382 1.55 -31.52 -34.27
N ALA A 383 0.27 -31.19 -34.23
CA ALA A 383 -0.79 -32.17 -34.34
C ALA A 383 -0.67 -32.85 -35.70
N ARG A 384 -0.22 -34.10 -35.71
CA ARG A 384 0.37 -34.94 -36.75
C ARG A 384 1.51 -35.77 -36.21
N VAL A 385 2.05 -35.37 -35.07
CA VAL A 385 3.01 -36.20 -34.36
C VAL A 385 2.46 -36.50 -32.97
N CYS A 386 1.44 -35.74 -32.57
CA CYS A 386 0.81 -35.90 -31.28
C CYS A 386 -0.67 -35.59 -31.37
N HIS A 387 -1.47 -36.54 -30.91
CA HIS A 387 -2.93 -36.38 -30.78
C HIS A 387 -3.65 -36.16 -32.10
N SER A 388 -3.09 -36.66 -33.20
CA SER A 388 -3.83 -36.73 -34.44
C SER A 388 -4.74 -37.97 -34.48
N PRO A 389 -4.27 -39.12 -33.95
CA PRO A 389 -5.15 -40.29 -33.92
C PRO A 389 -6.41 -40.07 -33.09
N THR A 390 -6.31 -39.21 -32.09
CA THR A 390 -7.44 -38.85 -31.24
C THR A 390 -8.58 -38.29 -32.07
N GLY A 391 -8.22 -37.37 -32.97
CA GLY A 391 -9.21 -36.70 -33.79
C GLY A 391 -9.77 -37.58 -34.89
N TYR A 392 -9.22 -38.78 -35.03
CA TYR A 392 -9.74 -39.77 -35.95
C TYR A 392 -10.68 -40.71 -35.21
N GLY A 393 -10.21 -41.20 -34.06
CA GLY A 393 -10.99 -42.11 -33.24
C GLY A 393 -12.26 -41.49 -32.72
N LEU A 394 -12.13 -40.35 -32.05
CA LEU A 394 -13.29 -39.69 -31.46
C LEU A 394 -14.20 -39.09 -32.53
N LYS A 395 -13.72 -39.11 -33.78
CA LYS A 395 -14.53 -38.65 -34.90
C LYS A 395 -15.31 -39.81 -35.47
N GLN A 396 -14.67 -40.97 -35.52
CA GLN A 396 -15.28 -42.18 -36.02
C GLN A 396 -16.32 -42.70 -35.04
N THR A 397 -16.13 -42.42 -33.76
CA THR A 397 -17.04 -42.90 -32.73
C THR A 397 -18.11 -41.87 -32.36
N PHE A 398 -17.68 -40.70 -31.90
CA PHE A 398 -18.63 -39.69 -31.43
C PHE A 398 -19.04 -38.73 -32.54
N GLY A 399 -18.04 -38.07 -33.14
CA GLY A 399 -18.30 -37.08 -34.17
C GLY A 399 -17.51 -35.81 -33.96
N THR A 400 -16.96 -35.65 -32.76
CA THR A 400 -16.10 -34.51 -32.45
C THR A 400 -14.66 -34.96 -32.26
N SER A 401 -13.74 -34.29 -32.93
CA SER A 401 -12.32 -34.55 -32.76
C SER A 401 -11.77 -33.67 -31.66
N ALA A 402 -12.35 -33.77 -30.47
CA ALA A 402 -11.98 -32.91 -29.36
C ALA A 402 -12.27 -33.59 -28.02
N GLY A 403 -12.08 -32.85 -26.94
CA GLY A 403 -12.33 -33.36 -25.60
C GLY A 403 -13.79 -33.69 -25.38
N THR A 404 -14.12 -34.06 -24.15
CA THR A 404 -15.48 -34.43 -23.79
C THR A 404 -15.94 -33.70 -22.52
N GLN A 405 -14.98 -33.32 -21.69
CA GLN A 405 -15.28 -32.63 -20.44
C GLN A 405 -14.25 -31.54 -20.17
N ASP A 406 -14.54 -30.71 -19.16
CA ASP A 406 -13.58 -29.73 -18.69
C ASP A 406 -12.68 -30.35 -17.63
N PHE A 407 -11.92 -29.52 -16.92
CA PHE A 407 -11.06 -29.99 -15.84
C PHE A 407 -11.68 -29.77 -14.47
N ASP A 408 -12.87 -29.19 -14.42
CA ASP A 408 -13.60 -29.10 -13.17
C ASP A 408 -14.39 -30.38 -12.94
N SER A 409 -14.65 -31.09 -14.04
CA SER A 409 -15.36 -32.35 -13.99
C SER A 409 -14.68 -33.32 -13.03
N VAL A 410 -13.35 -33.24 -12.97
CA VAL A 410 -12.57 -34.12 -12.11
C VAL A 410 -12.95 -33.94 -10.65
N GLU A 411 -13.51 -32.78 -10.32
CA GLU A 411 -13.92 -32.50 -8.95
C GLU A 411 -15.08 -33.39 -8.54
N GLU A 412 -15.80 -33.94 -9.52
CA GLU A 412 -16.98 -34.74 -9.26
C GLU A 412 -16.79 -36.21 -9.64
N THR A 413 -15.61 -36.54 -10.15
CA THR A 413 -15.31 -37.93 -10.52
C THR A 413 -15.23 -38.81 -9.29
N ASP A 414 -15.24 -40.12 -9.52
CA ASP A 414 -15.09 -41.09 -8.44
C ASP A 414 -14.04 -42.14 -8.80
N LEU A 415 -13.53 -42.06 -10.03
CA LEU A 415 -12.44 -42.91 -10.46
C LEU A 415 -11.69 -42.26 -11.61
N ALA A 416 -10.40 -42.54 -11.69
CA ALA A 416 -9.56 -41.97 -12.73
C ALA A 416 -8.71 -43.05 -13.37
N LEU A 417 -8.94 -43.29 -14.66
CA LEU A 417 -8.21 -44.27 -15.42
C LEU A 417 -7.28 -43.57 -16.39
N VAL A 418 -5.98 -43.72 -16.17
CA VAL A 418 -4.98 -42.98 -16.90
C VAL A 418 -4.21 -43.90 -17.83
N ILE A 419 -4.45 -43.76 -19.13
CA ILE A 419 -3.70 -44.52 -20.12
C ILE A 419 -2.72 -43.60 -20.82
N GLY A 420 -1.44 -43.93 -20.75
CA GLY A 420 -0.43 -43.21 -21.49
C GLY A 420 -0.34 -41.74 -21.18
N ALA A 421 -0.35 -41.40 -19.90
CA ALA A 421 -0.18 -40.01 -19.49
C ALA A 421 0.67 -39.91 -18.24
N ASN A 422 1.23 -38.73 -18.03
CA ASN A 422 2.07 -38.45 -16.87
C ASN A 422 1.81 -37.03 -16.43
N PRO A 423 0.59 -36.76 -15.93
CA PRO A 423 0.13 -35.40 -15.67
C PRO A 423 0.99 -34.63 -14.66
N THR A 424 1.83 -35.34 -13.92
CA THR A 424 2.69 -34.67 -12.94
C THR A 424 3.78 -33.88 -13.63
N ASP A 425 4.07 -34.25 -14.88
CA ASP A 425 5.08 -33.59 -15.67
C ASP A 425 4.45 -32.87 -16.85
N GLY A 426 3.66 -33.60 -17.64
CA GLY A 426 2.98 -33.04 -18.78
C GLY A 426 2.03 -31.90 -18.46
N HIS A 427 1.08 -32.17 -17.55
CA HIS A 427 0.07 -31.18 -17.18
C HIS A 427 -0.04 -31.07 -15.66
N PRO A 428 0.94 -30.42 -15.03
CA PRO A 428 1.04 -30.33 -13.57
C PRO A 428 -0.19 -29.80 -12.85
N VAL A 429 -0.84 -28.80 -13.44
CA VAL A 429 -1.97 -28.16 -12.79
C VAL A 429 -3.21 -29.03 -12.87
N PHE A 430 -3.20 -30.00 -13.78
CA PHE A 430 -4.27 -30.99 -13.83
C PHE A 430 -3.99 -32.05 -12.79
N ALA A 431 -2.73 -32.44 -12.67
CA ALA A 431 -2.32 -33.44 -11.69
C ALA A 431 -2.59 -32.95 -10.28
N SER A 432 -2.47 -31.65 -10.07
CA SER A 432 -2.73 -31.07 -8.76
C SER A 432 -4.19 -31.30 -8.37
N ARG A 433 -5.10 -30.95 -9.28
CA ARG A 433 -6.52 -31.08 -9.02
C ARG A 433 -6.96 -32.55 -9.04
N LEU A 434 -6.13 -33.40 -9.63
CA LEU A 434 -6.35 -34.83 -9.58
C LEU A 434 -6.02 -35.37 -8.19
N ARG A 435 -4.83 -35.02 -7.71
CA ARG A 435 -4.39 -35.41 -6.39
C ARG A 435 -5.34 -34.88 -5.33
N LYS A 436 -5.89 -33.69 -5.59
CA LYS A 436 -6.87 -33.09 -4.70
C LYS A 436 -8.05 -34.03 -4.46
N ARG A 437 -8.29 -34.90 -5.44
CA ARG A 437 -9.40 -35.84 -5.38
C ARG A 437 -8.94 -37.21 -4.88
N LEU A 438 -7.78 -37.64 -5.37
CA LEU A 438 -7.19 -38.91 -4.93
C LEU A 438 -7.00 -38.93 -3.42
N ARG A 439 -6.63 -37.78 -2.85
CA ARG A 439 -6.51 -37.65 -1.40
C ARG A 439 -7.89 -37.61 -0.75
N ALA A 440 -8.93 -37.57 -1.55
CA ALA A 440 -10.30 -37.48 -1.05
C ALA A 440 -11.11 -38.72 -1.36
N GLY A 441 -10.43 -39.85 -1.52
CA GLY A 441 -11.10 -41.13 -1.66
C GLY A 441 -11.10 -41.75 -3.04
N ALA A 442 -11.20 -40.94 -4.08
CA ALA A 442 -11.32 -41.43 -5.44
C ALA A 442 -10.23 -42.45 -5.76
N LYS A 443 -10.50 -43.31 -6.74
CA LYS A 443 -9.58 -44.39 -7.07
C LYS A 443 -8.82 -44.11 -8.35
N LEU A 444 -7.79 -44.91 -8.59
CA LEU A 444 -6.85 -44.65 -9.67
C LEU A 444 -6.38 -45.94 -10.33
N ILE A 445 -6.42 -45.96 -11.67
CA ILE A 445 -5.82 -47.02 -12.44
C ILE A 445 -4.80 -46.39 -13.36
N VAL A 446 -3.60 -46.98 -13.42
CA VAL A 446 -2.54 -46.47 -14.26
C VAL A 446 -2.04 -47.59 -15.18
N VAL A 447 -2.11 -47.35 -16.48
CA VAL A 447 -1.83 -48.38 -17.47
C VAL A 447 -0.46 -48.18 -18.13
N ASP A 448 0.30 -47.22 -17.61
CA ASP A 448 1.64 -46.97 -18.15
C ASP A 448 2.58 -48.11 -17.82
N PRO A 449 3.57 -48.37 -18.70
CA PRO A 449 4.61 -49.38 -18.46
C PRO A 449 5.68 -48.89 -17.50
N ARG A 450 5.62 -47.61 -17.18
CA ARG A 450 6.63 -46.96 -16.36
C ARG A 450 5.97 -46.33 -15.14
N ARG A 451 6.52 -46.60 -13.96
CA ARG A 451 5.96 -46.05 -12.73
C ARG A 451 5.99 -44.53 -12.74
N ILE A 452 4.83 -43.92 -12.79
CA ILE A 452 4.72 -42.46 -12.82
C ILE A 452 4.57 -41.93 -11.41
N ASP A 453 4.94 -40.66 -11.21
CA ASP A 453 4.92 -40.05 -9.90
C ASP A 453 3.49 -39.79 -9.42
N LEU A 454 2.54 -39.94 -10.32
CA LEU A 454 1.12 -39.79 -9.97
C LEU A 454 0.68 -40.98 -9.14
N LEU A 455 1.37 -42.10 -9.34
CA LEU A 455 1.08 -43.32 -8.62
C LEU A 455 1.61 -43.24 -7.19
N ASN A 456 2.73 -42.55 -7.02
CA ASN A 456 3.36 -42.41 -5.72
C ASN A 456 3.00 -41.09 -5.05
N THR A 457 1.78 -40.61 -5.28
CA THR A 457 1.34 -39.36 -4.66
C THR A 457 1.08 -39.58 -3.18
N PRO A 458 1.30 -38.55 -2.35
CA PRO A 458 1.09 -38.72 -0.91
C PRO A 458 -0.37 -38.75 -0.50
N HIS A 459 -0.66 -39.43 0.60
CA HIS A 459 -2.03 -39.53 1.11
C HIS A 459 -2.96 -40.08 0.03
N ARG A 460 -2.45 -41.03 -0.73
CA ARG A 460 -3.19 -41.63 -1.82
C ARG A 460 -4.24 -42.61 -1.32
N GLY A 461 -5.34 -42.71 -2.05
CA GLY A 461 -6.34 -43.71 -1.76
C GLY A 461 -5.95 -45.06 -2.34
N GLU A 462 -6.89 -45.74 -2.97
CA GLU A 462 -6.59 -47.01 -3.63
C GLU A 462 -5.94 -46.75 -4.98
N ALA A 463 -5.18 -47.72 -5.48
CA ALA A 463 -4.49 -47.56 -6.74
C ALA A 463 -4.08 -48.88 -7.36
N TRP A 464 -4.31 -49.01 -8.66
CA TRP A 464 -3.86 -50.16 -9.43
C TRP A 464 -2.89 -49.69 -10.50
N HIS A 465 -1.90 -50.52 -10.80
CA HIS A 465 -0.90 -50.19 -11.80
C HIS A 465 -0.69 -51.33 -12.77
N LEU A 466 -1.14 -51.13 -14.01
CA LEU A 466 -0.96 -52.12 -15.06
C LEU A 466 0.33 -51.87 -15.81
N GLN A 467 1.42 -52.41 -15.29
CA GLN A 467 2.74 -52.18 -15.88
C GLN A 467 2.95 -53.13 -17.04
N LEU A 468 2.48 -52.72 -18.21
CA LEU A 468 2.51 -53.55 -19.40
C LEU A 468 3.76 -53.32 -20.24
N LYS A 469 3.79 -53.96 -21.40
CA LYS A 469 4.89 -53.79 -22.35
C LYS A 469 4.48 -52.79 -23.43
N PRO A 470 5.34 -51.80 -23.72
CA PRO A 470 4.98 -50.80 -24.73
C PRO A 470 4.56 -51.42 -26.06
N GLY A 471 3.40 -50.99 -26.56
CA GLY A 471 2.88 -51.50 -27.81
C GLY A 471 1.56 -52.23 -27.61
N THR A 472 1.49 -53.02 -26.54
CA THR A 472 0.28 -53.75 -26.21
C THR A 472 -0.65 -52.90 -25.37
N ASN A 473 -1.29 -51.94 -26.03
CA ASN A 473 -2.21 -51.03 -25.35
C ASN A 473 -3.65 -51.33 -25.72
N VAL A 474 -3.83 -52.00 -26.85
CA VAL A 474 -5.17 -52.32 -27.33
C VAL A 474 -5.58 -53.71 -26.85
N ALA A 475 -4.59 -54.56 -26.59
CA ALA A 475 -4.85 -55.88 -26.05
C ALA A 475 -5.47 -55.74 -24.66
N VAL A 476 -4.91 -54.83 -23.87
CA VAL A 476 -5.40 -54.56 -22.53
C VAL A 476 -6.82 -54.01 -22.55
N MET A 477 -7.10 -53.08 -23.45
CA MET A 477 -8.44 -52.51 -23.57
C MET A 477 -9.43 -53.59 -24.00
N THR A 478 -9.02 -54.40 -24.96
CA THR A 478 -9.85 -55.49 -25.46
C THR A 478 -10.14 -56.47 -24.33
N ALA A 479 -9.16 -56.70 -23.47
CA ALA A 479 -9.33 -57.60 -22.34
C ALA A 479 -10.28 -57.01 -21.31
N MET A 480 -10.15 -55.71 -21.07
CA MET A 480 -11.09 -55.01 -20.19
C MET A 480 -12.51 -55.19 -20.71
N ALA A 481 -12.66 -55.06 -22.01
CA ALA A 481 -13.97 -55.17 -22.65
C ALA A 481 -14.50 -56.59 -22.54
N HIS A 482 -13.63 -57.57 -22.74
CA HIS A 482 -14.00 -58.97 -22.64
C HIS A 482 -14.46 -59.28 -21.21
N VAL A 483 -13.78 -58.69 -20.24
CA VAL A 483 -14.12 -58.87 -18.85
C VAL A 483 -15.50 -58.28 -18.56
N ILE A 484 -15.71 -57.05 -19.03
CA ILE A 484 -16.96 -56.35 -18.75
C ILE A 484 -18.14 -56.98 -19.49
N VAL A 485 -17.86 -57.66 -20.60
CA VAL A 485 -18.93 -58.23 -21.43
C VAL A 485 -19.25 -59.66 -21.03
N THR A 486 -18.22 -60.44 -20.69
CA THR A 486 -18.42 -61.79 -20.21
C THR A 486 -19.18 -61.73 -18.89
N GLU A 487 -18.72 -60.85 -18.00
CA GLU A 487 -19.53 -60.44 -16.87
C GLU A 487 -20.65 -59.55 -17.41
N GLN A 488 -21.51 -59.07 -16.51
CA GLN A 488 -22.56 -58.14 -16.93
C GLN A 488 -22.60 -56.96 -15.97
N ILE A 489 -21.78 -55.96 -16.25
CA ILE A 489 -21.66 -54.78 -15.40
C ILE A 489 -22.01 -53.53 -16.19
N PHE A 490 -21.86 -53.60 -17.51
CA PHE A 490 -22.11 -52.46 -18.36
C PHE A 490 -23.55 -51.97 -18.24
N ASP A 491 -23.80 -50.76 -18.75
CA ASP A 491 -25.12 -50.17 -18.68
C ASP A 491 -25.86 -50.41 -19.98
N LYS A 492 -26.99 -51.10 -19.89
CA LYS A 492 -27.78 -51.42 -21.07
C LYS A 492 -28.71 -50.26 -21.41
N ARG A 493 -29.14 -49.53 -20.40
CA ARG A 493 -29.99 -48.36 -20.60
C ARG A 493 -29.24 -47.30 -21.38
N PHE A 494 -28.00 -47.05 -20.98
CA PHE A 494 -27.17 -46.06 -21.65
C PHE A 494 -26.99 -46.43 -23.11
N ILE A 495 -26.68 -47.69 -23.37
CA ILE A 495 -26.48 -48.17 -24.73
C ILE A 495 -27.74 -47.98 -25.55
N GLY A 496 -28.86 -48.46 -25.01
CA GLY A 496 -30.13 -48.39 -25.70
C GLY A 496 -30.63 -46.97 -25.96
N ASP A 497 -30.25 -46.03 -25.10
CA ASP A 497 -30.70 -44.66 -25.24
C ASP A 497 -29.79 -43.82 -26.14
N ARG A 498 -28.51 -43.78 -25.80
CA ARG A 498 -27.58 -42.88 -26.50
C ARG A 498 -26.87 -43.58 -27.67
N CYS A 499 -26.77 -44.90 -27.61
CA CYS A 499 -26.03 -45.65 -28.62
C CYS A 499 -26.91 -46.62 -29.38
N ASP A 500 -26.29 -47.42 -30.25
CA ASP A 500 -27.00 -48.40 -31.07
C ASP A 500 -26.85 -49.80 -30.48
N TRP A 501 -27.85 -50.65 -30.74
CA TRP A 501 -27.85 -51.99 -30.19
C TRP A 501 -27.36 -53.04 -31.18
N ASP A 502 -27.76 -52.89 -32.43
CA ASP A 502 -27.47 -53.87 -33.47
C ASP A 502 -25.96 -54.02 -33.67
N GLU A 503 -25.23 -52.93 -33.49
CA GLU A 503 -23.77 -52.96 -33.59
C GLU A 503 -23.18 -53.46 -32.27
N TRP A 504 -23.85 -53.13 -31.17
CA TRP A 504 -23.40 -53.55 -29.85
C TRP A 504 -23.42 -55.06 -29.74
N ALA A 505 -24.42 -55.69 -30.36
CA ALA A 505 -24.54 -57.14 -30.32
C ALA A 505 -23.34 -57.78 -30.99
N ASP A 506 -22.99 -57.26 -32.17
CA ASP A 506 -21.84 -57.77 -32.91
C ASP A 506 -20.56 -57.56 -32.12
N TYR A 507 -20.43 -56.36 -31.54
CA TYR A 507 -19.27 -56.01 -30.76
C TYR A 507 -19.09 -56.97 -29.59
N ALA A 508 -20.20 -57.31 -28.93
CA ALA A 508 -20.17 -58.20 -27.78
C ALA A 508 -19.85 -59.64 -28.20
N GLU A 509 -20.45 -60.07 -29.30
CA GLU A 509 -20.23 -61.42 -29.80
C GLU A 509 -18.78 -61.59 -30.25
N PHE A 510 -18.16 -60.50 -30.66
CA PHE A 510 -16.77 -60.51 -31.08
C PHE A 510 -15.84 -60.50 -29.87
N VAL A 511 -16.07 -59.52 -28.99
CA VAL A 511 -15.23 -59.34 -27.81
C VAL A 511 -15.37 -60.52 -26.84
N ALA A 512 -16.53 -61.17 -26.87
CA ALA A 512 -16.80 -62.26 -25.93
C ALA A 512 -15.99 -63.51 -26.27
N ASN A 513 -15.23 -63.46 -27.37
CA ASN A 513 -14.37 -64.57 -27.74
C ASN A 513 -13.37 -64.82 -26.62
N PRO A 514 -13.06 -66.09 -26.33
CA PRO A 514 -12.18 -66.39 -25.20
C PRO A 514 -10.69 -66.24 -25.54
N GLU A 515 -10.39 -65.68 -26.70
CA GLU A 515 -9.01 -65.46 -27.11
C GLU A 515 -8.54 -64.07 -26.70
N TYR A 516 -9.47 -63.14 -26.62
CA TYR A 516 -9.17 -61.78 -26.19
C TYR A 516 -9.37 -61.64 -24.69
N ALA A 517 -9.21 -62.74 -23.97
CA ALA A 517 -9.43 -62.75 -22.53
C ALA A 517 -8.15 -62.44 -21.77
N PRO A 518 -8.29 -61.92 -20.53
CA PRO A 518 -7.12 -61.52 -19.75
C PRO A 518 -6.15 -62.66 -19.45
N GLU A 519 -6.63 -63.88 -19.58
CA GLU A 519 -5.82 -65.06 -19.23
C GLU A 519 -4.86 -65.43 -20.35
N ALA A 520 -5.18 -64.99 -21.57
CA ALA A 520 -4.37 -65.34 -22.74
C ALA A 520 -3.39 -64.22 -23.11
N VAL A 521 -3.72 -62.99 -22.74
CA VAL A 521 -2.89 -61.84 -23.11
C VAL A 521 -1.71 -61.68 -22.16
N GLU A 522 -1.79 -62.31 -20.99
CA GLU A 522 -0.74 -62.18 -19.98
C GLU A 522 0.62 -62.59 -20.53
N SER A 523 0.61 -63.46 -21.54
CA SER A 523 1.84 -63.96 -22.15
C SER A 523 2.52 -62.89 -23.00
N LEU A 524 1.71 -62.13 -23.73
CA LEU A 524 2.23 -61.12 -24.65
C LEU A 524 2.23 -59.73 -24.03
N THR A 525 1.27 -59.47 -23.16
CA THR A 525 1.11 -58.15 -22.56
C THR A 525 2.09 -57.95 -21.40
N GLY A 526 2.14 -58.92 -20.51
CA GLY A 526 3.03 -58.86 -19.37
C GLY A 526 2.35 -58.43 -18.07
N VAL A 527 1.07 -58.09 -18.17
CA VAL A 527 0.30 -57.70 -16.98
C VAL A 527 -0.41 -58.93 -16.42
N PRO A 528 -0.48 -59.03 -15.08
CA PRO A 528 -1.21 -60.17 -14.51
C PRO A 528 -2.69 -60.16 -14.87
N ALA A 529 -3.32 -61.33 -14.82
CA ALA A 529 -4.71 -61.47 -15.21
C ALA A 529 -5.66 -60.99 -14.11
N GLY A 530 -5.40 -61.43 -12.89
CA GLY A 530 -6.25 -61.08 -11.76
C GLY A 530 -6.33 -59.59 -11.54
N LEU A 531 -5.18 -58.93 -11.60
CA LEU A 531 -5.11 -57.49 -11.43
C LEU A 531 -5.93 -56.78 -12.50
N LEU A 532 -5.83 -57.27 -13.72
CA LEU A 532 -6.54 -56.67 -14.85
C LEU A 532 -8.06 -56.83 -14.67
N ARG A 533 -8.47 -58.02 -14.28
CA ARG A 533 -9.89 -58.29 -14.03
C ARG A 533 -10.40 -57.36 -12.93
N GLN A 534 -9.60 -57.22 -11.88
CA GLN A 534 -9.97 -56.38 -10.74
C GLN A 534 -10.13 -54.93 -11.17
N ALA A 535 -9.17 -54.44 -11.96
CA ALA A 535 -9.20 -53.08 -12.46
C ALA A 535 -10.44 -52.85 -13.32
N ALA A 536 -10.73 -53.81 -14.19
CA ALA A 536 -11.89 -53.72 -15.06
C ALA A 536 -13.18 -53.64 -14.25
N ARG A 537 -13.31 -54.53 -13.27
CA ARG A 537 -14.49 -54.57 -12.42
C ARG A 537 -14.63 -53.26 -11.66
N ALA A 538 -13.50 -52.71 -11.21
CA ALA A 538 -13.52 -51.46 -10.45
C ALA A 538 -13.95 -50.30 -11.33
N TYR A 539 -13.48 -50.29 -12.57
CA TYR A 539 -13.83 -49.22 -13.50
C TYR A 539 -15.31 -49.28 -13.86
N ALA A 540 -15.80 -50.50 -14.03
CA ALA A 540 -17.18 -50.71 -14.44
C ALA A 540 -18.16 -50.45 -13.30
N ALA A 541 -17.74 -50.76 -12.08
CA ALA A 541 -18.61 -50.67 -10.91
C ALA A 541 -18.80 -49.23 -10.44
N ALA A 542 -17.75 -48.43 -10.54
CA ALA A 542 -17.78 -47.07 -10.02
C ALA A 542 -18.90 -46.25 -10.68
N PRO A 543 -19.53 -45.34 -9.91
CA PRO A 543 -20.65 -44.58 -10.47
C PRO A 543 -20.21 -43.61 -11.55
N ASN A 544 -19.23 -42.78 -11.24
CA ASN A 544 -18.71 -41.79 -12.18
C ASN A 544 -17.21 -41.97 -12.37
N ALA A 545 -16.84 -42.72 -13.40
CA ALA A 545 -15.45 -42.93 -13.74
C ALA A 545 -15.03 -41.99 -14.85
N ALA A 546 -13.74 -41.76 -15.00
CA ALA A 546 -13.25 -40.86 -16.03
C ALA A 546 -11.91 -41.31 -16.59
N ILE A 547 -11.82 -41.30 -17.92
CA ILE A 547 -10.61 -41.73 -18.61
C ILE A 547 -9.84 -40.51 -19.07
N TYR A 548 -8.55 -40.49 -18.75
CA TYR A 548 -7.64 -39.45 -19.22
C TYR A 548 -6.51 -40.12 -19.98
N TYR A 549 -6.36 -39.79 -21.26
CA TYR A 549 -5.35 -40.44 -22.08
C TYR A 549 -4.47 -39.43 -22.80
N GLY A 550 -3.27 -39.86 -23.14
CA GLY A 550 -2.27 -39.00 -23.75
C GLY A 550 -1.52 -39.62 -24.90
N LEU A 551 -0.19 -39.64 -24.80
CA LEU A 551 0.66 -40.04 -25.90
C LEU A 551 1.10 -41.49 -25.81
N GLY A 552 0.57 -42.22 -24.85
CA GLY A 552 0.83 -43.63 -24.74
C GLY A 552 -0.14 -44.46 -25.57
N VAL A 553 -1.19 -43.80 -26.04
CA VAL A 553 -2.14 -44.44 -26.94
C VAL A 553 -1.99 -43.91 -28.36
N THR A 554 -1.94 -42.59 -28.50
CA THR A 554 -1.91 -41.95 -29.82
C THR A 554 -0.63 -42.26 -30.59
N GLU A 555 0.51 -41.94 -30.01
CA GLU A 555 1.79 -42.10 -30.68
C GLU A 555 2.21 -43.57 -30.73
N HIS A 556 1.53 -44.34 -31.57
CA HIS A 556 1.89 -45.73 -31.79
C HIS A 556 1.46 -46.18 -33.18
N SER A 557 1.87 -47.38 -33.55
CA SER A 557 1.49 -47.97 -34.83
C SER A 557 -0.03 -48.17 -34.87
N GLN A 558 -0.63 -48.35 -33.71
CA GLN A 558 -2.08 -48.45 -33.59
C GLN A 558 -2.58 -47.48 -32.53
N GLY A 559 -2.77 -46.23 -32.94
CA GLY A 559 -3.23 -45.19 -32.05
C GLY A 559 -4.71 -44.94 -32.15
N SER A 560 -5.19 -44.80 -33.38
CA SER A 560 -6.59 -44.56 -33.62
C SER A 560 -7.40 -45.76 -33.12
N THR A 561 -6.86 -46.95 -33.33
CA THR A 561 -7.50 -48.17 -32.89
C THR A 561 -7.67 -48.18 -31.37
N THR A 562 -6.59 -47.84 -30.66
CA THR A 562 -6.61 -47.78 -29.20
C THR A 562 -7.59 -46.74 -28.71
N VAL A 563 -7.60 -45.58 -29.35
CA VAL A 563 -8.49 -44.50 -28.96
C VAL A 563 -9.94 -44.94 -29.16
N ILE A 564 -10.17 -45.68 -30.23
CA ILE A 564 -11.51 -46.18 -30.53
C ILE A 564 -11.93 -47.18 -29.47
N ALA A 565 -11.01 -48.05 -29.07
CA ALA A 565 -11.28 -49.02 -28.01
C ALA A 565 -11.64 -48.30 -26.71
N ILE A 566 -10.90 -47.24 -26.42
CA ILE A 566 -11.11 -46.47 -25.20
C ILE A 566 -12.49 -45.83 -25.23
N ALA A 567 -12.87 -45.30 -26.39
CA ALA A 567 -14.17 -44.66 -26.54
C ALA A 567 -15.27 -45.72 -26.41
N ASN A 568 -15.01 -46.92 -26.92
CA ASN A 568 -15.95 -48.02 -26.80
C ASN A 568 -16.18 -48.33 -25.32
N LEU A 569 -15.09 -48.40 -24.57
CA LEU A 569 -15.16 -48.61 -23.13
C LEU A 569 -16.04 -47.55 -22.48
N ALA A 570 -15.73 -46.30 -22.78
CA ALA A 570 -16.39 -45.16 -22.16
C ALA A 570 -17.88 -45.10 -22.50
N MET A 571 -18.22 -45.62 -23.68
CA MET A 571 -19.61 -45.61 -24.13
C MET A 571 -20.36 -46.76 -23.49
N MET A 572 -19.77 -47.95 -23.54
CA MET A 572 -20.31 -49.14 -22.92
C MET A 572 -20.65 -48.90 -21.46
N THR A 573 -19.65 -48.49 -20.68
CA THR A 573 -19.81 -48.35 -19.24
C THR A 573 -20.84 -47.28 -18.89
N GLY A 574 -20.93 -46.25 -19.73
CA GLY A 574 -21.89 -45.18 -19.52
C GLY A 574 -21.28 -43.93 -18.94
N ASN A 575 -19.96 -43.82 -19.03
CA ASN A 575 -19.24 -42.69 -18.47
C ASN A 575 -19.15 -41.53 -19.45
N ILE A 576 -20.30 -41.09 -19.96
CA ILE A 576 -20.35 -40.00 -20.93
C ILE A 576 -21.59 -39.15 -20.72
N GLY A 577 -21.46 -37.85 -20.94
CA GLY A 577 -22.57 -36.93 -20.87
C GLY A 577 -22.94 -36.51 -19.46
N ARG A 578 -21.91 -36.21 -18.66
CA ARG A 578 -22.12 -35.87 -17.25
C ARG A 578 -20.82 -35.37 -16.64
N PRO A 579 -20.91 -34.46 -15.67
CA PRO A 579 -19.69 -34.03 -14.97
C PRO A 579 -19.11 -35.12 -14.08
N GLY A 580 -17.84 -35.44 -14.29
CA GLY A 580 -17.17 -36.49 -13.54
C GLY A 580 -16.86 -37.69 -14.40
N VAL A 581 -17.35 -37.67 -15.63
CA VAL A 581 -17.19 -38.80 -16.54
C VAL A 581 -16.93 -38.31 -17.95
N GLY A 582 -16.05 -39.00 -18.66
CA GLY A 582 -15.74 -38.67 -20.04
C GLY A 582 -14.44 -39.28 -20.50
N VAL A 583 -14.18 -39.17 -21.80
CA VAL A 583 -12.94 -39.64 -22.39
C VAL A 583 -12.10 -38.44 -22.82
N ASN A 584 -11.24 -37.97 -21.92
CA ASN A 584 -10.47 -36.76 -22.14
C ASN A 584 -9.07 -37.03 -22.67
N PRO A 585 -8.78 -36.56 -23.88
CA PRO A 585 -7.37 -36.52 -24.30
C PRO A 585 -6.67 -35.35 -23.65
N LEU A 586 -5.42 -35.55 -23.23
CA LEU A 586 -4.66 -34.48 -22.60
C LEU A 586 -3.81 -33.79 -23.65
N ARG A 587 -4.39 -32.78 -24.29
CA ARG A 587 -3.71 -32.06 -25.36
C ARG A 587 -2.42 -31.46 -24.85
N GLY A 588 -1.48 -31.25 -25.75
CA GLY A 588 -0.16 -30.75 -25.39
C GLY A 588 -0.01 -29.26 -25.55
N GLN A 589 0.69 -28.84 -26.59
CA GLN A 589 0.98 -27.44 -26.82
C GLN A 589 -0.27 -26.59 -26.70
N ASN A 590 -0.08 -25.32 -26.36
CA ASN A 590 -1.17 -24.37 -26.36
C ASN A 590 -1.73 -24.28 -27.76
N ASN A 591 -3.05 -24.12 -27.86
CA ASN A 591 -3.70 -23.88 -29.14
C ASN A 591 -3.50 -25.01 -30.14
N VAL A 592 -3.21 -26.22 -29.65
CA VAL A 592 -3.25 -27.38 -30.52
C VAL A 592 -4.69 -27.54 -30.97
N GLN A 593 -5.61 -27.41 -30.02
CA GLN A 593 -7.03 -27.49 -30.32
C GLN A 593 -7.42 -26.37 -31.25
N GLY A 594 -6.93 -25.16 -30.98
CA GLY A 594 -7.27 -24.00 -31.77
C GLY A 594 -6.65 -24.03 -33.15
N SER A 595 -5.46 -24.61 -33.25
CA SER A 595 -4.80 -24.77 -34.53
C SER A 595 -5.55 -25.77 -35.38
N CYS A 596 -5.88 -26.91 -34.79
CA CYS A 596 -6.61 -27.96 -35.50
C CYS A 596 -7.99 -27.47 -35.92
N ASP A 597 -8.59 -26.61 -35.09
CA ASP A 597 -9.90 -26.05 -35.38
C ASP A 597 -9.79 -25.03 -36.51
N MET A 598 -8.71 -24.24 -36.50
CA MET A 598 -8.48 -23.28 -37.56
C MET A 598 -7.63 -23.90 -38.66
N GLY A 599 -8.17 -24.93 -39.29
CA GLY A 599 -7.47 -25.64 -40.34
C GLY A 599 -6.29 -26.42 -39.82
N SER A 600 -5.09 -25.98 -40.17
CA SER A 600 -3.87 -26.62 -39.72
C SER A 600 -3.85 -28.11 -40.08
N PHE A 601 -4.63 -28.48 -41.08
CA PHE A 601 -4.66 -29.85 -41.54
C PHE A 601 -4.89 -29.88 -43.05
N PRO A 602 -4.28 -30.87 -43.72
CA PRO A 602 -4.34 -30.93 -45.18
C PRO A 602 -5.61 -31.57 -45.73
N HIS A 603 -6.63 -31.74 -44.90
CA HIS A 603 -7.85 -32.41 -45.32
C HIS A 603 -9.09 -31.68 -44.85
N GLU A 604 -8.94 -30.44 -44.41
CA GLU A 604 -10.08 -29.73 -43.83
C GLU A 604 -9.96 -28.21 -43.90
N PHE A 605 -11.09 -27.55 -43.65
CA PHE A 605 -11.16 -26.11 -43.50
C PHE A 605 -11.41 -25.80 -42.03
N PRO A 606 -11.30 -24.52 -41.64
CA PRO A 606 -11.58 -24.17 -40.25
C PRO A 606 -12.98 -24.61 -39.80
N GLY A 607 -13.03 -25.52 -38.84
CA GLY A 607 -14.29 -26.05 -38.35
C GLY A 607 -14.43 -27.53 -38.55
N TYR A 608 -13.31 -28.20 -38.80
CA TYR A 608 -13.29 -29.64 -38.99
C TYR A 608 -14.17 -30.05 -40.16
N ARG A 609 -14.31 -29.15 -41.15
CA ARG A 609 -15.04 -29.46 -42.36
C ARG A 609 -14.09 -29.96 -43.44
N HIS A 610 -14.44 -31.07 -44.06
CA HIS A 610 -13.61 -31.66 -45.09
C HIS A 610 -13.45 -30.69 -46.25
N VAL A 611 -12.41 -30.90 -47.04
CA VAL A 611 -12.06 -29.97 -48.10
C VAL A 611 -12.84 -30.27 -49.37
N SER A 612 -13.30 -31.50 -49.51
CA SER A 612 -14.05 -31.92 -50.68
C SER A 612 -15.50 -31.48 -50.60
N ASP A 613 -15.88 -30.89 -49.47
CA ASP A 613 -17.25 -30.43 -49.28
C ASP A 613 -17.54 -29.22 -50.15
N ASP A 614 -18.38 -29.40 -51.17
CA ASP A 614 -18.70 -28.33 -52.09
C ASP A 614 -19.42 -27.18 -51.39
N ALA A 615 -20.32 -27.53 -50.47
CA ALA A 615 -21.11 -26.55 -49.77
C ALA A 615 -20.24 -25.65 -48.89
N THR A 616 -19.05 -26.13 -48.58
CA THR A 616 -18.12 -25.38 -47.73
C THR A 616 -17.14 -24.59 -48.60
N ARG A 617 -16.63 -25.25 -49.63
CA ARG A 617 -15.71 -24.62 -50.55
C ARG A 617 -16.37 -23.41 -51.20
N GLY A 618 -17.67 -23.51 -51.44
CA GLY A 618 -18.42 -22.40 -52.00
C GLY A 618 -18.38 -21.20 -51.09
N LEU A 619 -18.74 -21.40 -49.82
CA LEU A 619 -18.74 -20.33 -48.84
C LEU A 619 -17.37 -19.69 -48.73
N PHE A 620 -16.33 -20.52 -48.77
CA PHE A 620 -14.98 -20.01 -48.58
C PHE A 620 -14.47 -19.25 -49.81
N GLU A 621 -14.80 -19.74 -50.99
CA GLU A 621 -14.46 -19.03 -52.22
C GLU A 621 -15.20 -17.71 -52.28
N ARG A 622 -16.38 -17.69 -51.68
CA ARG A 622 -17.21 -16.48 -51.65
C ARG A 622 -16.66 -15.46 -50.67
N THR A 623 -16.15 -15.93 -49.54
CA THR A 623 -15.66 -15.04 -48.49
C THR A 623 -14.25 -14.53 -48.79
N TRP A 624 -13.43 -15.37 -49.43
CA TRP A 624 -12.06 -15.00 -49.75
C TRP A 624 -11.94 -14.47 -51.18
N GLY A 625 -12.96 -14.72 -51.99
CA GLY A 625 -12.95 -14.28 -53.36
C GLY A 625 -11.82 -14.89 -54.15
N VAL A 626 -11.57 -16.17 -53.91
CA VAL A 626 -10.50 -16.90 -54.60
C VAL A 626 -10.92 -18.35 -54.79
N THR A 627 -10.40 -18.98 -55.85
CA THR A 627 -10.71 -20.36 -56.15
C THR A 627 -9.81 -21.31 -55.39
N LEU A 628 -10.41 -22.22 -54.63
CA LEU A 628 -9.67 -23.16 -53.79
C LEU A 628 -9.65 -24.56 -54.41
N SER A 629 -8.76 -25.41 -53.89
CA SER A 629 -8.66 -26.79 -54.36
C SER A 629 -9.53 -27.72 -53.52
N SER A 630 -9.87 -28.86 -54.09
CA SER A 630 -10.74 -29.83 -53.42
C SER A 630 -9.96 -31.06 -52.97
N GLU A 631 -8.69 -31.12 -53.34
CA GLU A 631 -7.85 -32.27 -53.02
C GLU A 631 -7.21 -32.10 -51.63
N PRO A 632 -7.14 -33.18 -50.84
CA PRO A 632 -6.45 -33.01 -49.56
C PRO A 632 -4.95 -32.92 -49.76
N GLY A 633 -4.27 -32.23 -48.86
CA GLY A 633 -2.85 -31.97 -49.04
C GLY A 633 -1.94 -33.03 -48.47
N LEU A 634 -0.64 -32.77 -48.53
CA LEU A 634 0.36 -33.69 -48.02
C LEU A 634 0.54 -33.52 -46.52
N ARG A 635 1.03 -34.56 -45.87
CA ARG A 635 1.38 -34.51 -44.45
C ARG A 635 2.90 -34.49 -44.32
N ILE A 636 3.40 -34.04 -43.18
CA ILE A 636 4.83 -33.83 -43.00
C ILE A 636 5.66 -35.02 -43.48
N PRO A 637 5.27 -36.24 -43.10
CA PRO A 637 6.02 -37.39 -43.63
C PRO A 637 6.01 -37.42 -45.14
N ASN A 638 4.83 -37.16 -45.70
CA ASN A 638 4.66 -37.13 -47.15
C ASN A 638 5.49 -36.01 -47.74
N MET A 639 5.46 -34.85 -47.09
CA MET A 639 6.25 -33.70 -47.52
C MET A 639 7.71 -34.08 -47.69
N LEU A 640 8.27 -34.67 -46.64
CA LEU A 640 9.68 -34.98 -46.60
C LEU A 640 10.04 -36.08 -47.61
N ASP A 641 9.19 -37.10 -47.70
CA ASP A 641 9.42 -38.18 -48.64
C ASP A 641 9.42 -37.64 -50.07
N ALA A 642 8.50 -36.71 -50.33
CA ALA A 642 8.43 -36.06 -51.64
C ALA A 642 9.72 -35.31 -51.91
N ALA A 643 10.04 -34.38 -51.01
CA ALA A 643 11.25 -33.57 -51.15
C ALA A 643 12.48 -34.43 -51.41
N VAL A 644 12.51 -35.61 -50.79
CA VAL A 644 13.58 -36.57 -51.05
C VAL A 644 13.45 -37.05 -52.49
N GLU A 645 12.22 -37.29 -52.92
CA GLU A 645 11.96 -37.75 -54.27
C GLU A 645 11.87 -36.57 -55.25
N GLY A 646 11.66 -35.37 -54.71
CA GLY A 646 11.46 -34.20 -55.53
C GLY A 646 10.05 -33.68 -55.43
N ARG A 647 9.60 -32.98 -56.47
CA ARG A 647 8.23 -32.46 -56.56
C ARG A 647 7.78 -31.77 -55.27
N PHE A 648 8.73 -31.20 -54.55
CA PHE A 648 8.45 -30.37 -53.38
C PHE A 648 9.68 -29.52 -53.11
N LYS A 649 9.51 -28.19 -53.19
CA LYS A 649 10.65 -27.30 -53.20
C LYS A 649 10.59 -26.22 -52.12
N ALA A 650 9.38 -25.74 -51.81
CA ALA A 650 9.23 -24.65 -50.86
C ALA A 650 8.64 -25.12 -49.54
N LEU A 651 8.79 -24.29 -48.50
CA LEU A 651 8.24 -24.58 -47.20
C LEU A 651 8.34 -23.36 -46.30
N TYR A 652 7.25 -23.05 -45.60
CA TYR A 652 7.23 -21.91 -44.68
C TYR A 652 6.98 -22.39 -43.26
N VAL A 653 8.06 -22.74 -42.57
CA VAL A 653 7.98 -23.28 -41.22
C VAL A 653 7.71 -22.17 -40.21
N GLN A 654 6.52 -22.20 -39.64
CA GLN A 654 6.15 -21.27 -38.58
C GLN A 654 6.15 -21.98 -37.23
N GLY A 655 6.82 -21.37 -36.25
CA GLY A 655 6.82 -21.84 -34.89
C GLY A 655 6.93 -23.35 -34.72
N GLU A 656 7.88 -23.97 -35.41
CA GLU A 656 8.09 -25.40 -35.29
C GLU A 656 9.53 -25.79 -35.58
N ASP A 657 9.99 -26.86 -34.95
CA ASP A 657 11.32 -27.39 -35.17
C ASP A 657 11.24 -28.76 -35.81
N ILE A 658 11.19 -28.78 -37.14
CA ILE A 658 10.95 -29.99 -37.91
C ILE A 658 12.12 -30.96 -37.85
N LEU A 659 13.22 -30.56 -37.23
CA LEU A 659 14.44 -31.39 -37.23
C LEU A 659 14.59 -32.16 -35.92
N GLN A 660 14.61 -31.44 -34.80
CA GLN A 660 14.79 -32.06 -33.50
C GLN A 660 13.50 -32.70 -33.00
N SER A 661 12.38 -32.09 -33.36
CA SER A 661 11.07 -32.54 -32.88
C SER A 661 10.34 -33.40 -33.90
N ASP A 662 11.10 -34.21 -34.64
CA ASP A 662 10.52 -35.12 -35.62
C ASP A 662 11.40 -36.37 -35.78
N PRO A 663 10.81 -37.46 -36.27
CA PRO A 663 11.47 -38.77 -36.26
C PRO A 663 12.43 -39.01 -37.43
N ASP A 664 13.35 -39.94 -37.23
CA ASP A 664 14.34 -40.28 -38.24
C ASP A 664 15.09 -39.03 -38.68
N THR A 665 15.80 -38.43 -37.74
CA THR A 665 16.48 -37.16 -37.96
C THR A 665 17.25 -37.17 -39.28
N ARG A 666 17.85 -38.32 -39.62
CA ARG A 666 18.61 -38.45 -40.85
C ARG A 666 17.75 -38.17 -42.08
N HIS A 667 16.61 -38.87 -42.15
CA HIS A 667 15.72 -38.77 -43.31
C HIS A 667 15.12 -37.38 -43.43
N VAL A 668 14.66 -36.84 -42.31
CA VAL A 668 14.04 -35.53 -42.31
C VAL A 668 15.07 -34.48 -42.70
N SER A 669 16.32 -34.66 -42.28
CA SER A 669 17.38 -33.73 -42.64
C SER A 669 17.66 -33.81 -44.14
N ALA A 670 17.73 -35.03 -44.66
CA ALA A 670 17.97 -35.23 -46.08
C ALA A 670 16.85 -34.63 -46.92
N GLY A 671 15.64 -34.66 -46.39
CA GLY A 671 14.48 -34.12 -47.08
C GLY A 671 14.33 -32.62 -46.94
N LEU A 672 14.91 -32.07 -45.87
CA LEU A 672 14.88 -30.64 -45.62
C LEU A 672 15.99 -29.95 -46.39
N ALA A 673 17.04 -30.72 -46.69
CA ALA A 673 18.17 -30.19 -47.45
C ALA A 673 17.78 -30.05 -48.92
N ALA A 674 17.20 -31.10 -49.48
CA ALA A 674 16.73 -31.07 -50.86
C ALA A 674 15.45 -30.24 -50.93
N MET A 675 15.59 -28.95 -50.68
CA MET A 675 14.44 -28.04 -50.64
C MET A 675 14.92 -26.64 -51.00
N ASP A 676 14.60 -26.21 -52.22
CA ASP A 676 15.10 -24.95 -52.75
C ASP A 676 14.84 -23.76 -51.85
N LEU A 677 13.81 -23.86 -51.02
CA LEU A 677 13.45 -22.77 -50.11
C LEU A 677 12.74 -23.29 -48.88
N VAL A 678 13.27 -22.97 -47.70
CA VAL A 678 12.64 -23.33 -46.45
C VAL A 678 12.73 -22.17 -45.47
N ILE A 679 11.63 -21.43 -45.35
CA ILE A 679 11.56 -20.24 -44.51
C ILE A 679 11.40 -20.65 -43.05
N VAL A 680 11.89 -19.80 -42.15
CA VAL A 680 11.76 -20.03 -40.73
C VAL A 680 11.22 -18.78 -40.07
N HIS A 681 10.31 -18.97 -39.10
CA HIS A 681 9.60 -17.87 -38.49
C HIS A 681 9.54 -18.03 -36.97
N ASP A 682 10.69 -18.30 -36.35
CA ASP A 682 10.76 -18.49 -34.91
C ASP A 682 11.48 -17.34 -34.22
N LEU A 683 11.43 -17.33 -32.89
CA LEU A 683 12.08 -16.30 -32.09
C LEU A 683 13.59 -16.46 -32.12
N PHE A 684 14.03 -17.71 -31.99
CA PHE A 684 15.45 -18.01 -31.86
C PHE A 684 15.95 -18.77 -33.07
N LEU A 685 17.26 -18.81 -33.22
CA LEU A 685 17.88 -19.63 -34.24
C LEU A 685 17.78 -21.08 -33.80
N ASN A 686 17.19 -21.92 -34.64
CA ASN A 686 16.80 -23.26 -34.24
C ASN A 686 17.52 -24.34 -35.04
N GLU A 687 17.31 -25.58 -34.63
CA GLU A 687 17.87 -26.73 -35.33
C GLU A 687 17.40 -26.76 -36.77
N THR A 688 16.17 -26.31 -36.99
CA THR A 688 15.57 -26.32 -38.32
C THR A 688 16.16 -25.21 -39.19
N ALA A 689 16.63 -24.15 -38.55
CA ALA A 689 17.15 -22.99 -39.27
C ALA A 689 18.59 -23.22 -39.73
N ASN A 690 19.12 -24.41 -39.46
CA ASN A 690 20.43 -24.78 -39.94
C ASN A 690 20.37 -25.18 -41.42
N TYR A 691 19.16 -25.47 -41.89
CA TYR A 691 18.93 -25.83 -43.28
C TYR A 691 18.10 -24.76 -43.98
N ALA A 692 17.98 -23.60 -43.33
CA ALA A 692 17.12 -22.53 -43.83
C ALA A 692 17.83 -21.64 -44.84
N HIS A 693 17.03 -20.92 -45.63
CA HIS A 693 17.53 -19.95 -46.58
C HIS A 693 17.06 -18.56 -46.18
N VAL A 694 16.02 -18.52 -45.36
CA VAL A 694 15.43 -17.26 -44.93
C VAL A 694 15.08 -17.35 -43.45
N PHE A 695 14.92 -16.20 -42.81
CA PHE A 695 14.56 -16.16 -41.40
C PHE A 695 13.79 -14.89 -41.08
N LEU A 696 12.64 -15.06 -40.44
CA LEU A 696 11.81 -13.95 -40.03
C LEU A 696 11.57 -14.01 -38.54
N PRO A 697 11.94 -12.95 -37.79
CA PRO A 697 11.73 -13.01 -36.34
C PRO A 697 10.27 -13.16 -35.98
N GLY A 698 10.01 -13.52 -34.72
CA GLY A 698 8.66 -13.72 -34.25
C GLY A 698 8.35 -12.92 -33.01
N SER A 699 7.21 -13.24 -32.40
CA SER A 699 6.75 -12.52 -31.22
C SER A 699 6.34 -13.49 -30.12
N THR A 700 6.65 -13.14 -28.89
CA THR A 700 6.27 -13.96 -27.75
C THR A 700 4.83 -13.67 -27.36
N PHE A 701 4.27 -14.47 -26.47
CA PHE A 701 2.91 -14.32 -26.03
C PHE A 701 2.72 -13.03 -25.24
N LEU A 702 3.82 -12.40 -24.85
CA LEU A 702 3.78 -11.16 -24.10
C LEU A 702 3.59 -9.97 -25.04
N GLU A 703 4.13 -10.10 -26.25
CA GLU A 703 4.04 -9.05 -27.25
C GLU A 703 2.87 -9.28 -28.19
N LYS A 704 2.26 -10.45 -28.08
CA LYS A 704 1.13 -10.82 -28.93
C LYS A 704 -0.18 -10.23 -28.44
N ASP A 705 -1.24 -10.46 -29.21
CA ASP A 705 -2.60 -10.15 -28.80
C ASP A 705 -3.54 -11.09 -29.55
N GLY A 706 -4.40 -11.80 -28.83
CA GLY A 706 -5.27 -12.76 -29.47
C GLY A 706 -5.91 -13.75 -28.53
N THR A 707 -5.87 -15.03 -28.89
CA THR A 707 -6.47 -16.06 -28.06
C THR A 707 -5.72 -17.39 -28.10
N PHE A 708 -6.05 -18.26 -27.16
CA PHE A 708 -5.52 -19.62 -27.12
C PHE A 708 -6.64 -20.60 -26.81
N THR A 709 -6.73 -21.66 -27.61
CA THR A 709 -7.74 -22.68 -27.42
C THR A 709 -7.13 -23.94 -26.80
N ASN A 710 -7.31 -24.10 -25.50
CA ASN A 710 -6.64 -25.16 -24.76
C ASN A 710 -7.32 -26.52 -24.90
N ALA A 711 -6.91 -27.46 -24.06
CA ALA A 711 -7.33 -28.85 -24.16
C ALA A 711 -8.81 -29.04 -23.89
N GLU A 712 -9.36 -28.25 -22.97
CA GLU A 712 -10.76 -28.38 -22.60
C GLU A 712 -11.62 -27.45 -23.44
N ARG A 713 -11.16 -27.17 -24.66
CA ARG A 713 -11.92 -26.40 -25.63
C ARG A 713 -12.14 -24.96 -25.19
N ARG A 714 -11.41 -24.55 -24.15
CA ARG A 714 -11.57 -23.22 -23.60
C ARG A 714 -10.79 -22.18 -24.39
N ILE A 715 -11.43 -21.06 -24.66
CA ILE A 715 -10.80 -19.96 -25.38
C ILE A 715 -10.37 -18.89 -24.41
N ASN A 716 -9.09 -18.88 -24.06
CA ASN A 716 -8.55 -17.86 -23.18
C ASN A 716 -8.03 -16.71 -24.02
N ARG A 717 -8.00 -15.51 -23.43
CA ARG A 717 -7.63 -14.31 -24.16
C ARG A 717 -6.21 -13.88 -23.79
N VAL A 718 -5.42 -13.54 -24.81
CA VAL A 718 -4.03 -13.16 -24.62
C VAL A 718 -3.87 -11.67 -24.89
N ARG A 719 -3.27 -10.99 -23.94
CA ARG A 719 -3.15 -9.54 -23.98
C ARG A 719 -1.70 -9.11 -24.17
N ARG A 720 -1.52 -7.88 -24.64
CA ARG A 720 -0.21 -7.33 -24.89
C ARG A 720 0.28 -6.54 -23.69
N VAL A 721 1.45 -6.93 -23.16
CA VAL A 721 2.00 -6.28 -21.99
C VAL A 721 3.26 -5.52 -22.36
N MET A 722 4.14 -6.18 -23.12
CA MET A 722 5.34 -5.54 -23.64
C MET A 722 5.06 -5.00 -25.03
N ALA A 723 6.10 -4.57 -25.72
CA ALA A 723 6.00 -4.17 -27.12
C ALA A 723 6.89 -5.07 -27.96
N PRO A 724 6.49 -5.34 -29.21
CA PRO A 724 7.30 -6.26 -30.02
C PRO A 724 8.70 -5.71 -30.23
N LYS A 725 9.71 -6.54 -29.93
CA LYS A 725 11.10 -6.12 -30.05
C LYS A 725 11.54 -6.18 -31.50
N ALA A 726 10.96 -7.09 -32.26
CA ALA A 726 11.17 -7.15 -33.70
C ALA A 726 10.33 -6.09 -34.40
N GLY A 727 9.37 -5.52 -33.67
CA GLY A 727 8.53 -4.47 -34.21
C GLY A 727 7.23 -4.97 -34.78
N PHE A 728 7.15 -6.29 -35.00
CA PHE A 728 5.96 -6.87 -35.62
C PHE A 728 5.63 -8.23 -35.04
N ALA A 729 4.33 -8.47 -34.84
CA ALA A 729 3.85 -9.76 -34.36
C ALA A 729 3.84 -10.75 -35.51
N ASP A 730 3.48 -12.00 -35.20
CA ASP A 730 3.52 -13.08 -36.18
C ASP A 730 2.46 -12.90 -37.27
N TRP A 731 1.27 -12.45 -36.88
CA TRP A 731 0.20 -12.25 -37.86
C TRP A 731 0.54 -11.08 -38.76
N GLU A 732 1.24 -10.09 -38.21
CA GLU A 732 1.67 -8.94 -38.99
C GLU A 732 2.67 -9.38 -40.04
N VAL A 733 3.59 -10.26 -39.67
CA VAL A 733 4.59 -10.79 -40.59
C VAL A 733 3.91 -11.64 -41.67
N THR A 734 2.92 -12.40 -41.25
CA THR A 734 2.23 -13.29 -42.18
C THR A 734 1.47 -12.47 -43.21
N GLN A 735 0.78 -11.42 -42.77
CA GLN A 735 0.05 -10.57 -43.71
C GLN A 735 1.04 -9.78 -44.56
N MET A 736 2.19 -9.41 -44.00
CA MET A 736 3.26 -8.81 -44.78
C MET A 736 3.56 -9.68 -45.98
N LEU A 737 3.88 -10.94 -45.70
CA LEU A 737 4.24 -11.89 -46.74
C LEU A 737 3.10 -12.06 -47.75
N ALA A 738 1.88 -12.19 -47.24
CA ALA A 738 0.72 -12.44 -48.08
C ALA A 738 0.46 -11.27 -49.04
N ASN A 739 0.57 -10.04 -48.54
CA ASN A 739 0.37 -8.85 -49.35
C ASN A 739 1.53 -8.67 -50.32
N ALA A 740 2.72 -9.08 -49.90
CA ALA A 740 3.89 -8.94 -50.75
C ALA A 740 3.82 -9.92 -51.90
N LEU A 741 3.08 -11.01 -51.72
CA LEU A 741 2.92 -11.98 -52.79
C LEU A 741 1.81 -11.52 -53.75
N GLY A 742 0.78 -10.87 -53.21
CA GLY A 742 -0.26 -10.30 -54.04
C GLY A 742 -1.68 -10.41 -53.53
N ALA A 743 -1.86 -10.93 -52.32
CA ALA A 743 -3.19 -11.17 -51.78
C ALA A 743 -3.98 -9.86 -51.63
N GLY A 744 -3.50 -8.99 -50.76
CA GLY A 744 -4.16 -7.71 -50.52
C GLY A 744 -4.99 -7.65 -49.25
N TRP A 745 -4.45 -8.18 -48.17
CA TRP A 745 -5.15 -8.15 -46.88
C TRP A 745 -4.90 -6.83 -46.18
N HIS A 746 -5.84 -6.44 -45.31
CA HIS A 746 -5.64 -5.29 -44.44
C HIS A 746 -6.22 -5.56 -43.06
N TYR A 747 -5.38 -6.09 -42.17
CA TYR A 747 -5.76 -6.31 -40.79
C TYR A 747 -4.93 -5.41 -39.88
N THR A 748 -5.60 -4.66 -39.01
CA THR A 748 -4.93 -3.77 -38.08
C THR A 748 -5.09 -4.23 -36.64
N HIS A 749 -5.82 -5.33 -36.46
CA HIS A 749 -6.10 -5.86 -35.12
C HIS A 749 -6.70 -7.25 -35.28
N PRO A 750 -6.36 -8.19 -34.38
CA PRO A 750 -6.88 -9.55 -34.53
C PRO A 750 -8.38 -9.66 -34.28
N SER A 751 -9.02 -8.58 -33.87
CA SER A 751 -10.46 -8.60 -33.65
C SER A 751 -11.18 -8.84 -34.98
N GLU A 752 -10.73 -8.15 -36.02
CA GLU A 752 -11.28 -8.32 -37.36
C GLU A 752 -11.09 -9.76 -37.82
N ILE A 753 -9.95 -10.33 -37.49
CA ILE A 753 -9.62 -11.69 -37.87
C ILE A 753 -10.57 -12.67 -37.21
N MET A 754 -10.81 -12.44 -35.92
CA MET A 754 -11.71 -13.32 -35.17
C MET A 754 -13.14 -13.16 -35.66
N ALA A 755 -13.49 -11.96 -36.09
CA ALA A 755 -14.80 -11.71 -36.67
C ALA A 755 -14.95 -12.52 -37.95
N GLU A 756 -13.90 -12.52 -38.76
CA GLU A 756 -13.85 -13.30 -39.98
C GLU A 756 -14.07 -14.77 -39.66
N ILE A 757 -13.34 -15.24 -38.66
CA ILE A 757 -13.42 -16.65 -38.25
C ILE A 757 -14.85 -16.99 -37.86
N ALA A 758 -15.44 -16.14 -37.03
CA ALA A 758 -16.81 -16.34 -36.56
C ALA A 758 -17.77 -16.44 -37.74
N ALA A 759 -17.64 -15.49 -38.66
CA ALA A 759 -18.53 -15.44 -39.82
C ALA A 759 -18.37 -16.67 -40.71
N THR A 760 -17.14 -17.19 -40.79
CA THR A 760 -16.86 -18.32 -41.67
C THR A 760 -17.32 -19.64 -41.08
N THR A 761 -16.75 -20.01 -39.93
CA THR A 761 -17.04 -21.29 -39.30
C THR A 761 -18.00 -21.13 -38.13
N PRO A 762 -18.81 -22.17 -37.85
CA PRO A 762 -19.74 -22.10 -36.71
C PRO A 762 -19.10 -22.61 -35.42
N GLY A 763 -19.61 -22.13 -34.30
CA GLY A 763 -19.03 -22.45 -33.00
C GLY A 763 -18.38 -21.20 -32.45
N PHE A 764 -17.64 -20.51 -33.30
CA PHE A 764 -17.04 -19.24 -32.94
C PHE A 764 -17.94 -18.10 -33.41
N ALA A 765 -19.16 -18.44 -33.80
CA ALA A 765 -20.09 -17.47 -34.37
C ALA A 765 -20.47 -16.40 -33.34
N ALA A 766 -20.46 -16.77 -32.07
CA ALA A 766 -20.80 -15.85 -31.00
C ALA A 766 -19.56 -15.33 -30.29
N VAL A 767 -18.39 -15.75 -30.75
CA VAL A 767 -17.14 -15.37 -30.11
C VAL A 767 -16.81 -13.91 -30.41
N THR A 768 -16.57 -13.15 -29.36
CA THR A 768 -16.15 -11.77 -29.48
C THR A 768 -15.29 -11.42 -28.27
N TYR A 769 -14.28 -10.59 -28.47
CA TYR A 769 -13.32 -10.29 -27.42
C TYR A 769 -14.01 -9.69 -26.21
N GLU A 770 -15.12 -9.00 -26.43
CA GLU A 770 -15.90 -8.45 -25.34
C GLU A 770 -16.45 -9.57 -24.47
N MET A 771 -16.96 -10.61 -25.11
CA MET A 771 -17.46 -11.79 -24.42
C MET A 771 -16.35 -12.41 -23.58
N LEU A 772 -15.22 -12.63 -24.23
CA LEU A 772 -14.06 -13.25 -23.56
C LEU A 772 -13.60 -12.42 -22.38
N ASP A 773 -13.80 -11.10 -22.46
CA ASP A 773 -13.41 -10.20 -21.38
C ASP A 773 -14.40 -10.31 -20.21
N ALA A 774 -15.69 -10.17 -20.56
CA ALA A 774 -16.80 -10.16 -19.58
C ALA A 774 -16.93 -11.52 -18.91
N ARG A 775 -17.29 -12.55 -19.68
CA ARG A 775 -17.42 -13.94 -19.14
C ARG A 775 -16.03 -14.39 -18.67
N GLY A 776 -15.00 -14.06 -19.45
CA GLY A 776 -13.60 -14.40 -19.12
C GLY A 776 -13.07 -15.49 -20.03
N SER A 777 -13.79 -16.61 -20.12
CA SER A 777 -13.36 -17.73 -20.96
C SER A 777 -14.58 -18.41 -21.56
N VAL A 778 -14.41 -19.01 -22.74
CA VAL A 778 -15.52 -19.65 -23.43
C VAL A 778 -15.08 -20.95 -24.07
N GLN A 779 -15.98 -21.94 -24.04
CA GLN A 779 -15.76 -23.19 -24.75
C GLN A 779 -16.24 -22.98 -26.19
N TRP A 780 -15.39 -23.31 -27.16
CA TRP A 780 -15.60 -22.85 -28.54
C TRP A 780 -16.93 -23.30 -29.16
N PRO A 781 -17.53 -24.39 -28.68
CA PRO A 781 -18.88 -24.64 -29.23
C PRO A 781 -19.91 -23.64 -28.69
N CYS A 782 -19.86 -22.41 -29.17
CA CYS A 782 -20.75 -21.36 -28.67
C CYS A 782 -21.42 -20.60 -29.81
N ASN A 783 -22.59 -21.09 -30.23
CA ASN A 783 -23.39 -20.42 -31.24
C ASN A 783 -24.56 -19.70 -30.58
N GLU A 784 -25.47 -19.18 -31.40
CA GLU A 784 -26.70 -18.57 -30.88
C GLU A 784 -27.38 -19.55 -29.93
N LYS A 785 -27.36 -20.82 -30.30
CA LYS A 785 -27.71 -21.89 -29.38
C LYS A 785 -26.50 -22.15 -28.48
N ALA A 786 -26.74 -22.30 -27.19
CA ALA A 786 -25.65 -22.39 -26.22
C ALA A 786 -24.76 -21.15 -26.32
N PRO A 787 -25.31 -19.97 -25.97
CA PRO A 787 -24.53 -18.73 -26.04
C PRO A 787 -23.39 -18.71 -25.02
N GLU A 788 -23.68 -19.15 -23.80
CA GLU A 788 -22.70 -19.10 -22.72
C GLU A 788 -21.53 -20.04 -23.00
N GLY A 789 -21.82 -21.19 -23.60
CA GLY A 789 -20.80 -22.16 -23.93
C GLY A 789 -21.26 -23.59 -23.74
N SER A 790 -20.35 -24.53 -23.97
CA SER A 790 -20.66 -25.94 -23.81
C SER A 790 -19.61 -26.62 -22.93
N PRO A 791 -19.70 -26.43 -21.61
CA PRO A 791 -18.74 -27.02 -20.67
C PRO A 791 -18.62 -28.53 -20.80
N ILE A 792 -19.72 -29.17 -21.20
CA ILE A 792 -19.74 -30.62 -21.33
C ILE A 792 -20.35 -31.03 -22.65
N MET A 793 -19.70 -31.97 -23.33
CA MET A 793 -20.15 -32.43 -24.64
C MET A 793 -20.97 -33.71 -24.52
N HIS A 794 -21.86 -33.91 -25.48
CA HIS A 794 -22.66 -35.13 -25.56
C HIS A 794 -23.58 -35.29 -24.35
N VAL A 795 -23.96 -34.18 -23.74
CA VAL A 795 -24.84 -34.21 -22.58
C VAL A 795 -26.21 -34.73 -22.99
N GLU A 796 -26.66 -34.32 -24.17
CA GLU A 796 -27.94 -34.76 -24.70
C GLU A 796 -27.76 -35.37 -26.08
N GLY A 797 -27.49 -36.67 -26.11
CA GLY A 797 -27.24 -37.36 -27.36
C GLY A 797 -25.90 -36.95 -27.96
N PHE A 798 -25.31 -37.85 -28.74
CA PHE A 798 -24.01 -37.58 -29.35
C PHE A 798 -24.17 -36.59 -30.50
N VAL A 799 -23.06 -36.24 -31.13
CA VAL A 799 -23.07 -35.23 -32.18
C VAL A 799 -23.53 -35.83 -33.51
N ARG A 800 -23.00 -37.01 -33.85
CA ARG A 800 -23.43 -37.70 -35.07
C ARG A 800 -24.88 -38.18 -34.92
N GLY A 801 -25.29 -38.38 -33.67
CA GLY A 801 -26.65 -38.79 -33.37
C GLY A 801 -26.71 -40.09 -32.59
N LYS A 802 -25.87 -41.04 -32.98
CA LYS A 802 -25.80 -42.33 -32.30
C LYS A 802 -24.36 -42.85 -32.30
N GLY A 803 -23.86 -43.17 -31.11
CA GLY A 803 -22.52 -43.72 -30.98
C GLY A 803 -22.33 -44.96 -31.83
N ARG A 804 -21.08 -45.31 -32.07
CA ARG A 804 -20.75 -46.45 -32.92
C ARG A 804 -19.74 -47.36 -32.25
N PHE A 805 -20.08 -48.64 -32.14
CA PHE A 805 -19.18 -49.61 -31.55
C PHE A 805 -18.36 -50.29 -32.64
N ILE A 806 -17.04 -50.15 -32.53
CA ILE A 806 -16.13 -50.63 -33.56
C ILE A 806 -15.33 -51.81 -33.03
N ARG A 807 -15.12 -52.81 -33.88
CA ARG A 807 -14.40 -54.00 -33.50
C ARG A 807 -12.89 -53.76 -33.55
N THR A 808 -12.31 -53.49 -32.40
CA THR A 808 -10.87 -53.27 -32.30
C THR A 808 -10.14 -54.59 -32.10
N ALA A 809 -8.88 -54.64 -32.54
CA ALA A 809 -8.09 -55.84 -32.41
C ALA A 809 -6.61 -55.50 -32.27
N TYR A 810 -5.85 -56.43 -31.70
CA TYR A 810 -4.41 -56.23 -31.49
C TYR A 810 -3.60 -56.85 -32.62
N LEU A 811 -2.81 -56.01 -33.30
CA LEU A 811 -1.93 -56.47 -34.35
C LEU A 811 -0.48 -56.35 -33.90
N PRO A 812 0.32 -57.42 -34.08
CA PRO A 812 1.72 -57.34 -33.67
C PRO A 812 2.47 -56.22 -34.40
N THR A 813 3.11 -55.35 -33.63
CA THR A 813 3.82 -54.22 -34.20
C THR A 813 5.04 -54.69 -35.00
N ASP A 814 5.40 -53.91 -36.02
CA ASP A 814 6.53 -54.24 -36.87
C ASP A 814 7.85 -53.88 -36.18
N GLU A 815 7.75 -53.23 -35.02
CA GLU A 815 8.93 -52.84 -34.26
C GLU A 815 9.25 -53.86 -33.16
N LYS A 816 8.97 -55.13 -33.45
CA LYS A 816 9.28 -56.19 -32.50
C LYS A 816 10.78 -56.22 -32.25
N THR A 817 11.18 -56.90 -31.18
CA THR A 817 12.57 -56.92 -30.77
C THR A 817 13.25 -58.25 -31.10
N GLY A 818 14.56 -58.19 -31.35
CA GLY A 818 15.32 -59.37 -31.69
C GLY A 818 16.68 -59.41 -31.02
N PRO A 819 17.55 -60.31 -31.47
CA PRO A 819 18.89 -60.51 -30.90
C PRO A 819 19.71 -59.23 -30.80
N ARG A 820 19.89 -58.54 -31.91
CA ARG A 820 20.73 -57.35 -31.95
C ARG A 820 19.99 -56.10 -31.52
N PHE A 821 18.69 -56.24 -31.26
CA PHE A 821 17.88 -55.14 -30.73
C PHE A 821 16.91 -55.69 -29.68
N PRO A 822 17.45 -56.24 -28.59
CA PRO A 822 16.64 -56.91 -27.56
C PRO A 822 15.76 -55.97 -26.74
N LEU A 823 16.32 -54.87 -26.27
CA LEU A 823 15.58 -53.93 -25.45
C LEU A 823 14.56 -53.16 -26.27
N LEU A 824 13.68 -52.45 -25.57
CA LEU A 824 12.75 -51.54 -26.20
C LEU A 824 13.13 -50.12 -25.82
N LEU A 825 12.40 -49.15 -26.36
CA LEU A 825 12.72 -47.75 -26.11
C LEU A 825 11.44 -46.93 -25.94
N THR A 826 11.57 -45.81 -25.24
CA THR A 826 10.47 -44.90 -25.06
C THR A 826 11.02 -43.49 -24.94
N THR A 827 10.19 -42.49 -25.25
CA THR A 827 10.61 -41.10 -25.16
C THR A 827 9.53 -40.31 -24.46
N GLY A 828 9.94 -39.48 -23.52
CA GLY A 828 9.02 -38.75 -22.68
C GLY A 828 9.50 -37.37 -22.29
N ARG A 829 9.04 -36.89 -21.15
CA ARG A 829 9.24 -35.50 -20.77
C ARG A 829 9.59 -35.29 -19.30
N ILE A 830 9.90 -34.04 -18.97
CA ILE A 830 10.23 -33.64 -17.62
C ILE A 830 9.43 -32.37 -17.31
N LEU A 831 9.28 -32.07 -16.03
CA LEU A 831 8.48 -30.94 -15.60
C LEU A 831 9.18 -29.60 -15.88
N SER A 832 10.49 -29.59 -15.73
CA SER A 832 11.26 -28.36 -15.83
C SER A 832 11.39 -27.86 -17.26
N GLN A 833 11.67 -28.78 -18.18
CA GLN A 833 11.95 -28.40 -19.56
C GLN A 833 10.82 -28.75 -20.52
N TYR A 834 10.70 -27.94 -21.57
CA TYR A 834 9.65 -28.11 -22.57
C TYR A 834 10.22 -28.86 -23.77
N ASN A 835 9.35 -29.22 -24.71
CA ASN A 835 9.63 -30.23 -25.72
C ASN A 835 11.03 -30.18 -26.32
N VAL A 836 11.37 -29.08 -26.98
CA VAL A 836 12.69 -28.95 -27.59
C VAL A 836 13.58 -28.04 -26.75
N GLY A 837 12.96 -27.34 -25.82
CA GLY A 837 13.70 -26.46 -24.92
C GLY A 837 14.43 -25.36 -25.65
N ALA A 838 13.79 -24.80 -26.66
CA ALA A 838 14.32 -23.62 -27.33
C ALA A 838 13.92 -22.39 -26.54
N GLN A 839 12.87 -22.54 -25.76
CA GLN A 839 12.40 -21.47 -24.89
C GLN A 839 12.91 -21.68 -23.46
N THR A 840 13.08 -22.93 -23.08
CA THR A 840 13.27 -23.28 -21.68
C THR A 840 14.73 -23.53 -21.31
N ARG A 841 15.53 -23.99 -22.28
CA ARG A 841 16.96 -24.14 -22.05
C ARG A 841 17.62 -22.77 -21.91
N ARG A 842 16.91 -21.75 -22.37
CA ARG A 842 17.39 -20.38 -22.28
C ARG A 842 16.87 -19.72 -21.01
N THR A 843 16.66 -20.54 -19.98
CA THR A 843 16.21 -20.05 -18.68
C THR A 843 17.01 -20.76 -17.59
N GLU A 844 16.62 -20.54 -16.35
CA GLU A 844 17.31 -21.15 -15.21
C GLU A 844 16.73 -22.51 -14.86
N ASN A 845 15.99 -23.10 -15.80
CA ASN A 845 15.43 -24.43 -15.60
C ASN A 845 16.39 -25.51 -16.06
N THR A 846 17.64 -25.12 -16.28
CA THR A 846 18.69 -26.08 -16.62
C THR A 846 19.32 -26.65 -15.36
N VAL A 847 18.73 -26.30 -14.21
CA VAL A 847 19.21 -26.78 -12.93
C VAL A 847 18.66 -28.18 -12.67
N TRP A 848 17.34 -28.31 -12.77
CA TRP A 848 16.68 -29.58 -12.53
C TRP A 848 16.98 -30.56 -13.65
N HIS A 849 17.14 -30.03 -14.86
CA HIS A 849 17.44 -30.85 -16.03
C HIS A 849 18.35 -30.11 -16.98
N GLY A 850 19.63 -30.48 -16.98
CA GLY A 850 20.60 -29.87 -17.87
C GLY A 850 21.21 -30.85 -18.83
N GLU A 851 20.91 -32.13 -18.63
CA GLU A 851 21.35 -33.18 -19.53
C GLU A 851 20.30 -34.28 -19.61
N ASP A 852 20.02 -34.73 -20.82
CA ASP A 852 19.09 -35.83 -21.02
C ASP A 852 19.76 -37.13 -20.61
N ARG A 853 18.98 -38.06 -20.08
CA ARG A 853 19.53 -39.30 -19.56
C ARG A 853 18.68 -40.50 -19.94
N LEU A 854 19.17 -41.69 -19.62
CA LEU A 854 18.56 -42.94 -20.03
C LEU A 854 18.14 -43.76 -18.83
N GLU A 855 16.83 -43.85 -18.57
CA GLU A 855 16.35 -44.56 -17.39
C GLU A 855 16.35 -46.07 -17.63
N ILE A 856 17.51 -46.68 -17.50
CA ILE A 856 17.65 -48.11 -17.74
C ILE A 856 17.37 -48.88 -16.45
N HIS A 857 17.09 -50.17 -16.59
CA HIS A 857 16.81 -51.01 -15.43
C HIS A 857 18.11 -51.60 -14.88
N PRO A 858 18.17 -51.83 -13.57
CA PRO A 858 19.42 -52.35 -12.98
C PRO A 858 19.84 -53.71 -13.53
N THR A 859 18.92 -54.66 -13.58
CA THR A 859 19.25 -56.01 -14.03
C THR A 859 19.65 -56.00 -15.50
N ASP A 860 19.15 -55.02 -16.25
CA ASP A 860 19.51 -54.85 -17.64
C ASP A 860 20.77 -53.98 -17.78
N ALA A 861 21.41 -53.70 -16.65
CA ALA A 861 22.61 -52.87 -16.62
C ALA A 861 23.83 -53.67 -16.18
N GLU A 862 23.62 -54.57 -15.22
CA GLU A 862 24.71 -55.36 -14.68
C GLU A 862 25.36 -56.23 -15.76
N THR A 863 24.53 -56.79 -16.64
CA THR A 863 25.02 -57.67 -17.69
C THR A 863 25.83 -56.90 -18.71
N ARG A 864 25.46 -55.65 -18.93
CA ARG A 864 26.13 -54.81 -19.92
C ARG A 864 27.32 -54.10 -19.29
N GLY A 865 27.24 -53.84 -18.00
CA GLY A 865 28.31 -53.18 -17.28
C GLY A 865 28.03 -51.71 -17.05
N ILE A 866 26.76 -51.34 -17.17
CA ILE A 866 26.35 -49.95 -17.04
C ILE A 866 26.23 -49.56 -15.58
N ARG A 867 26.63 -48.33 -15.27
CA ARG A 867 26.47 -47.78 -13.93
C ARG A 867 25.94 -46.35 -14.03
N ASP A 868 25.29 -45.89 -12.98
CA ASP A 868 24.70 -44.56 -12.97
C ASP A 868 25.77 -43.50 -13.19
N GLY A 869 25.63 -42.74 -14.28
CA GLY A 869 26.57 -41.70 -14.61
C GLY A 869 27.51 -42.07 -15.74
N ASP A 870 27.28 -43.23 -16.33
CA ASP A 870 28.14 -43.74 -17.39
C ASP A 870 27.62 -43.30 -18.76
N TRP A 871 28.48 -43.37 -19.76
CA TRP A 871 28.11 -43.02 -21.12
C TRP A 871 27.81 -44.28 -21.92
N VAL A 872 26.64 -44.32 -22.55
CA VAL A 872 26.22 -45.49 -23.30
C VAL A 872 25.79 -45.10 -24.71
N ARG A 873 25.74 -46.09 -25.59
CA ARG A 873 25.31 -45.90 -26.96
C ARG A 873 24.06 -46.72 -27.25
N LEU A 874 23.14 -46.10 -27.97
CA LEU A 874 21.87 -46.71 -28.36
C LEU A 874 21.92 -47.21 -29.79
N ALA A 875 22.48 -48.40 -29.99
CA ALA A 875 22.58 -48.96 -31.32
C ALA A 875 21.22 -49.43 -31.80
N SER A 876 20.54 -48.56 -32.55
CA SER A 876 19.25 -48.89 -33.14
C SER A 876 19.37 -49.19 -34.61
N ARG A 877 18.23 -49.32 -35.28
CA ARG A 877 18.20 -49.65 -36.70
C ARG A 877 18.24 -48.40 -37.56
N ALA A 878 17.61 -47.33 -37.08
CA ALA A 878 17.45 -46.11 -37.86
C ALA A 878 18.45 -45.04 -37.46
N GLY A 879 19.52 -45.44 -36.79
CA GLY A 879 20.55 -44.48 -36.40
C GLY A 879 21.41 -44.92 -35.23
N GLU A 880 21.93 -43.94 -34.51
CA GLU A 880 22.79 -44.19 -33.36
C GLU A 880 22.96 -42.91 -32.56
N THR A 881 23.18 -43.05 -31.26
CA THR A 881 23.28 -41.90 -30.38
C THR A 881 24.00 -42.31 -29.09
N THR A 882 24.47 -41.33 -28.34
CA THR A 882 25.11 -41.59 -27.05
C THR A 882 24.49 -40.72 -25.97
N LEU A 883 24.41 -41.27 -24.78
CA LEU A 883 23.65 -40.66 -23.71
C LEU A 883 24.16 -41.08 -22.34
N ARG A 884 23.84 -40.28 -21.33
CA ARG A 884 24.26 -40.57 -19.96
C ARG A 884 23.20 -41.42 -19.28
N ALA A 885 23.64 -42.52 -18.66
CA ALA A 885 22.72 -43.52 -18.14
C ALA A 885 22.22 -43.19 -16.74
N THR A 886 21.18 -43.91 -16.33
CA THR A 886 20.59 -43.76 -15.01
C THR A 886 19.87 -45.05 -14.67
N VAL A 887 20.43 -45.83 -13.76
CA VAL A 887 19.81 -47.09 -13.36
C VAL A 887 18.71 -46.80 -12.36
N THR A 888 17.52 -47.34 -12.63
CA THR A 888 16.36 -47.07 -11.81
C THR A 888 15.34 -48.20 -11.95
N ASP A 889 14.66 -48.52 -10.86
CA ASP A 889 13.67 -49.58 -10.86
C ASP A 889 12.31 -49.04 -11.27
N ARG A 890 12.31 -47.83 -11.81
CA ARG A 890 11.10 -47.18 -12.28
C ARG A 890 10.51 -47.93 -13.46
N VAL A 891 11.33 -48.15 -14.47
CA VAL A 891 10.92 -48.87 -15.67
C VAL A 891 10.97 -50.37 -15.43
N SER A 892 10.34 -51.11 -16.33
CA SER A 892 10.37 -52.57 -16.28
C SER A 892 11.62 -53.09 -16.96
N PRO A 893 11.91 -54.39 -16.78
CA PRO A 893 13.05 -55.00 -17.49
C PRO A 893 12.74 -55.17 -18.96
N GLY A 894 13.69 -54.83 -19.82
CA GLY A 894 13.47 -54.87 -21.25
C GLY A 894 12.75 -53.63 -21.74
N VAL A 895 12.94 -52.53 -21.03
CA VAL A 895 12.32 -51.26 -21.39
C VAL A 895 13.29 -50.13 -21.05
N VAL A 896 13.25 -49.08 -21.85
CA VAL A 896 14.15 -47.95 -21.69
C VAL A 896 13.36 -46.66 -21.87
N TYR A 897 13.86 -45.57 -21.31
CA TYR A 897 13.16 -44.29 -21.36
C TYR A 897 14.16 -43.15 -21.53
N THR A 898 13.98 -42.39 -22.60
CA THR A 898 14.84 -41.27 -22.94
C THR A 898 14.04 -39.96 -22.93
N THR A 899 14.75 -38.85 -23.03
CA THR A 899 14.12 -37.54 -23.12
C THR A 899 14.73 -36.77 -24.29
N PHE A 900 13.93 -35.93 -24.93
CA PHE A 900 14.34 -35.26 -26.16
C PHE A 900 14.49 -33.75 -26.00
N HIS A 901 14.52 -33.29 -24.76
CA HIS A 901 14.54 -31.85 -24.48
C HIS A 901 15.81 -31.17 -24.99
N HIS A 902 16.92 -31.91 -24.98
CA HIS A 902 18.21 -31.32 -25.32
C HIS A 902 18.70 -31.81 -26.67
N PRO A 903 19.18 -30.90 -27.53
CA PRO A 903 19.58 -31.27 -28.89
C PRO A 903 21.03 -31.76 -28.97
N ASP A 904 21.80 -31.53 -27.92
CA ASP A 904 23.17 -32.04 -27.87
C ASP A 904 23.12 -33.54 -28.05
N THR A 905 22.06 -34.16 -27.53
CA THR A 905 21.80 -35.57 -27.77
C THR A 905 20.68 -35.70 -28.78
N GLN A 906 21.03 -36.20 -29.97
CA GLN A 906 20.05 -36.38 -31.02
C GLN A 906 19.30 -37.68 -30.78
N ALA A 907 18.17 -37.58 -30.09
CA ALA A 907 17.41 -38.76 -29.68
C ALA A 907 16.53 -39.27 -30.81
N ASN A 908 16.00 -38.35 -31.60
CA ASN A 908 15.05 -38.71 -32.65
C ASN A 908 15.74 -39.28 -33.89
N VAL A 909 17.04 -39.50 -33.80
CA VAL A 909 17.77 -40.20 -34.85
C VAL A 909 17.65 -41.70 -34.62
N VAL A 910 17.27 -42.07 -33.40
CA VAL A 910 17.02 -43.47 -33.07
C VAL A 910 15.62 -43.85 -33.51
N THR A 911 14.70 -42.89 -33.42
CA THR A 911 13.30 -43.13 -33.72
C THR A 911 13.12 -43.59 -35.16
N THR A 912 12.19 -44.51 -35.36
CA THR A 912 11.99 -45.15 -36.66
C THR A 912 10.83 -44.47 -37.40
N ASP A 913 10.72 -44.73 -38.70
CA ASP A 913 9.73 -44.08 -39.54
C ASP A 913 8.34 -44.68 -39.37
N THR A 914 8.25 -45.79 -38.63
CA THR A 914 6.98 -46.47 -38.46
C THR A 914 5.99 -45.56 -37.75
N SER A 915 4.73 -45.63 -38.17
CA SER A 915 3.71 -44.70 -37.69
C SER A 915 2.32 -45.32 -37.66
N ASP A 916 1.35 -44.52 -37.24
CA ASP A 916 -0.05 -44.94 -37.24
C ASP A 916 -0.52 -45.20 -38.67
N TRP A 917 -1.72 -45.74 -38.82
CA TRP A 917 -2.25 -46.08 -40.13
C TRP A 917 -3.10 -44.95 -40.70
N ALA A 918 -3.87 -44.30 -39.84
CA ALA A 918 -4.76 -43.24 -40.28
C ALA A 918 -4.06 -41.89 -40.42
N THR A 919 -3.56 -41.36 -39.32
CA THR A 919 -3.00 -40.01 -39.30
C THR A 919 -1.48 -40.02 -39.43
N ASN A 920 -0.90 -41.21 -39.49
CA ASN A 920 0.53 -41.34 -39.71
C ASN A 920 1.33 -40.69 -38.59
N CYS A 921 0.75 -40.67 -37.39
CA CYS A 921 1.44 -40.22 -36.19
C CYS A 921 2.58 -41.18 -35.85
N PRO A 922 3.82 -40.68 -35.77
CA PRO A 922 4.97 -41.60 -35.64
C PRO A 922 4.95 -42.47 -34.40
N GLU A 923 5.83 -43.47 -34.40
CA GLU A 923 5.97 -44.40 -33.30
C GLU A 923 7.11 -43.97 -32.40
N TYR A 924 6.85 -42.97 -31.57
CA TYR A 924 7.87 -42.43 -30.68
C TYR A 924 8.08 -43.30 -29.46
N LYS A 925 7.07 -44.09 -29.12
CA LYS A 925 7.05 -44.79 -27.85
C LYS A 925 7.49 -46.25 -27.96
N VAL A 926 7.89 -46.67 -29.15
CA VAL A 926 8.43 -48.00 -29.34
C VAL A 926 9.55 -47.98 -30.37
N THR A 927 10.70 -48.53 -29.99
CA THR A 927 11.84 -48.62 -30.88
C THR A 927 12.82 -49.66 -30.34
N ALA A 928 13.08 -50.69 -31.12
CA ALA A 928 13.99 -51.76 -30.70
C ALA A 928 15.42 -51.26 -30.70
N VAL A 929 16.00 -51.14 -29.51
CA VAL A 929 17.35 -50.59 -29.38
C VAL A 929 18.32 -51.59 -28.77
N GLN A 930 19.57 -51.17 -28.70
CA GLN A 930 20.62 -51.91 -28.01
C GLN A 930 21.44 -50.91 -27.24
N VAL A 931 21.43 -51.04 -25.91
CA VAL A 931 22.15 -50.12 -25.05
C VAL A 931 23.46 -50.75 -24.61
N ALA A 932 24.57 -50.17 -25.06
CA ALA A 932 25.89 -50.69 -24.70
C ALA A 932 26.73 -49.59 -24.06
N ALA A 933 27.88 -49.97 -23.51
CA ALA A 933 28.76 -49.00 -22.88
C ALA A 933 29.79 -48.47 -23.88
N SER A 934 29.99 -47.15 -23.88
CA SER A 934 30.93 -46.53 -24.81
C SER A 934 31.39 -45.15 -24.33
N ASN A 935 32.56 -44.74 -24.82
CA ASN A 935 33.18 -43.47 -24.45
C ASN A 935 32.99 -42.39 -25.51
N GLY A 936 33.30 -42.75 -26.75
CA GLY A 936 33.11 -41.83 -27.87
C GLY A 936 31.63 -41.54 -28.05
N PRO A 937 31.27 -40.26 -28.22
CA PRO A 937 29.82 -40.03 -28.23
C PRO A 937 29.12 -40.69 -29.41
N SER A 938 29.49 -40.31 -30.63
CA SER A 938 28.81 -40.82 -31.80
C SER A 938 29.40 -40.32 -33.10
N ASP A 939 28.91 -40.87 -34.20
CA ASP A 939 29.32 -40.44 -35.53
C ASP A 939 28.30 -39.45 -36.08
N TRP A 940 27.08 -39.49 -35.54
CA TRP A 940 26.02 -38.61 -35.99
C TRP A 940 26.03 -37.28 -35.24
N GLN A 941 26.21 -37.35 -33.93
CA GLN A 941 26.19 -36.17 -33.08
C GLN A 941 27.32 -35.22 -33.47
N GLN A 942 28.48 -35.80 -33.77
CA GLN A 942 29.64 -35.03 -34.21
C GLN A 942 29.31 -34.22 -35.46
N ASP A 943 28.79 -34.90 -36.47
CA ASP A 943 28.45 -34.28 -37.74
C ASP A 943 27.39 -33.21 -37.56
N TYR A 944 26.41 -33.50 -36.72
CA TYR A 944 25.34 -32.56 -36.43
C TYR A 944 25.91 -31.29 -35.82
N ALA A 945 26.80 -31.46 -34.85
CA ALA A 945 27.41 -30.33 -34.18
C ALA A 945 28.21 -29.50 -35.18
N ALA A 946 28.95 -30.19 -36.05
CA ALA A 946 29.76 -29.52 -37.06
C ALA A 946 28.90 -28.68 -37.98
N GLN A 947 27.81 -29.28 -38.47
CA GLN A 947 26.87 -28.60 -39.36
C GLN A 947 26.26 -27.38 -38.67
N ALA A 948 25.83 -27.56 -37.42
CA ALA A 948 25.17 -26.50 -36.67
C ALA A 948 26.12 -25.35 -36.39
N ALA A 949 27.40 -25.68 -36.22
CA ALA A 949 28.40 -24.67 -35.96
C ALA A 949 28.71 -23.88 -37.21
N ALA A 950 28.88 -24.60 -38.32
CA ALA A 950 29.24 -23.97 -39.58
C ALA A 950 28.06 -23.27 -40.24
N ALA A 951 26.84 -23.49 -39.74
CA ALA A 951 25.65 -22.95 -40.37
C ALA A 951 24.96 -21.87 -39.55
N ARG A 952 25.38 -21.69 -38.30
CA ARG A 952 24.78 -20.67 -37.44
C ARG A 952 25.68 -19.45 -37.34
N ARG A 953 26.49 -19.22 -38.37
CA ARG A 953 27.39 -18.07 -38.39
C ARG A 953 26.75 -16.91 -39.13
N ILE A 954 26.79 -15.73 -38.53
CA ILE A 954 26.20 -14.54 -39.10
C ILE A 954 27.29 -13.62 -39.63
N GLU A 955 26.97 -12.87 -40.68
CA GLU A 955 27.91 -11.93 -41.28
C GLU A 955 27.21 -10.66 -41.74
N MET B 1 3.39 -66.17 56.72
CA MET B 1 2.23 -65.23 56.68
C MET B 1 2.17 -64.52 55.34
N LYS B 2 0.96 -64.12 54.94
CA LYS B 2 0.79 -63.42 53.68
C LYS B 2 1.36 -62.01 53.78
N ILE B 3 2.03 -61.58 52.71
CA ILE B 3 2.64 -60.27 52.66
C ILE B 3 2.15 -59.53 51.43
N TRP B 4 1.77 -58.28 51.62
CA TRP B 4 1.27 -57.47 50.52
C TRP B 4 2.17 -56.28 50.27
N LEU B 5 3.10 -56.45 49.34
CA LEU B 5 4.07 -55.42 49.01
C LEU B 5 3.69 -54.74 47.69
N PRO B 6 3.29 -53.46 47.76
CA PRO B 6 2.82 -52.75 46.57
C PRO B 6 3.76 -52.85 45.36
N CYS B 7 3.18 -52.89 44.17
CA CYS B 7 3.95 -52.93 42.93
C CYS B 7 3.77 -51.62 42.17
N ASP B 8 3.28 -50.59 42.85
CA ASP B 8 3.06 -49.29 42.24
C ASP B 8 4.38 -48.54 42.11
N ALA B 9 4.40 -47.51 41.29
CA ALA B 9 5.59 -46.68 41.11
C ALA B 9 5.88 -45.89 42.38
N ALA B 10 4.83 -45.56 43.12
CA ALA B 10 4.97 -44.79 44.35
C ALA B 10 5.63 -45.63 45.43
N ALA B 11 5.66 -46.94 45.22
CA ALA B 11 6.28 -47.86 46.17
C ALA B 11 7.64 -48.29 45.65
N LYS B 12 7.68 -48.59 44.35
CA LYS B 12 8.93 -48.98 43.71
C LYS B 12 9.94 -47.85 43.78
N ALA B 13 9.44 -46.62 43.74
CA ALA B 13 10.29 -45.44 43.82
C ALA B 13 10.88 -45.30 45.22
N CYS B 14 10.04 -45.57 46.22
CA CYS B 14 10.46 -45.45 47.62
C CYS B 14 11.26 -46.68 48.07
N GLY B 15 11.41 -47.65 47.18
CA GLY B 15 12.27 -48.79 47.43
C GLY B 15 11.57 -50.09 47.79
N ALA B 16 10.33 -50.26 47.33
CA ALA B 16 9.56 -51.47 47.61
C ALA B 16 10.33 -52.71 47.14
N GLU B 17 11.14 -52.52 46.11
CA GLU B 17 12.03 -53.54 45.63
C GLU B 17 13.00 -54.01 46.72
N ALA B 18 13.59 -53.07 47.45
CA ALA B 18 14.54 -53.42 48.50
C ALA B 18 13.82 -54.11 49.64
N VAL B 19 12.57 -53.73 49.87
CA VAL B 19 11.76 -54.34 50.92
C VAL B 19 11.52 -55.80 50.55
N LEU B 20 11.15 -56.01 49.29
CA LEU B 20 10.94 -57.37 48.78
C LEU B 20 12.18 -58.21 49.00
N ALA B 21 13.31 -57.66 48.58
CA ALA B 21 14.58 -58.37 48.67
C ALA B 21 14.90 -58.76 50.11
N ALA B 22 14.82 -57.78 51.01
CA ALA B 22 15.13 -58.01 52.42
C ALA B 22 14.19 -59.06 53.00
N LEU B 23 12.91 -58.98 52.65
CA LEU B 23 11.92 -59.92 53.17
C LEU B 23 12.26 -61.34 52.74
N ARG B 24 12.50 -61.52 51.44
CA ARG B 24 12.82 -62.84 50.92
C ARG B 24 14.08 -63.38 51.57
N LEU B 25 15.08 -62.51 51.72
CA LEU B 25 16.35 -62.89 52.33
C LEU B 25 16.15 -63.38 53.76
N GLU B 26 15.47 -62.56 54.55
CA GLU B 26 15.25 -62.86 55.96
C GLU B 26 14.39 -64.12 56.12
N ALA B 27 13.45 -64.34 55.20
CA ALA B 27 12.61 -65.52 55.24
C ALA B 27 13.44 -66.75 54.92
N GLU B 28 14.36 -66.63 53.98
CA GLU B 28 15.26 -67.74 53.66
C GLU B 28 16.16 -68.04 54.84
N LYS B 29 16.50 -67.01 55.60
CA LYS B 29 17.33 -67.19 56.79
C LYS B 29 16.48 -67.62 57.99
N ARG B 30 15.20 -67.26 57.98
CA ARG B 30 14.28 -67.67 59.04
C ARG B 30 13.10 -68.40 58.45
N GLY B 31 13.11 -69.73 58.56
CA GLY B 31 12.07 -70.57 57.99
C GLY B 31 10.66 -70.07 58.23
N GLY B 32 9.92 -69.89 57.15
CA GLY B 32 8.56 -69.40 57.22
C GLY B 32 7.79 -69.69 55.95
N ALA B 33 6.50 -69.37 55.95
CA ALA B 33 5.66 -69.59 54.77
C ALA B 33 6.15 -68.72 53.62
N LEU B 34 6.31 -67.44 53.89
CA LEU B 34 6.79 -66.49 52.89
C LEU B 34 5.84 -66.41 51.69
N ASP B 35 4.60 -65.98 51.94
CA ASP B 35 3.67 -65.75 50.85
C ASP B 35 3.59 -64.25 50.56
N ILE B 36 4.06 -63.87 49.38
CA ILE B 36 4.14 -62.47 49.01
C ILE B 36 3.08 -62.13 47.96
N ALA B 37 2.49 -60.95 48.09
CA ALA B 37 1.55 -60.43 47.12
C ALA B 37 2.09 -59.14 46.51
N ARG B 38 1.49 -58.70 45.42
CA ARG B 38 1.99 -57.54 44.68
C ARG B 38 0.85 -56.58 44.32
N ASN B 39 0.05 -56.21 45.31
CA ASN B 39 -1.08 -55.32 45.10
C ASN B 39 -0.65 -53.92 44.69
N GLY B 40 -1.63 -53.06 44.45
CA GLY B 40 -1.36 -51.67 44.12
C GLY B 40 -1.30 -50.79 45.34
N SER B 41 -1.41 -49.49 45.14
CA SER B 41 -1.33 -48.54 46.24
C SER B 41 -2.72 -48.26 46.81
N ARG B 42 -2.82 -48.21 48.14
CA ARG B 42 -4.09 -47.97 48.81
C ARG B 42 -4.54 -46.52 48.64
N GLY B 43 -3.60 -45.64 48.28
CA GLY B 43 -3.89 -44.24 48.11
C GLY B 43 -3.32 -43.37 49.22
N MET B 44 -2.43 -43.96 50.02
CA MET B 44 -1.75 -43.24 51.09
C MET B 44 -0.25 -43.34 50.87
N ILE B 45 0.33 -42.30 50.30
CA ILE B 45 1.69 -42.37 49.79
C ILE B 45 2.73 -41.96 50.84
N TRP B 46 2.27 -41.37 51.94
CA TRP B 46 3.18 -40.98 53.00
C TRP B 46 3.73 -42.22 53.71
N LEU B 47 3.12 -43.37 53.42
CA LEU B 47 3.58 -44.65 53.91
C LEU B 47 3.44 -45.72 52.83
N GLU B 48 3.59 -45.32 51.58
CA GLU B 48 3.30 -46.18 50.44
C GLU B 48 3.95 -47.56 50.57
N PRO B 49 5.20 -47.62 51.05
CA PRO B 49 5.79 -48.95 51.24
C PRO B 49 5.19 -49.66 52.45
N LEU B 50 3.87 -49.79 52.48
CA LEU B 50 3.19 -50.37 53.63
C LEU B 50 3.07 -51.88 53.46
N LEU B 51 3.54 -52.61 54.46
CA LEU B 51 3.57 -54.06 54.39
C LEU B 51 2.38 -54.67 55.13
N GLU B 52 1.22 -54.64 54.49
CA GLU B 52 0.00 -55.18 55.08
C GLU B 52 0.17 -56.67 55.34
N VAL B 53 -0.12 -57.08 56.57
CA VAL B 53 -0.06 -58.49 56.95
C VAL B 53 -1.44 -58.99 57.30
N GLU B 54 -1.78 -60.17 56.80
CA GLU B 54 -3.10 -60.76 57.03
C GLU B 54 -3.24 -61.25 58.46
N THR B 55 -4.44 -61.10 59.01
CA THR B 55 -4.76 -61.60 60.35
C THR B 55 -6.25 -61.89 60.39
N PRO B 56 -6.69 -62.72 61.36
CA PRO B 56 -8.11 -63.07 61.43
C PRO B 56 -9.02 -61.84 61.50
N ALA B 57 -8.52 -60.75 62.05
CA ALA B 57 -9.32 -59.53 62.21
C ALA B 57 -9.37 -58.72 60.92
N GLY B 58 -8.34 -58.85 60.08
CA GLY B 58 -8.27 -58.07 58.85
C GLY B 58 -6.87 -58.03 58.27
N ARG B 59 -6.40 -56.83 57.95
CA ARG B 59 -5.04 -56.65 57.45
C ARG B 59 -4.38 -55.49 58.15
N ILE B 60 -3.34 -55.80 58.93
CA ILE B 60 -2.66 -54.78 59.71
C ILE B 60 -1.56 -54.14 58.87
N GLY B 61 -1.58 -52.82 58.81
CA GLY B 61 -0.65 -52.08 57.98
C GLY B 61 0.59 -51.61 58.71
N PHE B 62 1.66 -51.40 57.94
CA PHE B 62 2.92 -50.93 58.49
C PHE B 62 3.32 -49.62 57.81
N GLY B 63 4.28 -48.92 58.39
CA GLY B 63 4.67 -47.61 57.91
C GLY B 63 5.50 -47.66 56.65
N PRO B 64 6.26 -46.59 56.37
CA PRO B 64 7.15 -46.58 55.21
C PRO B 64 8.31 -47.54 55.40
N MET B 65 8.04 -48.82 55.15
CA MET B 65 8.98 -49.88 55.48
C MET B 65 10.28 -49.78 54.70
N THR B 66 11.33 -49.42 55.42
CA THR B 66 12.69 -49.43 54.88
C THR B 66 13.29 -50.81 55.17
N PRO B 67 14.12 -51.34 54.26
CA PRO B 67 14.67 -52.69 54.49
C PRO B 67 15.39 -52.84 55.82
N ALA B 68 15.83 -51.73 56.41
CA ALA B 68 16.49 -51.75 57.71
C ALA B 68 15.51 -52.16 58.81
N ASP B 69 14.23 -51.95 58.55
CA ASP B 69 13.19 -52.22 59.53
C ASP B 69 12.53 -53.59 59.31
N VAL B 70 12.85 -54.22 58.19
CA VAL B 70 12.30 -55.53 57.85
C VAL B 70 12.69 -56.58 58.90
N PRO B 71 13.95 -56.58 59.35
CA PRO B 71 14.35 -57.54 60.40
C PRO B 71 13.46 -57.48 61.65
N ALA B 72 12.79 -56.36 61.86
CA ALA B 72 11.91 -56.19 63.01
C ALA B 72 10.73 -57.16 62.93
N LEU B 73 10.39 -57.59 61.72
CA LEU B 73 9.29 -58.52 61.53
C LEU B 73 9.73 -59.94 61.89
N PHE B 74 8.77 -60.86 61.85
CA PHE B 74 9.00 -62.26 62.21
C PHE B 74 9.32 -62.41 63.70
N ASP B 75 9.25 -61.32 64.45
CA ASP B 75 9.51 -61.35 65.89
C ASP B 75 8.25 -61.01 66.65
N ALA B 76 7.68 -59.84 66.35
CA ALA B 76 6.41 -59.42 66.94
C ALA B 76 5.81 -58.28 66.12
N LEU B 77 4.60 -58.49 65.63
CA LEU B 77 3.93 -57.49 64.79
C LEU B 77 3.25 -56.42 65.65
N GLU B 78 3.11 -56.71 66.94
CA GLU B 78 2.44 -55.80 67.85
C GLU B 78 3.43 -54.82 68.48
N SER B 79 4.64 -55.30 68.74
CA SER B 79 5.67 -54.47 69.37
C SER B 79 6.56 -53.81 68.32
N HIS B 80 6.01 -53.65 67.12
CA HIS B 80 6.77 -53.05 66.02
C HIS B 80 6.71 -51.52 66.09
N PRO B 81 7.82 -50.84 65.76
CA PRO B 81 7.79 -49.38 65.77
C PRO B 81 6.75 -48.81 64.81
N LYS B 82 6.82 -49.23 63.55
CA LYS B 82 5.88 -48.78 62.54
C LYS B 82 4.59 -49.60 62.57
N ALA B 83 3.73 -49.30 63.53
CA ALA B 83 2.45 -49.99 63.65
C ALA B 83 1.32 -49.04 63.27
N LEU B 84 0.40 -49.51 62.43
CA LEU B 84 -0.72 -48.70 61.98
C LEU B 84 -2.05 -49.36 62.34
N GLY B 85 -2.00 -50.64 62.69
CA GLY B 85 -3.21 -51.39 62.97
C GLY B 85 -3.94 -51.70 61.68
N LEU B 86 -5.26 -51.83 61.75
CA LEU B 86 -6.05 -52.08 60.56
C LEU B 86 -5.88 -50.92 59.58
N VAL B 87 -5.25 -51.21 58.44
CA VAL B 87 -5.00 -50.19 57.43
C VAL B 87 -6.31 -49.53 57.00
N GLU B 88 -7.39 -50.29 57.07
CA GLU B 88 -8.71 -49.78 56.71
C GLU B 88 -9.24 -48.82 57.77
N GLU B 89 -8.68 -48.92 58.98
CA GLU B 89 -9.18 -48.17 60.12
C GLU B 89 -8.39 -46.89 60.38
N ILE B 90 -7.55 -46.50 59.43
CA ILE B 90 -6.80 -45.26 59.55
C ILE B 90 -7.74 -44.10 59.20
N PRO B 91 -7.71 -43.02 59.99
CA PRO B 91 -8.66 -41.91 59.75
C PRO B 91 -8.51 -41.28 58.36
N PHE B 92 -7.39 -41.53 57.71
CA PHE B 92 -7.16 -41.01 56.37
C PHE B 92 -7.84 -41.89 55.32
N PHE B 93 -8.05 -43.15 55.67
CA PHE B 93 -8.68 -44.11 54.76
C PHE B 93 -10.17 -44.26 55.08
N LYS B 94 -10.53 -44.01 56.33
CA LYS B 94 -11.89 -44.18 56.79
C LYS B 94 -12.83 -43.12 56.22
N ARG B 95 -12.35 -41.89 56.19
CA ARG B 95 -13.18 -40.75 55.79
C ARG B 95 -13.47 -40.72 54.29
N GLN B 96 -12.80 -41.59 53.54
CA GLN B 96 -13.00 -41.65 52.09
C GLN B 96 -14.23 -42.48 51.73
N THR B 97 -15.04 -41.95 50.81
CA THR B 97 -16.13 -42.72 50.23
C THR B 97 -15.55 -43.86 49.39
N ARG B 98 -14.65 -43.50 48.48
CA ARG B 98 -13.82 -44.47 47.77
C ARG B 98 -14.64 -45.46 46.95
N LEU B 99 -15.34 -44.95 45.94
CA LEU B 99 -16.11 -45.80 45.03
C LEU B 99 -15.27 -46.24 43.83
N THR B 100 -14.80 -45.27 43.06
CA THR B 100 -14.04 -45.54 41.85
C THR B 100 -12.75 -46.30 42.16
N PHE B 101 -12.08 -45.89 43.22
CA PHE B 101 -10.83 -46.53 43.63
C PHE B 101 -11.08 -47.56 44.72
N ALA B 102 -12.26 -48.18 44.68
CA ALA B 102 -12.67 -49.13 45.70
C ALA B 102 -11.77 -50.36 45.75
N ARG B 103 -11.64 -51.04 44.62
CA ARG B 103 -10.92 -52.30 44.56
C ARG B 103 -9.52 -52.11 44.00
N CYS B 104 -8.89 -50.99 44.33
CA CYS B 104 -7.58 -50.65 43.79
C CYS B 104 -6.43 -51.33 44.53
N GLY B 105 -6.31 -51.06 45.83
CA GLY B 105 -5.15 -51.49 46.59
C GLY B 105 -5.32 -52.72 47.45
N ARG B 106 -6.43 -53.42 47.29
CA ARG B 106 -6.72 -54.61 48.09
C ARG B 106 -6.84 -55.86 47.25
N ILE B 107 -6.30 -55.81 46.03
CA ILE B 107 -6.30 -56.96 45.14
C ILE B 107 -5.04 -56.96 44.29
N GLU B 108 -4.70 -58.13 43.74
CA GLU B 108 -3.67 -58.20 42.73
C GLU B 108 -4.26 -57.64 41.44
N PRO B 109 -3.62 -56.62 40.84
CA PRO B 109 -4.25 -55.90 39.73
C PRO B 109 -4.50 -56.78 38.52
N LEU B 110 -3.56 -57.65 38.17
CA LEU B 110 -3.68 -58.50 37.00
C LEU B 110 -4.23 -59.88 37.37
N SER B 111 -5.03 -59.93 38.42
CA SER B 111 -5.67 -61.18 38.82
C SER B 111 -7.17 -61.11 38.53
N LEU B 112 -7.60 -61.90 37.56
CA LEU B 112 -8.99 -61.91 37.13
C LEU B 112 -9.91 -62.43 38.24
N ALA B 113 -9.39 -63.37 39.01
CA ALA B 113 -10.17 -64.00 40.08
C ALA B 113 -10.60 -62.97 41.13
N GLN B 114 -9.62 -62.25 41.66
CA GLN B 114 -9.88 -61.26 42.69
C GLN B 114 -10.76 -60.14 42.17
N PHE B 115 -10.63 -59.84 40.88
CA PHE B 115 -11.43 -58.80 40.25
C PHE B 115 -12.88 -59.21 40.15
N ALA B 116 -13.12 -60.44 39.68
CA ALA B 116 -14.46 -60.95 39.51
C ALA B 116 -15.14 -61.14 40.85
N ALA B 117 -14.35 -61.54 41.85
CA ALA B 117 -14.87 -61.72 43.20
C ALA B 117 -15.28 -60.38 43.81
N ALA B 118 -14.75 -59.30 43.26
CA ALA B 118 -14.99 -57.96 43.79
C ALA B 118 -16.06 -57.22 42.99
N GLU B 119 -17.06 -57.96 42.53
CA GLU B 119 -18.16 -57.36 41.78
C GLU B 119 -17.70 -56.88 40.42
N GLY B 120 -16.55 -57.37 39.97
CA GLY B 120 -16.01 -56.99 38.68
C GLY B 120 -16.75 -57.63 37.52
N TRP B 121 -16.65 -57.02 36.35
CA TRP B 121 -17.31 -57.51 35.15
C TRP B 121 -18.83 -57.52 35.30
N ALA B 122 -19.33 -56.80 36.30
CA ALA B 122 -20.77 -56.73 36.53
C ALA B 122 -21.40 -55.70 35.60
N GLY B 123 -20.78 -54.53 35.54
CA GLY B 123 -21.27 -53.46 34.69
C GLY B 123 -21.36 -53.87 33.23
N LEU B 124 -20.33 -54.56 32.75
CA LEU B 124 -20.28 -54.98 31.36
C LEU B 124 -21.34 -56.05 31.07
N ARG B 125 -21.36 -57.08 31.90
CA ARG B 125 -22.30 -58.19 31.72
C ARG B 125 -23.74 -57.74 31.97
N LYS B 126 -23.90 -56.56 32.54
CA LYS B 126 -25.22 -56.00 32.79
C LYS B 126 -25.63 -55.07 31.65
N ALA B 127 -24.65 -54.44 31.01
CA ALA B 127 -24.91 -53.49 29.95
C ALA B 127 -25.32 -54.17 28.65
N LEU B 128 -24.65 -55.28 28.33
CA LEU B 128 -24.92 -56.00 27.10
C LEU B 128 -26.37 -56.47 27.02
N LYS B 129 -26.98 -56.69 28.17
CA LYS B 129 -28.38 -57.05 28.23
C LYS B 129 -29.25 -55.86 27.88
N MET B 130 -28.72 -54.66 28.11
CA MET B 130 -29.45 -53.43 27.86
C MET B 130 -29.23 -52.94 26.43
N THR B 131 -29.86 -51.81 26.10
CA THR B 131 -29.77 -51.25 24.76
C THR B 131 -28.81 -50.05 24.73
N PRO B 132 -28.35 -49.68 23.54
CA PRO B 132 -27.46 -48.52 23.37
C PRO B 132 -28.06 -47.21 23.87
N ALA B 133 -29.38 -47.12 23.91
CA ALA B 133 -30.04 -45.88 24.33
C ALA B 133 -30.33 -45.88 25.82
N GLU B 134 -30.69 -47.04 26.35
CA GLU B 134 -30.97 -47.17 27.79
C GLU B 134 -29.72 -46.83 28.60
N VAL B 135 -28.58 -47.33 28.15
CA VAL B 135 -27.31 -47.09 28.82
C VAL B 135 -26.98 -45.59 28.81
N VAL B 136 -27.20 -44.96 27.67
CA VAL B 136 -26.91 -43.54 27.51
C VAL B 136 -27.80 -42.73 28.44
N GLU B 137 -29.06 -43.11 28.52
CA GLU B 137 -30.00 -42.39 29.39
C GLU B 137 -29.64 -42.61 30.87
N GLU B 138 -29.14 -43.80 31.19
CA GLU B 138 -28.64 -44.06 32.54
C GLU B 138 -27.53 -43.08 32.86
N VAL B 139 -26.60 -42.97 31.93
CA VAL B 139 -25.42 -42.14 32.12
C VAL B 139 -25.83 -40.69 32.27
N LEU B 140 -26.84 -40.28 31.52
CA LEU B 140 -27.27 -38.89 31.51
C LEU B 140 -28.06 -38.53 32.77
N ALA B 141 -28.83 -39.48 33.28
CA ALA B 141 -29.64 -39.24 34.47
C ALA B 141 -28.74 -38.77 35.62
N SER B 142 -27.54 -39.35 35.67
CA SER B 142 -26.55 -39.09 36.75
C SER B 142 -25.81 -37.75 36.56
N GLY B 143 -25.81 -37.19 35.34
CA GLY B 143 -25.11 -35.91 35.12
C GLY B 143 -23.65 -35.98 35.58
N LEU B 144 -22.92 -37.01 35.12
CA LEU B 144 -21.50 -37.24 35.51
C LEU B 144 -20.62 -36.05 35.11
N ARG B 145 -20.88 -35.47 33.93
CA ARG B 145 -20.16 -34.29 33.36
C ARG B 145 -18.72 -34.65 32.97
N GLY B 146 -17.84 -33.65 32.90
CA GLY B 146 -16.43 -33.84 32.50
C GLY B 146 -15.47 -33.68 33.67
N ARG B 147 -14.54 -34.64 33.82
CA ARG B 147 -13.55 -34.63 34.92
C ARG B 147 -12.22 -33.99 34.49
N GLY B 148 -11.98 -33.81 33.18
CA GLY B 148 -10.72 -33.22 32.80
C GLY B 148 -10.85 -31.79 32.30
N GLY B 149 -12.06 -31.25 32.39
CA GLY B 149 -12.32 -29.90 31.92
C GLY B 149 -13.32 -29.16 32.77
N ALA B 150 -13.93 -28.13 32.20
CA ALA B 150 -14.94 -27.34 32.89
C ALA B 150 -16.08 -28.24 33.36
N GLY B 151 -16.30 -29.32 32.62
CA GLY B 151 -17.35 -30.26 32.94
C GLY B 151 -18.48 -30.20 31.95
N PHE B 152 -18.47 -31.11 30.99
CA PHE B 152 -19.53 -31.23 30.01
C PHE B 152 -20.22 -32.57 30.21
N PRO B 153 -21.54 -32.58 30.42
CA PRO B 153 -22.21 -33.85 30.68
C PRO B 153 -21.88 -34.90 29.62
N THR B 154 -21.35 -36.04 30.06
CA THR B 154 -20.91 -37.07 29.13
C THR B 154 -22.11 -37.73 28.46
N GLY B 155 -23.29 -37.56 29.06
CA GLY B 155 -24.50 -38.08 28.48
C GLY B 155 -24.82 -37.40 27.18
N ILE B 156 -24.72 -36.07 27.19
CA ILE B 156 -24.98 -35.27 25.99
C ILE B 156 -23.95 -35.62 24.92
N LYS B 157 -22.71 -35.81 25.34
CA LYS B 157 -21.63 -36.15 24.43
C LYS B 157 -21.90 -37.49 23.74
N TRP B 158 -22.25 -38.49 24.54
CA TRP B 158 -22.54 -39.82 24.04
C TRP B 158 -23.75 -39.78 23.12
N ARG B 159 -24.72 -38.94 23.45
CA ARG B 159 -25.90 -38.75 22.61
C ARG B 159 -25.51 -38.18 21.25
N THR B 160 -24.67 -37.15 21.28
CA THR B 160 -24.24 -36.47 20.07
C THR B 160 -23.46 -37.43 19.18
N VAL B 161 -22.62 -38.26 19.79
CA VAL B 161 -21.83 -39.21 19.02
C VAL B 161 -22.71 -40.31 18.45
N ALA B 162 -23.71 -40.73 19.22
CA ALA B 162 -24.60 -41.80 18.80
C ALA B 162 -25.47 -41.36 17.62
N ALA B 163 -26.00 -40.15 17.71
CA ALA B 163 -26.83 -39.60 16.65
C ALA B 163 -25.97 -39.04 15.52
N ALA B 164 -25.08 -39.89 14.99
CA ALA B 164 -24.21 -39.50 13.89
C ALA B 164 -23.78 -40.76 13.14
N GLN B 165 -24.08 -40.80 11.85
CA GLN B 165 -23.91 -42.03 11.07
C GLN B 165 -22.52 -42.14 10.45
N ALA B 166 -21.94 -43.33 10.56
CA ALA B 166 -20.65 -43.64 9.96
C ALA B 166 -20.38 -45.13 10.05
N ASP B 167 -19.60 -45.65 9.11
CA ASP B 167 -19.32 -47.08 9.05
C ASP B 167 -18.49 -47.54 10.24
N GLN B 168 -17.70 -46.62 10.80
CA GLN B 168 -16.81 -46.96 11.89
C GLN B 168 -16.58 -45.77 12.82
N LYS B 169 -17.23 -45.82 13.98
CA LYS B 169 -17.04 -44.81 15.01
C LYS B 169 -15.85 -45.19 15.87
N TYR B 170 -15.50 -44.34 16.82
CA TYR B 170 -14.31 -44.57 17.65
C TYR B 170 -14.51 -44.13 19.09
N ILE B 171 -13.63 -44.63 19.97
CA ILE B 171 -13.65 -44.24 21.36
C ILE B 171 -12.22 -44.12 21.88
N VAL B 172 -11.96 -43.04 22.61
CA VAL B 172 -10.62 -42.76 23.11
C VAL B 172 -10.65 -42.36 24.58
N CYS B 173 -9.68 -42.88 25.33
CA CYS B 173 -9.47 -42.50 26.71
C CYS B 173 -8.24 -41.60 26.79
N ASN B 174 -8.46 -40.37 27.25
CA ASN B 174 -7.40 -39.38 27.29
C ASN B 174 -6.67 -39.39 28.62
N VAL B 175 -5.96 -40.48 28.91
CA VAL B 175 -5.12 -40.55 30.09
C VAL B 175 -3.73 -40.01 29.74
N ASP B 176 -3.61 -38.69 29.74
CA ASP B 176 -2.35 -38.03 29.45
C ASP B 176 -2.12 -36.95 30.48
N GLU B 177 -2.21 -37.34 31.76
CA GLU B 177 -2.22 -36.37 32.84
C GLU B 177 -0.83 -35.78 33.05
N GLY B 178 -0.50 -34.80 32.21
CA GLY B 178 0.77 -34.11 32.31
C GLY B 178 0.73 -33.02 33.36
N ASP B 179 -0.44 -32.83 33.95
CA ASP B 179 -0.61 -31.86 35.03
C ASP B 179 0.12 -32.33 36.27
N SER B 180 0.53 -31.37 37.10
CA SER B 180 1.25 -31.67 38.32
C SER B 180 0.28 -31.88 39.48
N GLY B 181 0.57 -32.86 40.32
CA GLY B 181 -0.32 -33.22 41.41
C GLY B 181 -1.32 -34.29 40.99
N SER B 182 -1.51 -34.42 39.68
CA SER B 182 -2.44 -35.40 39.13
C SER B 182 -1.75 -36.74 38.94
N PHE B 183 -2.10 -37.70 39.79
CA PHE B 183 -1.56 -39.05 39.66
C PHE B 183 -2.63 -40.10 39.94
N ALA B 184 -3.89 -39.72 39.78
CA ALA B 184 -5.00 -40.64 40.02
C ALA B 184 -5.10 -41.67 38.90
N ASP B 185 -4.96 -41.21 37.67
CA ASP B 185 -5.04 -42.09 36.52
C ASP B 185 -3.98 -43.17 36.61
N ARG B 186 -2.78 -42.75 37.00
CA ARG B 186 -1.66 -43.67 37.11
C ARG B 186 -1.99 -44.79 38.07
N MET B 187 -2.56 -44.44 39.22
CA MET B 187 -2.93 -45.44 40.22
C MET B 187 -4.02 -46.36 39.67
N LEU B 188 -5.04 -45.76 39.10
CA LEU B 188 -6.20 -46.51 38.63
C LEU B 188 -5.88 -47.45 37.48
N ILE B 189 -4.81 -47.16 36.75
CA ILE B 189 -4.41 -48.02 35.64
C ILE B 189 -3.28 -48.95 36.04
N GLU B 190 -2.61 -48.64 37.16
CA GLU B 190 -1.60 -49.53 37.72
C GLU B 190 -2.22 -50.38 38.81
N GLY B 191 -3.38 -49.95 39.28
CA GLY B 191 -4.17 -50.70 40.24
C GLY B 191 -5.62 -50.70 39.82
N ASP B 192 -6.21 -51.89 39.72
CA ASP B 192 -7.54 -52.04 39.18
C ASP B 192 -7.59 -51.57 37.73
N PRO B 193 -6.81 -52.23 36.85
CA PRO B 193 -6.78 -51.82 35.44
C PRO B 193 -8.03 -52.24 34.69
N PHE B 194 -8.58 -53.38 35.09
CA PHE B 194 -9.74 -53.96 34.42
C PHE B 194 -10.95 -53.05 34.51
N CYS B 195 -10.92 -52.10 35.44
CA CYS B 195 -12.00 -51.13 35.54
C CYS B 195 -12.07 -50.28 34.29
N LEU B 196 -10.90 -49.86 33.81
CA LEU B 196 -10.83 -49.08 32.58
C LEU B 196 -11.30 -49.91 31.38
N VAL B 197 -10.84 -51.15 31.32
CA VAL B 197 -11.23 -52.05 30.25
C VAL B 197 -12.75 -52.17 30.20
N GLU B 198 -13.33 -52.44 31.36
CA GLU B 198 -14.78 -52.57 31.51
C GLU B 198 -15.52 -51.31 31.10
N GLY B 199 -15.07 -50.16 31.61
CA GLY B 199 -15.71 -48.91 31.30
C GLY B 199 -15.67 -48.58 29.82
N MET B 200 -14.53 -48.82 29.19
CA MET B 200 -14.38 -48.56 27.77
C MET B 200 -15.25 -49.49 26.96
N ALA B 201 -15.32 -50.76 27.36
CA ALA B 201 -16.16 -51.72 26.67
C ALA B 201 -17.61 -51.29 26.75
N ILE B 202 -18.02 -50.85 27.93
CA ILE B 202 -19.38 -50.38 28.14
C ILE B 202 -19.68 -49.18 27.26
N ALA B 203 -18.75 -48.22 27.25
CA ALA B 203 -18.91 -47.00 26.47
C ALA B 203 -18.99 -47.30 24.98
N GLY B 204 -18.22 -48.28 24.54
CA GLY B 204 -18.20 -48.67 23.14
C GLY B 204 -19.49 -49.37 22.75
N HIS B 205 -20.00 -50.20 23.64
CA HIS B 205 -21.26 -50.88 23.41
C HIS B 205 -22.40 -49.87 23.36
N ALA B 206 -22.26 -48.81 24.15
CA ALA B 206 -23.29 -47.78 24.22
C ALA B 206 -23.28 -46.89 22.98
N VAL B 207 -22.15 -46.24 22.73
CA VAL B 207 -22.04 -45.27 21.65
C VAL B 207 -22.30 -45.92 20.30
N GLY B 208 -21.72 -47.10 20.09
CA GLY B 208 -21.86 -47.80 18.82
C GLY B 208 -20.51 -48.06 18.17
N ALA B 209 -19.46 -48.08 18.97
CA ALA B 209 -18.11 -48.29 18.47
C ALA B 209 -17.70 -49.76 18.56
N THR B 210 -16.68 -50.11 17.80
CA THR B 210 -16.13 -51.46 17.82
C THR B 210 -14.63 -51.43 18.06
N ARG B 211 -14.00 -50.32 17.67
CA ARG B 211 -12.57 -50.13 17.86
C ARG B 211 -12.36 -49.07 18.95
N GLY B 212 -11.34 -49.29 19.79
CA GLY B 212 -11.07 -48.39 20.90
C GLY B 212 -9.59 -48.15 21.10
N TYR B 213 -9.27 -47.05 21.77
CA TYR B 213 -7.88 -46.67 22.01
C TYR B 213 -7.72 -46.09 23.41
N VAL B 214 -6.50 -46.17 23.93
CA VAL B 214 -6.16 -45.59 25.22
C VAL B 214 -4.81 -44.92 25.08
N TYR B 215 -4.78 -43.62 25.34
CA TYR B 215 -3.58 -42.83 25.13
C TYR B 215 -2.81 -42.61 26.43
N ILE B 216 -1.72 -43.36 26.60
CA ILE B 216 -0.87 -43.25 27.77
C ILE B 216 0.33 -42.36 27.47
N ARG B 217 0.84 -41.69 28.48
CA ARG B 217 2.04 -40.87 28.33
C ARG B 217 3.28 -41.75 28.24
N SER B 218 4.43 -41.10 28.16
CA SER B 218 5.71 -41.80 28.18
C SER B 218 6.35 -41.67 29.57
N GLU B 219 5.86 -40.72 30.36
CA GLU B 219 6.36 -40.51 31.71
C GLU B 219 5.71 -41.48 32.69
N TYR B 220 4.84 -42.35 32.16
CA TYR B 220 4.20 -43.38 32.96
C TYR B 220 4.51 -44.76 32.37
N PRO B 221 5.77 -45.18 32.46
CA PRO B 221 6.26 -46.42 31.83
C PRO B 221 5.71 -47.72 32.44
N ASP B 222 5.28 -47.67 33.69
CA ASP B 222 4.75 -48.84 34.37
C ASP B 222 3.28 -49.05 34.00
N ALA B 223 2.54 -47.96 34.01
CA ALA B 223 1.12 -47.98 33.68
C ALA B 223 0.89 -48.54 32.29
N ILE B 224 1.80 -48.22 31.37
CA ILE B 224 1.68 -48.65 29.99
C ILE B 224 1.71 -50.17 29.93
N ALA B 225 2.73 -50.75 30.55
CA ALA B 225 2.89 -52.20 30.57
C ALA B 225 1.72 -52.87 31.29
N VAL B 226 1.28 -52.27 32.39
CA VAL B 226 0.16 -52.83 33.14
C VAL B 226 -1.07 -52.89 32.26
N MET B 227 -1.36 -51.80 31.55
CA MET B 227 -2.54 -51.72 30.72
C MET B 227 -2.44 -52.68 29.55
N ARG B 228 -1.23 -52.83 29.02
CA ARG B 228 -0.99 -53.79 27.94
C ARG B 228 -1.32 -55.20 28.40
N ALA B 229 -0.81 -55.55 29.57
CA ALA B 229 -1.05 -56.86 30.14
C ALA B 229 -2.52 -57.08 30.42
N ALA B 230 -3.20 -56.02 30.87
CA ALA B 230 -4.62 -56.09 31.15
C ALA B 230 -5.41 -56.37 29.88
N ILE B 231 -5.09 -55.63 28.83
CA ILE B 231 -5.76 -55.76 27.55
C ILE B 231 -5.52 -57.16 26.97
N ALA B 232 -4.30 -57.67 27.17
CA ALA B 232 -3.95 -58.98 26.64
C ALA B 232 -4.60 -60.10 27.45
N MET B 233 -4.86 -59.84 28.73
CA MET B 233 -5.47 -60.83 29.61
C MET B 233 -6.98 -60.86 29.46
N ALA B 234 -7.57 -59.69 29.22
CA ALA B 234 -9.02 -59.57 29.18
C ALA B 234 -9.57 -59.74 27.76
N LYS B 235 -8.72 -60.19 26.84
CA LYS B 235 -9.14 -60.41 25.47
C LYS B 235 -10.40 -61.28 25.41
N PRO B 236 -10.43 -62.37 26.19
CA PRO B 236 -11.66 -63.17 26.27
C PRO B 236 -12.87 -62.36 26.73
N PHE B 237 -12.69 -61.57 27.79
CA PHE B 237 -13.77 -60.77 28.34
C PHE B 237 -14.13 -59.60 27.42
N LEU B 238 -13.23 -59.28 26.49
CA LEU B 238 -13.46 -58.21 25.53
C LEU B 238 -14.18 -58.75 24.30
N ALA B 239 -13.98 -60.04 24.04
CA ALA B 239 -14.59 -60.70 22.88
C ALA B 239 -16.10 -60.65 22.95
N GLU B 240 -16.65 -60.93 24.12
CA GLU B 240 -18.09 -60.97 24.32
C GLU B 240 -18.75 -59.62 24.05
N ALA B 241 -17.98 -58.55 24.18
CA ALA B 241 -18.50 -57.20 24.04
C ALA B 241 -18.39 -56.69 22.60
N GLY B 242 -17.62 -57.39 21.78
CA GLY B 242 -17.35 -56.94 20.43
C GLY B 242 -16.56 -55.65 20.48
N PHE B 243 -15.35 -55.75 21.02
CA PHE B 243 -14.53 -54.58 21.31
C PHE B 243 -13.06 -54.96 21.33
N GLU B 244 -12.28 -54.32 20.46
CA GLU B 244 -10.84 -54.54 20.43
C GLU B 244 -10.16 -53.21 20.72
N MET B 245 -9.46 -53.17 21.85
CA MET B 245 -8.82 -51.94 22.30
C MET B 245 -7.31 -52.10 22.25
N GLU B 246 -6.63 -50.99 21.95
CA GLU B 246 -5.18 -51.00 21.86
C GLU B 246 -4.60 -49.81 22.62
N VAL B 247 -3.42 -50.00 23.17
CA VAL B 247 -2.74 -48.93 23.89
C VAL B 247 -1.91 -48.15 22.90
N ARG B 248 -1.87 -46.83 23.08
CA ARG B 248 -1.04 -45.97 22.25
C ARG B 248 -0.27 -45.03 23.15
N VAL B 249 1.05 -45.11 23.06
CA VAL B 249 1.93 -44.35 23.92
C VAL B 249 2.16 -42.97 23.34
N GLY B 250 2.09 -41.95 24.19
CA GLY B 250 2.39 -40.60 23.78
C GLY B 250 3.85 -40.46 23.41
N ALA B 251 4.28 -39.23 23.14
CA ALA B 251 5.66 -39.00 22.71
C ALA B 251 6.25 -37.76 23.36
N GLY B 252 5.73 -37.39 24.52
CA GLY B 252 6.32 -36.31 25.30
C GLY B 252 5.78 -34.94 24.99
N ALA B 253 4.46 -34.77 25.06
CA ALA B 253 3.85 -33.46 24.85
C ALA B 253 2.62 -33.28 25.72
N TYR B 254 2.62 -32.20 26.50
CA TYR B 254 1.53 -31.92 27.44
C TYR B 254 0.31 -31.42 26.69
N VAL B 255 0.53 -30.89 25.49
CA VAL B 255 -0.54 -30.31 24.70
C VAL B 255 -1.30 -31.40 23.94
N CYS B 256 -0.82 -32.63 24.03
CA CYS B 256 -1.49 -33.76 23.40
C CYS B 256 -2.58 -34.32 24.29
N GLY B 257 -2.88 -33.60 25.36
CA GLY B 257 -3.97 -33.96 26.25
C GLY B 257 -5.27 -33.34 25.79
N GLU B 258 -5.15 -32.31 24.94
CA GLU B 258 -6.32 -31.70 24.32
C GLU B 258 -6.92 -32.70 23.34
N GLU B 259 -8.25 -32.77 23.33
CA GLU B 259 -8.95 -33.75 22.50
C GLU B 259 -8.47 -33.70 21.05
N THR B 260 -8.43 -32.49 20.49
CA THR B 260 -8.05 -32.32 19.09
C THR B 260 -6.61 -32.77 18.85
N SER B 261 -5.68 -32.24 19.63
CA SER B 261 -4.27 -32.60 19.48
C SER B 261 -4.06 -34.08 19.75
N LEU B 262 -4.83 -34.61 20.70
CA LEU B 262 -4.74 -36.02 21.03
C LEU B 262 -5.08 -36.86 19.81
N LEU B 263 -6.27 -36.67 19.27
CA LEU B 263 -6.72 -37.45 18.12
C LEU B 263 -5.93 -37.11 16.87
N ASN B 264 -5.21 -36.00 16.90
CA ASN B 264 -4.32 -35.62 15.81
C ASN B 264 -3.02 -36.41 15.88
N SER B 265 -2.61 -36.71 17.11
CA SER B 265 -1.43 -37.52 17.35
C SER B 265 -1.73 -38.98 17.08
N LEU B 266 -2.97 -39.39 17.37
CA LEU B 266 -3.39 -40.74 17.07
C LEU B 266 -3.33 -41.00 15.56
N GLU B 267 -3.63 -39.97 14.78
CA GLU B 267 -3.73 -40.09 13.33
C GLU B 267 -2.39 -40.20 12.62
N GLY B 268 -1.29 -40.09 13.37
CA GLY B 268 0.03 -40.18 12.79
C GLY B 268 0.69 -38.85 12.46
N LYS B 269 -0.04 -37.76 12.65
CA LYS B 269 0.49 -36.43 12.36
C LYS B 269 1.07 -35.80 13.62
N ARG B 270 1.43 -34.52 13.52
CA ARG B 270 1.98 -33.81 14.67
C ARG B 270 0.86 -33.12 15.43
N GLY B 271 0.97 -33.15 16.76
CA GLY B 271 -0.11 -32.72 17.62
C GLY B 271 -0.36 -31.23 17.70
N THR B 272 -0.76 -30.65 16.57
CA THR B 272 -1.18 -29.27 16.54
C THR B 272 -2.68 -29.17 16.78
N VAL B 273 -3.08 -28.31 17.70
CA VAL B 273 -4.48 -28.16 18.03
C VAL B 273 -5.25 -27.63 16.84
N ARG B 274 -6.41 -28.23 16.60
CA ARG B 274 -7.26 -27.81 15.49
C ARG B 274 -8.24 -26.73 15.95
N ALA B 275 -8.77 -25.99 14.98
CA ALA B 275 -9.87 -25.09 15.25
C ALA B 275 -11.09 -25.93 15.58
N LYS B 276 -12.20 -25.28 15.93
CA LYS B 276 -13.38 -26.02 16.35
C LYS B 276 -14.67 -25.62 15.63
N PRO B 277 -14.65 -25.54 14.29
CA PRO B 277 -15.97 -25.56 13.66
C PRO B 277 -16.62 -26.93 13.84
N PRO B 278 -15.89 -28.02 13.53
CA PRO B 278 -16.43 -29.35 13.85
C PRO B 278 -15.92 -29.84 15.19
N LEU B 279 -16.78 -30.48 15.98
CA LEU B 279 -16.37 -31.08 17.22
C LEU B 279 -15.87 -32.49 16.97
N PRO B 280 -14.92 -32.99 17.77
CA PRO B 280 -14.43 -34.36 17.59
C PRO B 280 -15.56 -35.37 17.60
N ALA B 281 -16.64 -35.06 18.32
CA ALA B 281 -17.80 -35.92 18.38
C ALA B 281 -18.42 -36.06 16.99
N LEU B 282 -18.57 -34.95 16.29
CA LEU B 282 -19.12 -34.95 14.94
C LEU B 282 -18.10 -35.49 13.95
N LYS B 283 -16.90 -34.94 13.98
CA LYS B 283 -15.81 -35.37 13.12
C LYS B 283 -14.50 -35.42 13.90
N GLY B 284 -14.01 -36.62 14.14
CA GLY B 284 -12.81 -36.81 14.92
C GLY B 284 -11.76 -37.66 14.23
N LEU B 285 -11.39 -38.75 14.87
CA LEU B 285 -10.34 -39.62 14.37
C LEU B 285 -10.66 -40.09 12.95
N PHE B 286 -9.77 -39.78 12.01
CA PHE B 286 -9.96 -40.11 10.61
C PHE B 286 -11.33 -39.66 10.11
N GLY B 287 -11.74 -38.47 10.52
CA GLY B 287 -12.99 -37.89 10.07
C GLY B 287 -14.24 -38.61 10.55
N LYS B 288 -14.07 -39.65 11.36
CA LYS B 288 -15.19 -40.43 11.85
C LYS B 288 -15.52 -40.03 13.28
N PRO B 289 -16.81 -40.06 13.65
CA PRO B 289 -17.18 -39.66 15.02
C PRO B 289 -16.42 -40.45 16.08
N THR B 290 -16.01 -39.75 17.13
CA THR B 290 -15.26 -40.40 18.20
C THR B 290 -15.65 -39.81 19.55
N VAL B 291 -15.85 -40.69 20.52
CA VAL B 291 -16.13 -40.26 21.88
C VAL B 291 -14.82 -40.25 22.66
N VAL B 292 -14.34 -39.05 22.99
CA VAL B 292 -13.07 -38.88 23.67
C VAL B 292 -13.32 -38.43 25.10
N ASN B 293 -12.91 -39.25 26.06
CA ASN B 293 -13.19 -38.98 27.46
C ASN B 293 -12.00 -39.28 28.37
N ASN B 294 -12.05 -38.76 29.58
CA ASN B 294 -11.01 -39.02 30.58
C ASN B 294 -11.24 -40.37 31.26
N LEU B 295 -10.21 -40.87 31.91
CA LEU B 295 -10.24 -42.18 32.55
C LEU B 295 -11.21 -42.20 33.73
N LEU B 296 -11.14 -41.18 34.58
CA LEU B 296 -12.02 -41.08 35.73
C LEU B 296 -13.49 -41.05 35.32
N SER B 297 -13.75 -40.57 34.10
CA SER B 297 -15.11 -40.52 33.58
C SER B 297 -15.49 -41.89 33.03
N LEU B 298 -14.50 -42.63 32.54
CA LEU B 298 -14.73 -43.97 32.01
C LEU B 298 -14.44 -45.04 33.06
N ALA B 299 -14.22 -44.62 34.29
CA ALA B 299 -14.01 -45.56 35.39
C ALA B 299 -15.25 -45.63 36.27
N ALA B 300 -16.13 -44.64 36.12
CA ALA B 300 -17.35 -44.57 36.90
C ALA B 300 -18.54 -45.11 36.10
N VAL B 301 -18.37 -45.18 34.79
CA VAL B 301 -19.43 -45.65 33.90
C VAL B 301 -19.97 -47.01 34.35
N PRO B 302 -19.10 -48.00 34.57
CA PRO B 302 -19.58 -49.31 35.00
C PRO B 302 -20.33 -49.24 36.32
N TRP B 303 -19.70 -48.59 37.29
CA TRP B 303 -20.30 -48.37 38.59
C TRP B 303 -21.65 -47.68 38.45
N ILE B 304 -21.70 -46.65 37.61
CA ILE B 304 -22.91 -45.87 37.43
C ILE B 304 -24.04 -46.73 36.88
N ILE B 305 -23.74 -47.55 35.89
CA ILE B 305 -24.78 -48.33 35.23
C ILE B 305 -25.21 -49.53 36.06
N ALA B 306 -24.30 -50.05 36.88
CA ALA B 306 -24.59 -51.26 37.65
C ALA B 306 -25.18 -50.94 39.02
N HIS B 307 -24.46 -50.18 39.83
CA HIS B 307 -24.90 -49.88 41.19
C HIS B 307 -26.08 -48.93 41.22
N GLY B 308 -26.48 -48.43 40.05
CA GLY B 308 -27.62 -47.53 39.96
C GLY B 308 -27.21 -46.07 39.87
N ALA B 309 -27.68 -45.40 38.81
CA ALA B 309 -27.34 -44.00 38.59
C ALA B 309 -27.88 -43.12 39.72
N LYS B 310 -29.02 -43.51 40.28
CA LYS B 310 -29.66 -42.74 41.33
C LYS B 310 -28.78 -42.67 42.57
N ALA B 311 -27.89 -43.65 42.72
CA ALA B 311 -26.97 -43.69 43.85
C ALA B 311 -25.83 -42.70 43.63
N TYR B 312 -25.33 -42.67 42.41
CA TYR B 312 -24.19 -41.81 42.06
C TYR B 312 -24.57 -40.33 42.09
N GLU B 313 -25.87 -40.05 41.98
CA GLU B 313 -26.35 -38.68 41.98
C GLU B 313 -26.50 -38.17 43.42
N SER B 314 -26.53 -39.09 44.38
CA SER B 314 -26.69 -38.73 45.77
C SER B 314 -25.51 -37.92 46.28
N PHE B 315 -24.32 -38.25 45.79
CA PHE B 315 -23.11 -37.56 46.21
C PHE B 315 -22.89 -36.27 45.43
N GLY B 316 -22.60 -35.19 46.13
CA GLY B 316 -22.23 -33.94 45.50
C GLY B 316 -23.12 -32.77 45.86
N MET B 317 -22.85 -31.63 45.22
CA MET B 317 -23.61 -30.40 45.46
C MET B 317 -24.79 -30.32 44.49
N ASP B 318 -25.40 -29.14 44.40
CA ASP B 318 -26.60 -28.97 43.59
C ASP B 318 -26.35 -29.26 42.11
N ARG B 319 -25.23 -28.78 41.58
CA ARG B 319 -24.92 -28.92 40.16
C ARG B 319 -23.97 -30.08 39.93
N SER B 320 -22.90 -30.15 40.71
CA SER B 320 -21.92 -31.21 40.58
C SER B 320 -22.35 -32.43 41.36
N ARG B 321 -22.43 -33.58 40.68
CA ARG B 321 -22.90 -34.81 41.30
C ARG B 321 -21.90 -35.95 41.13
N GLY B 322 -21.59 -36.60 42.24
CA GLY B 322 -20.71 -37.77 42.22
C GLY B 322 -19.47 -37.59 43.06
N THR B 323 -18.67 -38.64 43.13
CA THR B 323 -17.42 -38.62 43.89
C THR B 323 -16.25 -38.29 42.99
N ILE B 324 -15.29 -37.55 43.53
CA ILE B 324 -14.08 -37.21 42.83
C ILE B 324 -12.89 -37.57 43.69
N PRO B 325 -11.81 -38.06 43.07
CA PRO B 325 -10.55 -38.19 43.81
C PRO B 325 -9.80 -36.86 43.89
N LEU B 326 -9.28 -36.54 45.06
CA LEU B 326 -8.48 -35.36 45.26
C LEU B 326 -7.04 -35.80 45.50
N GLN B 327 -6.16 -35.44 44.58
CA GLN B 327 -4.76 -35.81 44.67
C GLN B 327 -3.98 -34.72 45.36
N ILE B 328 -3.23 -35.10 46.39
CA ILE B 328 -2.59 -34.13 47.26
C ILE B 328 -1.09 -34.44 47.34
N GLY B 329 -0.29 -33.53 46.80
CA GLY B 329 1.15 -33.71 46.74
C GLY B 329 1.90 -32.46 47.12
N GLY B 330 3.20 -32.47 46.86
CA GLY B 330 4.05 -31.34 47.22
C GLY B 330 4.40 -31.37 48.69
N ASN B 331 4.64 -30.20 49.26
CA ASN B 331 4.95 -30.10 50.68
C ASN B 331 3.69 -30.36 51.49
N VAL B 332 3.52 -31.60 51.91
CA VAL B 332 2.35 -31.98 52.70
C VAL B 332 2.66 -33.27 53.46
N LYS B 333 2.22 -33.33 54.72
CA LYS B 333 2.53 -34.46 55.58
C LYS B 333 1.95 -35.76 55.03
N ARG B 334 0.63 -35.83 54.97
CA ARG B 334 -0.05 -37.03 54.47
C ARG B 334 -0.56 -36.79 53.06
N GLY B 335 0.26 -37.11 52.07
CA GLY B 335 -0.12 -36.92 50.68
C GLY B 335 -1.00 -38.05 50.18
N GLY B 336 -1.10 -38.18 48.86
CA GLY B 336 -1.81 -39.28 48.26
C GLY B 336 -3.14 -38.93 47.65
N LEU B 337 -4.15 -39.73 47.94
CA LEU B 337 -5.44 -39.63 47.25
C LEU B 337 -6.61 -39.72 48.22
N PHE B 338 -7.58 -38.84 48.03
CA PHE B 338 -8.76 -38.79 48.88
C PHE B 338 -10.02 -38.76 48.00
N GLU B 339 -10.70 -39.89 47.90
CA GLU B 339 -11.91 -39.96 47.09
C GLU B 339 -13.12 -39.60 47.93
N THR B 340 -13.84 -38.56 47.51
CA THR B 340 -14.99 -38.10 48.28
C THR B 340 -15.95 -37.29 47.44
N GLY B 341 -17.12 -37.00 48.00
CA GLY B 341 -18.10 -36.19 47.31
C GLY B 341 -17.77 -34.72 47.36
N PHE B 342 -18.27 -33.97 46.39
CA PHE B 342 -18.02 -32.55 46.32
C PHE B 342 -18.61 -31.83 47.53
N GLY B 343 -18.30 -30.55 47.65
CA GLY B 343 -18.80 -29.74 48.75
C GLY B 343 -17.82 -29.60 49.90
N ILE B 344 -16.72 -30.36 49.84
CA ILE B 344 -15.71 -30.31 50.88
C ILE B 344 -14.83 -29.08 50.71
N THR B 345 -14.52 -28.41 51.82
CA THR B 345 -13.64 -27.26 51.80
C THR B 345 -12.18 -27.71 51.82
N LEU B 346 -11.35 -27.07 51.01
CA LEU B 346 -9.94 -27.44 50.94
C LEU B 346 -9.26 -27.13 52.27
N GLY B 347 -9.89 -26.30 53.07
CA GLY B 347 -9.42 -26.04 54.42
C GLY B 347 -9.31 -27.34 55.19
N GLU B 348 -10.40 -28.12 55.16
CA GLU B 348 -10.43 -29.41 55.84
C GLU B 348 -9.44 -30.38 55.22
N LEU B 349 -9.36 -30.36 53.90
CA LEU B 349 -8.54 -31.30 53.14
C LEU B 349 -7.04 -31.06 53.33
N VAL B 350 -6.67 -29.83 53.69
CA VAL B 350 -5.27 -29.43 53.69
C VAL B 350 -4.75 -29.11 55.09
N GLU B 351 -5.64 -28.82 56.03
CA GLU B 351 -5.21 -28.46 57.37
C GLU B 351 -5.55 -29.55 58.39
N ASP B 352 -6.58 -30.34 58.09
CA ASP B 352 -7.05 -31.36 59.03
C ASP B 352 -6.73 -32.77 58.56
N ILE B 353 -7.18 -33.12 57.36
CA ILE B 353 -6.99 -34.46 56.82
C ILE B 353 -5.51 -34.73 56.58
N CYS B 354 -4.90 -33.91 55.71
CA CYS B 354 -3.49 -34.11 55.35
C CYS B 354 -2.57 -33.26 56.21
N GLY B 355 -2.95 -33.02 57.45
CA GLY B 355 -2.13 -32.25 58.38
C GLY B 355 -1.76 -30.90 57.82
N GLY B 356 -0.47 -30.60 57.85
CA GLY B 356 0.05 -29.36 57.29
C GLY B 356 1.08 -29.60 56.21
N THR B 357 2.34 -29.32 56.53
CA THR B 357 3.44 -29.51 55.60
C THR B 357 4.46 -30.51 56.15
N ALA B 358 5.31 -31.02 55.27
CA ALA B 358 6.34 -31.95 55.66
C ALA B 358 7.45 -31.22 56.40
N SER B 359 7.71 -29.98 55.98
CA SER B 359 8.74 -29.16 56.61
C SER B 359 8.30 -28.72 58.00
N GLY B 360 6.98 -28.71 58.23
CA GLY B 360 6.43 -28.27 59.48
C GLY B 360 6.05 -26.80 59.47
N ARG B 361 6.31 -26.14 58.34
CA ARG B 361 5.99 -24.72 58.19
C ARG B 361 4.54 -24.56 57.77
N PRO B 362 4.01 -23.33 57.90
CA PRO B 362 2.65 -23.06 57.42
C PRO B 362 2.56 -23.18 55.91
N VAL B 363 1.36 -22.99 55.36
CA VAL B 363 1.17 -23.03 53.92
C VAL B 363 0.79 -21.63 53.42
N LYS B 364 1.41 -21.22 52.32
CA LYS B 364 1.13 -19.91 51.75
C LYS B 364 0.32 -20.06 50.46
N ALA B 365 0.45 -21.21 49.82
CA ALA B 365 -0.20 -21.44 48.54
C ALA B 365 -0.79 -22.84 48.46
N VAL B 366 -1.90 -22.94 47.74
CA VAL B 366 -2.52 -24.22 47.44
C VAL B 366 -3.07 -24.16 46.03
N GLN B 367 -2.41 -24.86 45.11
CA GLN B 367 -2.72 -24.78 43.70
C GLN B 367 -3.63 -25.92 43.24
N VAL B 368 -4.91 -25.62 43.07
CA VAL B 368 -5.84 -26.57 42.51
C VAL B 368 -5.66 -26.59 41.01
N GLY B 369 -5.86 -27.76 40.41
CA GLY B 369 -5.56 -27.94 39.00
C GLY B 369 -4.05 -27.97 38.80
N GLY B 370 -3.63 -28.13 37.54
CA GLY B 370 -2.22 -28.17 37.23
C GLY B 370 -1.62 -26.79 37.22
N PRO B 371 -0.65 -26.54 36.33
CA PRO B 371 -0.10 -25.19 36.18
C PRO B 371 -1.05 -24.25 35.46
N LEU B 372 -2.23 -24.75 35.12
CA LEU B 372 -3.29 -23.94 34.54
C LEU B 372 -4.32 -23.58 35.61
N GLY B 373 -3.87 -23.50 36.85
CA GLY B 373 -4.75 -23.26 37.97
C GLY B 373 -4.25 -22.20 38.92
N ALA B 374 -5.18 -21.43 39.47
CA ALA B 374 -4.85 -20.30 40.31
C ALA B 374 -4.22 -20.74 41.62
N TYR B 375 -3.62 -19.78 42.31
CA TYR B 375 -2.95 -20.05 43.59
C TYR B 375 -3.85 -19.62 44.74
N HIS B 376 -4.56 -20.57 45.32
CA HIS B 376 -5.50 -20.29 46.40
C HIS B 376 -4.80 -20.30 47.75
N PRO B 377 -4.80 -19.16 48.46
CA PRO B 377 -4.12 -19.08 49.76
C PRO B 377 -4.96 -19.60 50.91
N VAL B 378 -4.44 -19.42 52.13
CA VAL B 378 -5.12 -19.88 53.34
C VAL B 378 -6.49 -19.24 53.50
N SER B 379 -6.64 -18.01 53.01
CA SER B 379 -7.86 -17.25 53.19
C SER B 379 -9.04 -17.89 52.45
N ASP B 380 -8.76 -18.70 51.45
CA ASP B 380 -9.81 -19.34 50.66
C ASP B 380 -10.18 -20.70 51.22
N TYR B 381 -9.83 -20.95 52.47
CA TYR B 381 -10.12 -22.23 53.10
C TYR B 381 -11.61 -22.45 53.28
N HIS B 382 -12.40 -21.39 53.11
CA HIS B 382 -13.84 -21.47 53.27
C HIS B 382 -14.53 -21.68 51.92
N LEU B 383 -13.84 -22.34 51.00
CA LEU B 383 -14.33 -22.54 49.65
C LEU B 383 -14.46 -24.02 49.33
N PRO B 384 -15.70 -24.54 49.24
CA PRO B 384 -15.89 -25.98 49.01
C PRO B 384 -15.50 -26.42 47.60
N PHE B 385 -15.27 -27.73 47.45
CA PHE B 385 -14.80 -28.28 46.18
C PHE B 385 -15.95 -28.60 45.24
N CYS B 386 -16.18 -27.73 44.27
CA CYS B 386 -17.13 -28.00 43.20
C CYS B 386 -16.78 -27.14 41.98
N TYR B 387 -17.21 -27.58 40.81
CA TYR B 387 -16.84 -26.90 39.57
C TYR B 387 -17.36 -25.46 39.55
N GLU B 388 -18.65 -25.30 39.81
CA GLU B 388 -19.30 -23.99 39.64
C GLU B 388 -18.74 -22.93 40.58
N GLN B 389 -18.55 -23.26 41.85
CA GLN B 389 -18.14 -22.27 42.84
C GLN B 389 -16.68 -21.88 42.66
N PHE B 390 -15.84 -22.85 42.31
CA PHE B 390 -14.43 -22.58 42.06
C PHE B 390 -14.25 -21.79 40.77
N ALA B 391 -15.03 -22.12 39.75
CA ALA B 391 -14.97 -21.39 38.49
C ALA B 391 -15.58 -20.01 38.67
N GLY B 392 -16.36 -19.83 39.73
CA GLY B 392 -16.92 -18.54 40.06
C GLY B 392 -15.96 -17.68 40.86
N GLN B 393 -15.21 -18.32 41.75
CA GLN B 393 -14.27 -17.59 42.60
C GLN B 393 -12.88 -17.53 41.96
N GLY B 394 -12.84 -17.11 40.71
CA GLY B 394 -11.58 -16.91 40.00
C GLY B 394 -10.60 -18.06 40.13
N GLY B 395 -10.95 -19.21 39.57
CA GLY B 395 -10.08 -20.37 39.63
C GLY B 395 -10.47 -21.47 38.67
N LEU B 396 -10.04 -22.70 39.00
CA LEU B 396 -10.35 -23.85 38.17
C LEU B 396 -10.11 -25.14 38.93
N VAL B 397 -11.03 -26.10 38.78
CA VAL B 397 -10.85 -27.44 39.31
C VAL B 397 -11.11 -28.44 38.20
N GLY B 398 -10.05 -29.16 37.82
CA GLY B 398 -10.11 -30.10 36.71
C GLY B 398 -9.95 -31.54 37.16
N HIS B 399 -8.73 -32.04 37.03
CA HIS B 399 -8.41 -33.40 37.42
C HIS B 399 -8.11 -33.47 38.92
N ALA B 400 -8.52 -32.43 39.63
CA ALA B 400 -8.46 -32.38 41.09
C ALA B 400 -7.04 -32.37 41.64
N GLY B 401 -6.08 -31.98 40.79
CA GLY B 401 -4.72 -31.80 41.23
C GLY B 401 -4.65 -30.81 42.38
N LEU B 402 -3.78 -31.08 43.35
CA LEU B 402 -3.66 -30.23 44.52
C LEU B 402 -2.28 -30.32 45.14
N VAL B 403 -1.47 -29.29 44.93
CA VAL B 403 -0.13 -29.23 45.52
C VAL B 403 -0.13 -28.21 46.64
N VAL B 404 0.98 -28.14 47.39
CA VAL B 404 1.08 -27.24 48.52
C VAL B 404 2.47 -26.63 48.58
N HIS B 405 2.53 -25.35 48.94
CA HIS B 405 3.79 -24.65 49.12
C HIS B 405 3.80 -23.93 50.46
N ASP B 406 4.93 -24.01 51.16
CA ASP B 406 5.08 -23.37 52.46
C ASP B 406 5.71 -21.98 52.31
N ASP B 407 5.90 -21.32 53.45
CA ASP B 407 6.33 -19.92 53.47
C ASP B 407 7.71 -19.71 52.84
N THR B 408 8.46 -20.78 52.67
CA THR B 408 9.81 -20.67 52.10
C THR B 408 9.78 -20.75 50.57
N ALA B 409 8.60 -20.53 49.99
CA ALA B 409 8.44 -20.54 48.55
C ALA B 409 8.35 -19.12 48.00
N ASP B 410 8.91 -18.92 46.82
CA ASP B 410 8.88 -17.61 46.17
C ASP B 410 7.88 -17.62 45.03
N MET B 411 6.90 -16.72 45.10
CA MET B 411 5.81 -16.70 44.14
C MET B 411 6.29 -16.20 42.78
N LEU B 412 7.36 -15.41 42.79
CA LEU B 412 7.94 -14.91 41.55
C LEU B 412 8.46 -16.06 40.71
N LYS B 413 9.18 -16.97 41.36
CA LYS B 413 9.75 -18.13 40.68
C LYS B 413 8.64 -18.95 40.04
N LEU B 414 7.53 -19.10 40.76
CA LEU B 414 6.42 -19.92 40.30
C LEU B 414 5.67 -19.26 39.15
N ALA B 415 5.44 -17.97 39.27
CA ALA B 415 4.77 -17.23 38.21
C ALA B 415 5.60 -17.24 36.95
N ARG B 416 6.92 -17.27 37.10
CA ARG B 416 7.81 -17.36 35.96
C ARG B 416 7.77 -18.75 35.36
N PHE B 417 7.74 -19.76 36.23
CA PHE B 417 7.68 -21.15 35.82
C PHE B 417 6.42 -21.42 35.01
N ALA B 418 5.34 -20.76 35.39
CA ALA B 418 4.07 -20.91 34.67
C ALA B 418 4.25 -20.61 33.18
N MET B 419 4.77 -19.42 32.89
CA MET B 419 5.00 -19.01 31.52
C MET B 419 6.08 -19.86 30.85
N GLU B 420 7.10 -20.24 31.61
CA GLU B 420 8.15 -21.09 31.09
C GLU B 420 7.57 -22.42 30.60
N PHE B 421 6.58 -22.91 31.35
CA PHE B 421 5.89 -24.14 31.03
C PHE B 421 5.05 -23.94 29.77
N CYS B 422 4.23 -22.90 29.79
CA CYS B 422 3.41 -22.55 28.64
C CYS B 422 4.25 -22.36 27.38
N ALA B 423 5.53 -22.07 27.58
CA ALA B 423 6.44 -21.85 26.47
C ALA B 423 7.04 -23.15 25.95
N ILE B 424 7.55 -23.96 26.87
CA ILE B 424 8.16 -25.23 26.48
C ILE B 424 7.07 -26.19 26.02
N GLU B 425 5.91 -26.12 26.65
CA GLU B 425 4.75 -26.90 26.23
C GLU B 425 3.85 -26.05 25.35
N SER B 426 4.06 -26.11 24.05
CA SER B 426 3.27 -25.33 23.12
C SER B 426 3.43 -25.82 21.69
N CYS B 427 2.32 -26.18 21.07
CA CYS B 427 2.33 -26.68 19.70
C CYS B 427 2.85 -25.64 18.74
N GLY B 428 2.45 -24.39 18.96
CA GLY B 428 2.88 -23.29 18.13
C GLY B 428 1.90 -22.91 17.05
N THR B 429 0.64 -23.30 17.23
CA THR B 429 -0.38 -23.06 16.21
C THR B 429 -0.83 -21.60 16.19
N CYS B 430 -1.10 -21.03 17.36
CA CYS B 430 -1.56 -19.66 17.44
C CYS B 430 -0.60 -18.79 18.25
N THR B 431 -0.57 -17.51 17.90
CA THR B 431 0.48 -16.60 18.31
C THR B 431 0.53 -16.30 19.80
N PRO B 432 -0.64 -16.05 20.43
CA PRO B 432 -0.67 -15.74 21.86
C PRO B 432 0.04 -16.74 22.78
N CYS B 433 0.42 -17.91 22.27
CA CYS B 433 1.19 -18.87 23.06
C CYS B 433 2.59 -19.02 22.50
N ARG B 434 2.71 -18.93 21.17
CA ARG B 434 4.01 -18.95 20.52
C ARG B 434 4.90 -17.87 21.08
N ILE B 435 4.45 -16.63 20.94
CA ILE B 435 5.25 -15.47 21.26
C ILE B 435 4.86 -14.91 22.63
N GLY B 436 3.58 -14.98 22.93
CA GLY B 436 3.06 -14.46 24.18
C GLY B 436 3.79 -14.98 25.40
N ALA B 437 4.01 -16.29 25.43
CA ALA B 437 4.61 -16.94 26.59
C ALA B 437 6.07 -16.58 26.74
N VAL B 438 6.81 -16.65 25.63
CA VAL B 438 8.23 -16.38 25.64
C VAL B 438 8.50 -14.89 25.82
N ARG B 439 7.46 -14.07 25.69
CA ARG B 439 7.59 -12.65 25.98
C ARG B 439 7.19 -12.34 27.42
N GLY B 440 6.23 -13.09 27.94
CA GLY B 440 5.83 -12.95 29.31
C GLY B 440 6.91 -13.43 30.24
N VAL B 441 7.67 -14.42 29.79
CA VAL B 441 8.78 -14.94 30.58
C VAL B 441 9.87 -13.88 30.72
N GLU B 442 9.92 -12.96 29.77
CA GLU B 442 10.86 -11.84 29.83
C GLU B 442 10.28 -10.70 30.66
N VAL B 443 8.99 -10.47 30.49
CA VAL B 443 8.29 -9.42 31.23
C VAL B 443 8.36 -9.69 32.73
N ILE B 444 8.28 -10.96 33.11
CA ILE B 444 8.33 -11.33 34.53
C ILE B 444 9.73 -11.04 35.08
N ASP B 445 10.76 -11.33 34.30
CA ASP B 445 12.12 -11.02 34.70
C ASP B 445 12.29 -9.52 34.88
N ARG B 446 11.67 -8.76 33.97
CA ARG B 446 11.71 -7.32 34.04
C ARG B 446 11.01 -6.82 35.31
N ILE B 447 9.89 -7.44 35.64
CA ILE B 447 9.18 -7.12 36.87
C ILE B 447 10.09 -7.38 38.06
N ALA B 448 10.83 -8.48 37.98
CA ALA B 448 11.78 -8.84 39.02
C ALA B 448 12.84 -7.76 39.16
N ALA B 449 13.23 -7.17 38.04
CA ALA B 449 14.22 -6.09 38.05
C ALA B 449 13.71 -4.91 38.86
N GLY B 450 12.49 -4.48 38.58
CA GLY B 450 11.89 -3.36 39.29
C GLY B 450 11.09 -2.41 38.41
N ASP B 451 11.05 -2.68 37.11
CA ASP B 451 10.35 -1.83 36.16
C ASP B 451 8.86 -1.72 36.50
N ALA B 452 8.29 -0.55 36.22
CA ALA B 452 6.88 -0.30 36.51
C ALA B 452 6.06 -0.35 35.23
N SER B 453 6.74 -0.31 34.08
CA SER B 453 6.07 -0.37 32.79
C SER B 453 5.87 -1.82 32.35
N ALA B 454 6.05 -2.74 33.29
CA ALA B 454 5.94 -4.16 33.00
C ALA B 454 4.62 -4.75 33.51
N MET B 455 4.20 -4.31 34.69
CA MET B 455 3.01 -4.85 35.33
C MET B 455 1.75 -4.62 34.50
N PRO B 456 1.51 -3.36 34.07
CA PRO B 456 0.35 -3.16 33.19
C PRO B 456 0.51 -3.87 31.85
N LEU B 457 1.74 -3.87 31.36
CA LEU B 457 2.10 -4.61 30.16
C LEU B 457 1.75 -6.07 30.34
N LEU B 458 2.09 -6.60 31.51
CA LEU B 458 1.82 -7.99 31.84
C LEU B 458 0.33 -8.26 31.88
N ASP B 459 -0.43 -7.34 32.45
CA ASP B 459 -1.88 -7.47 32.52
C ASP B 459 -2.48 -7.54 31.13
N ASP B 460 -2.05 -6.64 30.25
CA ASP B 460 -2.56 -6.61 28.88
C ASP B 460 -2.19 -7.89 28.13
N LEU B 461 -0.95 -8.33 28.30
CA LEU B 461 -0.49 -9.58 27.72
C LEU B 461 -1.36 -10.74 28.16
N CYS B 462 -1.61 -10.81 29.46
CA CYS B 462 -2.39 -11.88 30.04
C CYS B 462 -3.81 -11.86 29.47
N GLN B 463 -4.36 -10.66 29.32
CA GLN B 463 -5.73 -10.53 28.83
C GLN B 463 -5.84 -10.97 27.38
N THR B 464 -4.87 -10.58 26.56
CA THR B 464 -4.90 -10.98 25.16
C THR B 464 -4.66 -12.47 25.04
N MET B 465 -3.89 -13.03 25.97
CA MET B 465 -3.66 -14.47 26.00
C MET B 465 -4.95 -15.20 26.33
N LYS B 466 -5.68 -14.67 27.32
CA LYS B 466 -6.95 -15.24 27.73
C LYS B 466 -7.96 -15.23 26.59
N LEU B 467 -8.10 -14.07 25.95
CA LEU B 467 -9.17 -13.88 24.97
C LEU B 467 -8.81 -14.30 23.54
N GLY B 468 -7.54 -14.59 23.29
CA GLY B 468 -7.08 -14.89 21.94
C GLY B 468 -6.61 -16.30 21.70
N SER B 469 -6.01 -16.91 22.72
CA SER B 469 -5.39 -18.22 22.55
C SER B 469 -6.40 -19.27 22.13
N LEU B 470 -5.96 -20.16 21.24
CA LEU B 470 -6.83 -21.16 20.66
C LEU B 470 -7.27 -22.22 21.66
N CYS B 471 -6.35 -22.66 22.51
CA CYS B 471 -6.66 -23.66 23.51
C CYS B 471 -6.43 -23.09 24.90
N ALA B 472 -6.52 -23.95 25.91
CA ALA B 472 -6.47 -23.51 27.29
C ALA B 472 -5.06 -23.50 27.86
N LEU B 473 -4.10 -24.00 27.09
CA LEU B 473 -2.71 -23.98 27.52
C LEU B 473 -2.14 -22.57 27.48
N GLY B 474 -2.83 -21.70 26.76
CA GLY B 474 -2.44 -20.30 26.65
C GLY B 474 -3.62 -19.40 26.92
N GLY B 475 -4.66 -19.97 27.51
CA GLY B 475 -5.83 -19.21 27.90
C GLY B 475 -6.09 -19.30 29.39
N PHE B 476 -5.36 -20.21 30.05
CA PHE B 476 -5.45 -20.37 31.49
C PHE B 476 -4.08 -20.16 32.13
N THR B 477 -3.05 -20.13 31.29
CA THR B 477 -1.70 -19.79 31.74
C THR B 477 -1.67 -18.44 32.48
N PRO B 478 -2.51 -17.48 32.06
CA PRO B 478 -2.58 -16.21 32.78
C PRO B 478 -3.07 -16.32 34.23
N TYR B 479 -3.77 -17.39 34.56
CA TYR B 479 -4.40 -17.52 35.87
C TYR B 479 -3.36 -17.65 36.98
N PRO B 480 -2.39 -18.57 36.82
CA PRO B 480 -1.31 -18.65 37.80
C PRO B 480 -0.65 -17.30 38.05
N VAL B 481 -0.28 -16.63 36.97
CA VAL B 481 0.36 -15.33 37.04
C VAL B 481 -0.48 -14.34 37.83
N GLN B 482 -1.70 -14.10 37.37
CA GLN B 482 -2.55 -13.09 37.96
C GLN B 482 -2.87 -13.42 39.41
N SER B 483 -3.02 -14.70 39.72
CA SER B 483 -3.32 -15.13 41.08
C SER B 483 -2.14 -14.89 42.00
N ALA B 484 -0.95 -15.27 41.55
CA ALA B 484 0.26 -15.08 42.33
C ALA B 484 0.52 -13.59 42.53
N ILE B 485 0.01 -12.79 41.61
CA ILE B 485 0.23 -11.34 41.67
C ILE B 485 -0.77 -10.66 42.60
N ARG B 486 -2.02 -11.10 42.59
CA ARG B 486 -3.06 -10.45 43.36
C ARG B 486 -3.25 -11.05 44.75
N HIS B 487 -2.68 -12.22 44.99
CA HIS B 487 -2.79 -12.89 46.28
C HIS B 487 -1.53 -12.70 47.12
N PHE B 488 -0.39 -12.63 46.43
CA PHE B 488 0.90 -12.51 47.08
C PHE B 488 1.70 -11.34 46.52
N PRO B 489 1.26 -10.11 46.84
CA PRO B 489 1.92 -8.89 46.35
C PRO B 489 3.17 -8.54 47.15
N ALA B 490 3.39 -9.22 48.26
CA ALA B 490 4.54 -8.96 49.11
C ALA B 490 5.79 -9.65 48.57
N ASP B 491 5.66 -10.29 47.41
CA ASP B 491 6.76 -11.01 46.79
C ASP B 491 7.08 -10.45 45.40
N PHE B 492 6.15 -9.69 44.86
CA PHE B 492 6.31 -9.07 43.55
C PHE B 492 6.58 -7.57 43.68
N PRO B 493 7.84 -7.13 43.53
CA PRO B 493 8.11 -5.70 43.63
C PRO B 493 7.53 -4.90 42.47
N THR C 2 23.32 -53.75 9.37
CA THR C 2 22.08 -54.39 9.79
C THR C 2 21.07 -53.35 10.26
N ASP C 3 21.02 -52.23 9.55
CA ASP C 3 20.08 -51.16 9.88
C ASP C 3 18.82 -51.29 9.04
N THR C 4 19.01 -51.47 7.73
CA THR C 4 17.90 -51.64 6.81
C THR C 4 17.06 -52.83 7.22
N ALA C 5 17.72 -53.89 7.66
CA ALA C 5 17.04 -55.11 8.07
C ALA C 5 16.11 -54.84 9.25
N ARG C 6 16.67 -54.24 10.29
CA ARG C 6 15.90 -53.92 11.49
C ARG C 6 14.72 -53.02 11.15
N LEU C 7 14.98 -52.02 10.32
CA LEU C 7 13.95 -51.05 9.97
C LEU C 7 12.82 -51.70 9.18
N ARG C 8 13.19 -52.57 8.24
CA ARG C 8 12.20 -53.28 7.44
C ARG C 8 11.36 -54.19 8.31
N ALA C 9 12.01 -54.85 9.26
CA ALA C 9 11.31 -55.72 10.19
C ALA C 9 10.31 -54.93 11.02
N ILE C 10 10.76 -53.78 11.51
CA ILE C 10 9.91 -52.91 12.31
C ILE C 10 8.69 -52.48 11.52
N LEU C 11 8.92 -52.07 10.28
CA LEU C 11 7.85 -51.58 9.42
C LEU C 11 6.87 -52.69 9.06
N ALA C 12 7.39 -53.90 8.92
CA ALA C 12 6.56 -55.06 8.65
C ALA C 12 5.70 -55.39 9.86
N ALA C 13 6.25 -55.15 11.04
CA ALA C 13 5.54 -55.40 12.29
C ALA C 13 4.35 -54.47 12.47
N HIS C 14 4.44 -53.28 11.87
CA HIS C 14 3.39 -52.27 12.01
C HIS C 14 2.70 -52.01 10.68
N ARG C 15 2.46 -53.08 9.93
CA ARG C 15 1.84 -52.97 8.61
C ARG C 15 0.32 -53.09 8.69
N GLY C 16 -0.36 -52.07 8.18
CA GLY C 16 -1.82 -52.11 8.08
C GLY C 16 -2.53 -51.37 9.19
N ARG C 17 -1.78 -50.88 10.18
CA ARG C 17 -2.36 -50.19 11.32
C ARG C 17 -2.95 -48.84 10.91
N GLU C 18 -3.66 -48.22 11.85
CA GLU C 18 -4.24 -46.90 11.62
C GLU C 18 -3.43 -45.83 12.36
N GLY C 19 -2.80 -44.94 11.61
CA GLY C 19 -1.90 -43.98 12.20
C GLY C 19 -0.73 -44.68 12.85
N ALA C 20 0.08 -45.35 12.04
CA ALA C 20 1.14 -46.20 12.55
C ALA C 20 2.49 -45.51 12.58
N LEU C 21 2.50 -44.21 12.29
CA LEU C 21 3.76 -43.47 12.27
C LEU C 21 4.36 -43.37 13.66
N LEU C 22 3.55 -42.99 14.63
CA LEU C 22 4.02 -42.83 16.00
C LEU C 22 4.62 -44.11 16.57
N PRO C 23 3.87 -45.23 16.51
CA PRO C 23 4.44 -46.50 16.99
C PRO C 23 5.73 -46.91 16.28
N ILE C 24 5.76 -46.73 14.96
CA ILE C 24 6.92 -47.10 14.18
C ILE C 24 8.12 -46.29 14.66
N LEU C 25 7.90 -45.00 14.90
CA LEU C 25 8.98 -44.13 15.37
C LEU C 25 9.42 -44.54 16.78
N HIS C 26 8.47 -44.92 17.62
CA HIS C 26 8.82 -45.38 18.96
C HIS C 26 9.76 -46.58 18.85
N ASP C 27 9.37 -47.54 18.02
CA ASP C 27 10.14 -48.78 17.88
C ASP C 27 11.52 -48.48 17.32
N VAL C 28 11.58 -47.56 16.36
CA VAL C 28 12.85 -47.17 15.76
C VAL C 28 13.76 -46.60 16.84
N GLN C 29 13.24 -45.65 17.60
CA GLN C 29 14.04 -45.02 18.65
C GLN C 29 14.50 -46.05 19.67
N ALA C 30 13.64 -47.00 19.98
CA ALA C 30 13.94 -48.02 20.97
C ALA C 30 15.05 -48.93 20.48
N ALA C 31 15.07 -49.18 19.18
CA ALA C 31 16.08 -50.04 18.57
C ALA C 31 17.46 -49.39 18.60
N PHE C 32 17.58 -48.26 17.92
CA PHE C 32 18.87 -47.57 17.79
C PHE C 32 19.16 -46.67 18.97
N GLY C 33 18.25 -45.75 19.25
CA GLY C 33 18.44 -44.74 20.29
C GLY C 33 18.06 -43.37 19.80
N PHE C 34 17.83 -43.26 18.50
CA PHE C 34 17.43 -42.00 17.88
C PHE C 34 16.79 -42.26 16.54
N ILE C 35 16.22 -41.23 15.93
CA ILE C 35 15.64 -41.36 14.60
C ILE C 35 16.66 -40.88 13.57
N PRO C 36 17.40 -41.82 12.96
CA PRO C 36 18.42 -41.39 12.01
C PRO C 36 17.82 -40.79 10.74
N GLU C 37 18.48 -39.77 10.19
CA GLU C 37 18.01 -39.13 8.97
C GLU C 37 18.04 -40.11 7.80
N ASP C 38 18.74 -41.23 7.98
CA ASP C 38 18.78 -42.28 6.97
C ASP C 38 17.57 -43.20 7.12
N ALA C 39 16.62 -42.80 7.97
CA ALA C 39 15.42 -43.59 8.17
C ALA C 39 14.18 -42.70 8.18
N TYR C 40 14.27 -41.56 7.51
CA TYR C 40 13.13 -40.68 7.32
C TYR C 40 12.40 -41.07 6.04
N ALA C 41 13.17 -41.55 5.07
CA ALA C 41 12.65 -41.90 3.75
C ALA C 41 11.91 -43.24 3.72
N PRO C 42 12.54 -44.33 4.18
CA PRO C 42 11.86 -45.63 4.13
C PRO C 42 10.53 -45.65 4.87
N ILE C 43 10.47 -45.00 6.03
CA ILE C 43 9.25 -44.93 6.81
C ILE C 43 8.18 -44.24 5.99
N ALA C 44 8.54 -43.09 5.42
CA ALA C 44 7.64 -42.29 4.61
C ALA C 44 7.10 -43.10 3.44
N ALA C 45 7.98 -43.89 2.84
CA ALA C 45 7.63 -44.70 1.67
C ALA C 45 6.64 -45.78 2.04
N ASP C 46 6.98 -46.55 3.07
CA ASP C 46 6.14 -47.66 3.51
C ASP C 46 4.81 -47.19 4.07
N LEU C 47 4.74 -45.94 4.51
CA LEU C 47 3.51 -45.39 5.04
C LEU C 47 2.79 -44.49 4.03
N GLY C 48 3.47 -44.14 2.96
CA GLY C 48 2.88 -43.31 1.91
C GLY C 48 2.94 -41.83 2.22
N LEU C 49 3.80 -41.47 3.17
CA LEU C 49 3.99 -40.08 3.55
C LEU C 49 5.14 -39.47 2.77
N THR C 50 5.56 -38.29 3.18
CA THR C 50 6.71 -37.63 2.60
C THR C 50 7.75 -37.34 3.69
N ARG C 51 9.02 -37.32 3.30
CA ARG C 51 10.12 -37.05 4.22
C ARG C 51 9.81 -35.86 5.12
N ALA C 52 9.15 -34.86 4.56
CA ALA C 52 8.81 -33.65 5.30
C ALA C 52 7.95 -33.93 6.52
N GLU C 53 6.88 -34.71 6.34
CA GLU C 53 5.96 -35.01 7.43
C GLU C 53 6.64 -35.90 8.47
N VAL C 54 7.41 -36.86 7.99
CA VAL C 54 8.15 -37.77 8.85
C VAL C 54 9.17 -37.02 9.69
N ALA C 55 9.64 -35.88 9.17
CA ALA C 55 10.59 -35.07 9.90
C ALA C 55 9.88 -34.13 10.88
N GLY C 56 8.73 -33.61 10.46
CA GLY C 56 7.94 -32.73 11.30
C GLY C 56 7.44 -33.45 12.54
N VAL C 57 7.00 -34.68 12.36
CA VAL C 57 6.52 -35.50 13.47
C VAL C 57 7.64 -35.76 14.46
N VAL C 58 8.84 -36.01 13.93
CA VAL C 58 10.00 -36.29 14.75
C VAL C 58 10.44 -35.04 15.50
N GLY C 59 10.22 -33.88 14.88
CA GLY C 59 10.62 -32.62 15.47
C GLY C 59 9.68 -32.16 16.57
N PHE C 60 8.38 -32.35 16.35
CA PHE C 60 7.38 -31.89 17.31
C PHE C 60 7.53 -32.55 18.66
N TYR C 61 7.86 -33.83 18.66
CA TYR C 61 7.85 -34.63 19.87
C TYR C 61 9.22 -34.73 20.52
N HIS C 62 9.23 -34.58 21.83
CA HIS C 62 10.47 -34.50 22.60
C HIS C 62 11.07 -35.86 22.91
N ASP C 63 10.22 -36.88 22.98
CA ASP C 63 10.68 -38.22 23.33
C ASP C 63 11.49 -38.86 22.22
N PHE C 64 11.44 -38.27 21.03
CA PHE C 64 12.20 -38.78 19.89
C PHE C 64 13.54 -38.05 19.80
N ARG C 65 14.61 -38.73 20.19
CA ARG C 65 15.93 -38.13 20.17
C ARG C 65 16.39 -37.87 18.74
N LYS C 66 17.14 -36.78 18.56
CA LYS C 66 17.70 -36.45 17.26
C LYS C 66 19.15 -36.91 17.23
N ALA C 67 19.74 -37.06 18.41
CA ALA C 67 21.05 -37.64 18.56
C ALA C 67 21.09 -38.47 19.83
N PRO C 68 22.00 -39.45 19.91
CA PRO C 68 21.99 -40.35 21.06
C PRO C 68 22.30 -39.64 22.37
N ALA C 69 21.97 -40.30 23.47
CA ALA C 69 22.29 -39.79 24.81
C ALA C 69 23.51 -40.52 25.34
N GLY C 70 23.85 -40.26 26.60
CA GLY C 70 24.99 -40.91 27.22
C GLY C 70 24.66 -42.32 27.68
N ARG C 71 25.64 -43.00 28.26
CA ARG C 71 25.44 -44.35 28.75
C ARG C 71 24.31 -44.38 29.77
N HIS C 72 24.14 -43.27 30.48
CA HIS C 72 23.09 -43.14 31.48
C HIS C 72 22.26 -41.90 31.19
N VAL C 73 21.05 -41.86 31.74
CA VAL C 73 20.17 -40.73 31.57
C VAL C 73 19.53 -40.40 32.91
N ILE C 74 19.37 -39.11 33.18
CA ILE C 74 18.79 -38.67 34.43
C ILE C 74 17.74 -37.61 34.13
N LYS C 75 16.48 -38.02 34.22
CA LYS C 75 15.37 -37.09 34.09
C LYS C 75 14.98 -36.63 35.48
N LEU C 76 14.67 -35.35 35.60
CA LEU C 76 14.41 -34.74 36.89
C LEU C 76 13.26 -33.75 36.75
N CYS C 77 12.14 -34.05 37.40
CA CYS C 77 10.94 -33.24 37.26
C CYS C 77 11.27 -31.79 37.57
N ARG C 78 10.51 -30.88 36.98
CA ARG C 78 10.68 -29.47 37.22
C ARG C 78 9.31 -28.82 37.36
N ALA C 79 8.33 -29.63 37.70
CA ALA C 79 6.95 -29.17 37.82
C ALA C 79 6.70 -28.56 39.18
N GLU C 80 5.45 -28.20 39.45
CA GLU C 80 5.10 -27.45 40.64
C GLU C 80 5.36 -28.24 41.92
N ALA C 81 4.77 -29.43 42.01
CA ALA C 81 4.86 -30.22 43.22
C ALA C 81 6.30 -30.56 43.59
N CYS C 82 7.01 -31.17 42.64
CA CYS C 82 8.38 -31.57 42.87
C CYS C 82 9.26 -30.36 43.14
N GLN C 83 8.89 -29.21 42.57
CA GLN C 83 9.59 -27.96 42.85
C GLN C 83 9.40 -27.57 44.30
N ALA C 84 8.19 -27.81 44.80
CA ALA C 84 7.81 -27.37 46.13
C ALA C 84 8.73 -27.93 47.19
N MET C 85 9.01 -29.23 47.11
CA MET C 85 9.78 -29.91 48.13
C MET C 85 11.27 -29.94 47.77
N GLY C 86 11.72 -28.92 47.04
CA GLY C 86 13.14 -28.72 46.80
C GLY C 86 13.76 -29.59 45.73
N MET C 87 13.30 -29.41 44.49
CA MET C 87 13.91 -30.07 43.35
C MET C 87 15.15 -29.30 42.91
N ASP C 88 15.13 -28.00 43.14
CA ASP C 88 16.23 -27.14 42.72
C ASP C 88 17.52 -27.54 43.43
N ALA C 89 17.41 -27.84 44.72
CA ALA C 89 18.57 -28.23 45.52
C ALA C 89 19.14 -29.55 45.02
N VAL C 90 18.25 -30.51 44.77
CA VAL C 90 18.64 -31.82 44.26
C VAL C 90 19.36 -31.64 42.93
N GLN C 91 18.77 -30.81 42.07
CA GLN C 91 19.32 -30.52 40.76
C GLN C 91 20.73 -29.96 40.87
N ALA C 92 20.90 -28.98 41.75
CA ALA C 92 22.18 -28.33 41.94
C ALA C 92 23.23 -29.33 42.42
N ARG C 93 22.88 -30.06 43.48
CA ARG C 93 23.78 -31.07 44.03
C ARG C 93 24.22 -32.05 42.95
N LEU C 94 23.25 -32.55 42.19
CA LEU C 94 23.51 -33.60 41.22
C LEU C 94 24.34 -33.09 40.03
N GLU C 95 24.03 -31.88 39.56
CA GLU C 95 24.75 -31.31 38.43
C GLU C 95 26.15 -30.87 38.84
N SER C 96 26.35 -30.65 40.14
CA SER C 96 27.68 -30.39 40.65
C SER C 96 28.45 -31.70 40.75
N ALA C 97 27.75 -32.76 41.13
CA ALA C 97 28.34 -34.08 41.22
C ALA C 97 28.85 -34.54 39.86
N LEU C 98 27.98 -34.48 38.84
CA LEU C 98 28.36 -34.90 37.50
C LEU C 98 29.07 -33.78 36.73
N GLY C 99 28.75 -32.53 37.05
CA GLY C 99 29.34 -31.39 36.39
C GLY C 99 28.60 -30.98 35.14
N LEU C 100 27.38 -31.48 34.98
CA LEU C 100 26.55 -31.18 33.82
C LEU C 100 25.27 -30.47 34.21
N ARG C 101 25.11 -29.23 33.72
CA ARG C 101 23.92 -28.44 34.01
C ARG C 101 22.67 -29.05 33.39
N LEU C 102 21.52 -28.46 33.69
CA LEU C 102 20.25 -28.92 33.15
C LEU C 102 20.25 -28.84 31.63
N GLY C 103 19.94 -29.95 30.98
CA GLY C 103 19.90 -30.00 29.53
C GLY C 103 21.25 -30.31 28.92
N ASP C 104 22.31 -30.02 29.67
CA ASP C 104 23.67 -30.27 29.20
C ASP C 104 23.95 -31.76 29.22
N SER C 105 24.19 -32.32 28.04
CA SER C 105 24.42 -33.76 27.91
C SER C 105 25.91 -34.07 27.83
N SER C 106 26.25 -35.35 27.73
CA SER C 106 27.62 -35.77 27.53
C SER C 106 27.64 -37.21 27.07
N GLU C 107 28.83 -37.82 27.02
CA GLU C 107 28.95 -39.22 26.65
C GLU C 107 28.74 -40.10 27.87
N ALA C 108 28.93 -39.52 29.05
CA ALA C 108 28.74 -40.25 30.30
C ALA C 108 27.28 -40.26 30.70
N VAL C 109 26.67 -39.07 30.76
CA VAL C 109 25.30 -38.95 31.22
C VAL C 109 24.52 -37.92 30.43
N THR C 110 23.27 -37.72 30.81
CA THR C 110 22.41 -36.72 30.19
C THR C 110 21.37 -36.26 31.19
N LEU C 111 21.54 -35.04 31.69
CA LEU C 111 20.62 -34.49 32.68
C LEU C 111 19.54 -33.67 31.98
N GLU C 112 18.29 -34.00 32.22
CA GLU C 112 17.19 -33.33 31.54
C GLU C 112 15.94 -33.26 32.40
N ALA C 113 14.91 -32.58 31.90
CA ALA C 113 13.66 -32.43 32.62
C ALA C 113 12.56 -33.32 32.02
N VAL C 114 11.58 -33.68 32.84
CA VAL C 114 10.49 -34.55 32.40
C VAL C 114 9.14 -33.93 32.75
N TYR C 115 9.13 -33.09 33.78
CA TYR C 115 7.98 -32.27 34.16
C TYR C 115 6.83 -33.04 34.82
N CYS C 116 6.92 -34.36 34.87
CA CYS C 116 6.13 -35.17 35.80
C CYS C 116 6.49 -36.64 35.65
N LEU C 117 6.28 -37.40 36.72
CA LEU C 117 6.46 -38.85 36.68
C LEU C 117 5.32 -39.57 37.38
N GLY C 118 4.40 -38.82 37.97
CA GLY C 118 3.34 -39.38 38.77
C GLY C 118 3.70 -39.44 40.24
N LEU C 119 4.98 -39.24 40.52
CA LEU C 119 5.49 -39.24 41.88
C LEU C 119 5.37 -37.86 42.50
N CYS C 120 4.15 -37.32 42.51
CA CYS C 120 3.92 -35.98 43.00
C CYS C 120 3.89 -35.93 44.52
N ALA C 121 3.35 -36.98 45.14
CA ALA C 121 3.34 -37.07 46.59
C ALA C 121 4.76 -37.18 47.10
N CYS C 122 5.51 -38.07 46.47
CA CYS C 122 6.94 -38.16 46.67
C CYS C 122 7.61 -37.06 45.86
N ALA C 123 7.48 -35.83 46.36
CA ALA C 123 7.75 -34.64 45.56
C ALA C 123 9.08 -34.71 44.80
N PRO C 124 10.19 -34.93 45.52
CA PRO C 124 11.41 -35.00 44.71
C PRO C 124 11.49 -36.33 43.99
N ALA C 125 11.42 -36.29 42.66
CA ALA C 125 11.34 -37.51 41.87
C ALA C 125 12.29 -37.45 40.68
N ALA C 126 12.85 -38.60 40.34
CA ALA C 126 13.81 -38.70 39.25
C ALA C 126 13.64 -40.02 38.50
N MET C 127 14.09 -40.04 37.26
CA MET C 127 14.13 -41.26 36.47
C MET C 127 15.56 -41.50 36.01
N VAL C 128 16.19 -42.50 36.62
CA VAL C 128 17.54 -42.89 36.25
C VAL C 128 17.51 -44.26 35.57
N ASP C 129 17.68 -44.25 34.25
CA ASP C 129 17.79 -45.49 33.49
C ASP C 129 16.63 -46.45 33.78
N ASP C 130 15.41 -46.02 33.49
CA ASP C 130 14.23 -46.86 33.67
C ASP C 130 14.00 -47.23 35.13
N ARG C 131 14.67 -46.53 36.04
CA ARG C 131 14.42 -46.72 37.47
C ARG C 131 13.94 -45.42 38.09
N LEU C 132 12.70 -45.42 38.56
CA LEU C 132 12.15 -44.25 39.23
C LEU C 132 12.66 -44.17 40.66
N VAL C 133 12.83 -42.96 41.15
CA VAL C 133 13.29 -42.72 42.52
C VAL C 133 12.52 -41.55 43.10
N GLY C 134 12.15 -41.66 44.36
CA GLY C 134 11.39 -40.63 45.03
C GLY C 134 12.00 -40.23 46.36
N ARG C 135 11.53 -39.10 46.89
CA ARG C 135 12.08 -38.57 48.13
C ARG C 135 13.59 -38.39 48.00
N LEU C 136 14.01 -37.80 46.89
CA LEU C 136 15.42 -37.59 46.62
C LEU C 136 15.98 -36.49 47.50
N ASP C 137 16.44 -36.86 48.68
CA ASP C 137 17.08 -35.91 49.58
C ASP C 137 18.49 -35.63 49.06
N ALA C 138 19.25 -34.87 49.82
CA ALA C 138 20.63 -34.55 49.45
C ALA C 138 21.57 -35.72 49.78
N ALA C 139 21.00 -36.83 50.23
CA ALA C 139 21.78 -38.01 50.57
C ALA C 139 21.58 -39.11 49.52
N ALA C 140 20.36 -39.22 49.01
CA ALA C 140 20.06 -40.23 47.99
C ALA C 140 20.85 -39.98 46.72
N VAL C 141 21.22 -38.71 46.49
CA VAL C 141 21.99 -38.34 45.31
C VAL C 141 23.32 -39.07 45.33
N ALA C 142 23.84 -39.32 46.54
CA ALA C 142 25.09 -40.04 46.71
C ALA C 142 25.00 -41.41 46.07
N GLY C 143 23.92 -42.13 46.36
CA GLY C 143 23.70 -43.44 45.79
C GLY C 143 23.32 -43.37 44.32
N ILE C 144 22.65 -42.29 43.94
CA ILE C 144 22.28 -42.05 42.56
C ILE C 144 23.54 -42.03 41.70
N VAL C 145 24.56 -41.34 42.20
CA VAL C 145 25.81 -41.20 41.47
C VAL C 145 26.72 -42.41 41.68
N ALA C 146 26.56 -43.10 42.80
CA ALA C 146 27.41 -44.24 43.13
C ALA C 146 27.19 -45.39 42.15
N GLU C 147 25.92 -45.71 41.90
CA GLU C 147 25.57 -46.75 40.94
C GLU C 147 25.65 -46.21 39.52
N LEU C 148 26.00 -44.93 39.40
CA LEU C 148 26.01 -44.25 38.12
C LEU C 148 27.36 -43.57 37.88
N GLY C 149 28.29 -44.30 37.30
CA GLY C 149 29.60 -43.77 37.01
C GLY C 149 29.62 -42.92 35.75
N SER D 2 12.47 -53.02 -48.46
CA SER D 2 12.13 -52.67 -49.88
C SER D 2 10.62 -52.59 -50.04
N ASP D 3 9.97 -51.97 -49.06
CA ASP D 3 8.53 -51.72 -49.14
C ASP D 3 8.30 -50.26 -49.45
N ASP D 4 7.42 -49.98 -50.39
CA ASP D 4 7.09 -48.61 -50.71
C ASP D 4 6.22 -48.08 -49.59
N LYS D 5 6.44 -46.84 -49.19
CA LYS D 5 5.73 -46.26 -48.06
C LYS D 5 4.24 -46.28 -48.33
N ILE D 6 3.87 -46.07 -49.59
CA ILE D 6 2.47 -45.98 -49.96
C ILE D 6 1.82 -47.36 -49.85
N ILE D 7 2.52 -48.38 -50.32
CA ILE D 7 2.04 -49.76 -50.22
C ILE D 7 1.89 -50.13 -48.76
N ARG D 8 2.85 -49.71 -47.95
CA ARG D 8 2.86 -50.01 -46.53
C ARG D 8 1.64 -49.40 -45.85
N MET D 9 1.40 -48.12 -46.12
CA MET D 9 0.25 -47.43 -45.54
C MET D 9 -1.06 -48.08 -45.98
N ALA D 10 -1.13 -48.46 -47.26
CA ALA D 10 -2.32 -49.10 -47.79
C ALA D 10 -2.60 -50.41 -47.08
N ASN D 11 -1.56 -51.23 -46.95
CA ASN D 11 -1.70 -52.53 -46.30
C ASN D 11 -2.08 -52.36 -44.83
N GLN D 12 -1.54 -51.33 -44.18
CA GLN D 12 -1.91 -51.02 -42.81
C GLN D 12 -3.41 -50.71 -42.70
N ILE D 13 -3.86 -49.81 -43.56
CA ILE D 13 -5.26 -49.40 -43.56
C ILE D 13 -6.17 -50.60 -43.80
N ALA D 14 -5.72 -51.49 -44.68
CA ALA D 14 -6.48 -52.69 -45.00
C ALA D 14 -6.54 -53.62 -43.81
N ALA D 15 -5.39 -53.83 -43.16
CA ALA D 15 -5.32 -54.70 -42.00
C ALA D 15 -6.25 -54.19 -40.92
N PHE D 16 -6.39 -52.88 -40.82
CA PHE D 16 -7.35 -52.33 -39.85
C PHE D 16 -8.79 -52.57 -40.29
N PHE D 17 -9.14 -52.09 -41.47
CA PHE D 17 -10.52 -52.13 -41.93
C PHE D 17 -11.02 -53.54 -42.18
N ALA D 18 -10.13 -54.53 -42.12
CA ALA D 18 -10.50 -55.92 -42.35
C ALA D 18 -11.40 -56.48 -41.27
N VAL D 19 -11.06 -56.21 -40.01
CA VAL D 19 -11.76 -56.81 -38.88
C VAL D 19 -13.16 -56.23 -38.71
N GLN D 20 -13.50 -55.23 -39.51
CA GLN D 20 -14.79 -54.57 -39.39
C GLN D 20 -15.91 -55.37 -40.04
N PRO D 21 -17.16 -55.09 -39.65
CA PRO D 21 -18.33 -55.78 -40.19
C PRO D 21 -18.95 -55.06 -41.39
N GLY D 22 -19.56 -55.81 -42.30
CA GLY D 22 -20.20 -55.23 -43.46
C GLY D 22 -19.24 -54.96 -44.61
N ASP D 23 -19.50 -53.89 -45.34
CA ASP D 23 -18.62 -53.48 -46.43
C ASP D 23 -17.25 -53.10 -45.88
N ARG D 24 -16.23 -53.88 -46.24
CA ARG D 24 -14.88 -53.65 -45.75
C ARG D 24 -14.02 -52.88 -46.73
N ALA D 25 -14.37 -52.94 -48.01
CA ALA D 25 -13.57 -52.32 -49.06
C ALA D 25 -14.02 -50.90 -49.34
N GLY D 26 -15.33 -50.67 -49.22
CA GLY D 26 -15.89 -49.35 -49.42
C GLY D 26 -15.28 -48.31 -48.50
N PRO D 27 -15.26 -48.59 -47.18
CA PRO D 27 -14.64 -47.70 -46.21
C PRO D 27 -13.16 -47.46 -46.49
N VAL D 28 -12.46 -48.52 -46.86
CA VAL D 28 -11.04 -48.42 -47.18
C VAL D 28 -10.84 -47.42 -48.31
N ALA D 29 -11.58 -47.60 -49.40
CA ALA D 29 -11.48 -46.73 -50.55
C ALA D 29 -11.84 -45.29 -50.18
N ALA D 30 -12.90 -45.14 -49.39
CA ALA D 30 -13.36 -43.81 -49.00
C ALA D 30 -12.28 -43.11 -48.19
N HIS D 31 -11.62 -43.84 -47.29
CA HIS D 31 -10.58 -43.28 -46.46
C HIS D 31 -9.40 -42.85 -47.31
N ILE D 32 -8.97 -43.74 -48.20
CA ILE D 32 -7.83 -43.47 -49.06
C ILE D 32 -8.14 -42.26 -49.94
N SER D 33 -9.42 -42.07 -50.26
CA SER D 33 -9.84 -40.95 -51.10
C SER D 33 -9.90 -39.65 -50.32
N GLU D 34 -10.26 -39.75 -49.05
CA GLU D 34 -10.45 -38.56 -48.22
C GLU D 34 -9.15 -38.07 -47.59
N ASN D 35 -8.13 -38.94 -47.54
CA ASN D 35 -6.90 -38.60 -46.83
C ASN D 35 -5.70 -38.37 -47.74
N TRP D 36 -5.56 -39.18 -48.78
CA TRP D 36 -4.38 -39.11 -49.65
C TRP D 36 -4.53 -38.05 -50.74
N SER D 37 -3.40 -37.63 -51.29
CA SER D 37 -3.37 -36.56 -52.29
C SER D 37 -3.33 -37.13 -53.71
N ALA D 38 -3.19 -36.24 -54.69
CA ALA D 38 -3.21 -36.65 -56.09
C ALA D 38 -2.06 -37.59 -56.44
N PRO D 39 -0.81 -37.16 -56.23
CA PRO D 39 0.29 -38.03 -56.64
C PRO D 39 0.28 -39.37 -55.91
N MET D 40 -0.10 -39.36 -54.64
CA MET D 40 -0.13 -40.58 -53.85
C MET D 40 -1.20 -41.54 -54.36
N ARG D 41 -2.40 -41.02 -54.61
CA ARG D 41 -3.49 -41.83 -55.14
C ARG D 41 -3.09 -42.39 -56.49
N ALA D 42 -2.46 -41.57 -57.31
CA ALA D 42 -2.01 -41.98 -58.63
C ALA D 42 -1.01 -43.12 -58.51
N ALA D 43 -0.07 -42.99 -57.58
CA ALA D 43 0.94 -44.01 -57.36
C ALA D 43 0.31 -45.31 -56.90
N LEU D 44 -0.66 -45.21 -56.01
CA LEU D 44 -1.33 -46.40 -55.50
C LEU D 44 -2.13 -47.09 -56.60
N LEU D 45 -2.80 -46.30 -57.42
CA LEU D 45 -3.57 -46.86 -58.52
C LEU D 45 -2.63 -47.53 -59.51
N ALA D 46 -1.47 -46.91 -59.74
CA ALA D 46 -0.46 -47.48 -60.62
C ALA D 46 0.03 -48.81 -60.06
N HIS D 47 0.19 -48.86 -58.74
CA HIS D 47 0.63 -50.06 -58.06
C HIS D 47 -0.39 -51.19 -58.25
N VAL D 48 -1.65 -50.88 -57.98
CA VAL D 48 -2.73 -51.87 -58.04
C VAL D 48 -3.02 -52.29 -59.47
N ALA D 49 -2.69 -51.43 -60.42
CA ALA D 49 -2.88 -51.75 -61.82
C ALA D 49 -1.72 -52.58 -62.35
N ALA D 50 -0.53 -52.30 -61.83
CA ALA D 50 0.70 -52.97 -62.25
C ALA D 50 0.88 -54.31 -61.55
N GLN D 51 0.01 -54.58 -60.57
CA GLN D 51 0.07 -55.82 -59.80
C GLN D 51 1.39 -56.00 -59.10
N SER D 52 1.67 -55.07 -58.22
CA SER D 52 2.88 -55.14 -57.44
C SER D 52 2.66 -56.02 -56.20
N PRO D 53 3.60 -56.93 -55.93
CA PRO D 53 3.49 -57.85 -54.79
C PRO D 53 3.79 -57.17 -53.46
N GLY D 54 3.18 -57.66 -52.39
CA GLY D 54 3.31 -57.04 -51.08
C GLY D 54 2.11 -56.15 -50.82
N LEU D 55 0.97 -56.56 -51.37
CA LEU D 55 -0.24 -55.75 -51.32
C LEU D 55 -1.42 -56.59 -50.87
N ASP D 56 -2.32 -55.99 -50.10
CA ASP D 56 -3.48 -56.70 -49.57
C ASP D 56 -4.57 -56.78 -50.64
N PRO D 57 -5.13 -57.97 -50.88
CA PRO D 57 -6.17 -58.08 -51.91
C PRO D 57 -7.35 -57.15 -51.66
N LEU D 58 -7.57 -56.79 -50.39
CA LEU D 58 -8.63 -55.85 -50.04
C LEU D 58 -8.38 -54.51 -50.72
N VAL D 59 -7.12 -54.10 -50.76
CA VAL D 59 -6.74 -52.86 -51.42
C VAL D 59 -6.93 -53.00 -52.93
N ILE D 60 -6.62 -54.18 -53.46
CA ILE D 60 -6.77 -54.44 -54.88
C ILE D 60 -8.23 -54.30 -55.25
N ALA D 61 -9.11 -54.68 -54.34
CA ALA D 61 -10.54 -54.63 -54.59
C ALA D 61 -11.10 -53.22 -54.38
N ALA D 62 -10.48 -52.48 -53.47
CA ALA D 62 -10.96 -51.14 -53.12
C ALA D 62 -10.46 -50.07 -54.09
N ALA D 63 -9.37 -50.35 -54.79
CA ALA D 63 -8.76 -49.36 -55.68
C ALA D 63 -9.73 -48.75 -56.68
N PRO D 64 -10.51 -49.59 -57.39
CA PRO D 64 -11.48 -49.04 -58.35
C PRO D 64 -12.43 -48.00 -57.77
N GLN D 65 -12.64 -48.03 -56.46
CA GLN D 65 -13.60 -47.15 -55.82
C GLN D 65 -12.95 -45.88 -55.27
N ILE D 66 -11.63 -45.79 -55.37
CA ILE D 66 -10.91 -44.63 -54.89
C ILE D 66 -11.27 -43.41 -55.72
N ARG D 67 -11.25 -42.24 -55.09
CA ARG D 67 -11.57 -40.99 -55.77
C ARG D 67 -10.64 -40.82 -56.97
N PRO D 68 -11.22 -40.54 -58.15
CA PRO D 68 -10.39 -40.49 -59.36
C PRO D 68 -9.37 -39.36 -59.36
N VAL D 69 -8.20 -39.61 -59.93
CA VAL D 69 -7.14 -38.61 -59.99
C VAL D 69 -7.27 -37.81 -61.29
N PRO D 70 -7.24 -36.47 -61.19
CA PRO D 70 -7.36 -35.66 -62.42
C PRO D 70 -6.02 -35.52 -63.14
N PRO E 7 -14.57 8.30 -16.15
CA PRO E 7 -14.50 9.64 -15.57
C PRO E 7 -13.08 10.20 -15.55
N PRO E 8 -12.92 11.50 -15.23
CA PRO E 8 -11.60 12.12 -15.22
C PRO E 8 -10.60 11.39 -14.33
N LEU E 9 -9.31 11.56 -14.62
CA LEU E 9 -8.26 10.91 -13.85
C LEU E 9 -7.75 11.81 -12.73
N ASP E 10 -8.00 13.12 -12.88
CA ASP E 10 -7.57 14.09 -11.89
C ASP E 10 -8.18 13.81 -10.52
N TRP E 11 -9.25 13.00 -10.50
CA TRP E 11 -9.95 12.67 -9.27
C TRP E 11 -9.30 11.48 -8.55
N THR E 12 -9.19 10.38 -9.27
CA THR E 12 -8.69 9.14 -8.68
C THR E 12 -7.18 9.15 -8.53
N GLN E 13 -6.49 9.76 -9.49
CA GLN E 13 -5.04 9.70 -9.56
C GLN E 13 -4.42 11.06 -9.31
N ASP E 14 -3.37 11.09 -8.49
CA ASP E 14 -2.62 12.30 -8.24
C ASP E 14 -1.63 12.52 -9.37
N MET E 15 -1.97 13.44 -10.27
CA MET E 15 -1.08 13.76 -11.38
C MET E 15 0.04 14.65 -10.86
N GLY E 16 1.11 14.76 -11.63
CA GLY E 16 2.32 15.42 -11.16
C GLY E 16 2.23 16.92 -11.00
N THR E 17 1.77 17.60 -12.04
CA THR E 17 1.78 19.06 -12.07
C THR E 17 0.40 19.61 -12.40
N PRO E 18 0.17 20.91 -12.15
CA PRO E 18 -1.13 21.51 -12.46
C PRO E 18 -1.44 21.46 -13.96
N LYS E 19 -2.71 21.38 -14.32
CA LYS E 19 -3.10 21.25 -15.72
C LYS E 19 -3.07 22.59 -16.46
N ARG E 20 -2.49 22.59 -17.65
CA ARG E 20 -2.28 23.84 -18.39
C ARG E 20 -3.18 23.97 -19.61
N GLU E 21 -3.42 25.20 -20.02
CA GLU E 21 -4.18 25.50 -21.24
C GLU E 21 -3.23 25.80 -22.40
N GLY E 22 -3.51 25.20 -23.55
CA GLY E 22 -2.67 25.38 -24.72
C GLY E 22 -3.03 24.49 -25.90
N ALA E 23 -2.25 24.60 -26.97
CA ALA E 23 -2.51 23.83 -28.19
C ALA E 23 -2.10 22.37 -28.03
N PRO E 24 -2.67 21.48 -28.88
CA PRO E 24 -2.34 20.06 -28.80
C PRO E 24 -0.90 19.75 -29.20
N VAL E 25 -0.15 19.14 -28.28
CA VAL E 25 1.22 18.73 -28.56
C VAL E 25 1.33 17.22 -28.44
N HIS E 26 1.91 16.60 -29.46
CA HIS E 26 2.08 15.15 -29.50
C HIS E 26 3.48 14.74 -29.07
N LEU E 27 3.56 13.78 -28.15
CA LEU E 27 4.86 13.29 -27.69
C LEU E 27 4.80 11.80 -27.36
N THR E 28 5.96 11.13 -27.44
CA THR E 28 6.03 9.70 -27.20
C THR E 28 6.66 9.40 -25.85
N ILE E 29 5.84 8.93 -24.92
CA ILE E 29 6.31 8.58 -23.58
C ILE E 29 6.50 7.07 -23.50
N ASP E 30 7.76 6.66 -23.51
CA ASP E 30 8.12 5.26 -23.34
C ASP E 30 7.32 4.35 -24.28
N GLY E 31 7.26 4.74 -25.55
CA GLY E 31 6.60 3.93 -26.56
C GLY E 31 5.09 4.11 -26.62
N VAL E 32 4.59 5.12 -25.92
CA VAL E 32 3.15 5.38 -25.90
C VAL E 32 2.88 6.79 -26.42
N GLU E 33 2.08 6.87 -27.48
CA GLU E 33 1.69 8.16 -28.05
C GLU E 33 0.82 8.91 -27.05
N VAL E 34 1.06 10.22 -26.93
CA VAL E 34 0.31 11.05 -26.01
C VAL E 34 0.05 12.41 -26.64
N THR E 35 -1.10 13.00 -26.33
CA THR E 35 -1.45 14.33 -26.82
C THR E 35 -1.89 15.20 -25.66
N VAL E 36 -1.11 16.23 -25.36
CA VAL E 36 -1.38 17.09 -24.22
C VAL E 36 -1.07 18.54 -24.57
N PRO E 37 -1.73 19.48 -23.88
CA PRO E 37 -1.41 20.90 -24.08
C PRO E 37 0.09 21.19 -24.00
N ALA E 38 0.49 22.32 -24.56
CA ALA E 38 1.91 22.63 -24.69
C ALA E 38 2.61 22.81 -23.35
N GLY E 39 1.97 23.56 -22.46
CA GLY E 39 2.53 23.84 -21.16
C GLY E 39 2.68 22.62 -20.29
N THR E 40 1.79 21.66 -20.47
CA THR E 40 1.79 20.43 -19.66
C THR E 40 3.17 19.79 -19.62
N SER E 41 3.54 19.30 -18.43
CA SER E 41 4.84 18.70 -18.21
C SER E 41 4.89 17.25 -18.68
N VAL E 42 6.10 16.70 -18.67
CA VAL E 42 6.32 15.32 -19.08
C VAL E 42 5.67 14.37 -18.09
N LEU E 43 5.74 14.72 -16.81
CA LEU E 43 5.24 13.85 -15.75
C LEU E 43 3.73 13.69 -15.83
N ARG E 44 3.03 14.80 -16.02
CA ARG E 44 1.58 14.76 -16.07
C ARG E 44 1.09 14.02 -17.31
N ALA E 45 1.83 14.17 -18.42
CA ALA E 45 1.49 13.47 -19.65
C ALA E 45 1.72 11.98 -19.48
N ALA E 46 2.83 11.61 -18.84
CA ALA E 46 3.13 10.21 -18.58
C ALA E 46 2.06 9.61 -17.69
N ALA E 47 1.56 10.41 -16.77
CA ALA E 47 0.47 10.00 -15.89
C ALA E 47 -0.79 9.75 -16.70
N GLU E 48 -1.10 10.69 -17.59
CA GLU E 48 -2.27 10.58 -18.46
C GLU E 48 -2.14 9.41 -19.43
N ALA E 49 -0.91 8.97 -19.66
CA ALA E 49 -0.63 7.88 -20.58
C ALA E 49 -0.66 6.53 -19.86
N GLY E 50 -0.66 6.57 -18.53
CA GLY E 50 -0.64 5.35 -17.75
C GLY E 50 0.75 4.96 -17.27
N ILE E 51 1.76 5.50 -17.95
CA ILE E 51 3.14 5.25 -17.56
C ILE E 51 3.48 6.12 -16.36
N SER E 52 3.62 5.49 -15.20
CA SER E 52 3.88 6.21 -13.97
C SER E 52 5.38 6.41 -13.76
N ILE E 53 5.81 7.64 -13.45
CA ILE E 53 7.24 7.91 -13.16
C ILE E 53 7.37 8.25 -11.68
N PRO E 54 8.38 7.75 -10.93
CA PRO E 54 8.44 7.99 -9.50
C PRO E 54 8.51 9.49 -9.17
N LYS E 55 7.72 9.97 -8.22
CA LYS E 55 7.71 11.39 -7.82
C LYS E 55 7.38 11.47 -6.33
N LEU E 56 7.99 12.41 -5.59
CA LEU E 56 7.63 12.58 -4.15
C LEU E 56 7.29 14.04 -3.82
N CYS E 57 7.90 15.01 -4.50
CA CYS E 57 7.74 16.44 -4.13
C CYS E 57 6.81 17.17 -5.09
N ALA E 58 6.20 16.47 -6.05
CA ALA E 58 5.36 17.15 -7.06
C ALA E 58 3.89 16.82 -6.78
N THR E 59 3.02 17.83 -6.70
CA THR E 59 1.58 17.57 -6.53
C THR E 59 0.79 18.46 -7.50
N ASP E 60 -0.45 18.11 -7.83
CA ASP E 60 -1.30 18.93 -8.69
C ASP E 60 -1.72 20.24 -8.04
N ASN E 61 -1.82 20.25 -6.72
CA ASN E 61 -2.31 21.42 -6.00
C ASN E 61 -1.38 22.61 -6.17
N VAL E 62 -0.08 22.35 -6.32
CA VAL E 62 0.92 23.39 -6.33
C VAL E 62 1.85 23.24 -7.52
N GLU E 63 2.66 24.27 -7.77
CA GLU E 63 3.58 24.27 -8.90
C GLU E 63 4.81 23.42 -8.59
N PRO E 64 5.36 22.76 -9.62
CA PRO E 64 6.45 21.81 -9.43
C PRO E 64 7.77 22.45 -9.02
N VAL E 65 8.57 21.70 -8.25
CA VAL E 65 9.88 22.14 -7.82
C VAL E 65 10.84 20.97 -7.96
N GLY E 66 12.10 21.28 -8.22
CA GLY E 66 13.10 20.25 -8.44
C GLY E 66 13.84 19.82 -7.19
N SER E 67 13.10 19.34 -6.21
CA SER E 67 13.67 18.95 -4.92
C SER E 67 14.04 17.48 -4.87
N CYS E 68 13.10 16.61 -5.22
CA CYS E 68 13.30 15.17 -5.06
C CYS E 68 14.36 14.63 -6.00
N ARG E 69 14.32 15.04 -7.26
CA ARG E 69 15.24 14.56 -8.28
C ARG E 69 14.98 13.08 -8.55
N LEU E 70 13.73 12.67 -8.31
CA LEU E 70 13.35 11.27 -8.43
C LEU E 70 12.54 11.01 -9.69
N CYS E 71 12.15 12.07 -10.38
CA CYS E 71 11.37 11.96 -11.60
C CYS E 71 12.26 12.21 -12.81
N MET E 72 13.50 11.77 -12.73
CA MET E 72 14.46 11.97 -13.80
C MET E 72 14.18 11.03 -14.96
N VAL E 73 14.29 11.56 -16.18
CA VAL E 73 14.01 10.79 -17.38
C VAL E 73 15.01 11.16 -18.47
N GLU E 74 15.43 10.16 -19.24
CA GLU E 74 16.38 10.37 -20.32
C GLU E 74 15.65 10.78 -21.59
N ILE E 75 15.98 11.98 -22.08
CA ILE E 75 15.33 12.52 -23.26
C ILE E 75 16.33 12.63 -24.40
N GLU E 76 15.90 12.26 -25.60
CA GLU E 76 16.74 12.38 -26.79
C GLU E 76 16.90 13.85 -27.17
N GLY E 77 18.15 14.29 -27.25
CA GLY E 77 18.46 15.67 -27.60
C GLY E 77 18.76 16.54 -26.39
N MET E 78 18.58 15.98 -25.20
CA MET E 78 18.89 16.69 -23.96
C MET E 78 20.02 15.98 -23.23
N ARG E 79 20.99 16.75 -22.78
CA ARG E 79 22.15 16.20 -22.08
C ARG E 79 21.80 15.87 -20.64
N GLY E 80 22.19 14.68 -20.20
CA GLY E 80 21.95 14.25 -18.83
C GLY E 80 20.55 13.75 -18.57
N THR E 81 20.21 13.64 -17.29
CA THR E 81 18.90 13.15 -16.88
C THR E 81 18.05 14.28 -16.29
N PRO E 82 17.28 14.97 -17.15
CA PRO E 82 16.44 16.08 -16.67
C PRO E 82 15.16 15.61 -15.99
N THR E 83 14.61 16.46 -15.14
CA THR E 83 13.40 16.12 -14.40
C THR E 83 12.15 16.38 -15.22
N SER E 84 11.21 15.45 -15.15
CA SER E 84 9.97 15.55 -15.90
C SER E 84 9.06 16.64 -15.34
N CYS E 85 9.08 16.80 -14.02
CA CYS E 85 8.24 17.78 -13.35
C CYS E 85 8.53 19.19 -13.84
N THR E 86 9.80 19.48 -14.08
CA THR E 86 10.23 20.79 -14.52
C THR E 86 10.62 20.80 -15.99
N THR E 87 10.13 19.81 -16.73
CA THR E 87 10.44 19.69 -18.15
C THR E 87 9.17 19.79 -18.99
N PRO E 88 8.97 20.94 -19.67
CA PRO E 88 7.79 21.08 -20.52
C PRO E 88 7.90 20.28 -21.81
N VAL E 89 6.79 19.68 -22.24
CA VAL E 89 6.78 18.83 -23.42
C VAL E 89 7.07 19.62 -24.68
N ALA E 90 7.64 18.95 -25.66
CA ALA E 90 7.87 19.53 -26.98
C ALA E 90 7.46 18.55 -28.06
N PRO E 91 7.00 19.05 -29.21
CA PRO E 91 6.52 18.17 -30.28
C PRO E 91 7.56 17.17 -30.77
N GLY E 92 7.17 15.89 -30.86
CA GLY E 92 8.04 14.87 -31.40
C GLY E 92 9.07 14.35 -30.42
N MET E 93 9.00 14.84 -29.19
CA MET E 93 9.96 14.45 -28.16
C MET E 93 9.80 12.98 -27.79
N ARG E 94 10.90 12.24 -27.86
CA ARG E 94 10.92 10.84 -27.47
C ARG E 94 11.66 10.68 -26.15
N VAL E 95 10.93 10.28 -25.11
CA VAL E 95 11.50 10.19 -23.78
C VAL E 95 11.55 8.75 -23.30
N HIS E 96 12.53 8.43 -22.48
CA HIS E 96 12.70 7.10 -21.93
C HIS E 96 12.61 7.13 -20.41
N THR E 97 11.53 6.57 -19.90
CA THR E 97 11.21 6.65 -18.47
C THR E 97 12.16 5.86 -17.59
N GLN E 98 12.45 4.62 -17.98
CA GLN E 98 13.22 3.72 -17.13
C GLN E 98 14.39 3.06 -17.85
N THR E 99 15.53 3.75 -17.85
CA THR E 99 16.78 3.17 -18.29
C THR E 99 17.55 2.66 -17.07
N PRO E 100 18.60 1.86 -17.28
CA PRO E 100 19.38 1.33 -16.16
C PRO E 100 20.00 2.41 -15.29
N GLN E 101 20.56 3.40 -15.95
CA GLN E 101 21.24 4.51 -15.29
C GLN E 101 20.27 5.22 -14.36
N LEU E 102 19.04 5.40 -14.82
CA LEU E 102 18.03 6.10 -14.06
C LEU E 102 17.60 5.26 -12.86
N GLN E 103 17.50 3.96 -13.05
CA GLN E 103 17.22 3.05 -11.94
C GLN E 103 18.26 3.28 -10.86
N LYS E 104 19.52 3.26 -11.26
CA LYS E 104 20.64 3.41 -10.33
C LYS E 104 20.57 4.75 -9.59
N LEU E 105 20.32 5.82 -10.33
CA LEU E 105 20.29 7.16 -9.76
C LEU E 105 19.14 7.32 -8.75
N ARG E 106 17.97 6.81 -9.12
CA ARG E 106 16.82 6.89 -8.23
C ARG E 106 17.06 6.07 -6.97
N ARG E 107 17.70 4.91 -7.13
CA ARG E 107 18.08 4.11 -5.97
C ARG E 107 18.96 4.93 -5.05
N GLY E 108 19.96 5.59 -5.62
CA GLY E 108 20.87 6.42 -4.85
C GLY E 108 20.18 7.53 -4.08
N VAL E 109 19.25 8.20 -4.75
CA VAL E 109 18.52 9.29 -4.13
C VAL E 109 17.66 8.79 -2.98
N MET E 110 16.96 7.68 -3.17
CA MET E 110 16.16 7.11 -2.08
C MET E 110 17.05 6.66 -0.94
N GLU E 111 18.25 6.20 -1.27
CA GLU E 111 19.23 5.84 -0.28
C GLU E 111 19.56 7.03 0.59
N LEU E 112 19.82 8.16 -0.06
CA LEU E 112 20.15 9.39 0.66
C LEU E 112 18.99 9.86 1.53
N TYR E 113 17.77 9.66 1.03
CA TYR E 113 16.59 9.97 1.82
C TYR E 113 16.60 9.17 3.10
N ILE E 114 16.47 7.86 2.92
CA ILE E 114 16.27 6.91 4.01
C ILE E 114 17.45 6.86 4.97
N SER E 115 18.61 7.34 4.54
CA SER E 115 19.74 7.48 5.44
C SER E 115 19.43 8.43 6.59
N ASP E 116 18.45 9.31 6.37
CA ASP E 116 18.07 10.31 7.37
C ASP E 116 16.62 10.13 7.80
N HIS E 117 16.09 8.93 7.64
CA HIS E 117 14.71 8.64 7.99
C HIS E 117 14.61 7.48 8.96
N PRO E 118 13.72 7.58 9.96
CA PRO E 118 13.54 6.47 10.90
C PRO E 118 12.81 5.30 10.27
N LEU E 119 13.22 4.09 10.63
CA LEU E 119 12.54 2.90 10.18
C LEU E 119 11.39 2.58 11.11
N ASP E 120 10.47 3.52 11.25
CA ASP E 120 9.31 3.35 12.11
C ASP E 120 8.13 2.83 11.31
N CYS E 121 8.38 2.50 10.05
CA CYS E 121 7.38 1.82 9.25
C CYS E 121 6.91 0.64 10.06
N LEU E 122 5.63 0.29 9.90
CA LEU E 122 5.00 -0.80 10.64
C LEU E 122 4.57 -0.40 12.03
N THR E 123 5.00 0.79 12.47
CA THR E 123 4.47 1.37 13.70
C THR E 123 4.30 2.88 13.55
N CYS E 124 4.00 3.31 12.32
CA CYS E 124 3.78 4.73 12.04
C CYS E 124 2.34 4.93 11.58
N ALA E 125 1.86 6.17 11.71
CA ALA E 125 0.48 6.49 11.40
C ALA E 125 0.18 6.35 9.92
N ALA E 126 1.10 6.81 9.08
CA ALA E 126 0.88 6.79 7.64
C ALA E 126 1.47 5.55 7.00
N ASN E 127 1.03 4.38 7.43
CA ASN E 127 1.46 3.14 6.81
C ASN E 127 0.43 2.73 5.78
N GLY E 128 0.85 2.73 4.52
CA GLY E 128 -0.06 2.43 3.42
C GLY E 128 -0.58 3.69 2.77
N ASP E 129 -0.39 4.82 3.43
CA ASP E 129 -0.78 6.11 2.89
C ASP E 129 0.41 7.08 2.86
N CYS E 130 1.61 6.52 2.81
CA CYS E 130 2.83 7.31 2.75
C CYS E 130 3.43 7.26 1.35
N GLU E 131 3.81 8.43 0.83
CA GLU E 131 4.32 8.53 -0.52
C GLU E 131 5.83 8.35 -0.57
N LEU E 132 6.47 8.26 0.59
CA LEU E 132 7.90 7.99 0.64
C LEU E 132 8.13 6.49 0.62
N GLN E 133 7.19 5.76 1.19
CA GLN E 133 7.34 4.32 1.35
C GLN E 133 7.11 3.61 0.02
N ASP E 134 6.09 4.04 -0.70
CA ASP E 134 5.77 3.45 -1.99
C ASP E 134 6.77 3.86 -3.06
N MET E 135 7.33 5.06 -2.94
CA MET E 135 8.35 5.51 -3.89
C MET E 135 9.74 5.03 -3.48
N ALA E 136 9.84 4.42 -2.29
CA ALA E 136 11.07 3.78 -1.88
C ALA E 136 11.03 2.30 -2.25
N GLY E 137 9.83 1.75 -2.29
CA GLY E 137 9.64 0.39 -2.75
C GLY E 137 9.54 0.31 -4.27
N ALA E 138 9.01 1.37 -4.86
CA ALA E 138 8.84 1.43 -6.31
C ALA E 138 10.17 1.35 -7.03
N VAL E 139 11.10 2.21 -6.63
CA VAL E 139 12.41 2.25 -7.27
C VAL E 139 13.20 0.97 -6.98
N GLY E 140 12.88 0.33 -5.86
CA GLY E 140 13.57 -0.89 -5.49
C GLY E 140 14.83 -0.71 -4.67
N LEU E 141 14.72 -0.02 -3.54
CA LEU E 141 15.83 0.13 -2.61
C LEU E 141 15.97 -1.14 -1.79
N ARG E 142 17.18 -1.69 -1.72
CA ARG E 142 17.42 -2.93 -1.02
C ARG E 142 18.49 -2.79 0.07
N GLU E 143 19.22 -1.69 0.07
CA GLU E 143 20.25 -1.48 1.07
C GLU E 143 20.62 -0.01 1.24
N VAL E 144 20.97 0.35 2.46
CA VAL E 144 21.48 1.68 2.77
C VAL E 144 22.90 1.55 3.30
N ARG E 145 23.85 2.10 2.57
CA ARG E 145 25.27 1.90 2.87
C ARG E 145 25.86 3.03 3.69
N TYR E 146 25.04 4.03 4.01
CA TYR E 146 25.50 5.19 4.75
C TYR E 146 25.27 5.02 6.25
N GLN E 147 26.35 4.71 6.97
CA GLN E 147 26.29 4.65 8.43
C GLN E 147 26.23 6.07 8.98
N ALA E 148 25.02 6.58 9.13
CA ALA E 148 24.82 7.99 9.48
C ALA E 148 25.05 8.27 10.96
N LYS E 149 25.78 9.35 11.22
CA LYS E 149 26.01 9.85 12.57
C LYS E 149 25.20 11.11 12.81
N ASP E 150 25.02 11.88 11.74
CA ASP E 150 24.25 13.12 11.79
C ASP E 150 22.83 12.85 11.31
N THR E 151 21.89 12.80 12.24
CA THR E 151 20.50 12.51 11.93
C THR E 151 19.55 13.39 12.73
N HIS E 152 18.36 13.59 12.19
CA HIS E 152 17.36 14.45 12.82
C HIS E 152 16.45 13.69 13.78
N PHE E 153 16.31 12.38 13.55
CA PHE E 153 15.33 11.60 14.31
C PHE E 153 15.91 11.03 15.60
N ALA E 154 17.18 10.68 15.59
CA ALA E 154 17.83 10.09 16.76
C ALA E 154 17.70 11.01 17.96
N ARG E 155 16.99 10.54 18.97
CA ARG E 155 16.78 11.29 20.20
C ARG E 155 18.10 11.50 20.93
N ARG E 156 18.88 10.43 21.04
CA ARG E 156 20.17 10.48 21.70
C ARG E 156 21.28 10.11 20.73
N ASP E 157 22.20 11.04 20.50
CA ASP E 157 23.34 10.79 19.65
C ASP E 157 24.51 10.33 20.49
N ALA E 158 25.63 10.03 19.84
CA ALA E 158 26.85 9.69 20.55
C ALA E 158 27.25 10.82 21.49
N THR E 159 27.57 10.47 22.72
CA THR E 159 28.05 11.44 23.72
C THR E 159 26.89 12.26 24.32
N GLY E 160 25.67 12.03 23.85
CA GLY E 160 24.52 12.72 24.40
C GLY E 160 23.44 13.12 23.41
N PRO E 161 22.51 13.99 23.86
CA PRO E 161 21.38 14.47 23.07
C PRO E 161 21.73 14.97 21.68
N ASN E 162 20.83 14.75 20.72
CA ASN E 162 20.99 15.27 19.38
C ASN E 162 20.49 16.71 19.31
N PRO E 163 21.36 17.67 18.93
CA PRO E 163 20.88 19.04 18.86
C PRO E 163 19.87 19.28 17.74
N ARG E 164 19.89 18.40 16.74
CA ARG E 164 19.00 18.52 15.60
C ARG E 164 17.58 18.09 15.94
N TYR E 165 17.46 17.16 16.88
CA TYR E 165 16.16 16.60 17.24
C TYR E 165 15.22 17.68 17.74
N ILE E 166 14.03 17.71 17.16
CA ILE E 166 13.00 18.65 17.54
C ILE E 166 11.81 17.87 18.09
N PRO E 167 11.41 18.13 19.33
CA PRO E 167 10.31 17.34 19.91
C PRO E 167 8.98 17.56 19.21
N LYS E 168 8.15 16.52 19.21
CA LYS E 168 6.85 16.56 18.56
C LYS E 168 6.00 17.73 19.03
N ASP E 169 5.06 18.14 18.18
CA ASP E 169 4.16 19.24 18.49
C ASP E 169 2.71 18.80 18.35
N ASN E 170 2.02 18.66 19.49
CA ASN E 170 0.64 18.23 19.50
C ASN E 170 -0.28 19.34 19.99
N SER E 171 0.14 20.58 19.79
CA SER E 171 -0.62 21.74 20.25
C SER E 171 -1.98 21.81 19.60
N ASN E 172 -2.01 21.60 18.29
CA ASN E 172 -3.26 21.64 17.55
C ASN E 172 -4.02 20.34 17.76
N PRO E 173 -5.29 20.43 18.22
CA PRO E 173 -6.05 19.22 18.54
C PRO E 173 -6.40 18.35 17.35
N TYR E 174 -6.04 18.77 16.15
CA TYR E 174 -6.46 18.08 14.94
C TYR E 174 -5.31 17.44 14.17
N PHE E 175 -4.13 18.02 14.23
CA PHE E 175 -2.97 17.41 13.60
C PHE E 175 -1.68 17.66 14.37
N SER E 176 -0.70 16.80 14.12
CA SER E 176 0.57 16.82 14.83
C SER E 176 1.75 16.87 13.88
N TYR E 177 2.81 17.53 14.32
CA TYR E 177 4.00 17.78 13.50
C TYR E 177 5.24 17.09 14.08
N ASP E 178 5.58 15.94 13.52
CA ASP E 178 6.80 15.22 13.91
C ASP E 178 7.89 15.40 12.86
N PRO E 179 8.80 16.37 13.08
CA PRO E 179 9.81 16.69 12.06
C PRO E 179 10.87 15.61 11.88
N ALA E 180 10.92 14.66 12.81
CA ALA E 180 11.91 13.59 12.76
C ALA E 180 11.81 12.81 11.46
N LYS E 181 10.64 12.87 10.83
CA LYS E 181 10.36 12.12 9.62
C LYS E 181 10.24 13.03 8.40
N CYS E 182 10.62 14.29 8.55
CA CYS E 182 10.45 15.25 7.48
C CYS E 182 11.42 15.01 6.34
N ILE E 183 10.87 14.93 5.14
CA ILE E 183 11.65 15.04 3.92
C ILE E 183 11.36 16.43 3.40
N VAL E 184 12.37 17.28 3.46
CA VAL E 184 12.22 18.73 3.36
C VAL E 184 11.40 19.23 2.17
N CYS E 185 10.98 18.35 1.27
CA CYS E 185 10.38 18.70 -0.02
C CYS E 185 9.51 19.97 -0.08
N MET E 186 9.00 20.44 1.05
CA MET E 186 8.25 21.69 1.11
C MET E 186 6.89 21.67 0.40
N ARG E 187 6.22 20.52 0.39
CA ARG E 187 4.87 20.45 -0.13
C ARG E 187 3.87 21.02 0.88
N CYS E 188 4.35 21.25 2.10
CA CYS E 188 3.58 21.90 3.14
C CYS E 188 3.63 23.41 2.97
N VAL E 189 4.84 23.92 2.82
CA VAL E 189 5.08 25.32 2.57
C VAL E 189 4.36 25.76 1.30
N ARG E 190 4.60 25.01 0.23
CA ARG E 190 4.05 25.32 -1.08
C ARG E 190 2.52 25.37 -1.05
N ALA E 191 1.92 24.44 -0.32
CA ALA E 191 0.47 24.36 -0.24
C ALA E 191 -0.10 25.48 0.60
N CYS E 192 0.49 25.72 1.76
CA CYS E 192 0.03 26.78 2.64
C CYS E 192 0.16 28.13 1.96
N GLU E 193 1.15 28.29 1.09
CA GLU E 193 1.40 29.58 0.47
C GLU E 193 0.60 29.77 -0.82
N GLU E 194 0.47 28.72 -1.63
CA GLU E 194 -0.14 28.82 -2.94
C GLU E 194 -1.65 28.57 -2.92
N VAL E 195 -2.08 27.64 -2.08
CA VAL E 195 -3.46 27.21 -2.06
C VAL E 195 -4.29 27.98 -1.04
N GLN E 196 -3.96 27.83 0.24
CA GLN E 196 -4.68 28.51 1.30
C GLN E 196 -4.48 30.02 1.23
N GLY E 197 -3.23 30.44 1.10
CA GLY E 197 -2.92 31.85 0.97
C GLY E 197 -2.49 32.53 2.25
N THR E 198 -2.41 31.76 3.33
CA THR E 198 -1.89 32.27 4.60
C THR E 198 -0.48 31.72 4.81
N PHE E 199 0.51 32.59 4.70
CA PHE E 199 1.90 32.16 4.71
C PHE E 199 2.37 31.99 6.15
N ALA E 200 2.03 30.85 6.74
CA ALA E 200 2.32 30.59 8.15
C ALA E 200 3.44 29.57 8.32
N LEU E 201 3.92 29.03 7.21
CA LEU E 201 4.96 28.02 7.25
C LEU E 201 6.15 28.48 6.44
N THR E 202 7.35 28.19 6.95
CA THR E 202 8.57 28.52 6.22
C THR E 202 9.63 27.47 6.47
N VAL E 203 10.76 27.61 5.78
CA VAL E 203 11.89 26.73 5.97
C VAL E 203 12.98 27.45 6.75
N MET E 204 13.05 27.19 8.05
CA MET E 204 14.06 27.82 8.88
C MET E 204 15.35 27.05 8.77
N GLY E 205 16.39 27.73 8.29
CA GLY E 205 17.71 27.13 8.18
C GLY E 205 18.19 27.05 6.76
N ARG E 206 19.46 26.68 6.60
CA ARG E 206 20.06 26.57 5.28
C ARG E 206 20.76 25.23 5.11
N GLY E 207 20.18 24.36 4.28
CA GLY E 207 20.78 23.09 3.99
C GLY E 207 20.22 21.96 4.82
N PHE E 208 21.09 21.02 5.17
CA PHE E 208 20.72 19.87 5.98
C PHE E 208 20.03 20.33 7.26
N ASP E 209 20.42 21.49 7.75
CA ASP E 209 19.86 22.07 8.96
C ASP E 209 18.47 22.64 8.71
N ALA E 210 18.05 22.66 7.45
CA ALA E 210 16.76 23.23 7.09
C ALA E 210 15.63 22.42 7.69
N ARG E 211 14.75 23.09 8.43
CA ARG E 211 13.60 22.44 9.01
C ARG E 211 12.35 23.27 8.77
N ILE E 212 11.25 22.61 8.44
CA ILE E 212 9.98 23.29 8.31
C ILE E 212 9.62 23.84 9.66
N SER E 213 9.01 25.02 9.67
CA SER E 213 8.61 25.63 10.93
C SER E 213 7.73 26.86 10.71
N PRO E 214 6.75 27.07 11.60
CA PRO E 214 6.08 28.35 11.69
C PRO E 214 6.83 29.27 12.66
N ALA E 215 6.77 30.57 12.45
CA ALA E 215 7.48 31.49 13.32
C ALA E 215 6.79 31.59 14.68
N ALA E 216 6.82 30.50 15.43
CA ALA E 216 6.21 30.44 16.74
C ALA E 216 6.54 29.13 17.42
N PRO E 217 6.35 29.05 18.75
CA PRO E 217 6.65 27.82 19.48
C PRO E 217 5.86 26.63 18.98
N ASP E 218 4.56 26.83 18.74
CA ASP E 218 3.68 25.76 18.28
C ASP E 218 2.71 26.28 17.23
N PHE E 219 2.16 25.35 16.45
CA PHE E 219 1.25 25.69 15.36
C PHE E 219 0.11 26.58 15.81
N LEU E 220 -0.43 26.29 16.99
CA LEU E 220 -1.61 26.97 17.49
C LEU E 220 -1.36 28.46 17.70
N SER E 221 -0.18 28.79 18.21
CA SER E 221 0.16 30.18 18.52
C SER E 221 0.50 30.98 17.26
N SER E 222 0.68 30.27 16.15
CA SER E 222 1.08 30.89 14.90
C SER E 222 -0.08 31.55 14.18
N ASP E 223 0.13 31.84 12.89
CA ASP E 223 -0.93 32.30 11.95
C ASP E 223 -1.48 31.11 11.15
N CYS E 224 -1.83 30.01 11.82
CA CYS E 224 -2.42 28.82 11.15
C CYS E 224 -3.91 28.80 11.48
N VAL E 225 -4.75 28.63 10.45
CA VAL E 225 -6.24 28.62 10.63
C VAL E 225 -6.74 27.17 10.66
N SER E 226 -5.86 26.17 10.66
CA SER E 226 -6.21 24.73 10.73
C SER E 226 -6.86 24.12 9.49
N CYS E 227 -6.61 24.67 8.29
CA CYS E 227 -7.27 24.17 7.05
C CYS E 227 -6.85 22.75 6.67
N GLY E 228 -5.72 22.24 7.16
CA GLY E 228 -5.21 20.91 6.78
C GLY E 228 -4.87 20.75 5.30
N ALA E 229 -4.15 21.69 4.70
CA ALA E 229 -3.70 21.57 3.29
C ALA E 229 -2.25 21.07 3.26
N CYS E 230 -1.52 21.31 4.35
CA CYS E 230 -0.21 20.78 4.66
C CYS E 230 -0.31 19.33 5.10
N VAL E 231 -1.33 19.05 5.89
CA VAL E 231 -1.59 17.71 6.40
C VAL E 231 -2.11 16.81 5.29
N GLN E 232 -2.65 17.41 4.25
CA GLN E 232 -3.18 16.69 3.11
C GLN E 232 -2.08 16.43 2.10
N ALA E 233 -1.10 17.33 2.07
CA ALA E 233 -0.04 17.29 1.07
C ALA E 233 1.27 16.74 1.62
N CYS E 234 1.31 16.45 2.91
CA CYS E 234 2.50 15.87 3.51
C CYS E 234 2.54 14.36 3.27
N PRO E 235 3.53 13.90 2.48
CA PRO E 235 3.62 12.48 2.16
C PRO E 235 4.09 11.58 3.30
N THR E 236 4.92 12.10 4.19
CA THR E 236 5.66 11.25 5.12
C THR E 236 5.27 11.39 6.58
N ALA E 237 3.99 11.51 6.86
CA ALA E 237 3.48 11.39 8.22
C ALA E 237 4.07 12.41 9.20
N THR E 238 4.82 13.37 8.69
CA THR E 238 5.36 14.42 9.52
C THR E 238 4.22 15.25 10.07
N LEU E 239 3.40 15.76 9.16
CA LEU E 239 2.17 16.44 9.52
C LEU E 239 1.04 15.45 9.34
N VAL E 240 0.47 14.99 10.44
CA VAL E 240 -0.51 13.92 10.39
C VAL E 240 -1.73 14.18 11.26
N GLU E 241 -2.90 13.82 10.76
CA GLU E 241 -4.13 13.91 11.51
C GLU E 241 -4.04 13.00 12.74
N LYS E 242 -4.59 13.46 13.86
CA LYS E 242 -4.55 12.70 15.09
C LYS E 242 -5.53 11.53 15.04
N SER E 243 -6.59 11.70 14.28
CA SER E 243 -7.60 10.66 14.12
C SER E 243 -7.02 9.44 13.41
N VAL E 244 -5.89 9.61 12.75
CA VAL E 244 -5.22 8.52 12.07
C VAL E 244 -4.19 7.88 13.00
N GLU E 245 -3.84 8.59 14.06
CA GLU E 245 -2.96 8.04 15.09
C GLU E 245 -3.78 7.20 16.05
N ARG E 246 -4.87 7.76 16.54
CA ARG E 246 -5.75 7.05 17.46
C ARG E 246 -6.34 5.82 16.78
N ILE E 247 -6.85 6.03 15.57
CA ILE E 247 -7.48 4.97 14.80
C ILE E 247 -6.50 4.52 13.72
N GLY E 248 -6.77 3.38 13.09
CA GLY E 248 -5.91 2.88 12.03
C GLY E 248 -6.13 3.58 10.72
N THR E 249 -5.23 3.36 9.76
CA THR E 249 -5.36 3.99 8.46
C THR E 249 -6.59 3.44 7.75
N PRO E 250 -7.40 4.33 7.16
CA PRO E 250 -8.69 3.96 6.58
C PRO E 250 -8.60 3.15 5.29
N GLU E 251 -9.66 2.41 4.99
CA GLU E 251 -9.66 1.53 3.84
C GLU E 251 -10.49 2.07 2.68
N ARG E 252 -11.73 2.46 2.93
CA ARG E 252 -12.62 2.89 1.85
C ARG E 252 -12.84 4.39 1.85
N LYS E 253 -13.47 4.90 0.79
CA LYS E 253 -13.72 6.33 0.65
C LYS E 253 -15.14 6.57 0.15
N VAL E 254 -15.78 7.62 0.68
CA VAL E 254 -17.12 7.96 0.25
C VAL E 254 -17.29 9.46 0.06
N VAL E 255 -17.86 9.86 -1.08
CA VAL E 255 -17.99 11.27 -1.41
C VAL E 255 -19.24 11.89 -0.80
N THR E 256 -19.02 12.87 0.07
CA THR E 256 -20.10 13.64 0.67
C THR E 256 -19.76 15.12 0.55
N THR E 257 -20.53 15.97 1.24
CA THR E 257 -20.24 17.40 1.23
C THR E 257 -20.37 18.00 2.61
N CYS E 258 -19.83 19.20 2.77
CA CYS E 258 -19.83 19.90 4.05
C CYS E 258 -21.22 20.43 4.38
N ALA E 259 -21.53 20.47 5.67
CA ALA E 259 -22.80 20.95 6.16
C ALA E 259 -22.67 22.38 6.65
N TYR E 260 -21.85 23.16 5.94
CA TYR E 260 -21.56 24.53 6.34
C TYR E 260 -21.36 25.45 5.14
N CYS E 261 -21.55 26.74 5.36
CA CYS E 261 -20.94 27.80 4.55
C CYS E 261 -21.48 27.97 3.13
N GLY E 262 -22.27 27.02 2.65
CA GLY E 262 -22.89 27.16 1.36
C GLY E 262 -21.94 27.23 0.18
N VAL E 263 -20.68 26.85 0.41
CA VAL E 263 -19.72 26.76 -0.68
C VAL E 263 -19.77 25.35 -1.25
N GLY E 264 -20.21 24.40 -0.43
CA GLY E 264 -20.38 23.04 -0.87
C GLY E 264 -19.08 22.34 -1.20
N CYS E 265 -18.10 22.49 -0.33
CA CYS E 265 -16.83 21.80 -0.50
C CYS E 265 -17.07 20.30 -0.48
N SER E 266 -16.72 19.65 -1.58
CA SER E 266 -16.95 18.21 -1.72
C SER E 266 -15.82 17.40 -1.09
N PHE E 267 -16.16 16.65 -0.06
CA PHE E 267 -15.20 15.87 0.68
C PHE E 267 -15.33 14.39 0.34
N GLU E 268 -14.28 13.64 0.64
CA GLU E 268 -14.37 12.20 0.69
C GLU E 268 -13.98 11.80 2.10
N ALA E 269 -14.93 11.14 2.76
CA ALA E 269 -14.72 10.58 4.07
C ALA E 269 -14.00 9.26 3.92
N HIS E 270 -12.84 9.17 4.56
CA HIS E 270 -12.08 7.93 4.58
C HIS E 270 -12.56 7.11 5.76
N MET E 271 -13.03 5.90 5.46
CA MET E 271 -13.72 5.09 6.45
C MET E 271 -13.04 3.73 6.66
N LEU E 272 -13.00 3.33 7.91
CA LEU E 272 -12.48 2.04 8.32
C LEU E 272 -13.61 1.25 8.97
N GLY E 273 -14.41 0.57 8.15
CA GLY E 273 -15.62 -0.06 8.64
C GLY E 273 -16.78 0.92 8.62
N ASP E 274 -17.16 1.39 9.81
CA ASP E 274 -18.20 2.39 9.95
C ASP E 274 -17.67 3.58 10.75
N GLN E 275 -16.43 3.44 11.23
CA GLN E 275 -15.82 4.46 12.06
C GLN E 275 -15.12 5.50 11.20
N LEU E 276 -15.65 6.72 11.21
CA LEU E 276 -15.10 7.80 10.41
C LEU E 276 -13.72 8.19 10.93
N VAL E 277 -12.70 7.91 10.12
CA VAL E 277 -11.33 8.19 10.50
C VAL E 277 -11.00 9.64 10.22
N ARG E 278 -11.30 10.09 9.00
CA ARG E 278 -11.00 11.45 8.61
C ARG E 278 -11.79 11.88 7.38
N MET E 279 -11.71 13.17 7.06
CA MET E 279 -12.35 13.73 5.89
C MET E 279 -11.32 14.50 5.09
N VAL E 280 -11.18 14.20 3.81
CA VAL E 280 -10.19 14.87 2.98
C VAL E 280 -10.85 15.30 1.67
N PRO E 281 -10.57 16.52 1.20
CA PRO E 281 -11.17 16.93 -0.07
C PRO E 281 -10.95 15.94 -1.21
N TRP E 282 -11.75 16.09 -2.26
CA TRP E 282 -11.87 15.06 -3.29
C TRP E 282 -11.15 15.44 -4.59
N LYS E 283 -10.80 16.71 -4.71
CA LYS E 283 -10.25 17.23 -5.96
C LYS E 283 -11.36 17.27 -7.00
N GLY E 284 -12.57 17.47 -6.52
CA GLY E 284 -13.73 17.51 -7.37
C GLY E 284 -14.71 18.56 -6.87
N GLY E 285 -15.62 18.97 -7.74
CA GLY E 285 -16.52 20.05 -7.41
C GLY E 285 -15.82 21.35 -7.72
N ALA E 286 -16.46 22.20 -8.49
CA ALA E 286 -15.85 23.47 -8.87
C ALA E 286 -15.87 24.44 -7.71
N ALA E 287 -16.46 24.01 -6.59
CA ALA E 287 -16.51 24.83 -5.38
C ALA E 287 -15.18 24.77 -4.66
N ASN E 288 -14.62 23.57 -4.56
CA ASN E 288 -13.31 23.39 -3.97
C ASN E 288 -12.51 22.38 -4.78
N ARG E 289 -11.36 22.80 -5.28
CA ARG E 289 -10.53 21.93 -6.09
C ARG E 289 -9.47 21.25 -5.23
N GLY E 290 -9.92 20.61 -4.14
CA GLY E 290 -9.03 19.90 -3.26
C GLY E 290 -8.60 20.71 -2.06
N HIS E 291 -9.46 21.62 -1.62
CA HIS E 291 -9.16 22.47 -0.48
C HIS E 291 -10.36 22.59 0.44
N SER E 292 -10.11 23.02 1.69
CA SER E 292 -11.13 23.08 2.72
C SER E 292 -10.75 24.05 3.82
N CYS E 293 -11.43 23.94 4.95
CA CYS E 293 -11.11 24.73 6.14
C CYS E 293 -11.23 23.89 7.39
N VAL E 294 -11.14 24.54 8.55
CA VAL E 294 -11.12 23.83 9.83
C VAL E 294 -12.38 23.02 10.03
N LYS E 295 -13.53 23.63 9.75
CA LYS E 295 -14.81 23.06 10.12
C LYS E 295 -15.11 21.77 9.38
N GLY E 296 -15.16 21.83 8.06
CA GLY E 296 -15.48 20.68 7.25
C GLY E 296 -14.41 19.61 7.32
N ARG E 297 -13.16 20.06 7.36
CA ARG E 297 -12.02 19.16 7.36
C ARG E 297 -11.94 18.35 8.66
N PHE E 298 -12.18 19.01 9.78
CA PHE E 298 -11.93 18.41 11.08
C PHE E 298 -13.16 18.33 11.97
N ALA E 299 -13.95 19.39 11.99
CA ALA E 299 -15.11 19.45 12.88
C ALA E 299 -16.25 18.60 12.36
N TYR E 300 -16.22 17.32 12.71
CA TYR E 300 -17.27 16.38 12.36
C TYR E 300 -17.53 15.47 13.55
N GLY E 301 -17.09 15.91 14.73
CA GLY E 301 -17.19 15.11 15.93
C GLY E 301 -18.45 15.37 16.74
N TYR E 302 -19.30 16.26 16.23
CA TYR E 302 -20.59 16.50 16.85
C TYR E 302 -21.51 15.31 16.64
N ALA E 303 -21.26 14.55 15.58
CA ALA E 303 -22.05 13.38 15.27
C ALA E 303 -21.76 12.26 16.26
N THR E 304 -20.59 12.32 16.87
CA THR E 304 -20.15 11.29 17.82
C THR E 304 -20.08 11.86 19.22
N HIS E 305 -20.94 12.82 19.52
CA HIS E 305 -20.96 13.46 20.83
C HIS E 305 -21.96 12.79 21.76
N GLN E 306 -21.67 12.82 23.05
CA GLN E 306 -22.52 12.17 24.04
C GLN E 306 -23.81 12.95 24.29
N ASP E 307 -23.75 14.27 24.06
CA ASP E 307 -24.90 15.14 24.29
C ASP E 307 -25.99 14.92 23.25
N ARG E 308 -25.67 14.22 22.17
CA ARG E 308 -26.63 13.98 21.11
C ARG E 308 -27.82 13.19 21.64
N ILE E 309 -29.01 13.60 21.24
CA ILE E 309 -30.25 12.96 21.67
C ILE E 309 -30.69 11.96 20.62
N LEU E 310 -31.06 10.77 21.05
CA LEU E 310 -31.25 9.65 20.14
C LEU E 310 -32.63 9.01 20.23
N LYS E 311 -33.45 9.48 21.16
CA LYS E 311 -34.80 8.96 21.32
C LYS E 311 -35.83 10.09 21.42
N PRO E 312 -37.03 9.88 20.86
CA PRO E 312 -38.06 10.92 20.99
C PRO E 312 -38.39 11.25 22.42
N MET E 313 -38.92 12.45 22.65
CA MET E 313 -39.22 12.92 23.99
C MET E 313 -40.48 13.77 23.97
N ILE E 314 -41.43 13.45 24.84
CA ILE E 314 -42.67 14.21 24.94
C ILE E 314 -42.79 14.78 26.36
N ARG E 315 -43.36 15.98 26.44
CA ARG E 315 -43.29 16.77 27.67
C ARG E 315 -44.66 17.09 28.25
N ASP E 316 -45.54 17.61 27.39
CA ASP E 316 -46.90 18.03 27.75
C ASP E 316 -46.92 19.35 28.54
N LYS E 317 -45.76 19.82 28.98
CA LYS E 317 -45.65 21.14 29.61
C LYS E 317 -44.19 21.52 29.82
N ILE E 318 -43.81 22.72 29.39
CA ILE E 318 -42.42 23.15 29.45
C ILE E 318 -41.88 23.10 30.88
N THR E 319 -42.75 23.35 31.85
CA THR E 319 -42.33 23.34 33.25
C THR E 319 -42.07 21.92 33.71
N ASP E 320 -42.75 20.97 33.08
CA ASP E 320 -42.56 19.56 33.40
C ASP E 320 -41.28 19.06 32.75
N PRO E 321 -40.71 17.96 33.27
CA PRO E 321 -39.50 17.37 32.67
C PRO E 321 -39.80 16.53 31.44
N TRP E 322 -38.76 16.18 30.70
CA TRP E 322 -38.92 15.36 29.51
C TRP E 322 -39.31 13.94 29.87
N ARG E 323 -39.52 13.13 28.85
CA ARG E 323 -39.83 11.72 29.02
C ARG E 323 -39.34 10.94 27.82
N GLU E 324 -38.26 10.19 27.99
CA GLU E 324 -37.74 9.35 26.93
C GLU E 324 -38.83 8.37 26.48
N VAL E 325 -39.11 8.36 25.19
CA VAL E 325 -40.27 7.68 24.64
C VAL E 325 -40.00 7.16 23.23
N ASN E 326 -40.68 6.09 22.85
CA ASN E 326 -40.56 5.52 21.52
C ASN E 326 -41.24 6.42 20.48
N TRP E 327 -41.22 5.99 19.23
CA TRP E 327 -41.71 6.81 18.12
C TRP E 327 -43.23 6.86 18.04
N THR E 328 -43.87 5.70 18.16
CA THR E 328 -45.30 5.56 17.91
C THR E 328 -46.14 6.55 18.72
N GLU E 329 -46.06 6.45 20.04
CA GLU E 329 -46.89 7.28 20.90
C GLU E 329 -46.46 8.75 20.84
N ALA E 330 -45.19 9.00 20.52
CA ALA E 330 -44.73 10.36 20.33
C ALA E 330 -45.49 11.00 19.18
N LEU E 331 -45.46 10.33 18.03
CA LEU E 331 -46.17 10.80 16.86
C LEU E 331 -47.67 10.90 17.12
N ASP E 332 -48.19 9.94 17.87
CA ASP E 332 -49.62 9.92 18.20
C ASP E 332 -50.01 11.18 18.97
N PHE E 333 -49.27 11.46 20.04
CA PHE E 333 -49.50 12.63 20.88
C PHE E 333 -49.38 13.91 20.05
N THR E 334 -48.32 13.99 19.26
CA THR E 334 -48.07 15.13 18.40
C THR E 334 -49.26 15.38 17.47
N ALA E 335 -49.65 14.35 16.72
CA ALA E 335 -50.72 14.45 15.75
C ALA E 335 -52.05 14.78 16.41
N THR E 336 -52.28 14.22 17.60
CA THR E 336 -53.50 14.48 18.34
C THR E 336 -53.59 15.96 18.69
N ARG E 337 -52.53 16.49 19.28
CA ARG E 337 -52.50 17.90 19.66
C ARG E 337 -52.66 18.78 18.43
N LEU E 338 -52.01 18.37 17.34
CA LEU E 338 -52.04 19.14 16.11
C LEU E 338 -53.45 19.22 15.56
N ARG E 339 -54.13 18.07 15.49
CA ARG E 339 -55.48 18.02 14.96
C ARG E 339 -56.43 18.81 15.86
N ALA E 340 -56.22 18.74 17.17
CA ALA E 340 -57.03 19.52 18.08
C ALA E 340 -56.90 21.00 17.78
N LEU E 341 -55.66 21.48 17.73
CA LEU E 341 -55.39 22.89 17.51
C LEU E 341 -55.88 23.32 16.13
N ARG E 342 -55.82 22.41 15.17
CA ARG E 342 -56.23 22.67 13.80
C ARG E 342 -57.73 22.86 13.72
N ASP E 343 -58.47 21.95 14.34
CA ASP E 343 -59.92 22.00 14.34
C ASP E 343 -60.43 23.19 15.16
N SER E 344 -59.65 23.59 16.16
CA SER E 344 -60.07 24.68 17.03
C SER E 344 -59.78 26.06 16.43
N HIS E 345 -58.55 26.28 16.00
CA HIS E 345 -58.11 27.61 15.56
C HIS E 345 -57.94 27.72 14.04
N GLY E 346 -58.05 26.60 13.35
CA GLY E 346 -57.91 26.59 11.90
C GLY E 346 -56.53 26.14 11.43
N ALA E 347 -56.43 25.86 10.13
CA ALA E 347 -55.19 25.37 9.54
C ALA E 347 -54.13 26.44 9.50
N ASP E 348 -54.55 27.70 9.56
CA ASP E 348 -53.60 28.82 9.55
C ASP E 348 -53.07 29.09 10.95
N ALA E 349 -53.44 28.26 11.90
CA ALA E 349 -52.91 28.35 13.25
C ALA E 349 -51.69 27.45 13.41
N LEU E 350 -51.23 26.92 12.28
CA LEU E 350 -50.05 26.05 12.27
C LEU E 350 -48.92 26.73 11.54
N GLY E 351 -47.82 26.00 11.36
CA GLY E 351 -46.67 26.53 10.67
C GLY E 351 -45.46 25.63 10.79
N VAL E 352 -44.51 25.79 9.87
CA VAL E 352 -43.28 25.03 9.91
C VAL E 352 -42.12 26.00 9.72
N ILE E 353 -40.93 25.55 10.11
CA ILE E 353 -39.72 26.32 9.89
C ILE E 353 -38.66 25.39 9.35
N THR E 354 -38.56 25.35 8.02
CA THR E 354 -37.64 24.45 7.36
C THR E 354 -36.20 24.79 7.70
N SER E 355 -35.28 23.87 7.41
CA SER E 355 -33.87 24.08 7.69
C SER E 355 -33.04 23.98 6.43
N SER E 356 -32.23 24.99 6.20
CA SER E 356 -31.27 24.97 5.10
C SER E 356 -30.23 23.88 5.36
N ARG E 357 -29.90 23.70 6.63
CA ARG E 357 -28.92 22.70 7.04
C ARG E 357 -29.25 21.33 6.48
N CYS E 358 -30.54 21.07 6.27
CA CYS E 358 -31.00 19.79 5.76
C CYS E 358 -30.96 19.77 4.23
N THR E 359 -31.29 18.62 3.65
CA THR E 359 -31.27 18.46 2.21
C THR E 359 -32.45 19.19 1.59
N ASN E 360 -32.58 19.11 0.27
CA ASN E 360 -33.68 19.77 -0.42
C ASN E 360 -34.87 18.80 -0.52
N GLU E 361 -34.58 17.51 -0.43
CA GLU E 361 -35.64 16.51 -0.40
C GLU E 361 -36.48 16.68 0.86
N GLU E 362 -35.80 16.76 2.00
CA GLU E 362 -36.46 16.96 3.28
C GLU E 362 -37.22 18.27 3.30
N THR E 363 -36.63 19.30 2.69
CA THR E 363 -37.28 20.59 2.60
C THR E 363 -38.57 20.50 1.80
N TYR E 364 -38.53 19.75 0.70
CA TYR E 364 -39.70 19.53 -0.12
C TYR E 364 -40.78 18.79 0.68
N LEU E 365 -40.38 17.75 1.39
CA LEU E 365 -41.31 17.01 2.22
C LEU E 365 -41.95 17.91 3.28
N VAL E 366 -41.16 18.81 3.84
CA VAL E 366 -41.65 19.67 4.90
C VAL E 366 -42.63 20.71 4.37
N GLN E 367 -42.32 21.28 3.21
CA GLN E 367 -43.22 22.28 2.62
C GLN E 367 -44.50 21.59 2.17
N LYS E 368 -44.39 20.31 1.79
CA LYS E 368 -45.58 19.52 1.46
C LYS E 368 -46.42 19.30 2.73
N LEU E 369 -45.74 18.96 3.82
CA LEU E 369 -46.37 18.74 5.10
C LEU E 369 -47.12 19.98 5.55
N ALA E 370 -46.54 21.13 5.26
CA ALA E 370 -47.13 22.40 5.65
C ALA E 370 -48.27 22.81 4.73
N ARG E 371 -48.18 22.41 3.46
CA ARG E 371 -49.16 22.83 2.46
C ARG E 371 -50.24 21.78 2.24
N ALA E 372 -49.82 20.57 1.85
CA ALA E 372 -50.75 19.49 1.56
C ALA E 372 -51.48 19.03 2.82
N VAL E 373 -50.71 18.62 3.83
CA VAL E 373 -51.26 18.02 5.03
C VAL E 373 -51.97 19.04 5.91
N PHE E 374 -51.21 20.02 6.42
CA PHE E 374 -51.76 21.00 7.35
C PHE E 374 -52.85 21.82 6.66
N GLY E 375 -52.57 22.25 5.44
CA GLY E 375 -53.51 23.05 4.68
C GLY E 375 -53.24 24.54 4.85
N THR E 376 -51.97 24.90 4.83
CA THR E 376 -51.57 26.29 5.01
C THR E 376 -50.35 26.66 4.18
N ASN E 377 -50.07 27.95 4.17
CA ASN E 377 -48.94 28.51 3.45
C ASN E 377 -47.95 29.19 4.38
N ASN E 378 -48.10 28.86 5.65
CA ASN E 378 -47.24 29.37 6.69
C ASN E 378 -45.98 28.53 6.86
N THR E 379 -45.05 28.67 5.91
CA THR E 379 -43.74 28.03 6.03
C THR E 379 -42.65 29.08 5.91
N ASP E 380 -41.44 28.75 6.35
CA ASP E 380 -40.34 29.71 6.33
C ASP E 380 -39.00 29.02 6.55
N THR E 381 -37.93 29.81 6.56
CA THR E 381 -36.58 29.26 6.77
C THR E 381 -35.59 30.34 7.21
N CYS E 382 -34.33 29.94 7.35
CA CYS E 382 -33.27 30.85 7.79
C CYS E 382 -33.13 32.02 6.83
N ALA E 383 -33.29 31.71 5.55
CA ALA E 383 -33.53 32.71 4.53
C ALA E 383 -34.86 33.40 4.86
N ARG E 384 -34.77 34.65 5.32
CA ARG E 384 -35.70 35.49 6.07
C ARG E 384 -35.00 36.30 7.14
N VAL E 385 -33.80 35.87 7.50
CA VAL E 385 -32.95 36.67 8.38
C VAL E 385 -31.63 36.96 7.63
N CYS E 386 -31.41 36.21 6.56
CA CYS E 386 -30.22 36.36 5.75
C CYS E 386 -30.50 36.08 4.29
N HIS E 387 -30.15 37.04 3.44
CA HIS E 387 -30.23 36.91 2.00
C HIS E 387 -31.65 36.71 1.45
N SER E 388 -32.64 37.22 2.18
CA SER E 388 -33.98 37.32 1.62
C SER E 388 -34.12 38.57 0.74
N PRO E 389 -33.51 39.71 1.14
CA PRO E 389 -33.58 40.90 0.28
C PRO E 389 -32.95 40.68 -1.08
N THR E 390 -31.95 39.81 -1.12
CA THR E 390 -31.27 39.47 -2.36
C THR E 390 -32.27 38.94 -3.39
N GLY E 391 -33.13 38.03 -2.94
CA GLY E 391 -34.10 37.38 -3.80
C GLY E 391 -35.24 38.29 -4.20
N TYR E 392 -35.27 39.47 -3.60
CA TYR E 392 -36.25 40.49 -3.98
C TYR E 392 -35.62 41.43 -4.99
N GLY E 393 -34.41 41.89 -4.68
CA GLY E 393 -33.71 42.82 -5.55
C GLY E 393 -33.37 42.21 -6.90
N LEU E 394 -32.71 41.06 -6.89
CA LEU E 394 -32.30 40.41 -8.13
C LEU E 394 -33.50 39.84 -8.88
N LYS E 395 -34.67 39.87 -8.24
CA LYS E 395 -35.90 39.44 -8.87
C LYS E 395 -36.55 40.62 -9.56
N GLN E 396 -36.49 41.77 -8.90
CA GLN E 396 -37.05 43.01 -9.41
C GLN E 396 -36.22 43.53 -10.58
N THR E 397 -34.92 43.22 -10.57
CA THR E 397 -34.02 43.70 -11.60
C THR E 397 -33.83 42.69 -12.73
N PHE E 398 -33.33 41.49 -12.40
CA PHE E 398 -33.02 40.49 -13.41
C PHE E 398 -34.19 39.56 -13.67
N GLY E 399 -34.66 38.89 -12.63
CA GLY E 399 -35.74 37.92 -12.75
C GLY E 399 -35.44 36.64 -12.01
N THR E 400 -34.18 36.45 -11.64
CA THR E 400 -33.77 35.30 -10.85
C THR E 400 -33.36 35.72 -9.44
N SER E 401 -33.92 35.04 -8.44
CA SER E 401 -33.55 35.27 -7.06
C SER E 401 -32.39 34.35 -6.68
N ALA E 402 -31.29 34.46 -7.42
CA ALA E 402 -30.15 33.58 -7.23
C ALA E 402 -28.86 34.24 -7.69
N GLY E 403 -27.77 33.47 -7.67
CA GLY E 403 -26.49 33.97 -8.10
C GLY E 403 -26.46 34.32 -9.58
N THR E 404 -25.27 34.68 -10.06
CA THR E 404 -25.10 35.06 -11.46
C THR E 404 -23.94 34.32 -12.09
N GLN E 405 -22.97 33.91 -11.27
CA GLN E 405 -21.79 33.21 -11.75
C GLN E 405 -21.41 32.09 -10.79
N ASP E 406 -20.46 31.26 -11.23
CA ASP E 406 -19.87 30.25 -10.35
C ASP E 406 -18.69 30.84 -9.60
N PHE E 407 -17.89 29.98 -8.96
CA PHE E 407 -16.70 30.43 -8.25
C PHE E 407 -15.43 30.19 -9.07
N ASP E 408 -15.56 29.64 -10.26
CA ASP E 408 -14.42 29.54 -11.17
C ASP E 408 -14.30 30.83 -11.96
N SER E 409 -15.40 31.56 -12.05
CA SER E 409 -15.43 32.84 -12.73
C SER E 409 -14.37 33.77 -12.19
N VAL E 410 -14.12 33.67 -10.89
CA VAL E 410 -13.15 34.52 -10.21
C VAL E 410 -11.75 34.32 -10.80
N GLU E 411 -11.53 33.17 -11.41
CA GLU E 411 -10.24 32.88 -12.02
C GLU E 411 -9.98 33.78 -13.22
N GLU E 412 -11.03 34.35 -13.78
CA GLU E 412 -10.92 35.19 -14.97
C GLU E 412 -11.25 36.64 -14.70
N THR E 413 -11.59 36.97 -13.46
CA THR E 413 -11.89 38.35 -13.09
C THR E 413 -10.65 39.22 -13.18
N ASP E 414 -10.84 40.53 -13.12
CA ASP E 414 -9.73 41.48 -13.12
C ASP E 414 -9.93 42.51 -12.01
N LEU E 415 -11.08 42.45 -11.33
CA LEU E 415 -11.34 43.29 -10.18
C LEU E 415 -12.38 42.65 -9.29
N ALA E 416 -12.27 42.89 -7.99
CA ALA E 416 -13.20 42.33 -7.02
C ALA E 416 -13.68 43.41 -6.08
N LEU E 417 -14.99 43.66 -6.13
CA LEU E 417 -15.62 44.65 -5.27
C LEU E 417 -16.47 43.93 -4.23
N VAL E 418 -16.08 44.07 -2.97
CA VAL E 418 -16.66 43.32 -1.89
C VAL E 418 -17.46 44.24 -0.98
N ILE E 419 -18.78 44.12 -1.03
CA ILE E 419 -19.64 44.89 -0.15
C ILE E 419 -20.22 43.96 0.90
N GLY E 420 -19.96 44.28 2.16
CA GLY E 420 -20.56 43.55 3.26
C GLY E 420 -20.27 42.06 3.28
N ALA E 421 -19.01 41.70 3.09
CA ALA E 421 -18.61 40.30 3.17
C ALA E 421 -17.25 40.16 3.85
N ASN E 422 -16.99 38.98 4.36
CA ASN E 422 -15.73 38.67 5.01
C ASN E 422 -15.35 37.24 4.67
N PRO E 423 -15.04 36.98 3.39
CA PRO E 423 -14.85 35.63 2.88
C PRO E 423 -13.76 34.84 3.58
N THR E 424 -12.89 35.51 4.32
CA THR E 424 -11.81 34.81 5.01
C THR E 424 -12.36 34.02 6.19
N ASP E 425 -13.54 34.40 6.64
CA ASP E 425 -14.21 33.73 7.75
C ASP E 425 -15.48 33.03 7.27
N GLY E 426 -16.34 33.80 6.62
CA GLY E 426 -17.58 33.26 6.10
C GLY E 426 -17.41 32.14 5.10
N HIS E 427 -16.65 32.41 4.03
CA HIS E 427 -16.44 31.44 2.97
C HIS E 427 -14.96 31.30 2.64
N PRO E 428 -14.20 30.63 3.51
CA PRO E 428 -12.75 30.51 3.41
C PRO E 428 -12.22 29.99 2.08
N VAL E 429 -12.91 29.02 1.50
CA VAL E 429 -12.44 28.38 0.27
C VAL E 429 -12.67 29.29 -0.93
N PHE E 430 -13.56 30.26 -0.77
CA PHE E 430 -13.74 31.27 -1.81
C PHE E 430 -12.65 32.31 -1.66
N ALA E 431 -12.35 32.68 -0.42
CA ALA E 431 -11.31 33.65 -0.14
C ALA E 431 -9.96 33.15 -0.62
N SER E 432 -9.75 31.84 -0.54
CA SER E 432 -8.50 31.25 -1.01
C SER E 432 -8.32 31.50 -2.49
N ARG E 433 -9.35 31.18 -3.27
CA ARG E 433 -9.29 31.33 -4.72
C ARG E 433 -9.34 32.80 -5.12
N LEU E 434 -9.80 33.64 -4.20
CA LEU E 434 -9.75 35.08 -4.40
C LEU E 434 -8.32 35.59 -4.26
N ARG E 435 -7.69 35.22 -3.16
CA ARG E 435 -6.30 35.58 -2.90
C ARG E 435 -5.41 35.05 -4.01
N LYS E 436 -5.77 33.88 -4.52
CA LYS E 436 -5.02 33.27 -5.63
C LYS E 436 -4.94 34.23 -6.81
N ARG E 437 -5.92 35.13 -6.91
CA ARG E 437 -6.00 36.09 -7.99
C ARG E 437 -5.42 37.43 -7.59
N LEU E 438 -5.73 37.85 -6.37
CA LEU E 438 -5.20 39.10 -5.83
C LEU E 438 -3.67 39.10 -5.85
N ARG E 439 -3.08 37.94 -5.58
CA ARG E 439 -1.63 37.78 -5.67
C ARG E 439 -1.17 37.75 -7.12
N ALA E 440 -2.12 37.75 -8.06
CA ALA E 440 -1.82 37.66 -9.48
C ALA E 440 -2.22 38.92 -10.22
N GLY E 441 -2.26 40.05 -9.50
CA GLY E 441 -2.46 41.34 -10.11
C GLY E 441 -3.82 41.99 -9.92
N ALA E 442 -4.88 41.18 -9.88
CA ALA E 442 -6.24 41.70 -9.80
C ALA E 442 -6.38 42.71 -8.66
N LYS E 443 -7.38 43.59 -8.78
CA LYS E 443 -7.55 44.66 -7.81
C LYS E 443 -8.72 44.38 -6.88
N LEU E 444 -8.80 45.18 -5.81
CA LEU E 444 -9.73 44.91 -4.73
C LEU E 444 -10.30 46.20 -4.16
N ILE E 445 -11.62 46.24 -4.01
CA ILE E 445 -12.29 47.31 -3.28
C ILE E 445 -13.07 46.68 -2.15
N VAL E 446 -12.95 47.24 -0.95
CA VAL E 446 -13.64 46.72 0.21
C VAL E 446 -14.46 47.85 0.83
N VAL E 447 -15.77 47.64 0.95
CA VAL E 447 -16.69 48.67 1.39
C VAL E 447 -17.14 48.46 2.83
N ASP E 448 -16.56 47.48 3.50
CA ASP E 448 -16.90 47.20 4.89
C ASP E 448 -16.42 48.32 5.81
N PRO E 449 -17.14 48.58 6.91
CA PRO E 449 -16.75 49.57 7.92
C PRO E 449 -15.65 49.04 8.84
N ARG E 450 -15.36 47.76 8.71
CA ARG E 450 -14.43 47.08 9.59
C ARG E 450 -13.33 46.45 8.75
N ARG E 451 -12.07 46.69 9.12
CA ARG E 451 -10.94 46.12 8.40
C ARG E 451 -10.97 44.61 8.41
N ILE E 452 -11.19 44.02 7.25
CA ILE E 452 -11.27 42.57 7.14
C ILE E 452 -9.91 42.01 6.77
N ASP E 453 -9.68 40.74 7.10
CA ASP E 453 -8.39 40.11 6.88
C ASP E 453 -8.13 39.86 5.40
N LEU E 454 -9.15 40.04 4.57
CA LEU E 454 -9.00 39.91 3.13
C LEU E 454 -8.22 41.10 2.60
N LEU E 455 -8.30 42.20 3.32
CA LEU E 455 -7.61 43.42 2.96
C LEU E 455 -6.12 43.31 3.27
N ASN E 456 -5.81 42.60 4.35
CA ASN E 456 -4.43 42.42 4.79
C ASN E 456 -3.85 41.10 4.31
N THR E 457 -4.25 40.64 3.13
CA THR E 457 -3.73 39.40 2.59
C THR E 457 -2.29 39.60 2.13
N PRO E 458 -1.46 38.55 2.21
CA PRO E 458 -0.06 38.71 1.81
C PRO E 458 0.14 38.75 0.30
N HIS E 459 1.20 39.42 -0.13
CA HIS E 459 1.52 39.53 -1.55
C HIS E 459 0.34 40.12 -2.32
N ARG E 460 -0.33 41.07 -1.69
CA ARG E 460 -1.50 41.70 -2.26
C ARG E 460 -1.14 42.70 -3.35
N GLY E 461 -2.02 42.83 -4.33
CA GLY E 461 -1.86 43.84 -5.37
C GLY E 461 -2.34 45.19 -4.86
N GLU E 462 -3.09 45.90 -5.69
CA GLU E 462 -3.68 47.17 -5.29
C GLU E 462 -4.93 46.92 -4.46
N ALA E 463 -5.30 47.88 -3.64
CA ALA E 463 -6.45 47.73 -2.76
C ALA E 463 -6.98 49.05 -2.25
N TRP E 464 -8.30 49.20 -2.30
CA TRP E 464 -8.98 50.36 -1.73
C TRP E 464 -9.91 49.89 -0.61
N HIS E 465 -10.05 50.71 0.42
CA HIS E 465 -10.90 50.37 1.54
C HIS E 465 -11.82 51.54 1.90
N LEU E 466 -13.11 51.35 1.63
CA LEU E 466 -14.11 52.36 1.96
C LEU E 466 -14.67 52.09 3.35
N GLN E 467 -14.00 52.60 4.37
CA GLN E 467 -14.40 52.36 5.75
C GLN E 467 -15.50 53.33 6.13
N LEU E 468 -16.73 52.94 5.83
CA LEU E 468 -17.89 53.80 6.04
C LEU E 468 -18.56 53.56 7.38
N LYS E 469 -19.69 54.22 7.60
CA LYS E 469 -20.47 54.04 8.81
C LYS E 469 -21.62 53.06 8.55
N PRO E 470 -21.81 52.07 9.42
CA PRO E 470 -22.87 51.08 9.19
C PRO E 470 -24.24 51.73 8.96
N GLY E 471 -24.90 51.34 7.89
CA GLY E 471 -26.21 51.88 7.56
C GLY E 471 -26.18 52.63 6.24
N THR E 472 -25.12 53.38 6.03
CA THR E 472 -24.95 54.14 4.80
C THR E 472 -24.27 53.29 3.74
N ASN E 473 -25.02 52.35 3.18
CA ASN E 473 -24.50 51.44 2.16
C ASN E 473 -25.05 51.78 0.79
N VAL E 474 -26.18 52.48 0.78
CA VAL E 474 -26.84 52.82 -0.47
C VAL E 474 -26.40 54.21 -0.92
N ALA E 475 -25.99 55.04 0.04
CA ALA E 475 -25.47 56.36 -0.29
C ALA E 475 -24.19 56.20 -1.08
N VAL E 476 -23.35 55.27 -0.66
CA VAL E 476 -22.08 54.99 -1.34
C VAL E 476 -22.30 54.47 -2.75
N MET E 477 -23.27 53.56 -2.91
CA MET E 477 -23.59 53.02 -4.23
C MET E 477 -24.12 54.12 -5.14
N THR E 478 -25.00 54.93 -4.58
CA THR E 478 -25.59 56.05 -5.31
C THR E 478 -24.50 57.01 -5.75
N ALA E 479 -23.51 57.22 -4.90
CA ALA E 479 -22.39 58.10 -5.21
C ALA E 479 -21.52 57.51 -6.31
N MET E 480 -21.28 56.20 -6.23
CA MET E 480 -20.56 55.50 -7.28
C MET E 480 -21.26 55.72 -8.63
N ALA E 481 -22.59 55.61 -8.60
CA ALA E 481 -23.40 55.75 -9.80
C ALA E 481 -23.33 57.18 -10.32
N HIS E 482 -23.40 58.15 -9.41
CA HIS E 482 -23.31 59.56 -9.77
C HIS E 482 -21.98 59.85 -10.42
N VAL E 483 -20.92 59.23 -9.89
CA VAL E 483 -19.58 59.40 -10.42
C VAL E 483 -19.51 58.82 -11.83
N ILE E 484 -20.02 57.62 -12.00
CA ILE E 484 -19.94 56.92 -13.28
C ILE E 484 -20.82 57.59 -14.33
N VAL E 485 -21.87 58.28 -13.89
CA VAL E 485 -22.83 58.88 -14.82
C VAL E 485 -22.44 60.32 -15.18
N THR E 486 -21.95 61.06 -14.19
CA THR E 486 -21.48 62.42 -14.44
C THR E 486 -20.29 62.35 -15.38
N GLU E 487 -19.35 61.45 -15.07
CA GLU E 487 -18.35 61.03 -16.03
C GLU E 487 -19.06 60.17 -17.08
N GLN E 488 -18.31 59.69 -18.06
CA GLN E 488 -18.87 58.79 -19.06
C GLN E 488 -17.96 57.59 -19.25
N ILE E 489 -18.15 56.58 -18.41
CA ILE E 489 -17.30 55.40 -18.43
C ILE E 489 -18.15 54.16 -18.69
N PHE E 490 -19.44 54.25 -18.35
CA PHE E 490 -20.35 53.12 -18.50
C PHE E 490 -20.43 52.66 -19.94
N ASP E 491 -20.99 51.46 -20.14
CA ASP E 491 -21.12 50.89 -21.46
C ASP E 491 -22.51 51.17 -22.01
N LYS E 492 -22.57 51.87 -23.13
CA LYS E 492 -23.84 52.23 -23.75
C LYS E 492 -24.33 51.09 -24.63
N ARG E 493 -23.39 50.36 -25.22
CA ARG E 493 -23.74 49.20 -26.05
C ARG E 493 -24.41 48.14 -25.21
N PHE E 494 -23.85 47.86 -24.05
CA PHE E 494 -24.42 46.87 -23.13
C PHE E 494 -25.84 47.25 -22.75
N ILE E 495 -26.02 48.53 -22.39
CA ILE E 495 -27.33 49.01 -21.99
C ILE E 495 -28.32 48.86 -23.13
N GLY E 496 -27.95 49.35 -24.31
CA GLY E 496 -28.81 49.31 -25.47
C GLY E 496 -29.16 47.91 -25.94
N ASP E 497 -28.27 46.96 -25.70
CA ASP E 497 -28.49 45.59 -26.16
C ASP E 497 -29.27 44.76 -25.14
N ARG E 498 -28.77 44.67 -23.92
CA ARG E 498 -29.34 43.78 -22.92
C ARG E 498 -30.38 44.47 -22.04
N CYS E 499 -30.28 45.79 -21.92
CA CYS E 499 -31.16 46.55 -21.03
C CYS E 499 -32.03 47.55 -21.78
N ASP E 500 -32.78 48.34 -21.04
CA ASP E 500 -33.68 49.35 -21.61
C ASP E 500 -33.06 50.74 -21.53
N TRP E 501 -33.43 51.61 -22.46
CA TRP E 501 -32.86 52.95 -22.52
C TRP E 501 -33.75 54.00 -21.89
N ASP E 502 -35.05 53.87 -22.11
CA ASP E 502 -36.02 54.87 -21.65
C ASP E 502 -36.01 55.00 -20.13
N GLU E 503 -35.74 53.89 -19.45
CA GLU E 503 -35.63 53.89 -18.00
C GLU E 503 -34.25 54.35 -17.59
N TRP E 504 -33.26 54.02 -18.41
CA TRP E 504 -31.87 54.41 -18.13
C TRP E 504 -31.74 55.92 -18.16
N ALA E 505 -32.48 56.57 -19.04
CA ALA E 505 -32.43 58.03 -19.15
C ALA E 505 -32.92 58.66 -17.86
N ASP E 506 -34.04 58.16 -17.35
CA ASP E 506 -34.61 58.66 -16.11
C ASP E 506 -33.65 58.41 -14.95
N TYR E 507 -33.09 57.21 -14.93
CA TYR E 507 -32.15 56.82 -13.88
C TYR E 507 -30.95 57.76 -13.86
N ALA E 508 -30.45 58.11 -15.05
CA ALA E 508 -29.29 58.97 -15.17
C ALA E 508 -29.64 60.41 -14.77
N GLU E 509 -30.80 60.87 -15.20
CA GLU E 509 -31.23 62.23 -14.89
C GLU E 509 -31.48 62.38 -13.40
N PHE E 510 -31.82 61.28 -12.74
CA PHE E 510 -32.03 61.28 -11.30
C PHE E 510 -30.71 61.23 -10.55
N VAL E 511 -29.89 60.25 -10.90
CA VAL E 511 -28.60 60.03 -10.26
C VAL E 511 -27.64 61.19 -10.51
N ALA E 512 -27.82 61.87 -11.64
CA ALA E 512 -26.92 62.94 -12.03
C ALA E 512 -27.11 64.18 -11.15
N ASN E 513 -28.09 64.14 -10.25
CA ASN E 513 -28.31 65.24 -9.33
C ASN E 513 -27.06 65.46 -8.50
N PRO E 514 -26.71 66.72 -8.20
CA PRO E 514 -25.47 66.97 -7.48
C PRO E 514 -25.59 66.81 -5.98
N GLU E 515 -26.71 66.26 -5.52
CA GLU E 515 -26.92 66.03 -4.10
C GLU E 515 -26.49 64.62 -3.71
N TYR E 516 -26.56 63.70 -4.66
CA TYR E 516 -26.11 62.33 -4.44
C TYR E 516 -24.65 62.17 -4.85
N ALA E 517 -23.90 63.25 -4.77
CA ALA E 517 -22.51 63.26 -5.21
C ALA E 517 -21.57 62.90 -4.05
N PRO E 518 -20.38 62.37 -4.36
CA PRO E 518 -19.44 61.93 -3.32
C PRO E 518 -18.99 63.05 -2.38
N GLU E 519 -19.16 64.29 -2.82
CA GLU E 519 -18.69 65.44 -2.06
C GLU E 519 -19.66 65.82 -0.94
N ALA E 520 -20.91 65.40 -1.09
CA ALA E 520 -21.95 65.75 -0.12
C ALA E 520 -22.20 64.63 0.89
N VAL E 521 -21.92 63.39 0.49
CA VAL E 521 -22.17 62.24 1.34
C VAL E 521 -21.07 62.05 2.37
N GLU E 522 -19.92 62.65 2.14
CA GLU E 522 -18.77 62.49 3.03
C GLU E 522 -19.13 62.88 4.47
N SER E 523 -20.10 63.77 4.62
CA SER E 523 -20.52 64.25 5.93
C SER E 523 -21.29 63.18 6.70
N LEU E 524 -22.14 62.44 5.99
CA LEU E 524 -23.00 61.45 6.63
C LEU E 524 -22.41 60.04 6.51
N THR E 525 -21.68 59.79 5.43
CA THR E 525 -21.14 58.46 5.18
C THR E 525 -19.86 58.22 5.97
N GLY E 526 -18.95 59.19 5.92
CA GLY E 526 -17.69 59.09 6.64
C GLY E 526 -16.52 58.65 5.77
N VAL E 527 -16.79 58.33 4.51
CA VAL E 527 -15.74 57.94 3.58
C VAL E 527 -15.25 59.17 2.82
N PRO E 528 -13.94 59.25 2.56
CA PRO E 528 -13.45 60.40 1.77
C PRO E 528 -14.02 60.43 0.36
N ALA E 529 -14.04 61.61 -0.25
CA ALA E 529 -14.62 61.77 -1.58
C ALA E 529 -13.67 61.29 -2.67
N GLY E 530 -12.42 61.71 -2.58
CA GLY E 530 -11.43 61.35 -3.59
C GLY E 530 -11.25 59.86 -3.73
N LEU E 531 -11.16 59.18 -2.58
CA LEU E 531 -11.01 57.74 -2.56
C LEU E 531 -12.19 57.06 -3.23
N LEU E 532 -13.38 57.57 -2.96
CA LEU E 532 -14.60 57.00 -3.52
C LEU E 532 -14.64 57.18 -5.03
N ARG E 533 -14.28 58.38 -5.49
CA ARG E 533 -14.22 58.67 -6.92
C ARG E 533 -13.22 57.73 -7.60
N GLN E 534 -12.07 57.56 -6.96
CA GLN E 534 -11.03 56.71 -7.49
C GLN E 534 -11.50 55.26 -7.60
N ALA E 535 -12.15 54.78 -6.55
CA ALA E 535 -12.68 53.42 -6.54
C ALA E 535 -13.71 53.22 -7.64
N ALA E 536 -14.58 54.20 -7.80
CA ALA E 536 -15.62 54.15 -8.82
C ALA E 536 -15.00 54.08 -10.21
N ARG E 537 -14.04 54.97 -10.47
CA ARG E 537 -13.36 55.00 -11.75
C ARG E 537 -12.63 53.69 -12.03
N ALA E 538 -12.04 53.11 -10.98
CA ALA E 538 -11.32 51.85 -11.11
C ALA E 538 -12.27 50.71 -11.45
N TYR E 539 -13.43 50.71 -10.80
CA TYR E 539 -14.42 49.66 -11.03
C TYR E 539 -14.98 49.77 -12.44
N ALA E 540 -15.20 51.00 -12.90
CA ALA E 540 -15.79 51.23 -14.20
C ALA E 540 -14.80 50.97 -15.33
N ALA E 541 -13.53 51.25 -15.08
CA ALA E 541 -12.51 51.16 -16.11
C ALA E 541 -12.10 49.71 -16.39
N ALA E 542 -12.05 48.89 -15.34
CA ALA E 542 -11.58 47.52 -15.47
C ALA E 542 -12.40 46.74 -16.50
N PRO E 543 -11.74 45.83 -17.24
CA PRO E 543 -12.47 45.10 -18.28
C PRO E 543 -13.50 44.13 -17.72
N ASN E 544 -13.06 43.28 -16.79
CA ASN E 544 -13.93 42.30 -16.17
C ASN E 544 -13.92 42.46 -14.66
N ALA E 545 -14.88 43.21 -14.13
CA ALA E 545 -15.00 43.41 -12.70
C ALA E 545 -16.06 42.47 -12.14
N ALA E 546 -16.03 42.24 -10.84
CA ALA E 546 -17.00 41.33 -10.23
C ALA E 546 -17.36 41.77 -8.83
N ILE E 547 -18.66 41.78 -8.54
CA ILE E 547 -19.17 42.19 -7.24
C ILE E 547 -19.53 40.97 -6.43
N TYR E 548 -19.03 40.92 -5.21
CA TYR E 548 -19.40 39.88 -4.26
C TYR E 548 -19.97 40.53 -3.02
N TYR E 549 -21.22 40.22 -2.70
CA TYR E 549 -21.87 40.87 -1.57
C TYR E 549 -22.49 39.85 -0.61
N GLY E 550 -22.65 40.27 0.64
CA GLY E 550 -23.13 39.39 1.69
C GLY E 550 -24.15 40.03 2.61
N LEU E 551 -23.86 40.01 3.90
CA LEU E 551 -24.82 40.41 4.92
C LEU E 551 -24.67 41.86 5.36
N GLY E 552 -23.76 42.58 4.71
CA GLY E 552 -23.59 44.00 4.98
C GLY E 552 -24.53 44.84 4.14
N VAL E 553 -25.17 44.22 3.16
CA VAL E 553 -26.17 44.89 2.36
C VAL E 553 -27.57 44.37 2.70
N THR E 554 -27.72 43.06 2.75
CA THR E 554 -29.03 42.44 2.95
C THR E 554 -29.62 42.73 4.32
N GLU E 555 -28.88 42.39 5.37
CA GLU E 555 -29.36 42.54 6.73
C GLU E 555 -29.33 43.99 7.18
N HIS E 556 -30.24 44.79 6.65
CA HIS E 556 -30.39 46.18 7.06
C HIS E 556 -31.82 46.66 6.81
N SER E 557 -32.11 47.86 7.31
CA SER E 557 -33.41 48.47 7.10
C SER E 557 -33.67 48.70 5.62
N GLN E 558 -32.59 48.88 4.86
CA GLN E 558 -32.68 49.00 3.41
C GLN E 558 -31.72 48.03 2.75
N GLY E 559 -32.18 46.79 2.59
CA GLY E 559 -31.36 45.74 2.01
C GLY E 559 -31.69 45.52 0.55
N SER E 560 -32.97 45.40 0.25
CA SER E 560 -33.41 45.20 -1.12
C SER E 560 -33.02 46.39 -1.97
N THR E 561 -33.12 47.58 -1.38
CA THR E 561 -32.74 48.81 -2.06
C THR E 561 -31.27 48.80 -2.43
N THR E 562 -30.42 48.43 -1.47
CA THR E 562 -28.99 48.35 -1.70
C THR E 562 -28.65 47.30 -2.76
N VAL E 563 -29.31 46.15 -2.69
CA VAL E 563 -29.07 45.08 -3.65
C VAL E 563 -29.46 45.56 -5.04
N ILE E 564 -30.54 46.32 -5.13
CA ILE E 564 -31.01 46.84 -6.39
C ILE E 564 -30.00 47.84 -6.94
N ALA E 565 -29.46 48.69 -6.07
CA ALA E 565 -28.44 49.64 -6.48
C ALA E 565 -27.21 48.92 -7.02
N ILE E 566 -26.84 47.84 -6.34
CA ILE E 566 -25.68 47.05 -6.74
C ILE E 566 -25.91 46.42 -8.11
N ALA E 567 -27.12 45.92 -8.33
CA ALA E 567 -27.46 45.33 -9.61
C ALA E 567 -27.47 46.38 -10.70
N ASN E 568 -27.92 47.58 -10.35
CA ASN E 568 -27.90 48.71 -11.28
C ASN E 568 -26.48 49.00 -11.71
N LEU E 569 -25.57 49.03 -10.74
CA LEU E 569 -24.15 49.22 -11.01
C LEU E 569 -23.66 48.17 -11.98
N ALA E 570 -23.93 46.91 -11.65
CA ALA E 570 -23.42 45.78 -12.42
C ALA E 570 -23.98 45.76 -13.83
N MET E 571 -25.19 46.30 -14.01
CA MET E 571 -25.83 46.32 -15.32
C MET E 571 -25.27 47.47 -16.15
N MET E 572 -25.21 48.65 -15.52
CA MET E 572 -24.66 49.84 -16.13
C MET E 572 -23.26 49.59 -16.67
N THR E 573 -22.36 49.16 -15.79
CA THR E 573 -20.96 48.99 -16.16
C THR E 573 -20.78 47.93 -17.24
N GLY E 574 -21.64 46.92 -17.23
CA GLY E 574 -21.59 45.86 -18.24
C GLY E 574 -20.94 44.59 -17.72
N ASN E 575 -20.86 44.46 -16.40
CA ASN E 575 -20.22 43.31 -15.78
C ASN E 575 -21.21 42.16 -15.59
N ILE E 576 -21.87 41.75 -16.66
CA ILE E 576 -22.86 40.67 -16.58
C ILE E 576 -22.85 39.84 -17.86
N GLY E 577 -23.06 38.55 -17.71
CA GLY E 577 -23.16 37.65 -18.85
C GLY E 577 -21.83 37.22 -19.40
N ARG E 578 -20.89 36.88 -18.52
CA ARG E 578 -19.54 36.53 -18.92
C ARG E 578 -18.76 35.99 -17.72
N PRO E 579 -17.83 35.06 -17.96
CA PRO E 579 -16.98 34.61 -16.85
C PRO E 579 -16.00 35.68 -16.39
N GLY E 580 -16.02 35.97 -15.10
CA GLY E 580 -15.16 36.99 -14.54
C GLY E 580 -15.95 38.20 -14.08
N VAL E 581 -17.24 38.21 -14.40
CA VAL E 581 -18.09 39.35 -14.09
C VAL E 581 -19.47 38.88 -13.64
N GLY E 582 -20.03 39.57 -12.66
CA GLY E 582 -21.35 39.25 -12.17
C GLY E 582 -21.62 39.84 -10.80
N VAL E 583 -22.87 39.74 -10.37
CA VAL E 583 -23.27 40.20 -9.05
C VAL E 583 -23.60 39.00 -8.18
N ASN E 584 -22.60 38.50 -7.46
CA ASN E 584 -22.73 37.28 -6.69
C ASN E 584 -23.05 37.54 -5.22
N PRO E 585 -24.22 37.08 -4.77
CA PRO E 585 -24.42 37.02 -3.32
C PRO E 585 -23.72 35.82 -2.73
N LEU E 586 -23.13 36.00 -1.56
CA LEU E 586 -22.42 34.91 -0.91
C LEU E 586 -23.34 34.21 0.08
N ARG E 587 -24.08 33.23 -0.43
CA ARG E 587 -25.06 32.51 0.39
C ARG E 587 -24.37 31.89 1.59
N GLY E 588 -25.14 31.66 2.64
CA GLY E 588 -24.60 31.15 3.89
C GLY E 588 -24.77 29.64 4.03
N GLN E 589 -25.71 29.24 4.87
CA GLN E 589 -25.92 27.82 5.16
C GLN E 589 -25.99 27.00 3.89
N ASN E 590 -25.65 25.73 4.02
CA ASN E 590 -25.83 24.80 2.93
C ASN E 590 -27.30 24.74 2.56
N ASN E 591 -27.57 24.61 1.27
CA ASN E 591 -28.94 24.40 0.81
C ASN E 591 -29.88 25.53 1.16
N VAL E 592 -29.34 26.72 1.39
CA VAL E 592 -30.19 27.91 1.49
C VAL E 592 -30.83 28.09 0.13
N GLN E 593 -30.02 27.97 -0.91
CA GLN E 593 -30.51 28.08 -2.27
C GLN E 593 -31.51 26.97 -2.55
N GLY E 594 -31.18 25.77 -2.12
CA GLY E 594 -32.04 24.61 -2.36
C GLY E 594 -33.32 24.67 -1.57
N SER E 595 -33.24 25.23 -0.36
CA SER E 595 -34.42 25.38 0.49
C SER E 595 -35.35 26.42 -0.13
N CYS E 596 -34.78 27.56 -0.52
CA CYS E 596 -35.57 28.62 -1.12
C CYS E 596 -36.18 28.16 -2.44
N ASP E 597 -35.46 27.31 -3.15
CA ASP E 597 -35.95 26.76 -4.42
C ASP E 597 -37.06 25.76 -4.18
N MET E 598 -36.93 24.96 -3.12
CA MET E 598 -37.96 24.00 -2.75
C MET E 598 -38.91 24.63 -1.75
N GLY E 599 -39.59 25.69 -2.19
CA GLY E 599 -40.53 26.39 -1.33
C GLY E 599 -39.83 27.15 -0.22
N SER E 600 -40.02 26.69 1.01
CA SER E 600 -39.39 27.31 2.17
C SER E 600 -39.71 28.79 2.26
N PHE E 601 -40.80 29.19 1.63
CA PHE E 601 -41.25 30.58 1.68
C PHE E 601 -42.77 30.64 1.67
N PRO E 602 -43.34 31.62 2.38
CA PRO E 602 -44.79 31.70 2.53
C PRO E 602 -45.50 32.37 1.36
N HIS E 603 -44.81 32.54 0.25
CA HIS E 603 -45.39 33.25 -0.89
C HIS E 603 -45.11 32.53 -2.21
N GLU E 604 -44.66 31.28 -2.14
CA GLU E 604 -44.28 30.58 -3.35
C GLU E 604 -44.36 29.06 -3.25
N PHE E 605 -44.27 28.43 -4.41
CA PHE E 605 -44.16 26.98 -4.52
C PHE E 605 -42.75 26.65 -5.00
N PRO E 606 -42.38 25.37 -4.96
CA PRO E 606 -41.04 25.00 -5.44
C PRO E 606 -40.78 25.45 -6.87
N GLY E 607 -39.82 26.35 -7.04
CA GLY E 607 -39.50 26.89 -8.35
C GLY E 607 -39.70 28.39 -8.45
N TYR E 608 -39.77 29.04 -7.28
CA TYR E 608 -39.94 30.48 -7.22
C TYR E 608 -41.22 30.92 -7.92
N ARG E 609 -42.21 30.05 -7.93
CA ARG E 609 -43.52 30.38 -8.47
C ARG E 609 -44.44 30.88 -7.38
N HIS E 610 -45.10 32.01 -7.62
CA HIS E 610 -45.99 32.60 -6.64
C HIS E 610 -47.13 31.64 -6.34
N VAL E 611 -47.77 31.85 -5.19
CA VAL E 611 -48.78 30.93 -4.72
C VAL E 611 -50.14 31.25 -5.30
N SER E 612 -50.32 32.49 -5.72
CA SER E 612 -51.58 32.95 -6.29
C SER E 612 -51.70 32.54 -7.75
N ASP E 613 -50.65 31.94 -8.30
CA ASP E 613 -50.66 31.51 -9.69
C ASP E 613 -51.59 30.31 -9.87
N ASP E 614 -52.70 30.52 -10.55
CA ASP E 614 -53.69 29.47 -10.75
C ASP E 614 -53.11 28.33 -11.58
N ALA E 615 -52.33 28.68 -12.59
CA ALA E 615 -51.75 27.69 -13.50
C ALA E 615 -50.79 26.76 -12.77
N THR E 616 -50.29 27.21 -11.63
CA THR E 616 -49.35 26.44 -10.83
C THR E 616 -50.07 25.65 -9.75
N ARG E 617 -51.01 26.31 -9.09
CA ARG E 617 -51.82 25.68 -8.07
C ARG E 617 -52.57 24.50 -8.65
N GLY E 618 -52.99 24.63 -9.90
CA GLY E 618 -53.66 23.54 -10.58
C GLY E 618 -52.78 22.31 -10.69
N LEU E 619 -51.58 22.51 -11.22
CA LEU E 619 -50.62 21.42 -11.38
C LEU E 619 -50.34 20.76 -10.04
N PHE E 620 -50.21 21.57 -9.00
CA PHE E 620 -49.84 21.02 -7.70
C PHE E 620 -50.99 20.29 -7.02
N GLU E 621 -52.21 20.79 -7.18
CA GLU E 621 -53.39 20.10 -6.68
C GLU E 621 -53.57 18.79 -7.43
N ARG E 622 -53.15 18.79 -8.69
CA ARG E 622 -53.25 17.60 -9.53
C ARG E 622 -52.23 16.54 -9.13
N THR E 623 -51.03 16.99 -8.78
CA THR E 623 -49.94 16.07 -8.45
C THR E 623 -50.05 15.55 -7.02
N TRP E 624 -50.55 16.37 -6.11
CA TRP E 624 -50.67 15.98 -4.71
C TRP E 624 -52.07 15.48 -4.40
N GLY E 625 -53.01 15.76 -5.30
CA GLY E 625 -54.40 15.34 -5.10
C GLY E 625 -55.01 15.95 -3.86
N VAL E 626 -54.70 17.22 -3.63
CA VAL E 626 -55.22 17.93 -2.47
C VAL E 626 -55.44 19.40 -2.82
N THR E 627 -56.41 20.02 -2.15
CA THR E 627 -56.73 21.42 -2.39
C THR E 627 -55.82 22.35 -1.59
N LEU E 628 -55.14 23.26 -2.29
CA LEU E 628 -54.19 24.17 -1.65
C LEU E 628 -54.78 25.57 -1.52
N SER E 629 -54.12 26.40 -0.72
CA SER E 629 -54.55 27.79 -0.52
C SER E 629 -53.82 28.72 -1.49
N SER E 630 -54.42 29.88 -1.73
CA SER E 630 -53.87 30.85 -2.66
C SER E 630 -53.29 32.06 -1.94
N GLU E 631 -53.47 32.10 -0.62
CA GLU E 631 -53.00 33.23 0.18
C GLU E 631 -51.56 33.01 0.62
N PRO E 632 -50.74 34.08 0.59
CA PRO E 632 -49.37 33.89 1.09
C PRO E 632 -49.36 33.78 2.60
N GLY E 633 -48.39 33.06 3.15
CA GLY E 633 -48.38 32.78 4.56
C GLY E 633 -47.67 33.81 5.40
N LEU E 634 -47.55 33.53 6.68
CA LEU E 634 -46.88 34.42 7.61
C LEU E 634 -45.37 34.22 7.59
N ARG E 635 -44.65 35.25 8.01
CA ARG E 635 -43.20 35.17 8.15
C ARG E 635 -42.86 35.12 9.63
N ILE E 636 -41.66 34.65 9.96
CA ILE E 636 -41.29 34.40 11.35
C ILE E 636 -41.63 35.59 12.26
N PRO E 637 -41.28 36.82 11.83
CA PRO E 637 -41.67 37.96 12.67
C PRO E 637 -43.18 38.01 12.87
N ASN E 638 -43.91 37.78 11.78
CA ASN E 638 -45.35 37.77 11.81
C ASN E 638 -45.85 36.64 12.70
N MET E 639 -45.23 35.48 12.57
CA MET E 639 -45.56 34.32 13.39
C MET E 639 -45.52 34.68 14.87
N LEU E 640 -44.40 35.24 15.27
CA LEU E 640 -44.15 35.53 16.68
C LEU E 640 -45.07 36.63 17.18
N ASP E 641 -45.26 37.67 16.36
CA ASP E 641 -46.15 38.76 16.75
C ASP E 641 -47.57 38.23 16.94
N ALA E 642 -47.99 37.33 16.06
CA ALA E 642 -49.29 36.71 16.16
C ALA E 642 -49.39 35.94 17.46
N ALA E 643 -48.48 34.99 17.65
CA ALA E 643 -48.47 34.16 18.84
C ALA E 643 -48.52 35.00 20.12
N VAL E 644 -47.87 36.16 20.07
CA VAL E 644 -47.98 37.11 21.19
C VAL E 644 -49.41 37.62 21.27
N GLU E 645 -50.00 37.88 20.11
CA GLU E 645 -51.38 38.37 20.05
C GLU E 645 -52.38 37.22 20.08
N GLY E 646 -51.89 36.01 19.79
CA GLY E 646 -52.74 34.84 19.68
C GLY E 646 -52.86 34.34 18.25
N ARG E 647 -53.97 33.68 17.95
CA ARG E 647 -54.26 33.19 16.60
C ARG E 647 -53.06 32.49 15.96
N PHE E 648 -52.22 31.88 16.80
CA PHE E 648 -51.12 31.05 16.34
C PHE E 648 -50.69 30.16 17.50
N LYS E 649 -50.81 28.85 17.33
CA LYS E 649 -50.68 27.92 18.44
C LYS E 649 -49.63 26.84 18.21
N ALA E 650 -49.52 26.38 16.97
CA ALA E 650 -48.62 25.27 16.67
C ALA E 650 -47.38 25.73 15.90
N LEU E 651 -46.36 24.89 15.90
CA LEU E 651 -45.12 25.17 15.17
C LEU E 651 -44.25 23.93 15.11
N TYR E 652 -43.71 23.62 13.95
CA TYR E 652 -42.83 22.48 13.77
C TYR E 652 -41.44 22.93 13.34
N VAL E 653 -40.60 23.26 14.32
CA VAL E 653 -39.27 23.77 14.06
C VAL E 653 -38.33 22.66 13.63
N GLN E 654 -37.94 22.69 12.36
CA GLN E 654 -36.95 21.76 11.83
C GLN E 654 -35.60 22.44 11.67
N GLY E 655 -34.56 21.81 12.18
CA GLY E 655 -33.19 22.26 12.00
C GLY E 655 -32.98 23.77 12.10
N GLU E 656 -33.53 24.38 13.15
CA GLU E 656 -33.36 25.81 13.36
C GLU E 656 -33.42 26.17 14.84
N ASP E 657 -32.71 27.22 15.21
CA ASP E 657 -32.73 27.73 16.58
C ASP E 657 -33.37 29.12 16.60
N ILE E 658 -34.68 29.14 16.74
CA ILE E 658 -35.45 30.37 16.63
C ILE E 658 -35.22 31.33 17.80
N LEU E 659 -34.45 30.90 18.80
CA LEU E 659 -34.26 31.70 20.00
C LEU E 659 -32.95 32.45 19.99
N GLN E 660 -31.84 31.72 19.85
CA GLN E 660 -30.51 32.32 19.85
C GLN E 660 -30.19 32.97 18.50
N SER E 661 -30.71 32.39 17.43
CA SER E 661 -30.41 32.85 16.09
C SER E 661 -31.52 33.73 15.53
N ASP E 662 -32.12 34.55 16.39
CA ASP E 662 -33.16 35.48 15.97
C ASP E 662 -33.17 36.70 16.88
N PRO E 663 -33.73 37.83 16.38
CA PRO E 663 -33.60 39.12 17.05
C PRO E 663 -34.60 39.36 18.16
N ASP E 664 -34.26 40.28 19.07
CA ASP E 664 -35.12 40.62 20.19
C ASP E 664 -35.47 39.35 20.97
N THR E 665 -34.45 38.72 21.55
CA THR E 665 -34.61 37.45 22.23
C THR E 665 -35.81 37.47 23.18
N ARG E 666 -36.03 38.60 23.82
CA ARG E 666 -37.15 38.74 24.76
C ARG E 666 -38.48 38.50 24.07
N HIS E 667 -38.70 39.22 22.98
CA HIS E 667 -39.98 39.16 22.26
C HIS E 667 -40.20 37.78 21.64
N VAL E 668 -39.17 37.23 21.02
CA VAL E 668 -39.28 35.92 20.39
C VAL E 668 -39.54 34.86 21.46
N SER E 669 -38.94 35.02 22.64
CA SER E 669 -39.17 34.08 23.72
C SER E 669 -40.61 34.17 24.20
N ALA E 670 -41.10 35.39 24.37
CA ALA E 670 -42.46 35.61 24.82
C ALA E 670 -43.46 35.06 23.81
N GLY E 671 -43.10 35.10 22.53
CA GLY E 671 -43.97 34.59 21.48
C GLY E 671 -43.87 33.09 21.30
N LEU E 672 -42.74 32.52 21.69
CA LEU E 672 -42.52 31.09 21.61
C LEU E 672 -43.15 30.38 22.81
N ALA E 673 -43.28 31.12 23.91
CA ALA E 673 -43.89 30.61 25.12
C ALA E 673 -45.40 30.49 24.95
N ALA E 674 -46.02 31.56 24.46
CA ALA E 674 -47.44 31.56 24.18
C ALA E 674 -47.71 30.76 22.92
N MET E 675 -47.47 29.45 23.00
CA MET E 675 -47.61 28.57 21.86
C MET E 675 -47.92 27.16 22.35
N ASP E 676 -49.17 26.76 22.20
CA ASP E 676 -49.67 25.50 22.75
C ASP E 676 -48.83 24.30 22.35
N LEU E 677 -48.14 24.40 21.21
CA LEU E 677 -47.32 23.31 20.71
C LEU E 677 -46.18 23.82 19.84
N VAL E 678 -44.96 23.46 20.19
CA VAL E 678 -43.79 23.83 19.40
C VAL E 678 -42.84 22.64 19.34
N ILE E 679 -42.89 21.93 18.22
CA ILE E 679 -42.09 20.73 18.01
C ILE E 679 -40.66 21.11 17.65
N VAL E 680 -39.72 20.25 18.00
CA VAL E 680 -38.31 20.45 17.68
C VAL E 680 -37.75 19.20 17.02
N HIS E 681 -36.92 19.39 16.01
CA HIS E 681 -36.44 18.29 15.18
C HIS E 681 -34.94 18.43 14.92
N ASP E 682 -34.16 18.66 15.97
CA ASP E 682 -32.72 18.84 15.85
C ASP E 682 -31.96 17.67 16.45
N LEU E 683 -30.65 17.63 16.20
CA LEU E 683 -29.78 16.58 16.71
C LEU E 683 -29.59 16.71 18.22
N PHE E 684 -29.38 17.94 18.66
CA PHE E 684 -29.06 18.23 20.05
C PHE E 684 -30.17 18.99 20.73
N LEU E 685 -30.13 19.02 22.05
CA LEU E 685 -31.04 19.84 22.82
C LEU E 685 -30.60 21.29 22.68
N ASN E 686 -31.50 22.15 22.22
CA ASN E 686 -31.13 23.49 21.80
C ASN E 686 -31.79 24.57 22.64
N GLU E 687 -31.40 25.81 22.39
CA GLU E 687 -31.99 26.96 23.07
C GLU E 687 -33.49 27.02 22.80
N THR E 688 -33.88 26.60 21.60
CA THR E 688 -35.29 26.63 21.21
C THR E 688 -36.08 25.53 21.89
N ALA E 689 -35.40 24.45 22.26
CA ALA E 689 -36.05 23.29 22.85
C ALA E 689 -36.31 23.51 24.34
N ASN E 690 -35.95 24.68 24.85
CA ASN E 690 -36.24 25.03 26.22
C ASN E 690 -37.69 25.45 26.38
N TYR E 691 -38.32 25.77 25.25
CA TYR E 691 -39.73 26.16 25.23
C TYR E 691 -40.55 25.12 24.48
N ALA E 692 -39.96 23.95 24.25
CA ALA E 692 -40.59 22.91 23.46
C ALA E 692 -41.51 22.02 24.29
N HIS E 693 -42.41 21.33 23.60
CA HIS E 693 -43.30 20.36 24.22
C HIS E 693 -42.99 18.97 23.67
N VAL E 694 -42.33 18.94 22.53
CA VAL E 694 -42.01 17.68 21.85
C VAL E 694 -40.60 17.76 21.30
N PHE E 695 -40.00 16.60 21.04
CA PHE E 695 -38.65 16.54 20.49
C PHE E 695 -38.46 15.28 19.66
N LEU E 696 -38.00 15.46 18.43
CA LEU E 696 -37.73 14.35 17.53
C LEU E 696 -36.28 14.40 17.09
N PRO E 697 -35.51 13.33 17.33
CA PRO E 697 -34.10 13.37 16.93
C PRO E 697 -33.94 13.54 15.43
N GLY E 698 -32.73 13.89 15.01
CA GLY E 698 -32.45 14.10 13.60
C GLY E 698 -31.28 13.28 13.10
N SER E 699 -30.83 13.60 11.89
CA SER E 699 -29.74 12.88 11.26
C SER E 699 -28.70 13.84 10.72
N THR E 700 -27.43 13.47 10.85
CA THR E 700 -26.35 14.28 10.32
C THR E 700 -26.17 14.00 8.83
N PHE E 701 -25.35 14.81 8.19
CA PHE E 701 -25.10 14.67 6.76
C PHE E 701 -24.37 13.37 6.44
N LEU E 702 -23.85 12.72 7.47
CA LEU E 702 -23.13 11.47 7.31
C LEU E 702 -24.11 10.29 7.22
N GLU E 703 -25.22 10.43 7.93
CA GLU E 703 -26.25 9.39 7.97
C GLU E 703 -27.34 9.66 6.94
N LYS E 704 -27.30 10.84 6.34
CA LYS E 704 -28.29 11.25 5.35
C LYS E 704 -27.99 10.67 3.97
N ASP E 705 -28.90 10.94 3.04
CA ASP E 705 -28.70 10.65 1.63
C ASP E 705 -29.56 11.61 0.82
N GLY E 706 -28.95 12.32 -0.12
CA GLY E 706 -29.69 13.31 -0.88
C GLY E 706 -28.83 14.30 -1.62
N THR E 707 -29.15 15.58 -1.52
CA THR E 707 -28.40 16.61 -2.21
C THR E 707 -28.32 17.93 -1.44
N PHE E 708 -27.41 18.79 -1.89
CA PHE E 708 -27.27 20.13 -1.35
C PHE E 708 -27.11 21.13 -2.49
N THR E 709 -27.89 22.21 -2.44
CA THR E 709 -27.82 23.25 -3.47
C THR E 709 -27.11 24.47 -2.92
N ASN E 710 -25.84 24.62 -3.29
CA ASN E 710 -24.99 25.65 -2.71
C ASN E 710 -25.20 27.02 -3.34
N ALA E 711 -24.29 27.95 -3.03
CA ALA E 711 -24.43 29.35 -3.41
C ALA E 711 -24.37 29.56 -4.91
N GLU E 712 -23.54 28.77 -5.60
CA GLU E 712 -23.38 28.91 -7.04
C GLU E 712 -24.35 28.01 -7.78
N ARG E 713 -25.50 27.75 -7.15
CA ARG E 713 -26.57 27.00 -7.79
C ARG E 713 -26.19 25.57 -8.09
N ARG E 714 -25.07 25.12 -7.52
CA ARG E 714 -24.56 23.79 -7.78
C ARG E 714 -25.27 22.76 -6.91
N ILE E 715 -25.64 21.63 -7.52
CA ILE E 715 -26.29 20.55 -6.81
C ILE E 715 -25.28 19.44 -6.55
N ASN E 716 -24.76 19.40 -5.33
CA ASN E 716 -23.82 18.37 -4.93
C ASN E 716 -24.60 17.21 -4.31
N ARG E 717 -24.04 16.01 -4.39
CA ARG E 717 -24.73 14.82 -3.93
C ARG E 717 -24.18 14.35 -2.59
N VAL E 718 -25.07 14.03 -1.66
CA VAL E 718 -24.71 13.62 -0.32
C VAL E 718 -24.98 12.13 -0.15
N ARG E 719 -23.96 11.41 0.30
CA ARG E 719 -24.01 9.96 0.40
C ARG E 719 -24.01 9.52 1.85
N ARG E 720 -24.48 8.29 2.08
CA ARG E 720 -24.55 7.72 3.41
C ARG E 720 -23.29 6.91 3.71
N VAL E 721 -22.61 7.26 4.79
CA VAL E 721 -21.38 6.58 5.17
C VAL E 721 -21.58 5.81 6.46
N MET E 722 -22.21 6.46 7.44
CA MET E 722 -22.56 5.82 8.69
C MET E 722 -23.99 5.31 8.60
N ALA E 723 -24.53 4.86 9.74
CA ALA E 723 -25.94 4.49 9.81
C ALA E 723 -26.63 5.39 10.83
N PRO E 724 -27.91 5.68 10.61
CA PRO E 724 -28.58 6.59 11.54
C PRO E 724 -28.61 6.03 12.96
N LYS E 725 -28.16 6.82 13.92
CA LYS E 725 -28.08 6.40 15.30
C LYS E 725 -29.46 6.46 15.95
N ALA E 726 -30.28 7.40 15.49
CA ALA E 726 -31.67 7.47 15.90
C ALA E 726 -32.51 6.44 15.15
N GLY E 727 -31.93 5.87 14.11
CA GLY E 727 -32.59 4.85 13.32
C GLY E 727 -33.33 5.38 12.12
N PHE E 728 -33.54 6.70 12.09
CA PHE E 728 -34.31 7.32 11.03
C PHE E 728 -33.75 8.68 10.61
N ALA E 729 -33.73 8.93 9.32
CA ALA E 729 -33.31 10.22 8.79
C ALA E 729 -34.43 11.24 8.95
N ASP E 730 -34.15 12.49 8.58
CA ASP E 730 -35.09 13.57 8.77
C ASP E 730 -36.32 13.43 7.88
N TRP E 731 -36.11 13.00 6.64
CA TRP E 731 -37.23 12.84 5.71
C TRP E 731 -38.10 11.66 6.16
N GLU E 732 -37.47 10.66 6.76
CA GLU E 732 -38.21 9.51 7.27
C GLU E 732 -39.10 9.96 8.41
N VAL E 733 -38.59 10.82 9.29
CA VAL E 733 -39.36 11.33 10.41
C VAL E 733 -40.50 12.22 9.91
N THR E 734 -40.21 12.99 8.88
CA THR E 734 -41.20 13.90 8.34
C THR E 734 -42.36 13.11 7.72
N GLN E 735 -42.03 12.07 6.96
CA GLN E 735 -43.07 11.24 6.36
C GLN E 735 -43.80 10.45 7.44
N MET E 736 -43.09 10.06 8.49
CA MET E 736 -43.72 9.45 9.66
C MET E 736 -44.86 10.33 10.14
N LEU E 737 -44.50 11.58 10.44
CA LEU E 737 -45.47 12.54 10.95
C LEU E 737 -46.63 12.74 9.97
N ALA E 738 -46.29 12.88 8.69
CA ALA E 738 -47.28 13.16 7.66
C ALA E 738 -48.29 12.02 7.53
N ASN E 739 -47.78 10.79 7.54
CA ASN E 739 -48.65 9.62 7.44
C ASN E 739 -49.46 9.43 8.72
N ALA E 740 -48.87 9.81 9.85
CA ALA E 740 -49.53 9.66 11.13
C ALA E 740 -50.67 10.66 11.24
N LEU E 741 -50.58 11.76 10.49
CA LEU E 741 -51.64 12.74 10.49
C LEU E 741 -52.75 12.33 9.53
N GLY E 742 -52.37 11.67 8.42
CA GLY E 742 -53.35 11.13 7.50
C GLY E 742 -53.04 11.28 6.02
N ALA E 743 -51.86 11.78 5.69
CA ALA E 743 -51.51 12.03 4.29
C ALA E 743 -51.49 10.74 3.47
N GLY E 744 -50.58 9.83 3.81
CA GLY E 744 -50.47 8.57 3.10
C GLY E 744 -49.33 8.51 2.10
N TRP E 745 -48.16 9.02 2.49
CA TRP E 745 -46.99 8.98 1.63
C TRP E 745 -46.29 7.63 1.74
N HIS E 746 -45.56 7.25 0.69
CA HIS E 746 -44.70 6.09 0.74
C HIS E 746 -43.40 6.34 -0.02
N TYR E 747 -42.40 6.83 0.69
CA TYR E 747 -41.08 7.05 0.13
C TYR E 747 -40.08 6.11 0.81
N THR E 748 -39.33 5.37 0.01
CA THR E 748 -38.33 4.44 0.53
C THR E 748 -36.92 4.90 0.17
N HIS E 749 -36.82 6.00 -0.55
CA HIS E 749 -35.52 6.51 -1.00
C HIS E 749 -35.74 7.92 -1.57
N PRO E 750 -34.78 8.83 -1.33
CA PRO E 750 -34.98 10.20 -1.81
C PRO E 750 -34.94 10.35 -3.33
N SER E 751 -34.64 9.26 -4.04
CA SER E 751 -34.63 9.30 -5.49
C SER E 751 -36.04 9.57 -6.02
N GLU E 752 -37.02 8.89 -5.43
CA GLU E 752 -38.42 9.11 -5.79
C GLU E 752 -38.83 10.54 -5.52
N ILE E 753 -38.33 11.10 -4.42
CA ILE E 753 -38.64 12.45 -4.02
C ILE E 753 -38.09 13.43 -5.04
N MET E 754 -36.86 13.20 -5.46
CA MET E 754 -36.22 14.07 -6.44
C MET E 754 -36.92 13.95 -7.79
N ALA E 755 -37.41 12.75 -8.10
CA ALA E 755 -38.17 12.54 -9.32
C ALA E 755 -39.44 13.37 -9.27
N GLU E 756 -40.09 13.36 -8.11
CA GLU E 756 -41.29 14.17 -7.89
C GLU E 756 -40.98 15.63 -8.12
N ILE E 757 -39.87 16.09 -7.54
CA ILE E 757 -39.46 17.48 -7.66
C ILE E 757 -39.27 17.84 -9.12
N ALA E 758 -38.54 16.99 -9.83
CA ALA E 758 -38.26 17.20 -11.25
C ALA E 758 -39.56 17.33 -12.03
N ALA E 759 -40.48 16.40 -11.79
CA ALA E 759 -41.75 16.39 -12.50
C ALA E 759 -42.58 17.62 -12.20
N THR E 760 -42.49 18.12 -10.97
CA THR E 760 -43.30 19.27 -10.55
C THR E 760 -42.75 20.59 -11.07
N THR E 761 -41.52 20.92 -10.66
CA THR E 761 -40.92 22.21 -11.02
C THR E 761 -39.90 22.04 -12.14
N PRO E 762 -39.71 23.09 -12.97
CA PRO E 762 -38.72 23.01 -14.04
C PRO E 762 -37.34 23.50 -13.58
N GLY E 763 -36.31 23.01 -14.25
CA GLY E 763 -34.95 23.29 -13.86
C GLY E 763 -34.33 22.03 -13.32
N PHE E 764 -35.08 21.34 -12.48
CA PHE E 764 -34.66 20.06 -11.95
C PHE E 764 -35.27 18.93 -12.78
N ALA E 765 -35.82 19.30 -13.93
CA ALA E 765 -36.53 18.35 -14.79
C ALA E 765 -35.59 17.27 -15.33
N ALA E 766 -34.33 17.64 -15.49
CA ALA E 766 -33.33 16.70 -16.00
C ALA E 766 -32.46 16.15 -14.88
N VAL E 767 -32.74 16.54 -13.64
CA VAL E 767 -31.93 16.13 -12.50
C VAL E 767 -32.22 14.68 -12.15
N THR E 768 -31.15 13.89 -12.07
CA THR E 768 -31.24 12.51 -11.66
C THR E 768 -29.94 12.14 -10.99
N TYR E 769 -30.01 11.29 -9.97
CA TYR E 769 -28.84 10.96 -9.17
C TYR E 769 -27.74 10.35 -10.04
N GLU E 770 -28.14 9.68 -11.12
CA GLU E 770 -27.17 9.12 -12.05
C GLU E 770 -26.36 10.24 -12.70
N MET E 771 -27.06 11.31 -13.09
CA MET E 771 -26.42 12.47 -13.67
C MET E 771 -25.42 13.06 -12.69
N LEU E 772 -25.89 13.27 -11.46
CA LEU E 772 -25.06 13.86 -10.41
C LEU E 772 -23.84 13.00 -10.12
N ASP E 773 -23.97 11.70 -10.33
CA ASP E 773 -22.86 10.78 -10.11
C ASP E 773 -21.85 10.88 -11.25
N ALA E 774 -22.37 10.76 -12.48
CA ALA E 774 -21.56 10.76 -13.73
C ALA E 774 -20.89 12.12 -13.92
N ARG E 775 -21.69 13.17 -14.16
CA ARG E 775 -21.14 14.54 -14.34
C ARG E 775 -20.48 14.96 -13.03
N GLY E 776 -21.11 14.63 -11.89
CA GLY E 776 -20.58 14.94 -10.56
C GLY E 776 -21.40 16.03 -9.89
N SER E 777 -21.56 17.17 -10.57
CA SER E 777 -22.30 18.29 -10.02
C SER E 777 -23.07 18.99 -11.13
N VAL E 778 -24.20 19.61 -10.78
CA VAL E 778 -25.02 20.28 -11.77
C VAL E 778 -25.58 21.59 -11.23
N GLN E 779 -25.64 22.59 -12.10
CA GLN E 779 -26.31 23.84 -11.77
C GLN E 779 -27.79 23.66 -12.04
N TRP E 780 -28.64 24.00 -11.06
CA TRP E 780 -30.03 23.57 -11.08
C TRP E 780 -30.83 24.04 -12.30
N PRO E 781 -30.41 25.14 -12.96
CA PRO E 781 -31.15 25.42 -14.20
C PRO E 781 -30.77 24.44 -15.31
N CYS E 782 -31.25 23.21 -15.22
CA CYS E 782 -30.91 22.17 -16.18
C CYS E 782 -32.15 21.43 -16.70
N ASN E 783 -32.72 21.95 -17.78
CA ASN E 783 -33.85 21.33 -18.46
C ASN E 783 -33.37 20.60 -19.72
N GLU E 784 -34.32 20.12 -20.51
CA GLU E 784 -33.99 19.53 -21.80
C GLU E 784 -33.12 20.50 -22.59
N LYS E 785 -33.47 21.78 -22.50
CA LYS E 785 -32.58 22.84 -22.96
C LYS E 785 -31.52 23.05 -21.89
N ALA E 786 -30.27 23.19 -22.30
CA ALA E 786 -29.16 23.24 -21.36
C ALA E 786 -29.15 21.99 -20.49
N PRO E 787 -28.90 20.82 -21.10
CA PRO E 787 -28.88 19.57 -20.33
C PRO E 787 -27.72 19.51 -19.36
N GLU E 788 -26.54 19.94 -19.80
CA GLU E 788 -25.34 19.86 -18.98
C GLU E 788 -25.44 20.78 -17.77
N GLY E 789 -26.05 21.94 -17.96
CA GLY E 789 -26.21 22.90 -16.88
C GLY E 789 -26.07 24.33 -17.34
N SER E 790 -26.14 25.26 -16.40
CA SER E 790 -26.00 26.68 -16.71
C SER E 790 -24.98 27.32 -15.78
N PRO E 791 -23.68 27.11 -16.06
CA PRO E 791 -22.61 27.66 -15.22
C PRO E 791 -22.70 29.17 -15.07
N ILE E 792 -23.23 29.84 -16.09
CA ILE E 792 -23.33 31.29 -16.06
C ILE E 792 -24.72 31.74 -16.48
N MET E 793 -25.28 32.67 -15.73
CA MET E 793 -26.64 33.17 -15.99
C MET E 793 -26.61 34.46 -16.79
N HIS E 794 -27.69 34.69 -17.54
CA HIS E 794 -27.85 35.93 -18.30
C HIS E 794 -26.78 36.08 -19.38
N VAL E 795 -26.25 34.96 -19.85
CA VAL E 795 -25.22 35.01 -20.89
C VAL E 795 -25.81 35.54 -22.18
N GLU E 796 -27.05 35.17 -22.46
CA GLU E 796 -27.76 35.63 -23.66
C GLU E 796 -29.08 36.25 -23.26
N GLY E 797 -29.06 37.55 -22.98
CA GLY E 797 -30.24 38.26 -22.54
C GLY E 797 -30.66 37.84 -21.13
N PHE E 798 -31.32 38.73 -20.42
CA PHE E 798 -31.75 38.45 -19.06
C PHE E 798 -32.92 37.48 -19.08
N VAL E 799 -33.41 37.13 -17.89
CA VAL E 799 -34.47 36.14 -17.76
C VAL E 799 -35.84 36.77 -18.02
N ARG E 800 -36.08 37.94 -17.45
CA ARG E 800 -37.33 38.65 -17.68
C ARG E 800 -37.37 39.15 -19.12
N GLY E 801 -36.20 39.34 -19.71
CA GLY E 801 -36.08 39.78 -21.09
C GLY E 801 -35.29 41.06 -21.24
N LYS E 802 -35.55 42.01 -20.34
CA LYS E 802 -34.84 43.28 -20.34
C LYS E 802 -34.62 43.77 -18.91
N GLY E 803 -33.37 44.07 -18.58
CA GLY E 803 -33.05 44.59 -17.26
C GLY E 803 -33.83 45.84 -16.93
N ARG E 804 -33.89 46.18 -15.65
CA ARG E 804 -34.67 47.32 -15.19
C ARG E 804 -33.84 48.20 -14.27
N PHE E 805 -33.76 49.48 -14.61
CA PHE E 805 -33.03 50.44 -13.79
C PHE E 805 -33.99 51.11 -12.81
N ILE E 806 -33.70 50.95 -11.53
CA ILE E 806 -34.57 51.43 -10.47
C ILE E 806 -33.92 52.58 -9.73
N ARG E 807 -34.72 53.59 -9.40
CA ARG E 807 -34.21 54.78 -8.71
C ARG E 807 -34.06 54.50 -7.22
N THR E 808 -32.84 54.20 -6.80
CA THR E 808 -32.54 53.95 -5.40
C THR E 808 -32.22 55.25 -4.68
N ALA E 809 -32.48 55.29 -3.39
CA ALA E 809 -32.21 56.48 -2.59
C ALA E 809 -31.88 56.11 -1.15
N TYR E 810 -31.20 57.01 -0.45
CA TYR E 810 -30.79 56.78 0.92
C TYR E 810 -31.78 57.40 1.90
N LEU E 811 -32.36 56.56 2.75
CA LEU E 811 -33.28 57.03 3.79
C LEU E 811 -32.62 56.88 5.16
N PRO E 812 -32.66 57.94 5.98
CA PRO E 812 -32.06 57.81 7.32
C PRO E 812 -32.69 56.71 8.14
N THR E 813 -31.86 55.80 8.66
CA THR E 813 -32.34 54.67 9.43
C THR E 813 -32.95 55.12 10.75
N ASP E 814 -33.93 54.37 11.24
CA ASP E 814 -34.60 54.69 12.49
C ASP E 814 -33.74 54.29 13.69
N GLU E 815 -32.62 53.63 13.42
CA GLU E 815 -31.71 53.20 14.47
C GLU E 815 -30.57 54.19 14.64
N LYS E 816 -30.86 55.47 14.43
CA LYS E 816 -29.86 56.51 14.62
C LYS E 816 -29.40 56.52 16.07
N THR E 817 -28.28 57.16 16.34
CA THR E 817 -27.68 57.16 17.66
C THR E 817 -27.88 58.48 18.39
N GLY E 818 -27.96 58.40 19.71
CA GLY E 818 -28.16 59.57 20.53
C GLY E 818 -27.30 59.58 21.79
N PRO E 819 -27.60 60.48 22.73
CA PRO E 819 -26.84 60.63 23.98
C PRO E 819 -26.66 59.35 24.77
N ARG E 820 -27.76 58.66 25.07
CA ARG E 820 -27.70 57.47 25.91
C ARG E 820 -27.39 56.21 25.08
N PHE E 821 -27.32 56.37 23.76
CA PHE E 821 -26.92 55.29 22.87
C PHE E 821 -26.02 55.84 21.77
N PRO E 822 -24.85 56.37 22.15
CA PRO E 822 -23.94 57.03 21.22
C PRO E 822 -23.27 56.10 20.22
N LEU E 823 -22.74 54.98 20.70
CA LEU E 823 -22.05 54.04 19.83
C LEU E 823 -23.02 53.30 18.92
N LEU E 824 -22.46 52.60 17.94
CA LEU E 824 -23.23 51.70 17.10
C LEU E 824 -22.82 50.27 17.40
N LEU E 825 -23.48 49.32 16.74
CA LEU E 825 -23.22 47.91 16.99
C LEU E 825 -23.23 47.12 15.70
N THR E 826 -22.54 46.00 15.71
CA THR E 826 -22.54 45.08 14.58
C THR E 826 -22.36 43.66 15.09
N THR E 827 -22.80 42.69 14.30
CA THR E 827 -22.69 41.30 14.67
C THR E 827 -22.16 40.50 13.49
N GLY E 828 -21.18 39.65 13.76
CA GLY E 828 -20.50 38.94 12.71
C GLY E 828 -20.08 37.54 13.11
N ARG E 829 -19.00 37.04 12.49
CA ARG E 829 -18.63 35.65 12.62
C ARG E 829 -17.14 35.42 12.75
N ILE E 830 -16.79 34.15 12.99
CA ILE E 830 -15.42 33.71 13.12
C ILE E 830 -15.24 32.47 12.27
N LEU E 831 -14.00 32.15 11.93
CA LEU E 831 -13.70 31.01 11.06
C LEU E 831 -13.90 29.68 11.78
N SER E 832 -13.58 29.65 13.05
CA SER E 832 -13.58 28.39 13.81
C SER E 832 -14.99 27.93 14.14
N GLN E 833 -15.85 28.85 14.55
CA GLN E 833 -17.18 28.49 15.03
C GLN E 833 -18.27 28.87 14.04
N TYR E 834 -19.35 28.08 14.05
CA TYR E 834 -20.48 28.29 13.17
C TYR E 834 -21.57 29.05 13.91
N ASN E 835 -22.62 29.43 13.18
CA ASN E 835 -23.57 30.45 13.62
C ASN E 835 -23.97 30.38 15.08
N VAL E 836 -24.59 29.28 15.49
CA VAL E 836 -25.02 29.14 16.89
C VAL E 836 -24.08 28.21 17.63
N GLY E 837 -23.25 27.50 16.88
CA GLY E 837 -22.28 26.60 17.47
C GLY E 837 -22.91 25.50 18.28
N ALA E 838 -24.02 24.95 17.77
CA ALA E 838 -24.62 23.79 18.39
C ALA E 838 -23.92 22.55 17.86
N GLN E 839 -23.29 22.70 16.70
CA GLN E 839 -22.51 21.64 16.10
C GLN E 839 -21.04 21.80 16.40
N THR E 840 -20.61 23.06 16.54
CA THR E 840 -19.19 23.38 16.54
C THR E 840 -18.62 23.60 17.94
N ARG E 841 -19.45 24.05 18.88
CA ARG E 841 -19.02 24.18 20.26
C ARG E 841 -18.82 22.80 20.87
N ARG E 842 -19.38 21.78 20.22
CA ARG E 842 -19.25 20.41 20.67
C ARG E 842 -18.08 19.74 19.96
N THR E 843 -17.08 20.54 19.62
CA THR E 843 -15.86 20.05 18.99
C THR E 843 -14.66 20.71 19.64
N GLU E 844 -13.48 20.49 19.07
CA GLU E 844 -12.25 21.07 19.60
C GLU E 844 -11.97 22.44 19.00
N ASN E 845 -12.99 23.06 18.41
CA ASN E 845 -12.85 24.39 17.84
C ASN E 845 -13.15 25.46 18.88
N THR E 846 -13.20 25.06 20.14
CA THR E 846 -13.36 25.99 21.24
C THR E 846 -12.01 26.53 21.69
N VAL E 847 -10.98 26.19 20.95
CA VAL E 847 -9.63 26.64 21.25
C VAL E 847 -9.41 28.03 20.69
N TRP E 848 -9.70 28.19 19.40
CA TRP E 848 -9.54 29.46 18.72
C TRP E 848 -10.59 30.47 19.20
N HIS E 849 -11.78 29.96 19.52
CA HIS E 849 -12.87 30.79 19.99
C HIS E 849 -13.70 30.04 21.02
N GLY E 850 -13.51 30.38 22.29
CA GLY E 850 -14.26 29.76 23.37
C GLY E 850 -15.11 30.76 24.13
N GLU E 851 -14.94 32.04 23.82
CA GLU E 851 -15.75 33.09 24.40
C GLU E 851 -15.95 34.20 23.39
N ASP E 852 -17.19 34.69 23.28
CA ASP E 852 -17.50 35.81 22.41
C ASP E 852 -16.97 37.09 23.03
N ARG E 853 -16.53 38.02 22.20
CA ARG E 853 -15.92 39.24 22.69
C ARG E 853 -16.40 40.46 21.92
N LEU E 854 -15.98 41.63 22.38
CA LEU E 854 -16.46 42.90 21.84
C LEU E 854 -15.31 43.72 21.28
N GLU E 855 -15.23 43.82 19.95
CA GLU E 855 -14.13 44.53 19.31
C GLU E 855 -14.34 46.04 19.36
N ILE E 856 -14.03 46.62 20.52
CA ILE E 856 -14.22 48.05 20.71
C ILE E 856 -12.98 48.81 20.25
N HIS E 857 -13.12 50.11 20.02
CA HIS E 857 -12.01 50.94 19.60
C HIS E 857 -11.27 51.49 20.82
N PRO E 858 -9.95 51.71 20.69
CA PRO E 858 -9.19 52.19 21.86
C PRO E 858 -9.64 53.56 22.37
N THR E 859 -9.82 54.52 21.48
CA THR E 859 -10.19 55.87 21.89
C THR E 859 -11.59 55.87 22.49
N ASP E 860 -12.41 54.91 22.09
CA ASP E 860 -13.74 54.76 22.65
C ASP E 860 -13.72 53.87 23.88
N ALA E 861 -12.51 53.57 24.37
CA ALA E 861 -12.34 52.72 25.53
C ALA E 861 -11.72 53.49 26.69
N GLU E 862 -10.78 54.37 26.37
CA GLU E 862 -10.08 55.14 27.39
C GLU E 862 -11.04 56.00 28.18
N THR E 863 -12.02 56.59 27.50
CA THR E 863 -12.97 57.49 28.15
C THR E 863 -13.89 56.72 29.08
N ARG E 864 -14.18 55.47 28.72
CA ARG E 864 -15.07 54.65 29.50
C ARG E 864 -14.30 53.90 30.59
N GLY E 865 -13.02 53.63 30.33
CA GLY E 865 -12.19 52.93 31.29
C GLY E 865 -12.02 51.47 30.94
N ILE E 866 -12.32 51.11 29.70
CA ILE E 866 -12.28 49.73 29.26
C ILE E 866 -10.85 49.32 28.91
N ARG E 867 -10.51 48.09 29.25
CA ARG E 867 -9.22 47.52 28.90
C ARG E 867 -9.42 46.10 28.37
N ASP E 868 -8.48 45.63 27.56
CA ASP E 868 -8.58 44.31 26.96
C ASP E 868 -8.66 43.24 28.05
N GLY E 869 -9.77 42.50 28.04
CA GLY E 869 -9.99 41.43 29.00
C GLY E 869 -10.97 41.81 30.10
N ASP E 870 -11.56 42.99 29.98
CA ASP E 870 -12.49 43.49 30.98
C ASP E 870 -13.92 43.09 30.65
N TRP E 871 -14.79 43.17 31.64
CA TRP E 871 -16.20 42.83 31.46
C TRP E 871 -17.01 44.11 31.30
N VAL E 872 -17.80 44.18 30.23
CA VAL E 872 -18.58 45.37 29.92
C VAL E 872 -20.03 45.01 29.70
N ARG E 873 -20.89 46.02 29.80
CA ARG E 873 -22.32 45.84 29.56
C ARG E 873 -22.76 46.70 28.37
N LEU E 874 -23.63 46.10 27.55
CA LEU E 874 -24.16 46.76 26.36
C LEU E 874 -25.57 47.28 26.61
N ALA E 875 -25.67 48.45 27.22
CA ALA E 875 -26.96 49.04 27.52
C ALA E 875 -27.63 49.53 26.24
N SER E 876 -28.47 48.68 25.66
CA SER E 876 -29.22 49.04 24.46
C SER E 876 -30.67 49.37 24.81
N ARG E 877 -31.49 49.53 23.77
CA ARG E 877 -32.89 49.88 23.94
C ARG E 877 -33.77 48.64 24.08
N ALA E 878 -33.39 47.58 23.37
CA ALA E 878 -34.21 46.38 23.31
C ALA E 878 -33.68 45.27 24.21
N GLY E 879 -32.86 45.64 25.20
CA GLY E 879 -32.35 44.68 26.14
C GLY E 879 -31.07 45.08 26.83
N GLU E 880 -30.30 44.08 27.24
CA GLU E 880 -29.03 44.29 27.93
C GLU E 880 -28.25 42.99 27.98
N THR E 881 -26.92 43.11 28.01
CA THR E 881 -26.06 41.94 27.97
C THR E 881 -24.68 42.33 28.49
N THR E 882 -23.88 41.32 28.85
CA THR E 882 -22.51 41.55 29.31
C THR E 882 -21.55 40.68 28.53
N LEU E 883 -20.36 41.21 28.29
CA LEU E 883 -19.42 40.60 27.37
C LEU E 883 -17.99 40.98 27.70
N ARG E 884 -17.05 40.17 27.23
CA ARG E 884 -15.64 40.44 27.44
C ARG E 884 -15.10 41.30 26.31
N ALA E 885 -14.40 42.37 26.68
CA ALA E 885 -13.99 43.39 25.72
C ALA E 885 -12.69 43.04 25.01
N THR E 886 -12.41 43.78 23.95
CA THR E 886 -11.19 43.62 23.17
C THR E 886 -10.94 44.92 22.43
N VAL E 887 -9.93 45.67 22.87
CA VAL E 887 -9.61 46.93 22.22
C VAL E 887 -8.78 46.64 20.98
N THR E 888 -9.21 47.20 19.85
CA THR E 888 -8.56 46.95 18.58
C THR E 888 -8.82 48.09 17.62
N ASP E 889 -7.83 48.41 16.79
CA ASP E 889 -7.94 49.50 15.83
C ASP E 889 -8.55 48.98 14.52
N ARG E 890 -9.10 47.77 14.59
CA ARG E 890 -9.76 47.15 13.45
C ARG E 890 -10.99 47.93 13.04
N VAL E 891 -11.88 48.17 14.00
CA VAL E 891 -13.10 48.90 13.77
C VAL E 891 -12.84 50.39 13.81
N SER E 892 -13.80 51.17 13.33
CA SER E 892 -13.72 52.62 13.36
C SER E 892 -14.21 53.14 14.71
N PRO E 893 -13.96 54.42 14.99
CA PRO E 893 -14.50 55.02 16.21
C PRO E 893 -16.00 55.22 16.12
N GLY E 894 -16.72 54.87 17.19
CA GLY E 894 -18.16 54.95 17.17
C GLY E 894 -18.77 53.73 16.51
N VAL E 895 -18.06 52.61 16.57
CA VAL E 895 -18.53 51.36 16.00
C VAL E 895 -18.09 50.21 16.89
N VAL E 896 -18.90 49.16 16.94
CA VAL E 896 -18.64 48.02 17.79
C VAL E 896 -18.95 46.75 17.02
N TYR E 897 -18.33 45.64 17.41
CA TYR E 897 -18.51 44.38 16.73
C TYR E 897 -18.56 43.22 17.71
N THR E 898 -19.66 42.48 17.66
CA THR E 898 -19.88 41.35 18.55
C THR E 898 -20.02 40.06 17.74
N THR E 899 -20.03 38.93 18.43
CA THR E 899 -20.24 37.64 17.80
C THR E 899 -21.32 36.87 18.56
N PHE E 900 -22.09 36.06 17.84
CA PHE E 900 -23.27 35.40 18.41
C PHE E 900 -23.11 33.89 18.52
N HIS E 901 -21.88 33.40 18.37
CA HIS E 901 -21.63 31.97 18.33
C HIS E 901 -21.97 31.27 19.64
N HIS E 902 -21.78 31.98 20.75
CA HIS E 902 -21.94 31.39 22.08
C HIS E 902 -23.21 31.89 22.76
N PRO E 903 -24.01 30.97 23.34
CA PRO E 903 -25.29 31.36 23.93
C PRO E 903 -25.16 31.83 25.37
N ASP E 904 -24.02 31.57 26.00
CA ASP E 904 -23.78 32.04 27.34
C ASP E 904 -23.93 33.56 27.35
N THR E 905 -23.54 34.18 26.24
CA THR E 905 -23.79 35.60 26.03
C THR E 905 -24.96 35.77 25.07
N GLN E 906 -26.07 36.27 25.59
CA GLN E 906 -27.25 36.49 24.77
C GLN E 906 -27.09 37.80 24.02
N ALA E 907 -26.57 37.71 22.80
CA ALA E 907 -26.25 38.90 22.02
C ALA E 907 -27.47 39.45 21.30
N ASN E 908 -28.36 38.55 20.87
CA ASN E 908 -29.52 38.94 20.08
C ASN E 908 -30.63 39.51 20.95
N VAL E 909 -30.36 39.72 22.24
CA VAL E 909 -31.29 40.41 23.11
C VAL E 909 -31.06 41.91 22.98
N VAL E 910 -29.90 42.27 22.44
CA VAL E 910 -29.57 43.67 22.17
C VAL E 910 -30.19 44.09 20.85
N THR E 911 -30.25 43.14 19.92
CA THR E 911 -30.74 43.41 18.57
C THR E 911 -32.18 43.89 18.60
N THR E 912 -32.49 44.84 17.72
CA THR E 912 -33.79 45.49 17.72
C THR E 912 -34.71 44.85 16.67
N ASP E 913 -36.00 45.13 16.75
CA ASP E 913 -36.98 44.51 15.87
C ASP E 913 -37.01 45.13 14.48
N THR E 914 -36.27 46.22 14.30
CA THR E 914 -36.25 46.93 13.03
C THR E 914 -35.71 46.03 11.93
N SER E 915 -36.31 46.13 10.74
CA SER E 915 -35.99 45.21 9.66
C SER E 915 -36.15 45.85 8.29
N ASP E 916 -35.88 45.06 7.26
CA ASP E 916 -36.08 45.51 5.88
C ASP E 916 -37.55 45.79 5.62
N TRP E 917 -37.84 46.37 4.46
CA TRP E 917 -39.22 46.74 4.13
C TRP E 917 -39.92 45.63 3.35
N ALA E 918 -39.18 44.97 2.46
CA ALA E 918 -39.76 43.93 1.61
C ALA E 918 -39.85 42.58 2.31
N THR E 919 -38.68 42.02 2.64
CA THR E 919 -38.62 40.67 3.18
C THR E 919 -38.52 40.64 4.69
N ASN E 920 -38.50 41.83 5.30
CA ASN E 920 -38.50 41.95 6.75
C ASN E 920 -37.28 41.26 7.37
N CYS E 921 -36.17 41.24 6.63
CA CYS E 921 -34.90 40.74 7.14
C CYS E 921 -34.40 41.69 8.23
N PRO E 922 -34.15 41.16 9.44
CA PRO E 922 -33.85 42.05 10.57
C PRO E 922 -32.60 42.91 10.40
N GLU E 923 -32.47 43.89 11.28
CA GLU E 923 -31.33 44.80 11.27
C GLU E 923 -30.28 44.34 12.27
N TYR E 924 -29.51 43.33 11.88
CA TYR E 924 -28.51 42.75 12.76
C TYR E 924 -27.26 43.61 12.82
N LYS E 925 -27.04 44.40 11.77
CA LYS E 925 -25.77 45.09 11.59
C LYS E 925 -25.80 46.53 12.06
N VAL E 926 -26.92 46.96 12.63
CA VAL E 926 -27.01 48.30 13.21
C VAL E 926 -27.87 48.27 14.46
N THR E 927 -27.32 48.80 15.55
CA THR E 927 -28.05 48.88 16.81
C THR E 927 -27.34 49.89 17.71
N ALA E 928 -28.07 50.93 18.11
CA ALA E 928 -27.50 51.97 18.95
C ALA E 928 -27.31 51.44 20.37
N VAL E 929 -26.06 51.31 20.78
CA VAL E 929 -25.75 50.72 22.08
C VAL E 929 -24.99 51.70 22.98
N GLN E 930 -24.75 51.25 24.20
CA GLN E 930 -23.90 51.97 25.15
C GLN E 930 -23.03 50.93 25.84
N VAL E 931 -21.73 51.04 25.64
CA VAL E 931 -20.79 50.09 26.21
C VAL E 931 -20.18 50.70 27.47
N ALA E 932 -20.46 50.10 28.62
CA ALA E 932 -19.91 50.59 29.88
C ALA E 932 -19.19 49.48 30.61
N ALA E 933 -18.47 49.82 31.68
CA ALA E 933 -17.74 48.83 32.45
C ALA E 933 -18.59 48.29 33.60
N SER E 934 -18.60 46.98 33.78
CA SER E 934 -19.39 46.36 34.83
C SER E 934 -18.87 44.96 35.20
N ASN E 935 -19.21 44.54 36.41
CA ASN E 935 -18.78 43.25 36.95
C ASN E 935 -19.87 42.19 36.90
N GLY E 936 -21.05 42.56 37.39
CA GLY E 936 -22.19 41.67 37.33
C GLY E 936 -22.60 41.40 35.90
N PRO E 937 -22.83 40.13 35.53
CA PRO E 937 -23.05 39.92 34.11
C PRO E 937 -24.31 40.61 33.59
N SER E 938 -25.47 40.24 34.12
CA SER E 938 -26.71 40.80 33.61
C SER E 938 -27.91 40.30 34.38
N ASP E 939 -29.07 40.87 34.06
CA ASP E 939 -30.34 40.45 34.64
C ASP E 939 -31.05 39.50 33.69
N TRP E 940 -30.69 39.55 32.42
CA TRP E 940 -31.29 38.69 31.41
C TRP E 940 -30.56 37.35 31.31
N GLN E 941 -29.23 37.40 31.29
CA GLN E 941 -28.43 36.21 31.14
C GLN E 941 -28.67 35.25 32.30
N GLN E 942 -28.79 35.81 33.50
CA GLN E 942 -29.09 35.03 34.69
C GLN E 942 -30.39 34.24 34.53
N ASP E 943 -31.44 34.95 34.17
CA ASP E 943 -32.76 34.35 34.00
C ASP E 943 -32.76 33.30 32.90
N TYR E 944 -32.04 33.59 31.81
CA TYR E 944 -31.93 32.67 30.71
C TYR E 944 -31.27 31.38 31.16
N ALA E 945 -30.19 31.51 31.91
CA ALA E 945 -29.45 30.36 32.41
C ALA E 945 -30.35 29.54 33.33
N ALA E 946 -31.09 30.23 34.19
CA ALA E 946 -31.98 29.56 35.13
C ALA E 946 -33.04 28.74 34.38
N GLN E 947 -33.66 29.37 33.39
CA GLN E 947 -34.68 28.71 32.58
C GLN E 947 -34.11 27.50 31.86
N ALA E 948 -32.93 27.68 31.25
CA ALA E 948 -32.31 26.62 30.48
C ALA E 948 -31.92 25.45 31.37
N ALA E 949 -31.56 25.75 32.61
CA ALA E 949 -31.17 24.72 33.56
C ALA E 949 -32.39 23.94 34.02
N ALA E 950 -33.45 24.68 34.35
CA ALA E 950 -34.66 24.06 34.88
C ALA E 950 -35.49 23.40 33.79
N ALA E 951 -35.15 23.63 32.53
CA ALA E 951 -35.96 23.12 31.42
C ALA E 951 -35.26 22.03 30.61
N ARG E 952 -33.98 21.83 30.84
CA ARG E 952 -33.22 20.81 30.11
C ARG E 952 -33.01 19.56 30.97
N ARG E 953 -33.92 19.34 31.92
CA ARG E 953 -33.85 18.18 32.79
C ARG E 953 -34.69 17.04 32.24
N ILE E 954 -34.10 15.85 32.19
CA ILE E 954 -34.78 14.68 31.65
C ILE E 954 -35.17 13.74 32.79
N GLU E 955 -36.26 13.02 32.61
CA GLU E 955 -36.74 12.08 33.62
C GLU E 955 -37.31 10.82 32.97
N MET F 1 57.81 65.20 -3.60
CA MET F 1 57.59 64.28 -4.75
C MET F 1 56.25 63.59 -4.63
N LYS F 2 55.67 63.22 -5.78
CA LYS F 2 54.39 62.54 -5.79
C LYS F 2 54.54 61.12 -5.26
N ILE F 3 53.57 60.70 -4.45
CA ILE F 3 53.59 59.37 -3.86
C ILE F 3 52.28 58.67 -4.18
N TRP F 4 52.39 57.41 -4.60
CA TRP F 4 51.22 56.63 -4.96
C TRP F 4 51.08 55.43 -4.05
N LEU F 5 50.29 55.60 -3.00
CA LEU F 5 50.09 54.56 -2.00
C LEU F 5 48.71 53.91 -2.20
N PRO F 6 48.70 52.64 -2.64
CA PRO F 6 47.44 51.95 -2.94
C PRO F 6 46.38 52.06 -1.84
N CYS F 7 45.12 52.12 -2.25
CA CYS F 7 44.01 52.16 -1.31
C CYS F 7 43.20 50.87 -1.40
N ASP F 8 43.78 49.84 -2.00
CA ASP F 8 43.12 48.55 -2.14
C ASP F 8 43.18 47.78 -0.83
N ALA F 9 42.34 46.76 -0.72
CA ALA F 9 42.32 45.92 0.47
C ALA F 9 43.60 45.11 0.57
N ALA F 10 44.17 44.77 -0.59
CA ALA F 10 45.40 43.99 -0.63
C ALA F 10 46.58 44.80 -0.11
N ALA F 11 46.40 46.12 -0.03
CA ALA F 11 47.44 47.01 0.45
C ALA F 11 47.13 47.42 1.88
N LYS F 12 45.85 47.74 2.13
CA LYS F 12 45.40 48.12 3.45
C LYS F 12 45.58 46.97 4.42
N ALA F 13 45.45 45.75 3.91
CA ALA F 13 45.64 44.55 4.72
C ALA F 13 47.11 44.38 5.10
N CYS F 14 47.98 44.65 4.15
CA CYS F 14 49.42 44.50 4.37
C CYS F 14 49.99 45.71 5.10
N GLY F 15 49.16 46.70 5.40
CA GLY F 15 49.54 47.82 6.23
C GLY F 15 49.84 49.12 5.51
N ALA F 16 49.21 49.32 4.35
CA ALA F 16 49.40 50.53 3.57
C ALA F 16 49.05 51.76 4.40
N GLU F 17 48.15 51.57 5.36
CA GLU F 17 47.81 52.59 6.32
C GLU F 17 49.04 53.03 7.13
N ALA F 18 49.83 52.06 7.59
CA ALA F 18 51.01 52.38 8.39
C ALA F 18 52.06 53.07 7.54
N VAL F 19 52.10 52.70 6.26
CA VAL F 19 53.03 53.32 5.32
C VAL F 19 52.65 54.78 5.16
N LEU F 20 51.36 55.03 4.96
CA LEU F 20 50.85 56.39 4.85
C LEU F 20 51.26 57.21 6.07
N ALA F 21 51.00 56.63 7.24
CA ALA F 21 51.27 57.32 8.49
C ALA F 21 52.74 57.68 8.60
N ALA F 22 53.61 56.71 8.39
CA ALA F 22 55.04 56.90 8.50
C ALA F 22 55.52 57.95 7.51
N LEU F 23 54.99 57.91 6.29
CA LEU F 23 55.37 58.85 5.26
C LEU F 23 55.03 60.27 5.66
N ARG F 24 53.79 60.47 6.09
CA ARG F 24 53.33 61.79 6.50
C ARG F 24 54.17 62.30 7.67
N LEU F 25 54.44 61.41 8.62
CA LEU F 25 55.22 61.76 9.80
C LEU F 25 56.62 62.22 9.40
N GLU F 26 57.30 61.41 8.61
CA GLU F 26 58.66 61.70 8.20
C GLU F 26 58.73 62.96 7.34
N ALA F 27 57.68 63.20 6.55
CA ALA F 27 57.63 64.41 5.73
C ALA F 27 57.45 65.64 6.61
N GLU F 28 56.65 65.50 7.66
CA GLU F 28 56.47 66.60 8.60
C GLU F 28 57.78 66.87 9.34
N LYS F 29 58.56 65.82 9.55
CA LYS F 29 59.86 65.95 10.20
C LYS F 29 60.93 66.39 9.21
N ARG F 30 60.73 66.06 7.94
CA ARG F 30 61.67 66.46 6.88
C ARG F 30 60.92 67.23 5.79
N GLY F 31 61.06 68.55 5.82
CA GLY F 31 60.36 69.42 4.89
C GLY F 31 60.40 68.94 3.45
N GLY F 32 59.22 68.79 2.87
CA GLY F 32 59.09 68.33 1.50
C GLY F 32 57.73 68.66 0.92
N ALA F 33 57.54 68.35 -0.36
CA ALA F 33 56.26 68.61 -1.02
C ALA F 33 55.18 67.76 -0.39
N LEU F 34 55.44 66.46 -0.29
CA LEU F 34 54.50 65.53 0.31
C LEU F 34 53.18 65.47 -0.46
N ASP F 35 53.24 65.07 -1.73
CA ASP F 35 52.03 64.86 -2.51
C ASP F 35 51.71 63.37 -2.57
N ILE F 36 50.60 63.00 -1.94
CA ILE F 36 50.21 61.61 -1.83
C ILE F 36 49.02 61.30 -2.73
N ALA F 37 49.05 60.13 -3.35
CA ALA F 37 47.95 59.64 -4.16
C ALA F 37 47.40 58.35 -3.56
N ARG F 38 46.22 57.94 -4.01
CA ARG F 38 45.55 56.78 -3.43
C ARG F 38 45.00 55.85 -4.52
N ASN F 39 45.86 55.49 -5.45
CA ASN F 39 45.49 54.61 -6.56
C ASN F 39 45.11 53.22 -6.09
N GLY F 40 44.72 52.37 -7.05
CA GLY F 40 44.40 50.98 -6.76
C GLY F 40 45.61 50.09 -6.88
N SER F 41 45.38 48.78 -6.98
CA SER F 41 46.46 47.82 -7.08
C SER F 41 46.82 47.55 -8.54
N ARG F 42 48.11 47.48 -8.81
CA ARG F 42 48.60 47.25 -10.17
C ARG F 42 48.34 45.82 -10.61
N GLY F 43 48.11 44.93 -9.65
CA GLY F 43 47.87 43.53 -9.94
C GLY F 43 49.03 42.64 -9.53
N MET F 44 49.96 43.20 -8.76
CA MET F 44 51.10 42.45 -8.25
C MET F 44 51.10 42.53 -6.73
N ILE F 45 50.60 41.48 -6.09
CA ILE F 45 50.29 41.53 -4.67
C ILE F 45 51.45 41.10 -3.80
N TRP F 46 52.48 40.50 -4.42
CA TRP F 46 53.65 40.09 -3.67
C TRP F 46 54.44 41.30 -3.22
N LEU F 47 54.10 42.46 -3.76
CA LEU F 47 54.67 43.73 -3.35
C LEU F 47 53.61 44.81 -3.32
N GLU F 48 52.37 44.42 -3.01
CA GLU F 48 51.22 45.32 -3.12
C GLU F 48 51.47 46.68 -2.47
N PRO F 49 52.11 46.71 -1.29
CA PRO F 49 52.42 48.03 -0.72
C PRO F 49 53.54 48.73 -1.47
N LEU F 50 53.39 48.88 -2.78
CA LEU F 50 54.43 49.46 -3.61
C LEU F 50 54.28 50.97 -3.68
N LEU F 51 55.35 51.68 -3.35
CA LEU F 51 55.32 53.12 -3.28
C LEU F 51 55.88 53.74 -4.55
N GLU F 52 55.09 53.73 -5.62
CA GLU F 52 55.51 54.29 -6.89
C GLU F 52 55.82 55.78 -6.74
N VAL F 53 57.00 56.18 -7.20
CA VAL F 53 57.42 57.58 -7.16
C VAL F 53 57.58 58.10 -8.57
N GLU F 54 57.05 59.29 -8.83
CA GLU F 54 57.11 59.90 -10.15
C GLU F 54 58.52 60.37 -10.48
N THR F 55 58.89 60.24 -11.75
CA THR F 55 60.17 60.71 -12.24
C THR F 55 60.02 61.04 -13.72
N PRO F 56 60.92 61.86 -14.27
CA PRO F 56 60.81 62.23 -15.69
C PRO F 56 60.72 61.02 -16.62
N ALA F 57 61.32 59.91 -16.22
CA ALA F 57 61.34 58.70 -17.05
C ALA F 57 60.03 57.92 -16.94
N GLY F 58 59.36 58.04 -15.80
CA GLY F 58 58.14 57.28 -15.57
C GLY F 58 57.75 57.23 -14.10
N ARG F 59 57.49 56.02 -13.61
CA ARG F 59 57.18 55.83 -12.19
C ARG F 59 57.95 54.64 -11.65
N ILE F 60 58.86 54.92 -10.73
CA ILE F 60 59.72 53.88 -10.18
C ILE F 60 59.03 53.22 -8.99
N GLY F 61 58.94 51.90 -9.02
CA GLY F 61 58.23 51.16 -8.00
C GLY F 61 59.12 50.66 -6.88
N PHE F 62 58.51 50.45 -5.71
CA PHE F 62 59.23 49.94 -4.55
C PHE F 62 58.58 48.65 -4.07
N GLY F 63 59.29 47.91 -3.22
CA GLY F 63 58.84 46.60 -2.79
C GLY F 63 57.70 46.66 -1.78
N PRO F 64 57.52 45.58 -1.01
CA PRO F 64 56.48 45.56 0.03
C PRO F 64 56.86 46.50 1.17
N MET F 65 56.59 47.79 0.97
CA MET F 65 57.07 48.83 1.85
C MET F 65 56.49 48.73 3.26
N THR F 66 57.33 48.32 4.20
CA THR F 66 56.99 48.32 5.61
C THR F 66 57.39 49.69 6.19
N PRO F 67 56.61 50.23 7.14
CA PRO F 67 56.94 51.55 7.68
C PRO F 67 58.37 51.67 8.20
N ALA F 68 58.98 50.54 8.53
CA ALA F 68 60.37 50.54 9.01
C ALA F 68 61.32 50.94 7.89
N ASP F 69 60.88 50.76 6.65
CA ASP F 69 61.72 51.04 5.49
C ASP F 69 61.42 52.41 4.88
N VAL F 70 60.38 53.05 5.38
CA VAL F 70 59.99 54.38 4.90
C VAL F 70 61.10 55.41 5.15
N PRO F 71 61.73 55.38 6.34
CA PRO F 71 62.83 56.31 6.59
C PRO F 71 63.94 56.25 5.55
N ALA F 72 64.04 55.14 4.83
CA ALA F 72 65.05 54.97 3.80
C ALA F 72 64.83 55.96 2.66
N LEU F 73 63.59 56.41 2.50
CA LEU F 73 63.26 57.36 1.46
C LEU F 73 63.70 58.77 1.85
N PHE F 74 63.55 59.71 0.92
CA PHE F 74 63.96 61.10 1.12
C PHE F 74 65.48 61.23 1.23
N ASP F 75 66.20 60.12 1.04
CA ASP F 75 67.65 60.13 1.09
C ASP F 75 68.23 59.80 -0.27
N ALA F 76 67.83 58.65 -0.81
CA ALA F 76 68.22 58.24 -2.15
C ALA F 76 67.32 57.12 -2.65
N LEU F 77 66.65 57.35 -3.77
CA LEU F 77 65.72 56.38 -4.33
C LEU F 77 66.46 55.32 -5.14
N GLU F 78 67.72 55.58 -5.45
CA GLU F 78 68.51 54.67 -6.26
C GLU F 78 69.25 53.66 -5.38
N SER F 79 69.69 54.12 -4.22
CA SER F 79 70.45 53.26 -3.30
C SER F 79 69.52 52.61 -2.29
N HIS F 80 68.24 52.47 -2.65
CA HIS F 80 67.26 51.88 -1.76
C HIS F 80 67.29 50.35 -1.86
N PRO F 81 67.10 49.65 -0.71
CA PRO F 81 67.09 48.20 -0.77
C PRO F 81 65.98 47.66 -1.68
N LYS F 82 64.75 48.10 -1.43
CA LYS F 82 63.61 47.68 -2.23
C LYS F 82 63.47 48.52 -3.48
N ALA F 83 64.30 48.22 -4.48
CA ALA F 83 64.24 48.93 -5.76
C ALA F 83 63.69 48.01 -6.84
N LEU F 84 62.75 48.51 -7.62
CA LEU F 84 62.12 47.72 -8.68
C LEU F 84 62.30 48.40 -10.04
N GLY F 85 62.68 49.67 -10.01
CA GLY F 85 62.80 50.44 -11.24
C GLY F 85 61.43 50.79 -11.78
N LEU F 86 61.32 50.93 -13.08
CA LEU F 86 60.03 51.22 -13.70
C LEU F 86 59.07 50.08 -13.41
N VAL F 87 58.04 50.37 -12.63
CA VAL F 87 57.05 49.37 -12.26
C VAL F 87 56.44 48.73 -13.50
N GLU F 88 56.36 49.51 -14.57
CA GLU F 88 55.80 49.02 -15.83
C GLU F 88 56.77 48.07 -16.52
N GLU F 89 58.04 48.13 -16.13
CA GLU F 89 59.09 47.37 -16.80
C GLU F 89 59.44 46.08 -16.07
N ILE F 90 58.60 45.69 -15.11
CA ILE F 90 58.80 44.43 -14.41
C ILE F 90 58.30 43.29 -15.30
N PRO F 91 59.07 42.20 -15.41
CA PRO F 91 58.68 41.11 -16.32
C PRO F 91 57.32 40.51 -16.00
N PHE F 92 56.83 40.73 -14.78
CA PHE F 92 55.52 40.23 -14.38
C PHE F 92 54.41 41.15 -14.89
N PHE F 93 54.75 42.41 -15.13
CA PHE F 93 53.78 43.39 -15.62
C PHE F 93 53.89 43.56 -17.13
N LYS F 94 55.08 43.30 -17.66
CA LYS F 94 55.34 43.49 -19.08
C LYS F 94 54.63 42.45 -19.95
N ARG F 95 54.63 41.21 -19.48
CA ARG F 95 54.11 40.09 -20.27
C ARG F 95 52.58 40.09 -20.34
N GLN F 96 51.95 40.97 -19.57
CA GLN F 96 50.49 41.05 -19.56
C GLN F 96 49.96 41.90 -20.70
N THR F 97 48.94 41.41 -21.39
CA THR F 97 48.21 42.20 -22.37
C THR F 97 47.49 43.34 -21.65
N ARG F 98 46.71 42.98 -20.64
CA ARG F 98 46.15 43.95 -19.72
C ARG F 98 45.23 44.96 -20.39
N LEU F 99 44.13 44.49 -20.96
CA LEU F 99 43.13 45.36 -21.58
C LEU F 99 42.08 45.80 -20.56
N THR F 100 41.36 44.84 -20.00
CA THR F 100 40.26 45.11 -19.08
C THR F 100 40.77 45.85 -17.84
N PHE F 101 41.90 45.41 -17.32
CA PHE F 101 42.50 46.02 -16.14
C PHE F 101 43.56 47.03 -16.53
N ALA F 102 43.38 47.68 -17.68
CA ALA F 102 44.34 48.62 -18.21
C ALA F 102 44.54 49.83 -17.30
N ARG F 103 43.45 50.53 -17.01
CA ARG F 103 43.51 51.78 -16.26
C ARG F 103 43.15 51.57 -14.80
N CYS F 104 43.55 50.43 -14.25
CA CYS F 104 43.19 50.08 -12.88
C CYS F 104 44.10 50.73 -11.84
N GLY F 105 45.40 50.43 -11.90
CA GLY F 105 46.32 50.82 -10.85
C GLY F 105 47.17 52.05 -11.12
N ARG F 106 46.87 52.78 -12.19
CA ARG F 106 47.65 53.95 -12.57
C ARG F 106 46.82 55.22 -12.55
N ILE F 107 45.69 55.18 -11.85
CA ILE F 107 44.82 56.34 -11.71
C ILE F 107 44.16 56.34 -10.34
N GLU F 108 43.69 57.50 -9.91
CA GLU F 108 42.83 57.57 -8.74
C GLU F 108 41.46 57.04 -9.15
N PRO F 109 40.94 56.02 -8.45
CA PRO F 109 39.73 55.33 -8.92
C PRO F 109 38.51 56.25 -9.00
N LEU F 110 38.33 57.09 -8.00
CA LEU F 110 37.17 57.97 -7.94
C LEU F 110 37.47 59.34 -8.51
N SER F 111 38.40 59.41 -9.46
CA SER F 111 38.73 60.65 -10.13
C SER F 111 38.23 60.62 -11.57
N LEU F 112 37.22 61.42 -11.85
CA LEU F 112 36.61 61.46 -13.17
C LEU F 112 37.58 61.99 -14.22
N ALA F 113 38.44 62.91 -13.81
CA ALA F 113 39.40 63.53 -14.72
C ALA F 113 40.35 62.50 -15.30
N GLN F 114 41.01 61.74 -14.42
CA GLN F 114 41.97 60.74 -14.84
C GLN F 114 41.31 59.65 -15.66
N PHE F 115 40.05 59.37 -15.35
CA PHE F 115 39.29 58.35 -16.06
C PHE F 115 39.00 58.79 -17.49
N ALA F 116 38.52 60.02 -17.62
CA ALA F 116 38.17 60.58 -18.92
C ALA F 116 39.41 60.75 -19.79
N ALA F 117 40.52 61.12 -19.14
CA ALA F 117 41.79 61.28 -19.84
C ALA F 117 42.31 59.94 -20.35
N ALA F 118 41.82 58.86 -19.77
CA ALA F 118 42.28 57.52 -20.10
C ALA F 118 41.32 56.82 -21.05
N GLU F 119 40.74 57.58 -21.97
CA GLU F 119 39.84 57.02 -22.97
C GLU F 119 38.55 56.54 -22.33
N GLY F 120 38.27 57.02 -21.12
CA GLY F 120 37.06 56.65 -20.40
C GLY F 120 35.83 57.32 -20.97
N TRP F 121 34.67 56.72 -20.71
CA TRP F 121 33.40 57.25 -21.19
C TRP F 121 33.33 57.27 -22.71
N ALA F 122 34.23 56.55 -23.37
CA ALA F 122 34.26 56.51 -24.82
C ALA F 122 33.24 55.50 -25.33
N GLY F 123 33.24 54.32 -24.73
CA GLY F 123 32.31 53.27 -25.11
C GLY F 123 30.86 53.71 -24.99
N LEU F 124 30.54 54.39 -23.89
CA LEU F 124 29.18 54.83 -23.64
C LEU F 124 28.77 55.92 -24.63
N ARG F 125 29.60 56.95 -24.75
CA ARG F 125 29.31 58.07 -25.64
C ARG F 125 29.35 57.65 -27.11
N LYS F 126 29.87 56.45 -27.36
CA LYS F 126 29.92 55.91 -28.71
C LYS F 126 28.72 55.00 -28.98
N ALA F 127 28.22 54.38 -27.92
CA ALA F 127 27.11 53.44 -28.05
C ALA F 127 25.78 54.15 -28.26
N LEU F 128 25.58 55.26 -27.53
CA LEU F 128 24.33 56.00 -27.61
C LEU F 128 24.06 56.50 -29.03
N LYS F 129 25.12 56.70 -29.79
CA LYS F 129 24.99 57.10 -31.19
C LYS F 129 24.50 55.92 -32.01
N MET F 130 24.77 54.72 -31.53
CA MET F 130 24.41 53.50 -32.24
C MET F 130 23.01 53.03 -31.84
N THR F 131 22.58 51.92 -32.42
CA THR F 131 21.25 51.37 -32.16
C THR F 131 21.33 50.15 -31.23
N PRO F 132 20.21 49.80 -30.60
CA PRO F 132 20.15 48.63 -29.73
C PRO F 132 20.54 47.32 -30.40
N ALA F 133 20.39 47.24 -31.72
CA ALA F 133 20.69 46.02 -32.46
C ALA F 133 22.13 45.99 -32.94
N GLU F 134 22.63 47.16 -33.36
CA GLU F 134 24.01 47.28 -33.83
C GLU F 134 24.97 46.89 -32.73
N VAL F 135 24.70 47.38 -31.52
CA VAL F 135 25.54 47.11 -30.36
C VAL F 135 25.55 45.61 -30.06
N VAL F 136 24.37 44.99 -30.11
CA VAL F 136 24.24 43.57 -29.83
C VAL F 136 25.02 42.77 -30.85
N GLU F 137 24.93 43.16 -32.12
CA GLU F 137 25.64 42.46 -33.18
C GLU F 137 27.15 42.63 -33.02
N GLU F 138 27.57 43.81 -32.55
CA GLU F 138 28.97 44.04 -32.25
C GLU F 138 29.44 43.04 -31.21
N VAL F 139 28.64 42.93 -30.16
CA VAL F 139 28.98 42.08 -29.04
C VAL F 139 29.05 40.62 -29.48
N LEU F 140 28.14 40.25 -30.38
CA LEU F 140 28.06 38.86 -30.83
C LEU F 140 29.19 38.51 -31.80
N ALA F 141 29.61 39.47 -32.61
CA ALA F 141 30.67 39.22 -33.58
C ALA F 141 31.91 38.72 -32.87
N SER F 142 32.16 39.28 -31.69
CA SER F 142 33.36 38.96 -30.86
C SER F 142 33.24 37.60 -30.16
N GLY F 143 32.01 37.10 -29.97
CA GLY F 143 31.83 35.80 -29.29
C GLY F 143 32.51 35.78 -27.94
N LEU F 144 32.31 36.84 -27.14
CA LEU F 144 32.95 36.98 -25.80
C LEU F 144 32.52 35.84 -24.88
N ARG F 145 31.24 35.45 -24.95
CA ARG F 145 30.61 34.35 -24.16
C ARG F 145 30.54 34.72 -22.68
N GLY F 146 30.44 33.71 -21.80
CA GLY F 146 30.33 33.93 -20.35
C GLY F 146 31.69 33.89 -19.68
N ARG F 147 31.81 34.53 -18.50
CA ARG F 147 33.07 34.56 -17.76
C ARG F 147 32.96 33.93 -16.38
N GLY F 148 31.77 33.49 -16.01
CA GLY F 148 31.56 32.88 -14.71
C GLY F 148 31.03 31.47 -14.79
N GLY F 149 30.94 30.94 -16.01
CA GLY F 149 30.40 29.61 -16.22
C GLY F 149 31.10 28.87 -17.35
N ALA F 150 30.41 27.86 -17.89
CA ALA F 150 30.95 27.08 -18.99
C ALA F 150 31.26 27.99 -20.18
N GLY F 151 30.52 29.08 -20.28
CA GLY F 151 30.71 30.05 -21.34
C GLY F 151 29.57 30.01 -22.33
N PHE F 152 28.63 30.94 -22.16
CA PHE F 152 27.51 31.09 -23.07
C PHE F 152 27.64 32.45 -23.75
N PRO F 153 27.67 32.47 -25.11
CA PRO F 153 27.86 33.75 -25.78
C PRO F 153 26.88 34.81 -25.30
N THR F 154 27.40 35.93 -24.81
CA THR F 154 26.57 36.97 -24.23
C THR F 154 25.75 37.66 -25.31
N GLY F 155 26.18 37.50 -26.56
CA GLY F 155 25.44 38.06 -27.67
C GLY F 155 24.09 37.39 -27.81
N ILE F 156 24.08 36.06 -27.75
CA ILE F 156 22.85 35.30 -27.84
C ILE F 156 21.94 35.63 -26.66
N LYS F 157 22.54 35.80 -25.49
CA LYS F 157 21.79 36.14 -24.28
C LYS F 157 21.11 37.49 -24.44
N TRP F 158 21.87 38.48 -24.89
CA TRP F 158 21.34 39.83 -25.09
C TRP F 158 20.25 39.83 -26.15
N ARG F 159 20.43 38.99 -27.17
CA ARG F 159 19.44 38.84 -28.23
C ARG F 159 18.14 38.29 -27.65
N THR F 160 18.27 37.24 -26.85
CA THR F 160 17.11 36.58 -26.26
C THR F 160 16.35 37.52 -25.34
N VAL F 161 17.09 38.33 -24.59
CA VAL F 161 16.47 39.28 -23.68
C VAL F 161 15.80 40.40 -24.45
N ALA F 162 16.43 40.84 -25.54
CA ALA F 162 15.91 41.93 -26.35
C ALA F 162 14.61 41.52 -27.05
N ALA F 163 14.60 40.32 -27.62
CA ALA F 163 13.41 39.80 -28.29
C ALA F 163 12.42 39.25 -27.28
N ALA F 164 12.03 40.08 -26.33
CA ALA F 164 11.05 39.70 -25.31
C ALA F 164 10.40 40.96 -24.76
N GLN F 165 9.08 41.04 -24.88
CA GLN F 165 8.36 42.26 -24.58
C GLN F 165 7.94 42.37 -23.11
N ALA F 166 8.16 43.54 -22.53
CA ALA F 166 7.74 43.83 -21.17
C ALA F 166 7.90 45.32 -20.89
N ASP F 167 7.09 45.83 -19.98
CA ASP F 167 7.08 47.25 -19.67
C ASP F 167 8.39 47.69 -19.01
N GLN F 168 9.04 46.75 -18.32
CA GLN F 168 10.25 47.06 -17.57
C GLN F 168 11.18 45.85 -17.51
N LYS F 169 12.24 45.89 -18.32
CA LYS F 169 13.26 44.85 -18.28
C LYS F 169 14.29 45.20 -17.22
N TYR F 170 15.28 44.33 -17.03
CA TYR F 170 16.25 44.53 -15.97
C TYR F 170 17.65 44.07 -16.37
N ILE F 171 18.65 44.54 -15.62
CA ILE F 171 20.02 44.13 -15.83
C ILE F 171 20.74 43.98 -14.49
N VAL F 172 21.48 42.88 -14.36
CA VAL F 172 22.15 42.57 -13.11
C VAL F 172 23.59 42.15 -13.34
N CYS F 173 24.48 42.64 -12.47
CA CYS F 173 25.87 42.24 -12.47
C CYS F 173 26.11 41.31 -11.30
N ASN F 174 26.50 40.07 -11.59
CA ASN F 174 26.68 39.07 -10.55
C ASN F 174 28.10 39.05 -10.02
N VAL F 175 28.50 40.11 -9.35
CA VAL F 175 29.80 40.14 -8.67
C VAL F 175 29.63 39.60 -7.25
N ASP F 176 29.63 38.28 -7.15
CA ASP F 176 29.50 37.60 -5.87
C ASP F 176 30.54 36.50 -5.81
N GLU F 177 31.79 36.86 -6.09
CA GLU F 177 32.84 35.87 -6.26
C GLU F 177 33.24 35.25 -4.93
N GLY F 178 32.44 34.29 -4.48
CA GLY F 178 32.70 33.57 -3.26
C GLY F 178 33.71 32.48 -3.47
N ASP F 179 34.14 32.30 -4.71
CA ASP F 179 35.15 31.32 -5.04
C ASP F 179 36.50 31.75 -4.48
N SER F 180 37.36 30.77 -4.20
CA SER F 180 38.68 31.03 -3.66
C SER F 180 39.70 31.24 -4.78
N GLY F 181 40.57 32.21 -4.60
CA GLY F 181 41.53 32.57 -5.62
C GLY F 181 41.01 33.65 -6.54
N SER F 182 39.69 33.81 -6.55
CA SER F 182 39.04 34.81 -7.37
C SER F 182 38.96 36.14 -6.65
N PHE F 183 39.76 37.11 -7.08
CA PHE F 183 39.74 38.44 -6.52
C PHE F 183 39.88 39.51 -7.59
N ALA F 184 39.55 39.15 -8.83
CA ALA F 184 39.65 40.08 -9.95
C ALA F 184 38.54 41.13 -9.88
N ASP F 185 37.33 40.69 -9.58
CA ASP F 185 36.19 41.59 -9.48
C ASP F 185 36.45 42.64 -8.42
N ARG F 186 37.01 42.20 -7.30
CA ARG F 186 37.28 43.09 -6.18
C ARG F 186 38.21 44.22 -6.63
N MET F 187 39.26 43.86 -7.36
CA MET F 187 40.21 44.84 -7.85
C MET F 187 39.54 45.79 -8.84
N LEU F 188 38.81 45.22 -9.78
CA LEU F 188 38.20 45.99 -10.86
C LEU F 188 37.13 46.95 -10.35
N ILE F 189 36.54 46.66 -9.19
CA ILE F 189 35.51 47.52 -8.63
C ILE F 189 36.10 48.43 -7.56
N GLU F 190 37.28 48.08 -7.06
CA GLU F 190 37.99 48.94 -6.12
C GLU F 190 39.01 49.79 -6.88
N GLY F 191 39.31 49.37 -8.10
CA GLY F 191 40.16 50.13 -9.00
C GLY F 191 39.54 50.15 -10.38
N ASP F 192 39.38 51.35 -10.93
CA ASP F 192 38.65 51.54 -12.18
C ASP F 192 37.21 51.09 -12.02
N PRO F 193 36.46 51.75 -11.11
CA PRO F 193 35.06 51.36 -10.90
C PRO F 193 34.15 51.83 -12.02
N PHE F 194 34.49 52.97 -12.60
CA PHE F 194 33.67 53.58 -13.64
C PHE F 194 33.58 52.68 -14.88
N CYS F 195 34.48 51.72 -14.99
CA CYS F 195 34.42 50.77 -16.09
C CYS F 195 33.15 49.94 -15.99
N LEU F 196 32.83 49.50 -14.77
CA LEU F 196 31.61 48.74 -14.54
C LEU F 196 30.38 49.60 -14.83
N VAL F 197 30.40 50.84 -14.34
CA VAL F 197 29.30 51.76 -14.57
C VAL F 197 29.04 51.90 -16.07
N GLU F 198 30.12 52.16 -16.80
CA GLU F 198 30.06 52.32 -18.25
C GLU F 198 29.53 51.08 -18.95
N GLY F 199 30.06 49.91 -18.59
CA GLY F 199 29.65 48.67 -19.21
C GLY F 199 28.19 48.37 -18.96
N MET F 200 27.74 48.60 -17.74
CA MET F 200 26.34 48.36 -17.39
C MET F 200 25.43 49.33 -18.12
N ALA F 201 25.85 50.58 -18.23
CA ALA F 201 25.05 51.57 -18.94
C ALA F 201 24.92 51.17 -20.41
N ILE F 202 26.03 50.71 -20.99
CA ILE F 202 26.04 50.26 -22.37
C ILE F 202 25.10 49.07 -22.55
N ALA F 203 25.20 48.11 -21.64
CA ALA F 203 24.40 46.90 -21.72
C ALA F 203 22.91 47.22 -21.57
N GLY F 204 22.60 48.21 -20.74
CA GLY F 204 21.23 48.61 -20.52
C GLY F 204 20.66 49.35 -21.72
N HIS F 205 21.50 50.17 -22.34
CA HIS F 205 21.10 50.88 -23.55
C HIS F 205 20.88 49.88 -24.69
N ALA F 206 21.66 48.82 -24.68
CA ALA F 206 21.56 47.79 -25.71
C ALA F 206 20.31 46.92 -25.56
N VAL F 207 20.22 46.26 -24.41
CA VAL F 207 19.15 45.31 -24.16
C VAL F 207 17.79 45.99 -24.22
N GLY F 208 17.68 47.16 -23.60
CA GLY F 208 16.42 47.88 -23.54
C GLY F 208 15.96 48.12 -22.12
N ALA F 209 16.91 48.12 -21.19
CA ALA F 209 16.60 48.31 -19.78
C ALA F 209 16.78 49.76 -19.37
N THR F 210 16.18 50.11 -18.24
CA THR F 210 16.30 51.46 -17.68
C THR F 210 16.74 51.39 -16.22
N ARG F 211 16.43 50.28 -15.56
CA ARG F 211 16.82 50.05 -14.18
C ARG F 211 17.90 48.98 -14.14
N GLY F 212 18.88 49.16 -13.25
CA GLY F 212 19.99 48.24 -13.14
C GLY F 212 20.41 47.98 -11.72
N TYR F 213 21.09 46.85 -11.51
CA TYR F 213 21.52 46.46 -10.18
C TYR F 213 22.91 45.85 -10.22
N VAL F 214 23.60 45.90 -9.08
CA VAL F 214 24.91 45.29 -8.94
C VAL F 214 24.96 44.59 -7.59
N TYR F 215 25.20 43.29 -7.62
CA TYR F 215 25.15 42.48 -6.42
C TYR F 215 26.54 42.24 -5.84
N ILE F 216 26.87 42.96 -4.77
CA ILE F 216 28.15 42.81 -4.10
C ILE F 216 28.00 41.91 -2.89
N ARG F 217 29.06 41.21 -2.53
CA ARG F 217 29.06 40.38 -1.34
C ARG F 217 29.15 41.24 -0.08
N SER F 218 29.23 40.56 1.07
CA SER F 218 29.45 41.23 2.33
C SER F 218 30.91 41.07 2.77
N GLU F 219 31.60 40.12 2.17
CA GLU F 219 33.00 39.89 2.48
C GLU F 219 33.90 40.85 1.69
N TYR F 220 33.28 41.74 0.92
CA TYR F 220 33.99 42.77 0.19
C TYR F 220 33.48 44.15 0.60
N PRO F 221 33.75 44.56 1.85
CA PRO F 221 33.22 45.79 2.44
C PRO F 221 33.77 47.08 1.83
N ASP F 222 34.95 47.02 1.23
CA ASP F 222 35.56 48.20 0.62
C ASP F 222 35.00 48.45 -0.77
N ALA F 223 34.88 47.36 -1.53
CA ALA F 223 34.36 47.41 -2.89
C ALA F 223 32.96 48.01 -2.91
N ILE F 224 32.17 47.67 -1.89
CA ILE F 224 30.79 48.13 -1.80
C ILE F 224 30.76 49.66 -1.74
N ALA F 225 31.54 50.21 -0.81
CA ALA F 225 31.60 51.65 -0.63
C ALA F 225 32.17 52.33 -1.88
N VAL F 226 33.18 51.72 -2.48
CA VAL F 226 33.77 52.28 -3.68
C VAL F 226 32.73 52.38 -4.78
N MET F 227 31.97 51.31 -4.98
CA MET F 227 30.98 51.26 -6.05
C MET F 227 29.85 52.24 -5.75
N ARG F 228 29.49 52.38 -4.48
CA ARG F 228 28.48 53.34 -4.08
C ARG F 228 28.92 54.76 -4.45
N ALA F 229 30.16 55.08 -4.11
CA ALA F 229 30.71 56.40 -4.39
C ALA F 229 30.78 56.62 -5.90
N ALA F 230 31.11 55.58 -6.64
CA ALA F 230 31.19 55.66 -8.09
C ALA F 230 29.83 55.98 -8.68
N ILE F 231 28.81 55.24 -8.23
CA ILE F 231 27.45 55.42 -8.71
C ILE F 231 26.94 56.81 -8.36
N ALA F 232 27.32 57.30 -7.20
CA ALA F 232 26.88 58.62 -6.74
C ALA F 232 27.61 59.73 -7.49
N MET F 233 28.83 59.45 -7.92
CA MET F 233 29.63 60.44 -8.63
C MET F 233 29.27 60.50 -10.11
N ALA F 234 28.93 59.35 -10.68
CA ALA F 234 28.69 59.26 -12.11
C ALA F 234 27.21 59.45 -12.45
N LYS F 235 26.43 59.90 -11.48
CA LYS F 235 25.01 60.15 -11.70
C LYS F 235 24.80 61.05 -12.92
N PRO F 236 25.58 62.13 -13.04
CA PRO F 236 25.50 62.94 -14.26
C PRO F 236 25.77 62.14 -15.54
N PHE F 237 26.83 61.34 -15.52
CA PHE F 237 27.21 60.54 -16.68
C PHE F 237 26.23 59.41 -16.92
N LEU F 238 25.43 59.07 -15.90
CA LEU F 238 24.43 58.03 -16.01
C LEU F 238 23.12 58.61 -16.54
N ALA F 239 22.91 59.89 -16.29
CA ALA F 239 21.69 60.58 -16.72
C ALA F 239 21.55 60.55 -18.23
N GLU F 240 22.63 60.82 -18.93
CA GLU F 240 22.63 60.89 -20.39
C GLU F 240 22.24 59.56 -21.02
N ALA F 241 22.47 58.47 -20.29
CA ALA F 241 22.22 57.12 -20.81
C ALA F 241 20.81 56.64 -20.51
N GLY F 242 20.11 57.35 -19.61
CA GLY F 242 18.81 56.91 -19.17
C GLY F 242 18.95 55.61 -18.41
N PHE F 243 19.65 55.67 -17.29
CA PHE F 243 20.04 54.48 -16.54
C PHE F 243 20.27 54.83 -15.08
N GLU F 244 19.51 54.20 -14.20
CA GLU F 244 19.68 54.39 -12.76
C GLU F 244 20.04 53.05 -12.14
N MET F 245 21.26 52.97 -11.62
CA MET F 245 21.77 51.73 -11.06
C MET F 245 21.93 51.86 -9.56
N GLU F 246 21.72 50.75 -8.86
CA GLU F 246 21.83 50.73 -7.41
C GLU F 246 22.64 49.52 -6.97
N VAL F 247 23.36 49.67 -5.87
CA VAL F 247 24.14 48.59 -5.32
C VAL F 247 23.26 47.80 -4.36
N ARG F 248 23.42 46.48 -4.38
CA ARG F 248 22.70 45.63 -3.45
C ARG F 248 23.68 44.65 -2.83
N VAL F 249 23.78 44.72 -1.51
CA VAL F 249 24.74 43.92 -0.77
C VAL F 249 24.17 42.54 -0.48
N GLY F 250 24.99 41.52 -0.68
CA GLY F 250 24.60 40.17 -0.35
C GLY F 250 24.44 40.01 1.15
N ALA F 251 24.21 38.78 1.59
CA ALA F 251 23.97 38.53 3.01
C ALA F 251 24.68 37.27 3.49
N GLY F 252 25.75 36.89 2.80
CA GLY F 252 26.58 35.79 3.25
C GLY F 252 26.16 34.42 2.75
N ALA F 253 26.06 34.28 1.43
CA ALA F 253 25.74 32.99 0.83
C ALA F 253 26.43 32.81 -0.51
N TYR F 254 27.18 31.72 -0.64
CA TYR F 254 27.94 31.44 -1.84
C TYR F 254 27.02 30.97 -2.97
N VAL F 255 25.86 30.46 -2.59
CA VAL F 255 24.91 29.93 -3.54
C VAL F 255 24.07 31.03 -4.16
N CYS F 256 24.26 32.26 -3.69
CA CYS F 256 23.55 33.40 -4.24
C CYS F 256 24.30 33.97 -5.44
N GLY F 257 25.30 33.23 -5.91
CA GLY F 257 26.03 33.60 -7.10
C GLY F 257 25.38 33.01 -8.33
N GLU F 258 24.54 32.01 -8.11
CA GLU F 258 23.76 31.42 -9.19
C GLU F 258 22.73 32.44 -9.63
N GLU F 259 22.52 32.55 -10.94
CA GLU F 259 21.62 33.53 -11.50
C GLU F 259 20.26 33.51 -10.83
N THR F 260 19.68 32.31 -10.72
CA THR F 260 18.35 32.15 -10.15
C THR F 260 18.32 32.58 -8.69
N SER F 261 19.21 32.02 -7.90
CA SER F 261 19.27 32.35 -6.47
C SER F 261 19.59 33.82 -6.28
N LEU F 262 20.42 34.36 -7.16
CA LEU F 262 20.80 35.75 -7.10
C LEU F 262 19.56 36.63 -7.24
N LEU F 263 18.85 36.46 -8.35
CA LEU F 263 17.67 37.28 -8.62
C LEU F 263 16.53 36.94 -7.67
N ASN F 264 16.64 35.81 -6.97
CA ASN F 264 15.68 35.43 -5.94
C ASN F 264 15.95 36.19 -4.66
N SER F 265 17.23 36.48 -4.42
CA SER F 265 17.65 37.25 -3.27
C SER F 265 17.37 38.73 -3.52
N LEU F 266 17.48 39.15 -4.77
CA LEU F 266 17.14 40.53 -5.13
C LEU F 266 15.67 40.80 -4.85
N GLU F 267 14.83 39.78 -5.05
CA GLU F 267 13.39 39.93 -4.95
C GLU F 267 12.88 40.03 -3.52
N GLY F 268 13.77 39.88 -2.54
CA GLY F 268 13.38 39.96 -1.14
C GLY F 268 13.13 38.62 -0.47
N LYS F 269 13.20 37.55 -1.23
CA LYS F 269 12.95 36.21 -0.70
C LYS F 269 14.26 35.55 -0.30
N ARG F 270 14.21 34.27 0.05
CA ARG F 270 15.40 33.53 0.42
C ARG F 270 15.99 32.84 -0.80
N GLY F 271 17.31 32.85 -0.89
CA GLY F 271 18.01 32.44 -2.09
C GLY F 271 18.03 30.95 -2.36
N THR F 272 16.85 30.39 -2.61
CA THR F 272 16.73 29.00 -3.04
C THR F 272 16.76 28.95 -4.56
N VAL F 273 17.59 28.07 -5.10
CA VAL F 273 17.73 27.94 -6.54
C VAL F 273 16.43 27.46 -7.14
N ARG F 274 16.02 28.07 -8.25
CA ARG F 274 14.81 27.69 -8.95
C ARG F 274 15.11 26.62 -9.98
N ALA F 275 14.06 25.90 -10.39
CA ALA F 275 14.17 25.01 -11.53
C ALA F 275 14.32 25.86 -12.78
N LYS F 276 14.51 25.24 -13.92
CA LYS F 276 14.77 26.00 -15.15
C LYS F 276 13.87 25.63 -16.32
N PRO F 277 12.54 25.56 -16.11
CA PRO F 277 11.74 25.62 -17.34
C PRO F 277 11.85 26.99 -17.98
N PRO F 278 11.65 28.08 -17.20
CA PRO F 278 11.92 29.41 -17.75
C PRO F 278 13.33 29.88 -17.44
N LEU F 279 14.00 30.52 -18.40
CA LEU F 279 15.31 31.08 -18.14
C LEU F 279 15.14 32.50 -17.60
N PRO F 280 16.09 32.96 -16.76
CA PRO F 280 16.01 34.32 -16.23
C PRO F 280 15.87 35.36 -17.33
N ALA F 281 16.43 35.06 -18.50
CA ALA F 281 16.33 35.94 -19.66
C ALA F 281 14.88 36.12 -20.07
N LEU F 282 14.14 35.01 -20.13
CA LEU F 282 12.74 35.04 -20.49
C LEU F 282 11.90 35.59 -19.34
N LYS F 283 12.10 35.00 -18.16
CA LYS F 283 11.40 35.44 -16.95
C LYS F 283 12.36 35.44 -15.78
N GLY F 284 12.68 36.64 -15.29
CA GLY F 284 13.63 36.79 -14.21
C GLY F 284 13.11 37.62 -13.06
N LEU F 285 13.82 38.71 -12.76
CA LEU F 285 13.47 39.57 -11.64
C LEU F 285 12.04 40.06 -11.75
N PHE F 286 11.24 39.74 -10.75
CA PHE F 286 9.82 40.11 -10.73
C PHE F 286 9.13 39.69 -12.02
N GLY F 287 9.46 38.50 -12.51
CA GLY F 287 8.83 37.95 -13.69
C GLY F 287 9.13 38.68 -14.99
N LYS F 288 9.97 39.70 -14.90
CA LYS F 288 10.32 40.49 -16.08
C LYS F 288 11.68 40.08 -16.61
N PRO F 289 11.87 40.12 -17.94
CA PRO F 289 13.16 39.72 -18.50
C PRO F 289 14.32 40.46 -17.89
N THR F 290 15.42 39.76 -17.64
CA THR F 290 16.59 40.36 -17.04
C THR F 290 17.86 39.77 -17.63
N VAL F 291 18.82 40.63 -17.95
CA VAL F 291 20.12 40.18 -18.42
C VAL F 291 21.08 40.14 -17.24
N VAL F 292 21.45 38.93 -16.83
CA VAL F 292 22.30 38.73 -15.66
C VAL F 292 23.67 38.26 -16.12
N ASN F 293 24.69 39.06 -15.84
CA ASN F 293 26.03 38.77 -16.32
C ASN F 293 27.09 39.04 -15.26
N ASN F 294 28.29 38.49 -15.49
CA ASN F 294 29.43 38.73 -14.60
C ASN F 294 30.09 40.06 -14.91
N LEU F 295 30.89 40.54 -13.96
CA LEU F 295 31.54 41.83 -14.07
C LEU F 295 32.57 41.86 -15.19
N LEU F 296 33.40 40.82 -15.25
CA LEU F 296 34.42 40.71 -16.30
C LEU F 296 33.79 40.71 -17.69
N SER F 297 32.56 40.26 -17.78
CA SER F 297 31.84 40.26 -19.05
C SER F 297 31.27 41.64 -19.34
N LEU F 298 30.94 42.36 -18.28
CA LEU F 298 30.41 43.71 -18.41
C LEU F 298 31.50 44.77 -18.24
N ALA F 299 32.75 44.33 -18.21
CA ALA F 299 33.89 45.23 -18.14
C ALA F 299 34.58 45.31 -19.49
N ALA F 300 34.30 44.34 -20.36
CA ALA F 300 34.89 44.29 -21.68
C ALA F 300 33.94 44.86 -22.73
N VAL F 301 32.67 44.95 -22.38
CA VAL F 301 31.64 45.45 -23.29
C VAL F 301 32.03 46.82 -23.88
N PRO F 302 32.40 47.78 -23.02
CA PRO F 302 32.78 49.10 -23.54
C PRO F 302 33.98 49.02 -24.47
N TRP F 303 35.01 48.33 -24.01
CA TRP F 303 36.21 48.11 -24.78
C TRP F 303 35.88 47.44 -26.11
N ILE F 304 35.01 46.43 -26.05
CA ILE F 304 34.65 45.66 -27.23
C ILE F 304 33.98 46.56 -28.26
N ILE F 305 33.04 47.40 -27.81
CA ILE F 305 32.25 48.19 -28.74
C ILE F 305 33.05 49.40 -29.26
N ALA F 306 33.99 49.88 -28.46
CA ALA F 306 34.74 51.08 -28.84
C ALA F 306 35.99 50.77 -29.64
N HIS F 307 36.89 49.97 -29.05
CA HIS F 307 38.16 49.66 -29.67
C HIS F 307 38.01 48.73 -30.87
N GLY F 308 36.80 48.25 -31.10
CA GLY F 308 36.52 47.37 -32.22
C GLY F 308 36.47 45.91 -31.83
N ALA F 309 35.36 45.26 -32.16
CA ALA F 309 35.16 43.86 -31.82
C ALA F 309 36.17 42.97 -32.52
N LYS F 310 36.57 43.37 -33.72
CA LYS F 310 37.52 42.60 -34.52
C LYS F 310 38.87 42.50 -33.81
N ALA F 311 39.15 43.47 -32.95
CA ALA F 311 40.41 43.46 -32.20
C ALA F 311 40.33 42.46 -31.06
N TYR F 312 39.19 42.44 -30.37
CA TYR F 312 39.00 41.57 -29.22
C TYR F 312 38.94 40.10 -29.62
N GLU F 313 38.64 39.84 -30.89
CA GLU F 313 38.56 38.48 -31.40
C GLU F 313 39.94 37.94 -31.76
N SER F 314 40.91 38.86 -31.90
CA SER F 314 42.26 38.48 -32.26
C SER F 314 42.91 37.63 -31.18
N PHE F 315 42.60 37.95 -29.93
CA PHE F 315 43.17 37.23 -28.79
C PHE F 315 42.39 35.96 -28.49
N GLY F 316 43.13 34.85 -28.32
CA GLY F 316 42.53 33.61 -27.88
C GLY F 316 42.74 32.44 -28.83
N MET F 317 42.13 31.32 -28.50
CA MET F 317 42.23 30.10 -29.29
C MET F 317 41.10 30.04 -30.33
N ASP F 318 40.91 28.89 -30.94
CA ASP F 318 39.93 28.75 -32.01
C ASP F 318 38.51 29.05 -31.56
N ARG F 319 38.14 28.56 -30.38
CA ARG F 319 36.78 28.73 -29.87
C ARG F 319 36.69 29.88 -28.88
N SER F 320 37.63 29.91 -27.93
CA SER F 320 37.65 30.95 -26.91
C SER F 320 38.38 32.18 -27.45
N ARG F 321 37.72 33.32 -27.41
CA ARG F 321 38.29 34.56 -27.95
C ARG F 321 38.29 35.68 -26.91
N GLY F 322 39.44 36.31 -26.76
CA GLY F 322 39.56 37.46 -25.87
C GLY F 322 40.56 37.25 -24.75
N THR F 323 40.77 38.29 -23.95
CA THR F 323 41.69 38.22 -22.83
C THR F 323 40.96 37.90 -21.54
N ILE F 324 41.61 37.12 -20.69
CA ILE F 324 41.07 36.78 -19.38
C ILE F 324 42.12 37.10 -18.33
N PRO F 325 41.67 37.58 -17.16
CA PRO F 325 42.57 37.67 -16.01
C PRO F 325 42.72 36.33 -15.32
N LEU F 326 43.95 35.98 -14.97
CA LEU F 326 44.24 34.78 -14.21
C LEU F 326 44.69 35.20 -12.82
N GLN F 327 43.90 34.83 -11.82
CA GLN F 327 44.19 35.18 -10.45
C GLN F 327 44.97 34.06 -9.79
N ILE F 328 46.09 34.41 -9.18
CA ILE F 328 47.03 33.43 -8.68
C ILE F 328 47.33 33.70 -7.21
N GLY F 329 46.89 32.79 -6.36
CA GLY F 329 47.03 32.94 -4.93
C GLY F 329 47.48 31.68 -4.24
N GLY F 330 47.42 31.66 -2.92
CA GLY F 330 47.87 30.52 -2.15
C GLY F 330 49.38 30.51 -2.00
N ASN F 331 49.96 29.33 -1.87
CA ASN F 331 51.40 29.20 -1.77
C ASN F 331 52.04 29.47 -3.12
N VAL F 332 52.45 30.71 -3.33
CA VAL F 332 53.07 31.10 -4.58
C VAL F 332 53.88 32.37 -4.37
N LYS F 333 55.06 32.42 -4.98
CA LYS F 333 55.99 33.53 -4.79
C LYS F 333 55.39 34.85 -5.26
N ARG F 334 55.14 34.96 -6.56
CA ARG F 334 54.57 36.16 -7.14
C ARG F 334 53.11 35.96 -7.45
N GLY F 335 52.24 36.28 -6.49
CA GLY F 335 50.81 36.11 -6.68
C GLY F 335 50.21 37.26 -7.47
N GLY F 336 48.90 37.41 -7.37
CA GLY F 336 48.22 38.54 -7.97
C GLY F 336 47.41 38.22 -9.21
N LEU F 337 47.59 39.04 -10.24
CA LEU F 337 46.73 38.97 -11.42
C LEU F 337 47.52 39.07 -12.70
N PHE F 338 47.17 38.20 -13.65
CA PHE F 338 47.84 38.16 -14.96
C PHE F 338 46.81 38.17 -16.07
N GLU F 339 46.64 39.31 -16.72
CA GLU F 339 45.65 39.42 -17.80
C GLU F 339 46.32 39.06 -19.11
N THR F 340 45.78 38.06 -19.79
CA THR F 340 46.37 37.59 -21.04
C THR F 340 45.39 36.81 -21.89
N GLY F 341 45.77 36.53 -23.13
CA GLY F 341 44.94 35.76 -24.02
C GLY F 341 45.00 34.29 -23.72
N PHE F 342 43.97 33.55 -24.09
CA PHE F 342 43.90 32.12 -23.86
C PHE F 342 45.00 31.40 -24.61
N GLY F 343 45.15 30.11 -24.34
CA GLY F 343 46.15 29.29 -25.00
C GLY F 343 47.42 29.13 -24.20
N ILE F 344 47.53 29.86 -23.11
CA ILE F 344 48.71 29.78 -22.25
C ILE F 344 48.64 28.54 -21.37
N THR F 345 49.76 27.85 -21.23
CA THR F 345 49.84 26.68 -20.36
C THR F 345 50.08 27.11 -18.92
N LEU F 346 49.39 26.46 -17.99
CA LEU F 346 49.52 26.81 -16.58
C LEU F 346 50.93 26.47 -16.10
N GLY F 347 51.62 25.63 -16.85
CA GLY F 347 53.02 25.34 -16.58
C GLY F 347 53.81 26.63 -16.57
N GLU F 348 53.65 27.42 -17.61
CA GLU F 348 54.34 28.70 -17.73
C GLU F 348 53.88 29.66 -16.63
N LEU F 349 52.58 29.66 -16.37
CA LEU F 349 51.97 30.60 -15.44
C LEU F 349 52.36 30.33 -13.99
N VAL F 350 52.75 29.09 -13.69
CA VAL F 350 52.93 28.67 -12.31
C VAL F 350 54.38 28.33 -11.99
N GLU F 351 55.19 28.03 -13.01
CA GLU F 351 56.58 27.64 -12.79
C GLU F 351 57.55 28.72 -13.25
N ASP F 352 57.13 29.53 -14.21
CA ASP F 352 58.01 30.55 -14.80
C ASP F 352 57.61 31.96 -14.39
N ILE F 353 56.35 32.33 -14.66
CA ILE F 353 55.89 33.68 -14.38
C ILE F 353 55.85 33.92 -12.88
N CYS F 354 55.07 33.12 -12.16
CA CYS F 354 54.92 33.29 -10.72
C CYS F 354 55.88 32.41 -9.93
N GLY F 355 57.05 32.16 -10.50
CA GLY F 355 58.06 31.36 -9.83
C GLY F 355 57.54 30.01 -9.39
N GLY F 356 57.75 29.68 -8.12
CA GLY F 356 57.24 28.44 -7.56
C GLY F 356 56.32 28.68 -6.38
N THR F 357 56.82 28.39 -5.18
CA THR F 357 56.05 28.57 -3.96
C THR F 357 56.76 29.53 -3.01
N ALA F 358 56.00 30.04 -2.04
CA ALA F 358 56.56 30.95 -1.05
C ALA F 358 57.43 30.19 -0.07
N SER F 359 57.03 28.96 0.23
CA SER F 359 57.78 28.10 1.13
C SER F 359 59.09 27.65 0.50
N GLY F 360 59.13 27.66 -0.82
CA GLY F 360 60.29 27.21 -1.56
C GLY F 360 60.19 25.75 -1.96
N ARG F 361 59.11 25.10 -1.55
CA ARG F 361 58.89 23.70 -1.87
C ARG F 361 58.26 23.56 -3.26
N PRO F 362 58.30 22.34 -3.82
CA PRO F 362 57.62 22.10 -5.09
C PRO F 362 56.11 22.25 -4.97
N VAL F 363 55.39 22.09 -6.08
CA VAL F 363 53.94 22.15 -6.07
C VAL F 363 53.38 20.78 -6.40
N LYS F 364 52.38 20.36 -5.64
CA LYS F 364 51.74 19.07 -5.86
C LYS F 364 50.36 19.25 -6.47
N ALA F 365 49.77 20.41 -6.23
CA ALA F 365 48.40 20.68 -6.69
C ALA F 365 48.27 22.08 -7.25
N VAL F 366 47.40 22.22 -8.25
CA VAL F 366 47.04 23.51 -8.79
C VAL F 366 45.56 23.48 -9.13
N GLN F 367 44.77 24.19 -8.34
CA GLN F 367 43.32 24.13 -8.46
C GLN F 367 42.76 25.29 -9.27
N VAL F 368 42.41 25.02 -10.52
CA VAL F 368 41.74 25.99 -11.36
C VAL F 368 40.28 26.04 -10.96
N GLY F 369 39.67 27.21 -11.05
CA GLY F 369 38.33 27.41 -10.56
C GLY F 369 38.33 27.42 -9.04
N GLY F 370 37.15 27.59 -8.45
CA GLY F 370 37.04 27.61 -7.01
C GLY F 370 37.09 26.21 -6.43
N PRO F 371 36.35 25.97 -5.33
CA PRO F 371 36.25 24.61 -4.79
C PRO F 371 35.39 23.70 -5.66
N LEU F 372 34.90 24.23 -6.77
CA LEU F 372 34.16 23.45 -7.74
C LEU F 372 35.05 23.09 -8.92
N GLY F 373 36.35 22.98 -8.64
CA GLY F 373 37.33 22.74 -9.69
C GLY F 373 38.33 21.66 -9.34
N ALA F 374 38.72 20.89 -10.35
CA ALA F 374 39.58 19.74 -10.15
C ALA F 374 40.98 20.15 -9.71
N TYR F 375 41.74 19.17 -9.23
CA TYR F 375 43.09 19.40 -8.75
C TYR F 375 44.10 18.98 -9.80
N HIS F 376 44.59 19.94 -10.57
CA HIS F 376 45.52 19.65 -11.65
C HIS F 376 46.96 19.63 -11.15
N PRO F 377 47.64 18.47 -11.26
CA PRO F 377 49.02 18.36 -10.78
C PRO F 377 50.06 18.89 -11.77
N VAL F 378 51.33 18.68 -11.43
CA VAL F 378 52.44 19.12 -12.26
C VAL F 378 52.39 18.50 -13.65
N SER F 379 51.87 17.28 -13.74
CA SER F 379 51.85 16.55 -15.01
C SER F 379 50.97 17.22 -16.06
N ASP F 380 50.03 18.04 -15.61
CA ASP F 380 49.12 18.70 -16.53
C ASP F 380 49.63 20.07 -16.96
N TYR F 381 50.94 20.30 -16.79
CA TYR F 381 51.55 21.57 -17.15
C TYR F 381 51.51 21.82 -18.65
N HIS F 382 51.21 20.77 -19.41
CA HIS F 382 51.17 20.87 -20.87
C HIS F 382 49.75 21.11 -21.35
N LEU F 383 48.95 21.78 -20.52
CA LEU F 383 47.54 22.00 -20.83
C LEU F 383 47.23 23.50 -20.89
N PRO F 384 46.98 24.04 -22.09
CA PRO F 384 46.75 25.48 -22.23
C PRO F 384 45.42 25.94 -21.64
N PHE F 385 45.32 27.24 -21.35
CA PHE F 385 44.14 27.80 -20.71
C PHE F 385 43.05 28.16 -21.72
N CYS F 386 42.04 27.31 -21.80
CA CYS F 386 40.86 27.61 -22.60
C CYS F 386 39.70 26.77 -22.10
N TYR F 387 38.47 27.23 -22.35
CA TYR F 387 37.30 26.56 -21.83
C TYR F 387 37.17 25.14 -22.35
N GLU F 388 37.23 24.99 -23.67
CA GLU F 388 36.96 23.71 -24.31
C GLU F 388 37.95 22.61 -23.90
N GLN F 389 39.24 22.92 -23.90
CA GLN F 389 40.25 21.91 -23.64
C GLN F 389 40.27 21.50 -22.17
N PHE F 390 40.07 22.46 -21.28
CA PHE F 390 40.01 22.17 -19.86
C PHE F 390 38.75 21.39 -19.50
N ALA F 391 37.63 21.75 -20.12
CA ALA F 391 36.38 21.04 -19.91
C ALA F 391 36.44 19.66 -20.55
N GLY F 392 37.39 19.49 -21.47
CA GLY F 392 37.61 18.20 -22.09
C GLY F 392 38.52 17.31 -21.27
N GLN F 393 39.52 17.92 -20.64
CA GLN F 393 40.49 17.17 -19.84
C GLN F 393 40.04 17.10 -18.39
N GLY F 394 38.80 16.69 -18.17
CA GLY F 394 38.26 16.49 -16.84
C GLY F 394 38.56 17.60 -15.86
N GLY F 395 37.97 18.78 -16.11
CA GLY F 395 38.19 19.92 -15.24
C GLY F 395 37.20 21.05 -15.47
N LEU F 396 37.60 22.25 -15.08
CA LEU F 396 36.75 23.42 -15.24
C LEU F 396 37.57 24.71 -15.10
N VAL F 397 37.29 25.68 -15.96
CA VAL F 397 37.88 27.00 -15.84
C VAL F 397 36.76 28.02 -15.92
N GLY F 398 36.55 28.73 -14.81
CA GLY F 398 35.47 29.69 -14.71
C GLY F 398 35.96 31.12 -14.59
N HIS F 399 36.01 31.60 -13.35
CA HIS F 399 36.46 32.96 -13.07
C HIS F 399 37.99 32.99 -12.99
N ALA F 400 38.62 31.94 -13.51
CA ALA F 400 40.07 31.88 -13.66
C ALA F 400 40.80 31.82 -12.32
N GLY F 401 40.10 31.43 -11.27
CA GLY F 401 40.73 31.23 -9.98
C GLY F 401 41.85 30.22 -10.09
N LEU F 402 42.94 30.45 -9.35
CA LEU F 402 44.10 29.58 -9.43
C LEU F 402 44.92 29.64 -8.14
N VAL F 403 44.80 28.60 -7.32
CA VAL F 403 45.56 28.51 -6.08
C VAL F 403 46.66 27.47 -6.25
N VAL F 404 47.55 27.38 -5.26
CA VAL F 404 48.67 26.45 -5.33
C VAL F 404 48.92 25.81 -3.98
N HIS F 405 49.25 24.53 -4.00
CA HIS F 405 49.60 23.80 -2.77
C HIS F 405 50.92 23.07 -2.97
N ASP F 406 51.76 23.11 -1.94
CA ASP F 406 53.06 22.44 -1.98
C ASP F 406 52.98 21.04 -1.37
N ASP F 407 54.12 20.36 -1.35
CA ASP F 407 54.18 18.97 -0.95
C ASP F 407 53.74 18.73 0.50
N THR F 408 53.69 19.80 1.30
CA THR F 408 53.32 19.67 2.70
C THR F 408 51.81 19.78 2.88
N ALA F 409 51.07 19.58 1.80
CA ALA F 409 49.61 19.62 1.85
C ALA F 409 49.03 18.21 1.82
N ASP F 410 47.93 18.01 2.53
CA ASP F 410 47.26 16.72 2.57
C ASP F 410 45.99 16.76 1.74
N MET F 411 45.91 15.89 0.75
CA MET F 411 44.80 15.90 -0.20
C MET F 411 43.52 15.41 0.46
N LEU F 412 43.66 14.60 1.50
CA LEU F 412 42.51 14.10 2.24
C LEU F 412 41.76 15.26 2.89
N LYS F 413 42.53 16.14 3.54
CA LYS F 413 41.97 17.30 4.21
C LYS F 413 41.19 18.15 3.21
N LEU F 414 41.75 18.31 2.01
CA LEU F 414 41.15 19.17 1.00
C LEU F 414 39.90 18.55 0.40
N ALA F 415 39.95 17.24 0.14
CA ALA F 415 38.80 16.53 -0.40
C ALA F 415 37.67 16.55 0.62
N ARG F 416 38.01 16.55 1.89
CA ARG F 416 37.00 16.64 2.94
C ARG F 416 36.43 18.06 3.00
N PHE F 417 37.31 19.04 2.87
CA PHE F 417 36.90 20.44 2.90
C PHE F 417 35.95 20.74 1.76
N ALA F 418 36.15 20.10 0.62
CA ALA F 418 35.27 20.29 -0.52
C ALA F 418 33.81 19.99 -0.14
N MET F 419 33.58 18.81 0.39
CA MET F 419 32.23 18.41 0.81
C MET F 419 31.76 19.25 1.98
N GLU F 420 32.66 19.61 2.89
CA GLU F 420 32.29 20.45 4.03
C GLU F 420 31.75 21.79 3.53
N PHE F 421 32.36 22.29 2.47
CA PHE F 421 31.96 23.53 1.84
C PHE F 421 30.61 23.38 1.18
N CYS F 422 30.49 22.35 0.36
CA CYS F 422 29.23 22.04 -0.31
C CYS F 422 28.10 21.84 0.70
N ALA F 423 28.46 21.53 1.94
CA ALA F 423 27.49 21.31 3.00
C ALA F 423 27.09 22.61 3.67
N ILE F 424 28.09 23.39 4.07
CA ILE F 424 27.82 24.65 4.74
C ILE F 424 27.21 25.63 3.75
N GLU F 425 27.68 25.59 2.51
CA GLU F 425 27.11 26.40 1.43
C GLU F 425 26.10 25.58 0.65
N SER F 426 24.84 25.65 1.05
CA SER F 426 23.79 24.88 0.38
C SER F 426 22.42 25.40 0.74
N CYS F 427 21.64 25.79 -0.27
CA CYS F 427 20.31 26.32 -0.05
C CYS F 427 19.41 25.27 0.58
N GLY F 428 19.56 24.04 0.14
CA GLY F 428 18.77 22.94 0.66
C GLY F 428 17.55 22.59 -0.17
N THR F 429 17.55 23.01 -1.43
CA THR F 429 16.41 22.79 -2.30
C THR F 429 16.30 21.35 -2.77
N CYS F 430 17.41 20.76 -3.20
CA CYS F 430 17.39 19.39 -3.69
C CYS F 430 18.30 18.51 -2.87
N THR F 431 17.95 17.23 -2.82
CA THR F 431 18.48 16.29 -1.83
C THR F 431 19.97 15.97 -2.01
N PRO F 432 20.41 15.73 -3.26
CA PRO F 432 21.82 15.40 -3.49
C PRO F 432 22.85 16.37 -2.92
N CYS F 433 22.43 17.54 -2.44
CA CYS F 433 23.34 18.48 -1.77
C CYS F 433 22.97 18.61 -0.29
N ARG F 434 21.68 18.55 0.00
CA ARG F 434 21.21 18.55 1.38
C ARG F 434 21.87 17.45 2.17
N ILE F 435 21.64 16.22 1.71
CA ILE F 435 22.06 15.03 2.44
C ILE F 435 23.34 14.47 1.86
N GLY F 436 23.48 14.54 0.54
CA GLY F 436 24.63 14.01 -0.15
C GLY F 436 25.94 14.51 0.40
N ALA F 437 26.03 15.81 0.64
CA ALA F 437 27.26 16.44 1.08
C ALA F 437 27.61 16.04 2.51
N VAL F 438 26.63 16.13 3.39
CA VAL F 438 26.84 15.82 4.80
C VAL F 438 27.02 14.32 5.01
N ARG F 439 26.73 13.53 3.99
CA ARG F 439 27.00 12.09 4.06
C ARG F 439 28.37 11.78 3.45
N GLY F 440 28.75 12.54 2.44
CA GLY F 440 30.06 12.39 1.84
C GLY F 440 31.15 12.82 2.79
N VAL F 441 30.83 13.80 3.63
CA VAL F 441 31.77 14.29 4.63
C VAL F 441 32.04 13.22 5.66
N GLU F 442 31.09 12.30 5.83
CA GLU F 442 31.26 11.17 6.74
C GLU F 442 31.99 10.03 6.03
N VAL F 443 31.63 9.83 4.76
CA VAL F 443 32.25 8.77 3.96
C VAL F 443 33.74 9.03 3.81
N ILE F 444 34.13 10.29 3.72
CA ILE F 444 35.54 10.62 3.57
C ILE F 444 36.29 10.31 4.86
N ASP F 445 35.66 10.59 6.00
CA ASP F 445 36.25 10.26 7.29
C ASP F 445 36.42 8.74 7.39
N ARG F 446 35.43 8.01 6.90
CA ARG F 446 35.47 6.56 6.92
C ARG F 446 36.62 6.06 6.05
N ILE F 447 36.80 6.70 4.90
CA ILE F 447 37.91 6.38 4.01
C ILE F 447 39.22 6.60 4.75
N ALA F 448 39.27 7.68 5.50
CA ALA F 448 40.44 8.01 6.31
C ALA F 448 40.71 6.91 7.32
N ALA F 449 39.64 6.34 7.86
CA ALA F 449 39.76 5.24 8.82
C ALA F 449 40.48 4.06 8.18
N GLY F 450 40.01 3.64 7.01
CA GLY F 450 40.61 2.54 6.29
C GLY F 450 39.62 1.61 5.62
N ASP F 451 38.33 1.91 5.76
CA ASP F 451 37.28 1.08 5.19
C ASP F 451 37.41 0.99 3.67
N ALA F 452 37.03 -0.16 3.12
CA ALA F 452 37.10 -0.40 1.68
C ALA F 452 35.72 -0.31 1.05
N SER F 453 34.69 -0.35 1.88
CA SER F 453 33.31 -0.25 1.41
C SER F 453 32.88 1.20 1.29
N ALA F 454 33.85 2.11 1.34
CA ALA F 454 33.57 3.54 1.30
C ALA F 454 33.90 4.13 -0.07
N MET F 455 35.00 3.69 -0.65
CA MET F 455 35.47 4.24 -1.91
C MET F 455 34.47 4.03 -3.05
N PRO F 456 33.99 2.79 -3.25
CA PRO F 456 32.96 2.62 -4.28
C PRO F 456 31.67 3.35 -3.91
N LEU F 457 31.36 3.34 -2.62
CA LEU F 457 30.23 4.09 -2.10
C LEU F 457 30.39 5.56 -2.46
N LEU F 458 31.60 6.05 -2.27
CA LEU F 458 31.92 7.45 -2.56
C LEU F 458 31.74 7.75 -4.02
N ASP F 459 32.19 6.83 -4.87
CA ASP F 459 32.06 6.99 -6.31
C ASP F 459 30.59 7.09 -6.72
N ASP F 460 29.77 6.20 -6.17
CA ASP F 460 28.35 6.20 -6.48
C ASP F 460 27.67 7.47 -6.01
N LEU F 461 28.03 7.89 -4.79
CA LEU F 461 27.54 9.15 -4.23
C LEU F 461 27.87 10.31 -5.14
N CYS F 462 29.13 10.37 -5.57
CA CYS F 462 29.60 11.45 -6.42
C CYS F 462 28.86 11.45 -7.74
N GLN F 463 28.61 10.26 -8.28
CA GLN F 463 27.92 10.16 -9.56
C GLN F 463 26.47 10.64 -9.46
N THR F 464 25.79 10.24 -8.39
CA THR F 464 24.40 10.66 -8.22
C THR F 464 24.35 12.16 -7.95
N MET F 465 25.38 12.68 -7.30
CA MET F 465 25.48 14.12 -7.07
C MET F 465 25.65 14.87 -8.38
N LYS F 466 26.51 14.34 -9.24
CA LYS F 466 26.75 14.93 -10.55
C LYS F 466 25.48 14.95 -11.38
N LEU F 467 24.80 13.81 -11.46
CA LEU F 467 23.67 13.64 -12.37
C LEU F 467 22.33 14.08 -11.81
N GLY F 468 22.26 14.35 -10.50
CA GLY F 468 20.99 14.66 -9.88
C GLY F 468 20.84 16.07 -9.35
N SER F 469 21.95 16.66 -8.89
CA SER F 469 21.89 17.95 -8.22
C SER F 469 21.34 19.03 -9.15
N LEU F 470 20.56 19.92 -8.58
CA LEU F 470 19.86 20.95 -9.34
C LEU F 470 20.82 22.00 -9.90
N CYS F 471 21.80 22.41 -9.10
CA CYS F 471 22.76 23.40 -9.53
C CYS F 471 24.16 22.80 -9.52
N ALA F 472 25.16 23.65 -9.73
CA ALA F 472 26.53 23.18 -9.88
C ALA F 472 27.29 23.14 -8.56
N LEU F 473 26.68 23.64 -7.50
CA LEU F 473 27.29 23.59 -6.18
C LEU F 473 27.31 22.17 -5.64
N GLY F 474 26.47 21.31 -6.23
CA GLY F 474 26.41 19.93 -5.85
C GLY F 474 26.48 19.03 -7.06
N GLY F 475 26.93 19.61 -8.17
CA GLY F 475 27.14 18.87 -9.40
C GLY F 475 28.58 18.94 -9.85
N PHE F 476 29.35 19.82 -9.22
CA PHE F 476 30.77 19.96 -9.50
C PHE F 476 31.58 19.72 -8.25
N THR F 477 30.91 19.68 -7.10
CA THR F 477 31.54 19.30 -5.85
C THR F 477 32.25 17.96 -5.93
N PRO F 478 31.70 17.01 -6.72
CA PRO F 478 32.38 15.74 -6.92
C PRO F 478 33.73 15.83 -7.60
N TYR F 479 33.98 16.92 -8.33
CA TYR F 479 35.20 17.02 -9.12
C TYR F 479 36.45 17.12 -8.25
N PRO F 480 36.45 18.02 -7.26
CA PRO F 480 37.57 18.06 -6.32
C PRO F 480 37.88 16.71 -5.72
N VAL F 481 36.85 16.05 -5.23
CA VAL F 481 36.98 14.74 -4.61
C VAL F 481 37.64 13.74 -5.57
N GLN F 482 37.00 13.54 -6.71
CA GLN F 482 37.44 12.53 -7.66
C GLN F 482 38.84 12.84 -8.18
N SER F 483 39.16 14.12 -8.35
CA SER F 483 40.46 14.54 -8.83
C SER F 483 41.53 14.25 -7.80
N ALA F 484 41.26 14.63 -6.55
CA ALA F 484 42.20 14.40 -5.47
C ALA F 484 42.41 12.91 -5.26
N ILE F 485 41.42 12.12 -5.64
CA ILE F 485 41.48 10.68 -5.46
C ILE F 485 42.25 9.99 -6.59
N ARG F 486 42.06 10.47 -7.82
CA ARG F 486 42.68 9.81 -8.97
C ARG F 486 44.05 10.39 -9.35
N HIS F 487 44.38 11.55 -8.79
CA HIS F 487 45.66 12.20 -9.08
C HIS F 487 46.64 11.98 -7.95
N PHE F 488 46.13 11.90 -6.73
CA PHE F 488 46.96 11.74 -5.54
C PHE F 488 46.49 10.56 -4.69
N PRO F 489 46.71 9.34 -5.19
CA PRO F 489 46.31 8.12 -4.49
C PRO F 489 47.26 7.73 -3.36
N ALA F 490 48.41 8.39 -3.30
CA ALA F 490 49.41 8.11 -2.28
C ALA F 490 49.07 8.79 -0.95
N ASP F 491 47.90 9.43 -0.91
CA ASP F 491 47.46 10.16 0.28
C ASP F 491 46.13 9.60 0.78
N PHE F 492 45.44 8.86 -0.08
CA PHE F 492 44.16 8.26 0.27
C PHE F 492 44.29 6.75 0.48
N PRO F 493 44.32 6.31 1.75
CA PRO F 493 44.43 4.86 1.98
C PRO F 493 43.18 4.10 1.55
N THR G 2 13.51 53.16 22.60
CA THR G 2 13.76 53.83 21.32
C THR G 2 14.07 52.79 20.24
N ASP G 3 13.34 51.68 20.26
CA ASP G 3 13.50 50.62 19.29
C ASP G 3 12.51 50.80 18.15
N THR G 4 11.24 50.99 18.53
CA THR G 4 10.18 51.19 17.56
C THR G 4 10.49 52.39 16.69
N ALA G 5 11.03 53.44 17.30
CA ALA G 5 11.37 54.66 16.59
C ALA G 5 12.40 54.39 15.49
N ARG G 6 13.50 53.76 15.89
CA ARG G 6 14.57 53.44 14.96
C ARG G 6 14.05 52.56 13.82
N LEU G 7 13.24 51.57 14.17
CA LEU G 7 12.74 50.62 13.19
C LEU G 7 11.82 51.31 12.20
N ARG G 8 10.95 52.18 12.71
CA ARG G 8 10.03 52.93 11.86
C ARG G 8 10.80 53.83 10.92
N ALA G 9 11.84 54.47 11.44
CA ALA G 9 12.68 55.34 10.62
C ALA G 9 13.34 54.55 9.51
N ILE G 10 13.87 53.38 9.86
CA ILE G 10 14.53 52.52 8.89
C ILE G 10 13.56 52.13 7.80
N LEU G 11 12.36 51.73 8.19
CA LEU G 11 11.35 51.26 7.24
C LEU G 11 10.88 52.40 6.34
N ALA G 12 10.84 53.60 6.90
CA ALA G 12 10.47 54.78 6.12
C ALA G 12 11.55 55.12 5.11
N ALA G 13 12.80 54.84 5.49
CA ALA G 13 13.94 55.10 4.61
C ALA G 13 13.92 54.17 3.40
N HIS G 14 13.33 52.99 3.55
CA HIS G 14 13.30 52.00 2.48
C HIS G 14 11.87 51.77 1.98
N ARG G 15 11.12 52.86 1.86
CA ARG G 15 9.73 52.79 1.43
C ARG G 15 9.60 52.92 -0.08
N GLY G 16 8.97 51.94 -0.71
CA GLY G 16 8.68 51.99 -2.13
C GLY G 16 9.67 51.25 -3.01
N ARG G 17 10.74 50.74 -2.41
CA ARG G 17 11.77 50.03 -3.16
C ARG G 17 11.26 48.71 -3.70
N GLU G 18 12.07 48.07 -4.54
CA GLU G 18 11.75 46.77 -5.11
C GLU G 18 12.57 45.69 -4.43
N GLY G 19 11.91 44.80 -3.70
CA GLY G 19 12.59 43.79 -2.91
C GLY G 19 13.42 44.47 -1.84
N ALA G 20 12.75 45.14 -0.92
CA ALA G 20 13.41 45.97 0.08
C ALA G 20 13.62 45.24 1.40
N LEU G 21 13.31 43.95 1.43
CA LEU G 21 13.44 43.19 2.66
C LEU G 21 14.90 43.07 3.06
N LEU G 22 15.75 42.68 2.12
CA LEU G 22 17.17 42.48 2.40
C LEU G 22 17.84 43.75 2.92
N PRO G 23 17.69 44.89 2.21
CA PRO G 23 18.27 46.13 2.73
C PRO G 23 17.76 46.54 4.10
N ILE G 24 16.46 46.37 4.32
CA ILE G 24 15.85 46.74 5.59
C ILE G 24 16.48 45.90 6.69
N LEU G 25 16.66 44.61 6.42
CA LEU G 25 17.26 43.72 7.41
C LEU G 25 18.72 44.08 7.65
N HIS G 26 19.44 44.47 6.60
CA HIS G 26 20.82 44.91 6.76
C HIS G 26 20.87 46.08 7.73
N ASP G 27 20.01 47.07 7.48
CA ASP G 27 20.00 48.29 8.27
C ASP G 27 19.63 47.99 9.72
N VAL G 28 18.67 47.08 9.90
CA VAL G 28 18.25 46.68 11.23
C VAL G 28 19.43 46.07 11.98
N GLN G 29 20.10 45.12 11.35
CA GLN G 29 21.24 44.46 11.97
C GLN G 29 22.33 45.46 12.30
N ALA G 30 22.52 46.43 11.42
CA ALA G 30 23.57 47.42 11.60
C ALA G 30 23.26 48.32 12.78
N ALA G 31 21.98 48.59 12.98
CA ALA G 31 21.54 49.45 14.08
C ALA G 31 21.75 48.76 15.43
N PHE G 32 21.07 47.64 15.63
CA PHE G 32 21.11 46.94 16.91
C PHE G 32 22.31 46.01 17.02
N GLY G 33 22.44 45.10 16.07
CA GLY G 33 23.47 44.08 16.09
C GLY G 33 22.91 42.71 15.77
N PHE G 34 21.59 42.63 15.72
CA PHE G 34 20.91 41.39 15.39
C PHE G 34 19.48 41.69 14.95
N ILE G 35 18.78 40.68 14.45
CA ILE G 35 17.39 40.84 14.07
C ILE G 35 16.50 40.36 15.22
N PRO G 36 16.02 41.29 16.05
CA PRO G 36 15.21 40.85 17.19
C PRO G 36 13.86 40.28 16.76
N GLU G 37 13.39 39.27 17.48
CA GLU G 37 12.10 38.65 17.17
C GLU G 37 10.97 39.64 17.38
N ASP G 38 11.27 40.74 18.07
CA ASP G 38 10.30 41.82 18.26
C ASP G 38 10.28 42.76 17.06
N ALA G 39 10.99 42.36 16.00
CA ALA G 39 11.03 43.16 14.78
C ALA G 39 10.84 42.30 13.54
N TYR G 40 10.18 41.16 13.72
CA TYR G 40 9.82 40.31 12.59
C TYR G 40 8.45 40.74 12.06
N ALA G 41 7.61 41.22 12.97
CA ALA G 41 6.25 41.60 12.64
C ALA G 41 6.13 42.95 11.93
N PRO G 42 6.69 44.02 12.51
CA PRO G 42 6.57 45.33 11.86
C PRO G 42 7.11 45.37 10.44
N ILE G 43 8.24 44.71 10.21
CA ILE G 43 8.85 44.63 8.89
C ILE G 43 7.87 43.98 7.94
N ALA G 44 7.33 42.84 8.36
CA ALA G 44 6.40 42.07 7.57
C ALA G 44 5.16 42.90 7.22
N ALA G 45 4.71 43.69 8.18
CA ALA G 45 3.52 44.51 8.00
C ALA G 45 3.77 45.61 6.99
N ASP G 46 4.85 46.35 7.20
CA ASP G 46 5.18 47.47 6.33
C ASP G 46 5.54 47.02 4.91
N LEU G 47 5.95 45.77 4.77
CA LEU G 47 6.30 45.22 3.46
C LEU G 47 5.18 44.36 2.88
N GLY G 48 4.20 44.01 3.71
CA GLY G 48 3.07 43.22 3.25
C GLY G 48 3.36 41.72 3.24
N LEU G 49 4.41 41.34 3.96
CA LEU G 49 4.79 39.94 4.07
C LEU G 49 4.17 39.32 5.31
N THR G 50 4.62 38.12 5.65
CA THR G 50 4.19 37.46 6.87
C THR G 50 5.41 37.13 7.73
N ARG G 51 5.20 37.09 9.04
CA ARG G 51 6.26 36.79 9.99
C ARG G 51 7.09 35.58 9.54
N ALA G 52 6.42 34.60 8.96
CA ALA G 52 7.08 33.39 8.49
C ALA G 52 8.17 33.68 7.47
N GLU G 53 7.86 34.46 6.46
CA GLU G 53 8.82 34.77 5.41
C GLU G 53 9.96 35.63 5.94
N VAL G 54 9.61 36.59 6.79
CA VAL G 54 10.58 37.47 7.40
C VAL G 54 11.54 36.69 8.29
N ALA G 55 11.07 35.56 8.80
CA ALA G 55 11.92 34.70 9.63
C ALA G 55 12.77 33.77 8.77
N GLY G 56 12.18 33.28 7.69
CA GLY G 56 12.89 32.40 6.78
C GLY G 56 14.06 33.10 6.12
N VAL G 57 13.84 34.35 5.73
CA VAL G 57 14.88 35.15 5.11
C VAL G 57 16.02 35.38 6.09
N VAL G 58 15.68 35.61 7.34
CA VAL G 58 16.65 35.87 8.39
C VAL G 58 17.43 34.60 8.69
N GLY G 59 16.77 33.46 8.55
CA GLY G 59 17.39 32.18 8.84
C GLY G 59 18.34 31.72 7.75
N PHE G 60 17.94 31.92 6.50
CA PHE G 60 18.72 31.47 5.36
C PHE G 60 20.12 32.11 5.33
N TYR G 61 20.17 33.39 5.68
CA TYR G 61 21.39 34.16 5.50
C TYR G 61 22.22 34.22 6.77
N HIS G 62 23.53 34.06 6.60
CA HIS G 62 24.45 33.94 7.72
C HIS G 62 24.88 35.29 8.29
N ASP G 63 24.85 36.33 7.46
CA ASP G 63 25.27 37.65 7.87
C ASP G 63 24.30 38.28 8.85
N PHE G 64 23.10 37.73 8.95
CA PHE G 64 22.10 38.24 9.88
C PHE G 64 22.18 37.48 11.20
N ARG G 65 22.73 38.14 12.22
CA ARG G 65 22.89 37.50 13.52
C ARG G 65 21.53 37.26 14.17
N LYS G 66 21.43 36.17 14.92
CA LYS G 66 20.22 35.84 15.66
C LYS G 66 20.40 36.27 17.11
N ALA G 67 21.66 36.39 17.52
CA ALA G 67 22.00 36.95 18.82
C ALA G 67 23.27 37.77 18.68
N PRO G 68 23.49 38.73 19.59
CA PRO G 68 24.65 39.62 19.43
C PRO G 68 25.98 38.88 19.54
N ALA G 69 27.04 39.52 19.07
CA ALA G 69 28.39 38.98 19.19
C ALA G 69 29.11 39.69 20.34
N GLY G 70 30.40 39.39 20.50
CA GLY G 70 31.18 40.02 21.54
C GLY G 70 31.61 41.43 21.16
N ARG G 71 32.34 42.08 22.07
CA ARG G 71 32.82 43.44 21.82
C ARG G 71 33.68 43.46 20.57
N HIS G 72 34.33 42.35 20.28
CA HIS G 72 35.17 42.22 19.09
C HIS G 72 34.76 40.99 18.29
N VAL G 73 35.13 40.97 17.03
CA VAL G 73 34.82 39.85 16.16
C VAL G 73 36.05 39.52 15.33
N ILE G 74 36.27 38.23 15.11
CA ILE G 74 37.41 37.78 14.35
C ILE G 74 36.95 36.74 13.34
N LYS G 75 36.86 37.18 12.08
CA LYS G 75 36.57 36.26 11.00
C LYS G 75 37.88 35.79 10.40
N LEU G 76 37.93 34.52 10.05
CA LEU G 76 39.16 33.89 9.61
C LEU G 76 38.85 32.93 8.48
N CYS G 77 39.33 33.24 7.28
CA CYS G 77 39.02 32.44 6.10
C CYS G 77 39.34 30.98 6.36
N ARG G 78 38.63 30.10 5.67
CA ARG G 78 38.86 28.67 5.79
C ARG G 78 38.79 28.05 4.41
N ALA G 79 39.02 28.88 3.39
CA ALA G 79 38.94 28.45 2.01
C ALA G 79 40.24 27.81 1.56
N GLU G 80 40.31 27.48 0.28
CA GLU G 80 41.44 26.70 -0.24
C GLU G 80 42.75 27.47 -0.15
N ALA G 81 42.78 28.68 -0.73
CA ALA G 81 44.02 29.44 -0.80
C ALA G 81 44.57 29.74 0.58
N CYS G 82 43.75 30.36 1.42
CA CYS G 82 44.18 30.74 2.75
C CYS G 82 44.54 29.50 3.57
N GLN G 83 43.91 28.37 3.26
CA GLN G 83 44.26 27.10 3.89
C GLN G 83 45.67 26.69 3.50
N ALA G 84 46.00 26.94 2.23
CA ALA G 84 47.26 26.49 1.66
C ALA G 84 48.45 27.03 2.44
N MET G 85 48.42 28.32 2.75
CA MET G 85 49.55 28.97 3.38
C MET G 85 49.41 28.98 4.90
N GLY G 86 48.74 27.96 5.43
CA GLY G 86 48.69 27.74 6.87
C GLY G 86 47.73 28.62 7.64
N MET G 87 46.44 28.46 7.37
CA MET G 87 45.41 29.14 8.14
C MET G 87 45.12 28.35 9.41
N ASP G 88 45.32 27.04 9.34
CA ASP G 88 45.06 26.16 10.48
C ASP G 88 45.94 26.54 11.66
N ALA G 89 47.20 26.81 11.37
CA ALA G 89 48.16 27.17 12.41
C ALA G 89 47.78 28.50 13.07
N VAL G 90 47.43 29.48 12.24
CA VAL G 90 46.99 30.78 12.72
C VAL G 90 45.78 30.61 13.61
N GLN G 91 44.84 29.81 13.14
CA GLN G 91 43.61 29.53 13.86
C GLN G 91 43.90 28.94 15.23
N ALA G 92 44.78 27.94 15.26
CA ALA G 92 45.13 27.26 16.50
C ALA G 92 45.78 28.24 17.48
N ARG G 93 46.78 28.96 17.01
CA ARG G 93 47.48 29.95 17.83
C ARG G 93 46.49 30.94 18.43
N LEU G 94 45.62 31.47 17.59
CA LEU G 94 44.70 32.51 18.00
C LEU G 94 43.64 32.01 18.98
N GLU G 95 43.10 30.82 18.72
CA GLU G 95 42.07 30.26 19.57
C GLU G 95 42.67 29.79 20.90
N SER G 96 43.97 29.53 20.91
CA SER G 96 44.67 29.24 22.17
C SER G 96 44.90 30.54 22.93
N ALA G 97 45.19 31.60 22.19
CA ALA G 97 45.39 32.92 22.78
C ALA G 97 44.12 33.39 23.49
N LEU G 98 42.99 33.35 22.78
CA LEU G 98 41.72 33.79 23.33
C LEU G 98 41.05 32.68 24.14
N GLY G 99 41.30 31.43 23.75
CA GLY G 99 40.70 30.29 24.42
C GLY G 99 39.35 29.90 23.85
N LEU G 100 39.04 30.43 22.68
CA LEU G 100 37.76 30.16 22.01
C LEU G 100 37.96 29.47 20.67
N ARG G 101 37.43 28.25 20.56
CA ARG G 101 37.54 27.47 19.33
C ARG G 101 36.76 28.10 18.20
N LEU G 102 36.88 27.53 17.01
CA LEU G 102 36.17 28.02 15.84
C LEU G 102 34.66 27.96 16.04
N GLY G 103 34.01 29.10 15.85
CA GLY G 103 32.56 29.18 16.00
C GLY G 103 32.15 29.46 17.44
N ASP G 104 33.03 29.15 18.37
CA ASP G 104 32.76 29.37 19.78
C ASP G 104 32.86 30.86 20.08
N SER G 105 31.74 31.44 20.50
CA SER G 105 31.66 32.87 20.77
C SER G 105 31.79 33.15 22.27
N SER G 106 31.77 34.43 22.62
CA SER G 106 31.77 34.82 24.03
C SER G 106 31.33 36.28 24.14
N GLU G 107 31.47 36.86 25.31
CA GLU G 107 31.15 38.26 25.52
C GLU G 107 32.34 39.13 25.15
N ALA G 108 33.53 38.53 25.16
CA ALA G 108 34.75 39.24 24.81
C ALA G 108 34.95 39.27 23.31
N VAL G 109 34.89 38.11 22.68
CA VAL G 109 35.16 37.99 21.25
C VAL G 109 34.23 36.99 20.58
N THR G 110 34.44 36.80 19.28
CA THR G 110 33.69 35.84 18.51
C THR G 110 34.53 35.38 17.33
N LEU G 111 35.02 34.14 17.41
CA LEU G 111 35.85 33.59 16.35
C LEU G 111 35.00 32.80 15.37
N GLU G 112 35.07 33.16 14.10
CA GLU G 112 34.23 32.52 13.10
C GLU G 112 34.91 32.45 11.73
N ALA G 113 34.25 31.81 10.77
CA ALA G 113 34.78 31.66 9.43
C ALA G 113 34.05 32.57 8.45
N VAL G 114 34.73 32.95 7.38
CA VAL G 114 34.17 33.83 6.36
C VAL G 114 34.31 33.24 4.96
N TYR G 115 35.32 32.38 4.80
CA TYR G 115 35.51 31.58 3.59
C TYR G 115 36.02 32.36 2.37
N CYS G 116 36.09 33.68 2.48
CA CYS G 116 36.92 34.49 1.57
C CYS G 116 36.86 35.96 1.98
N LEU G 117 37.89 36.71 1.62
CA LEU G 117 37.91 38.14 1.84
C LEU G 117 38.46 38.88 0.62
N GLY G 118 38.90 38.12 -0.38
CA GLY G 118 39.55 38.70 -1.54
C GLY G 118 41.06 38.72 -1.38
N LEU G 119 41.51 38.50 -0.15
CA LEU G 119 42.93 38.47 0.15
C LEU G 119 43.50 37.08 -0.08
N CYS G 120 43.33 36.57 -1.30
CA CYS G 120 43.77 35.21 -1.62
C CYS G 120 45.27 35.15 -1.85
N ALA G 121 45.82 36.19 -2.46
CA ALA G 121 47.26 36.26 -2.68
C ALA G 121 47.96 36.35 -1.33
N CYS G 122 47.45 37.23 -0.48
CA CYS G 122 47.87 37.29 0.90
C CYS G 122 47.14 36.18 1.66
N ALA G 123 47.59 34.95 1.44
CA ALA G 123 46.81 33.77 1.81
C ALA G 123 46.25 33.83 3.22
N PRO G 124 47.11 34.02 4.23
CA PRO G 124 46.49 34.08 5.55
C PRO G 124 45.80 35.42 5.75
N ALA G 125 44.48 35.41 5.86
CA ALA G 125 43.70 36.64 5.92
C ALA G 125 42.66 36.58 7.02
N ALA G 126 42.43 37.72 7.64
CA ALA G 126 41.48 37.82 8.74
C ALA G 126 40.75 39.15 8.71
N MET G 127 39.57 39.19 9.33
CA MET G 127 38.82 40.42 9.49
C MET G 127 38.57 40.64 10.98
N VAL G 128 39.27 41.62 11.54
CA VAL G 128 39.12 41.99 12.93
C VAL G 128 38.46 43.37 13.01
N ASP G 129 37.18 43.39 13.37
CA ASP G 129 36.46 44.63 13.59
C ASP G 129 36.61 45.60 12.43
N ASP G 130 36.14 45.21 11.26
CA ASP G 130 36.17 46.06 10.07
C ASP G 130 37.59 46.41 9.65
N ARG G 131 38.57 45.68 10.17
CA ARG G 131 39.94 45.86 9.72
C ARG G 131 40.48 44.56 9.14
N LEU G 132 40.77 44.57 7.85
CA LEU G 132 41.33 43.40 7.19
C LEU G 132 42.82 43.29 7.49
N VAL G 133 43.31 42.06 7.58
CA VAL G 133 44.71 41.81 7.84
C VAL G 133 45.16 40.63 6.98
N GLY G 134 46.37 40.73 6.43
CA GLY G 134 46.91 39.71 5.57
C GLY G 134 48.30 39.27 5.98
N ARG G 135 48.74 38.15 5.43
CA ARG G 135 50.04 37.59 5.79
C ARG G 135 50.10 37.39 7.29
N LEU G 136 49.06 36.80 7.86
CA LEU G 136 48.99 36.57 9.29
C LEU G 136 49.92 35.44 9.70
N ASP G 137 51.16 35.79 10.00
CA ASP G 137 52.12 34.82 10.49
C ASP G 137 51.79 34.52 11.95
N ALA G 138 52.65 33.73 12.59
CA ALA G 138 52.46 33.40 14.00
C ALA G 138 52.94 34.54 14.90
N ALA G 139 53.34 35.65 14.29
CA ALA G 139 53.80 36.82 15.03
C ALA G 139 52.75 37.93 15.01
N ALA G 140 52.08 38.08 13.87
CA ALA G 140 51.05 39.10 13.72
C ALA G 140 49.89 38.85 14.68
N VAL G 141 49.69 37.58 15.05
CA VAL G 141 48.63 37.22 15.99
C VAL G 141 48.85 37.94 17.32
N ALA G 142 50.12 38.15 17.66
CA ALA G 142 50.47 38.84 18.89
C ALA G 142 49.84 40.22 18.90
N GLY G 143 50.01 40.96 17.81
CA GLY G 143 49.43 42.28 17.69
C GLY G 143 47.93 42.24 17.53
N ILE G 144 47.44 41.18 16.90
CA ILE G 144 46.01 40.97 16.72
C ILE G 144 45.34 40.94 18.09
N VAL G 145 45.96 40.23 19.02
CA VAL G 145 45.41 40.07 20.36
C VAL G 145 45.77 41.27 21.25
N ALA G 146 46.87 41.94 20.94
CA ALA G 146 47.33 43.06 21.75
C ALA G 146 46.35 44.23 21.69
N GLU G 147 45.94 44.57 20.47
CA GLU G 147 44.96 45.64 20.28
C GLU G 147 43.55 45.12 20.55
N LEU G 148 43.46 43.83 20.89
CA LEU G 148 42.18 43.17 21.07
C LEU G 148 42.11 42.46 22.42
N GLY G 149 41.69 43.20 23.45
CA GLY G 149 41.57 42.64 24.78
C GLY G 149 40.32 41.82 24.96
N SER H 2 -45.01 53.52 20.08
CA SER H 2 -46.46 53.21 19.94
C SER H 2 -46.86 53.15 18.48
N ASP H 3 -46.00 52.53 17.67
CA ASP H 3 -46.30 52.33 16.26
C ASP H 3 -46.65 50.88 16.05
N ASP H 4 -47.73 50.63 15.32
CA ASP H 4 -48.11 49.26 15.00
C ASP H 4 -47.14 48.75 13.96
N LYS H 5 -46.74 47.49 14.10
CA LYS H 5 -45.74 46.93 13.21
C LYS H 5 -46.22 46.97 11.77
N ILE H 6 -47.53 46.79 11.60
CA ILE H 6 -48.11 46.73 10.27
C ILE H 6 -48.07 48.13 9.64
N ILE H 7 -48.42 49.15 10.43
CA ILE H 7 -48.38 50.53 9.97
C ILE H 7 -46.95 50.88 9.60
N ARG H 8 -46.01 50.43 10.43
CA ARG H 8 -44.59 50.70 10.23
C ARG H 8 -44.12 50.13 8.90
N MET H 9 -44.45 48.86 8.67
CA MET H 9 -44.05 48.19 7.44
C MET H 9 -44.67 48.87 6.23
N ALA H 10 -45.94 49.26 6.35
CA ALA H 10 -46.65 49.93 5.27
C ALA H 10 -45.96 51.25 4.91
N ASN H 11 -45.67 52.05 5.93
CA ASN H 11 -45.01 53.34 5.73
C ASN H 11 -43.63 53.15 5.13
N GLN H 12 -42.93 52.10 5.54
CA GLN H 12 -41.63 51.79 4.97
C GLN H 12 -41.74 51.52 3.46
N ILE H 13 -42.68 50.64 3.12
CA ILE H 13 -42.89 50.25 1.73
C ILE H 13 -43.26 51.48 0.91
N ALA H 14 -44.05 52.37 1.50
CA ALA H 14 -44.46 53.59 0.82
C ALA H 14 -43.27 54.51 0.60
N ALA H 15 -42.46 54.68 1.63
CA ALA H 15 -41.28 55.53 1.56
C ALA H 15 -40.36 55.04 0.46
N PHE H 16 -40.30 53.72 0.27
CA PHE H 16 -39.50 53.18 -0.83
C PHE H 16 -40.14 53.46 -2.18
N PHE H 17 -41.38 53.01 -2.36
CA PHE H 17 -42.04 53.08 -3.66
C PHE H 17 -42.33 54.52 -4.08
N ALA H 18 -42.13 55.48 -3.18
CA ALA H 18 -42.40 56.88 -3.48
C ALA H 18 -41.44 57.45 -4.52
N VAL H 19 -40.16 57.14 -4.38
CA VAL H 19 -39.14 57.75 -5.24
C VAL H 19 -39.19 57.20 -6.66
N GLN H 20 -40.05 56.22 -6.90
CA GLN H 20 -40.13 55.58 -8.21
C GLN H 20 -40.93 56.43 -9.20
N PRO H 21 -40.75 56.17 -10.50
CA PRO H 21 -41.44 56.89 -11.57
C PRO H 21 -42.73 56.20 -12.01
N GLY H 22 -43.71 56.98 -12.45
CA GLY H 22 -44.97 56.43 -12.93
C GLY H 22 -45.96 56.16 -11.81
N ASP H 23 -46.74 55.09 -11.97
CA ASP H 23 -47.69 54.68 -10.94
C ASP H 23 -46.94 54.26 -9.68
N ARG H 24 -47.14 55.01 -8.61
CA ARG H 24 -46.44 54.76 -7.36
C ARG H 24 -47.30 53.98 -6.36
N ALA H 25 -48.61 54.06 -6.53
CA ALA H 25 -49.54 53.44 -5.58
C ALA H 25 -49.91 52.02 -6.01
N GLY H 26 -50.00 51.83 -7.33
CA GLY H 26 -50.30 50.52 -7.89
C GLY H 26 -49.32 49.46 -7.45
N PRO H 27 -48.01 49.72 -7.62
CA PRO H 27 -46.96 48.80 -7.17
C PRO H 27 -47.02 48.54 -5.68
N VAL H 28 -47.27 49.58 -4.90
CA VAL H 28 -47.37 49.46 -3.45
C VAL H 28 -48.46 48.46 -3.10
N ALA H 29 -49.65 48.68 -3.67
CA ALA H 29 -50.79 47.82 -3.40
C ALA H 29 -50.50 46.39 -3.85
N ALA H 30 -49.89 46.25 -5.02
CA ALA H 30 -49.59 44.93 -5.56
C ALA H 30 -48.64 44.19 -4.63
N HIS H 31 -47.64 44.90 -4.11
CA HIS H 31 -46.66 44.29 -3.22
C HIS H 31 -47.34 43.85 -1.93
N ILE H 32 -48.14 44.74 -1.35
CA ILE H 32 -48.82 44.45 -0.10
C ILE H 32 -49.76 43.26 -0.30
N SER H 33 -50.27 43.11 -1.51
CA SER H 33 -51.18 42.02 -1.82
C SER H 33 -50.44 40.70 -2.03
N GLU H 34 -49.24 40.78 -2.57
CA GLU H 34 -48.46 39.60 -2.91
C GLU H 34 -47.65 39.07 -1.73
N ASN H 35 -47.44 39.91 -0.73
CA ASN H 35 -46.55 39.53 0.38
C ASN H 35 -47.27 39.29 1.71
N TRP H 36 -48.28 40.11 2.01
CA TRP H 36 -48.95 40.03 3.31
C TRP H 36 -50.07 38.99 3.31
N SER H 37 -50.45 38.54 4.50
CA SER H 37 -51.45 37.49 4.66
C SER H 37 -52.84 38.08 4.93
N ALA H 38 -53.80 37.20 5.18
CA ALA H 38 -55.18 37.62 5.39
C ALA H 38 -55.34 38.54 6.60
N PRO H 39 -54.95 38.08 7.80
CA PRO H 39 -55.18 38.93 8.96
C PRO H 39 -54.43 40.26 8.88
N MET H 40 -53.23 40.24 8.31
CA MET H 40 -52.44 41.46 8.18
C MET H 40 -53.09 42.45 7.21
N ARG H 41 -53.52 41.95 6.06
CA ARG H 41 -54.20 42.79 5.09
C ARG H 41 -55.47 43.37 5.69
N ALA H 42 -56.19 42.54 6.43
CA ALA H 42 -57.42 42.96 7.08
C ALA H 42 -57.14 44.07 8.06
N ALA H 43 -56.07 43.91 8.85
CA ALA H 43 -55.69 44.90 9.85
C ALA H 43 -55.31 46.21 9.17
N LEU H 44 -54.58 46.12 8.07
CA LEU H 44 -54.15 47.33 7.36
C LEU H 44 -55.35 48.05 6.76
N LEU H 45 -56.28 47.29 6.20
CA LEU H 45 -57.47 47.87 5.62
C LEU H 45 -58.30 48.54 6.71
N ALA H 46 -58.36 47.89 7.88
CA ALA H 46 -59.07 48.45 9.02
C ALA H 46 -58.41 49.75 9.45
N HIS H 47 -57.09 49.78 9.41
CA HIS H 47 -56.33 50.97 9.76
C HIS H 47 -56.66 52.12 8.82
N VAL H 48 -56.58 51.83 7.52
CA VAL H 48 -56.78 52.85 6.49
C VAL H 48 -58.24 53.30 6.42
N ALA H 49 -59.15 52.44 6.87
CA ALA H 49 -60.56 52.78 6.90
C ALA H 49 -60.89 53.60 8.15
N ALA H 50 -60.20 53.28 9.24
CA ALA H 50 -60.42 53.93 10.53
C ALA H 50 -59.68 55.25 10.63
N GLN H 51 -58.83 55.53 9.63
CA GLN H 51 -58.05 56.76 9.58
C GLN H 51 -57.16 56.90 10.81
N SER H 52 -56.24 55.95 10.93
CA SER H 52 -55.28 55.98 12.00
C SER H 52 -54.09 56.85 11.62
N PRO H 53 -53.66 57.74 12.53
CA PRO H 53 -52.54 58.64 12.26
C PRO H 53 -51.19 57.93 12.34
N GLY H 54 -50.21 58.43 11.59
CA GLY H 54 -48.91 57.79 11.50
C GLY H 54 -48.84 56.93 10.26
N LEU H 55 -49.56 57.36 9.22
CA LEU H 55 -49.71 56.59 8.00
C LEU H 55 -49.43 57.45 6.78
N ASP H 56 -48.82 56.86 5.77
CA ASP H 56 -48.46 57.59 4.57
C ASP H 56 -49.67 57.70 3.65
N PRO H 57 -49.98 58.91 3.15
CA PRO H 57 -51.14 59.05 2.28
C PRO H 57 -51.08 58.15 1.06
N LEU H 58 -49.88 57.78 0.64
CA LEU H 58 -49.70 56.87 -0.48
C LEU H 58 -50.36 55.53 -0.16
N VAL H 59 -50.22 55.09 1.08
CA VAL H 59 -50.84 53.84 1.53
C VAL H 59 -52.35 54.00 1.57
N ILE H 60 -52.80 55.19 1.99
CA ILE H 60 -54.23 55.46 2.06
C ILE H 60 -54.83 55.37 0.67
N ALA H 61 -54.05 55.76 -0.33
CA ALA H 61 -54.51 55.74 -1.71
C ALA H 61 -54.41 54.35 -2.32
N ALA H 62 -53.43 53.58 -1.86
CA ALA H 62 -53.19 52.25 -2.41
C ALA H 62 -54.08 51.18 -1.79
N ALA H 63 -54.61 51.44 -0.60
CA ALA H 63 -55.41 50.46 0.12
C ALA H 63 -56.56 49.88 -0.72
N PRO H 64 -57.37 50.74 -1.36
CA PRO H 64 -58.47 50.23 -2.18
C PRO H 64 -58.06 49.20 -3.23
N GLN H 65 -56.80 49.23 -3.63
CA GLN H 65 -56.32 48.37 -4.70
C GLN H 65 -55.70 47.07 -4.17
N ILE H 66 -55.60 46.95 -2.85
CA ILE H 66 -55.03 45.76 -2.23
C ILE H 66 -55.93 44.57 -2.49
N ARG H 67 -55.32 43.39 -2.60
CA ARG H 67 -56.06 42.15 -2.82
C ARG H 67 -57.11 41.97 -1.73
N PRO H 68 -58.37 41.73 -2.12
CA PRO H 68 -59.45 41.68 -1.12
C PRO H 68 -59.30 40.52 -0.15
N VAL H 69 -59.69 40.74 1.10
CA VAL H 69 -59.61 39.72 2.14
C VAL H 69 -60.91 38.94 2.19
N PRO H 70 -60.84 37.60 2.17
CA PRO H 70 -62.08 36.81 2.23
C PRO H 70 -62.60 36.65 3.65
#